data_8YLT
#
_entry.id   8YLT
#
_cell.length_a   1.00
_cell.length_b   1.00
_cell.length_c   1.00
_cell.angle_alpha   90.00
_cell.angle_beta   90.00
_cell.angle_gamma   90.00
#
_symmetry.space_group_name_H-M   'P 1'
#
loop_
_entity.id
_entity.type
_entity.pdbx_description
1 polymer 'SIR2-like domain-containing protein'
2 non-polymer NICOTINAMIDE-ADENINE-DINUCLEOTIDE
#
_entity_poly.entity_id   1
_entity_poly.type   'polypeptide(L)'
_entity_poly.pdbx_seq_one_letter_code
;MVKVDLESKRYGEKLKEVFLMLDNNVVECIKEITESSRNGKLVFFVGAGVSTLSDYPQWWRLVDKYHEELYGSPKKGNYS
SDEYLRIPQIFYNVKGEMAFDGILKDFFQVDKPTNPIHDKILAMNPAHVITTNYDNLIDTACWKRGKYFSVISAEEDVAN
ATSSRYLLKVHGDFRKGFKGENVVLKEDDYLNYDQNYPLISNLMKTIIATHTIVFIGYGLGDYNINMLLNWVRKLQKDSF
HKPFFIRTDPSPIENETLIYYENKGLRIIDAASLIDSNEYDYLERYSAVMDLLIESQENKFITKDDEVIDYIYGKISPLF
ALQYIRKIDLKHVFEYDYHFEVNGTVVRHKNKGFGYMERFFELKESCDERSKLSKKQYERFNALFNFFEKNGVICMAKDA
GTLNTSIEINSLAYHGKYDVMKKFIEEQSVSIEDDYKKAFFLACLGRWEESYDLYSNIILNSIDESNGCVYYLSQINRYR
IYQSITQAVTQFNGLGLLTFGRHYKPFTDEFLARIEREMTNFNIDDLFNGMPFEFQKKYKILEFLSDNQFLYDDTVKLFE
LTNKVRSEMSEGSYSFGMSSDIVVLLRLYDNLRFLYENCLWSVSFHEFHQYIRNSMSLLIEKAEYERTRDIDELGFSFFG
KKSGFFMEYYDFVNISRHFKIDDIKNLERSCSIDKIRFGEQEKIEEYLVGIAEEITKQFSANGMNVVFYTQFISEAKAAL
YFAKYVKLSEEGLGKIVKALLFYFPERDLDIGKRYVWLERLTKCNELPKSIISIIDDFLVLQAEKHIDQNYSEVSSNGLY
SRDYGALIKHFEKNFISKRLSEITLCLTQDKQKQIDFLFKLLPLLSTNAKSHLLSFKSVENINDLMNGIRIGLIDEFTPE
HEELIIEYLETRKVNYIVEKEKGIQTFSSNDYMSTFGIWYFLEEINNSKMEEFIGMDDQYDFFVDPENFDYKKFIPSWLK
NYNDKLLGKIAGNKHMKHHVIEVLKERVKNSNDKRYLEILMNYFI
;
_entity_poly.pdbx_strand_id   A,B,C,D
#
loop_
_chem_comp.id
_chem_comp.type
_chem_comp.name
_chem_comp.formula
NAD non-polymer NICOTINAMIDE-ADENINE-DINUCLEOTIDE 'C21 H27 N7 O14 P2'
#
# COMPACT_ATOMS: atom_id res chain seq x y z
N LYS A 14 49.05 14.41 -3.38
CA LYS A 14 47.75 14.94 -3.78
C LYS A 14 46.76 14.94 -2.64
N LEU A 15 46.57 13.81 -1.96
CA LEU A 15 45.54 13.73 -0.93
C LEU A 15 45.63 14.91 0.02
N LYS A 16 46.84 15.35 0.32
CA LYS A 16 47.03 16.44 1.25
C LYS A 16 46.29 17.66 0.75
N GLU A 17 46.57 18.06 -0.49
CA GLU A 17 45.92 19.23 -1.06
C GLU A 17 44.44 18.95 -1.28
N VAL A 18 44.11 17.70 -1.58
CA VAL A 18 42.72 17.33 -1.77
C VAL A 18 41.99 17.64 -0.47
N PHE A 19 42.61 17.32 0.67
CA PHE A 19 42.01 17.60 1.97
C PHE A 19 41.96 19.09 2.23
N LEU A 20 42.99 19.80 1.81
CA LEU A 20 43.01 21.25 1.98
C LEU A 20 41.94 21.85 1.10
N MET A 21 41.75 21.28 -0.08
CA MET A 21 40.76 21.78 -1.02
C MET A 21 39.40 21.22 -0.66
N LEU A 22 39.38 20.18 0.15
CA LEU A 22 38.12 19.53 0.52
C LEU A 22 37.11 20.53 1.03
N ASP A 23 35.88 20.43 0.54
CA ASP A 23 34.83 21.31 0.98
C ASP A 23 34.50 21.02 2.43
N ASN A 24 33.73 21.87 3.07
CA ASN A 24 33.30 21.61 4.44
C ASN A 24 32.52 20.30 4.48
N ASN A 25 31.67 20.07 3.49
CA ASN A 25 30.86 18.88 3.47
C ASN A 25 31.69 17.64 3.30
N VAL A 26 32.62 17.65 2.36
CA VAL A 26 33.37 16.43 2.10
C VAL A 26 34.14 15.99 3.34
N VAL A 27 34.64 16.93 4.12
CA VAL A 27 35.43 16.55 5.29
C VAL A 27 34.48 16.00 6.35
N GLU A 28 33.29 16.57 6.51
CA GLU A 28 32.34 16.04 7.47
C GLU A 28 31.93 14.63 7.08
N CYS A 29 31.82 14.36 5.79
CA CYS A 29 31.46 13.04 5.33
C CYS A 29 32.52 12.08 5.72
N ILE A 30 33.75 12.42 5.37
CA ILE A 30 34.88 11.56 5.66
C ILE A 30 35.04 11.42 7.16
N LYS A 31 34.63 12.42 7.92
CA LYS A 31 34.68 12.33 9.36
C LYS A 31 33.75 11.25 9.88
N GLU A 32 32.51 11.23 9.41
CA GLU A 32 31.53 10.26 9.88
C GLU A 32 31.87 8.86 9.45
N ILE A 33 32.36 8.70 8.23
CA ILE A 33 32.69 7.38 7.74
C ILE A 33 33.82 6.79 8.54
N THR A 34 34.80 7.59 8.90
CA THR A 34 35.96 7.09 9.64
C THR A 34 35.54 6.76 11.05
N GLU A 35 34.68 7.57 11.62
CA GLU A 35 34.18 7.28 12.95
C GLU A 35 33.43 5.97 12.95
N SER A 36 32.58 5.76 11.94
CA SER A 36 31.81 4.53 11.85
C SER A 36 32.73 3.35 11.70
N SER A 37 33.77 3.49 10.89
CA SER A 37 34.71 2.41 10.69
C SER A 37 35.34 2.05 12.02
N ARG A 38 35.57 3.03 12.87
CA ARG A 38 36.09 2.75 14.20
C ARG A 38 35.07 2.04 15.05
N ASN A 39 33.87 2.58 15.11
CA ASN A 39 32.80 2.02 15.94
C ASN A 39 32.37 0.64 15.51
N GLY A 40 32.59 0.29 14.25
CA GLY A 40 32.20 -1.01 13.72
C GLY A 40 30.80 -0.98 13.17
N LYS A 41 30.27 0.21 12.92
CA LYS A 41 28.92 0.36 12.42
C LYS A 41 28.96 0.99 11.04
N LEU A 42 29.71 0.41 10.12
CA LEU A 42 29.80 0.92 8.76
C LEU A 42 29.61 -0.18 7.78
N VAL A 43 28.65 -0.04 6.88
CA VAL A 43 28.40 -1.04 5.87
C VAL A 43 28.63 -0.44 4.49
N PHE A 44 29.10 -1.25 3.56
CA PHE A 44 29.33 -0.81 2.20
C PHE A 44 28.39 -1.51 1.28
N PHE A 45 27.66 -0.75 0.47
CA PHE A 45 26.78 -1.33 -0.48
C PHE A 45 27.58 -1.20 -1.75
N VAL A 46 28.09 -2.29 -2.31
CA VAL A 46 28.95 -2.24 -3.48
C VAL A 46 28.21 -2.64 -4.73
N GLY A 47 28.45 -1.94 -5.82
CA GLY A 47 27.78 -2.21 -7.08
C GLY A 47 28.66 -2.68 -8.19
N ALA A 48 28.18 -2.61 -9.42
CA ALA A 48 28.92 -3.14 -10.57
C ALA A 48 30.21 -2.47 -10.88
N GLY A 49 30.29 -1.19 -10.61
CA GLY A 49 31.48 -0.46 -10.94
C GLY A 49 32.69 -1.11 -10.33
N VAL A 50 32.64 -1.50 -9.07
CA VAL A 50 33.81 -2.01 -8.40
C VAL A 50 34.21 -3.38 -8.96
N SER A 51 33.42 -3.97 -9.83
CA SER A 51 33.77 -5.24 -10.48
C SER A 51 34.07 -5.05 -11.95
N THR A 52 33.86 -3.84 -12.47
CA THR A 52 34.18 -3.54 -13.86
C THR A 52 35.62 -3.16 -13.83
N LEU A 53 36.10 -2.74 -12.67
CA LEU A 53 37.52 -2.45 -12.53
C LEU A 53 38.28 -3.74 -12.73
N SER A 54 37.66 -4.87 -12.36
CA SER A 54 38.29 -6.19 -12.56
C SER A 54 38.01 -6.74 -13.94
N ASP A 55 37.23 -6.02 -14.75
CA ASP A 55 36.92 -6.43 -16.13
C ASP A 55 35.81 -7.48 -16.20
N TYR A 56 35.08 -7.68 -15.12
CA TYR A 56 33.97 -8.61 -15.16
C TYR A 56 33.01 -8.14 -16.24
N PRO A 57 32.41 -9.07 -17.01
CA PRO A 57 31.57 -8.58 -18.11
C PRO A 57 30.45 -7.69 -17.63
N GLN A 58 30.35 -6.49 -18.19
CA GLN A 58 29.26 -5.59 -17.84
C GLN A 58 27.98 -6.21 -18.39
N TRP A 59 26.84 -5.88 -17.79
CA TRP A 59 25.60 -6.52 -18.21
C TRP A 59 25.25 -6.11 -19.61
N TRP A 60 25.55 -4.87 -19.98
CA TRP A 60 25.21 -4.38 -21.30
C TRP A 60 25.85 -5.29 -22.32
N ARG A 61 27.00 -5.85 -22.00
CA ARG A 61 27.63 -6.79 -22.89
C ARG A 61 26.73 -7.99 -23.11
N LEU A 62 26.16 -8.51 -22.03
CA LEU A 62 25.24 -9.63 -22.14
C LEU A 62 23.90 -9.21 -22.74
N VAL A 63 23.39 -8.04 -22.39
CA VAL A 63 22.11 -7.62 -22.90
C VAL A 63 22.23 -7.63 -24.41
N ASP A 64 23.39 -7.25 -24.92
CA ASP A 64 23.62 -7.23 -26.37
C ASP A 64 23.67 -8.61 -26.95
N LYS A 65 24.25 -9.55 -26.21
CA LYS A 65 24.34 -10.91 -26.70
C LYS A 65 22.95 -11.46 -26.86
N TYR A 66 22.06 -11.18 -25.91
CA TYR A 66 20.69 -11.63 -26.01
C TYR A 66 20.00 -10.89 -27.13
N HIS A 67 20.27 -9.60 -27.25
CA HIS A 67 19.66 -8.78 -28.30
C HIS A 67 20.07 -9.26 -29.66
N GLU A 68 21.33 -9.61 -29.81
CA GLU A 68 21.83 -10.07 -31.10
C GLU A 68 21.26 -11.44 -31.43
N GLU A 69 21.19 -12.29 -30.43
CA GLU A 69 20.65 -13.62 -30.65
C GLU A 69 19.20 -13.54 -31.04
N LEU A 70 18.44 -12.66 -30.40
CA LEU A 70 17.02 -12.55 -30.68
C LEU A 70 16.72 -11.76 -31.91
N TYR A 71 17.30 -10.58 -32.02
CA TYR A 71 16.97 -9.67 -33.11
C TYR A 71 17.99 -9.62 -34.24
N GLY A 72 19.06 -10.38 -34.17
CA GLY A 72 20.01 -10.47 -35.27
C GLY A 72 21.19 -9.52 -35.36
N SER A 73 21.26 -8.53 -34.48
CA SER A 73 22.33 -7.54 -34.57
C SER A 73 22.50 -6.75 -33.30
N PRO A 74 23.75 -6.46 -32.90
CA PRO A 74 23.86 -5.62 -31.71
C PRO A 74 23.09 -4.33 -31.90
N LYS A 75 22.46 -3.85 -30.83
CA LYS A 75 21.62 -2.64 -30.93
C LYS A 75 22.40 -1.44 -31.40
N LYS A 76 21.76 -0.61 -32.20
CA LYS A 76 22.42 0.60 -32.69
C LYS A 76 22.61 1.61 -31.57
N GLY A 77 21.59 1.83 -30.75
CA GLY A 77 21.68 2.79 -29.66
C GLY A 77 22.07 2.13 -28.36
N ASN A 78 22.05 2.88 -27.26
CA ASN A 78 22.34 2.31 -25.96
C ASN A 78 21.06 1.83 -25.29
N TYR A 79 21.18 0.94 -24.32
CA TYR A 79 20.02 0.34 -23.67
C TYR A 79 19.56 1.10 -22.46
N SER A 80 18.26 1.33 -22.34
CA SER A 80 17.72 2.04 -21.20
C SER A 80 17.63 1.10 -20.04
N SER A 81 16.99 1.53 -18.96
CA SER A 81 16.75 0.63 -17.84
C SER A 81 15.82 -0.44 -18.29
N ASP A 82 14.83 -0.07 -19.08
CA ASP A 82 13.85 -1.04 -19.53
C ASP A 82 14.52 -2.10 -20.33
N GLU A 83 15.40 -1.72 -21.25
CA GLU A 83 16.07 -2.70 -22.11
C GLU A 83 17.06 -3.56 -21.36
N TYR A 84 17.51 -3.12 -20.19
CA TYR A 84 18.39 -3.94 -19.39
C TYR A 84 17.60 -5.06 -18.76
N LEU A 85 16.30 -4.87 -18.58
CA LEU A 85 15.47 -5.87 -17.93
C LEU A 85 14.56 -6.59 -18.88
N ARG A 86 14.22 -5.96 -20.01
CA ARG A 86 13.26 -6.55 -20.92
C ARG A 86 13.89 -7.44 -21.97
N ILE A 87 15.00 -7.03 -22.56
CA ILE A 87 15.62 -7.82 -23.60
C ILE A 87 16.00 -9.19 -23.05
N PRO A 88 16.61 -9.26 -21.85
CA PRO A 88 16.89 -10.59 -21.32
C PRO A 88 15.63 -11.42 -21.06
N GLN A 89 14.52 -10.81 -20.70
CA GLN A 89 13.26 -11.52 -20.50
C GLN A 89 12.71 -12.04 -21.81
N ILE A 90 12.76 -11.24 -22.86
CA ILE A 90 12.28 -11.66 -24.16
C ILE A 90 13.07 -12.86 -24.59
N PHE A 91 14.36 -12.84 -24.33
CA PHE A 91 15.19 -13.99 -24.65
C PHE A 91 14.70 -15.21 -23.90
N TYR A 92 14.64 -15.14 -22.58
CA TYR A 92 14.22 -16.27 -21.79
C TYR A 92 12.89 -16.79 -22.25
N ASN A 93 11.94 -15.89 -22.48
CA ASN A 93 10.59 -16.31 -22.83
C ASN A 93 10.49 -16.98 -24.17
N VAL A 94 11.15 -16.43 -25.19
CA VAL A 94 11.03 -16.97 -26.54
C VAL A 94 12.08 -18.05 -26.79
N LYS A 95 13.32 -17.80 -26.38
CA LYS A 95 14.40 -18.75 -26.66
C LYS A 95 14.39 -19.90 -25.68
N GLY A 96 14.73 -19.64 -24.42
CA GLY A 96 14.69 -20.66 -23.41
C GLY A 96 15.60 -20.45 -22.24
N GLU A 97 15.32 -21.13 -21.14
CA GLU A 97 16.16 -21.02 -19.97
C GLU A 97 17.52 -21.60 -20.26
N MET A 98 17.58 -22.66 -21.05
CA MET A 98 18.84 -23.31 -21.34
C MET A 98 19.73 -22.35 -22.08
N ALA A 99 19.18 -21.65 -23.08
CA ALA A 99 19.94 -20.70 -23.84
C ALA A 99 20.32 -19.54 -22.95
N PHE A 100 19.39 -19.10 -22.11
CA PHE A 100 19.62 -17.95 -21.26
C PHE A 100 20.82 -18.26 -20.39
N ASP A 101 20.83 -19.44 -19.82
CA ASP A 101 21.93 -19.83 -18.96
C ASP A 101 23.17 -20.01 -19.78
N GLY A 102 23.01 -20.35 -21.05
CA GLY A 102 24.15 -20.50 -21.92
C GLY A 102 24.97 -19.23 -22.00
N ILE A 103 24.33 -18.12 -22.34
CA ILE A 103 25.04 -16.87 -22.47
C ILE A 103 25.58 -16.46 -21.12
N LEU A 104 24.80 -16.67 -20.08
CA LEU A 104 25.23 -16.28 -18.75
C LEU A 104 26.46 -17.05 -18.46
N LYS A 105 26.45 -18.32 -18.81
CA LYS A 105 27.58 -19.18 -18.49
C LYS A 105 28.82 -18.74 -19.21
N ASP A 106 28.70 -18.48 -20.50
CA ASP A 106 29.85 -18.11 -21.28
C ASP A 106 30.51 -16.90 -20.69
N PHE A 107 29.72 -15.87 -20.37
CA PHE A 107 30.30 -14.62 -19.90
C PHE A 107 30.73 -14.68 -18.47
N PHE A 108 29.93 -15.27 -17.62
CA PHE A 108 30.22 -15.24 -16.21
C PHE A 108 31.07 -16.37 -15.70
N GLN A 109 31.27 -17.41 -16.51
CA GLN A 109 32.17 -18.48 -16.10
C GLN A 109 33.63 -18.00 -16.16
N VAL A 110 33.94 -17.02 -17.02
CA VAL A 110 35.30 -16.47 -17.03
C VAL A 110 35.55 -15.83 -15.67
N ASP A 111 36.70 -16.11 -15.09
CA ASP A 111 37.00 -15.59 -13.75
C ASP A 111 38.09 -14.53 -13.75
N LYS A 112 37.75 -13.31 -13.34
CA LYS A 112 38.71 -12.21 -13.31
C LYS A 112 39.30 -12.11 -11.90
N PRO A 113 40.28 -11.21 -11.68
CA PRO A 113 40.95 -11.09 -10.37
C PRO A 113 40.47 -9.92 -9.53
N THR A 114 40.78 -9.88 -8.24
CA THR A 114 40.27 -8.83 -7.38
C THR A 114 41.02 -7.53 -7.64
N ASN A 115 40.28 -6.46 -7.94
CA ASN A 115 40.88 -5.15 -8.18
C ASN A 115 41.28 -4.51 -6.86
N PRO A 116 41.98 -3.37 -6.91
CA PRO A 116 42.47 -2.75 -5.67
C PRO A 116 41.37 -2.24 -4.76
N ILE A 117 40.25 -1.81 -5.32
CA ILE A 117 39.18 -1.23 -4.51
C ILE A 117 38.51 -2.28 -3.63
N HIS A 118 38.45 -3.52 -4.09
CA HIS A 118 37.88 -4.58 -3.27
C HIS A 118 38.67 -4.68 -1.98
N ASP A 119 39.98 -4.67 -2.09
CA ASP A 119 40.84 -4.73 -0.90
C ASP A 119 40.74 -3.45 -0.08
N LYS A 120 40.41 -2.34 -0.71
CA LYS A 120 40.23 -1.09 0.02
C LYS A 120 38.91 -1.05 0.75
N ILE A 121 37.88 -1.69 0.21
CA ILE A 121 36.61 -1.76 0.93
C ILE A 121 36.89 -2.56 2.17
N LEU A 122 37.52 -3.71 1.99
CA LEU A 122 37.83 -4.57 3.11
C LEU A 122 38.73 -3.86 4.09
N ALA A 123 39.65 -3.06 3.58
CA ALA A 123 40.61 -2.37 4.43
C ALA A 123 39.95 -1.47 5.44
N MET A 124 38.75 -0.99 5.11
CA MET A 124 38.03 -0.09 6.00
C MET A 124 37.31 -0.87 7.07
N ASN A 125 37.42 -2.18 7.04
CA ASN A 125 36.76 -3.03 8.03
C ASN A 125 35.27 -2.77 8.05
N PRO A 126 34.55 -3.27 7.03
CA PRO A 126 33.11 -3.07 6.98
C PRO A 126 32.41 -4.01 7.93
N ALA A 127 31.30 -3.58 8.53
CA ALA A 127 30.51 -4.47 9.36
C ALA A 127 29.93 -5.51 8.48
N HIS A 128 29.25 -5.08 7.42
CA HIS A 128 28.66 -5.99 6.45
C HIS A 128 29.00 -5.44 5.09
N VAL A 129 28.72 -6.20 4.04
CA VAL A 129 28.95 -5.73 2.68
C VAL A 129 27.77 -6.15 1.80
N ILE A 130 26.77 -5.29 1.69
CA ILE A 130 25.61 -5.58 0.85
C ILE A 130 26.09 -5.38 -0.58
N THR A 131 25.55 -6.10 -1.54
CA THR A 131 26.05 -6.02 -2.90
C THR A 131 25.12 -6.60 -3.93
N THR A 132 25.05 -5.99 -5.11
CA THR A 132 24.15 -6.43 -6.17
C THR A 132 24.92 -7.16 -7.24
N ASN A 133 26.20 -7.41 -7.01
CA ASN A 133 27.03 -8.13 -7.96
C ASN A 133 26.88 -9.64 -7.81
N TYR A 134 26.66 -10.34 -8.92
CA TYR A 134 26.48 -11.80 -8.90
C TYR A 134 27.83 -12.48 -9.05
N ASP A 135 28.91 -11.68 -9.10
CA ASP A 135 30.25 -12.25 -9.20
C ASP A 135 30.73 -12.56 -7.80
N ASN A 136 31.81 -13.30 -7.69
CA ASN A 136 32.34 -13.68 -6.40
C ASN A 136 33.67 -13.01 -6.12
N LEU A 137 33.89 -11.81 -6.66
CA LEU A 137 35.14 -11.11 -6.43
C LEU A 137 35.26 -10.57 -5.01
N ILE A 138 34.18 -10.03 -4.47
CA ILE A 138 34.21 -9.56 -3.09
C ILE A 138 34.49 -10.75 -2.22
N ASP A 139 33.95 -11.91 -2.59
CA ASP A 139 34.11 -13.11 -1.79
C ASP A 139 35.57 -13.53 -1.73
N THR A 140 36.23 -13.57 -2.89
CA THR A 140 37.63 -13.98 -2.95
C THR A 140 38.52 -12.99 -2.27
N ALA A 141 38.17 -11.73 -2.35
CA ALA A 141 38.96 -10.71 -1.70
C ALA A 141 38.96 -10.97 -0.22
N CYS A 142 37.83 -11.36 0.34
CA CYS A 142 37.76 -11.62 1.76
C CYS A 142 38.62 -12.83 2.07
N TRP A 143 38.58 -13.83 1.22
CA TRP A 143 39.35 -15.06 1.43
C TRP A 143 40.85 -14.76 1.44
N LYS A 144 41.31 -13.94 0.49
CA LYS A 144 42.72 -13.56 0.44
C LYS A 144 43.08 -12.53 1.50
N ARG A 145 42.16 -11.67 1.88
CA ARG A 145 42.40 -10.70 2.94
C ARG A 145 42.31 -11.40 4.27
N GLY A 146 41.75 -12.60 4.28
CA GLY A 146 41.60 -13.35 5.51
C GLY A 146 40.48 -12.80 6.34
N LYS A 147 39.33 -12.53 5.72
CA LYS A 147 38.17 -12.02 6.40
C LYS A 147 37.12 -13.10 6.40
N TYR A 148 36.25 -13.12 7.41
CA TYR A 148 35.18 -14.10 7.45
C TYR A 148 33.83 -13.43 7.40
N PHE A 149 33.08 -13.70 6.34
CA PHE A 149 31.77 -13.14 6.18
C PHE A 149 30.91 -14.28 5.75
N SER A 150 29.72 -14.42 6.32
CA SER A 150 28.80 -15.44 5.89
C SER A 150 28.12 -14.92 4.66
N VAL A 151 28.34 -15.55 3.53
CA VAL A 151 27.75 -15.08 2.29
C VAL A 151 26.30 -15.54 2.19
N ILE A 152 25.37 -14.60 2.29
CA ILE A 152 23.96 -14.91 2.21
C ILE A 152 23.46 -14.56 0.83
N SER A 153 23.39 -15.54 -0.06
CA SER A 153 22.99 -15.31 -1.44
C SER A 153 21.67 -15.93 -1.81
N ALA A 154 21.03 -16.61 -0.88
CA ALA A 154 19.73 -17.22 -1.10
C ALA A 154 19.00 -17.17 0.21
N GLU A 155 17.70 -17.45 0.22
CA GLU A 155 16.90 -17.33 1.43
C GLU A 155 17.27 -18.34 2.44
N GLU A 156 17.62 -19.52 1.97
CA GLU A 156 18.02 -20.59 2.87
C GLU A 156 19.20 -20.22 3.71
N ASP A 157 20.07 -19.34 3.22
CA ASP A 157 21.27 -18.97 3.94
C ASP A 157 21.01 -17.96 5.03
N VAL A 158 19.88 -17.29 5.02
CA VAL A 158 19.62 -16.23 5.99
C VAL A 158 19.49 -16.76 7.38
N ALA A 159 18.86 -17.91 7.54
CA ALA A 159 18.62 -18.48 8.87
C ALA A 159 19.76 -19.34 9.33
N ASN A 160 20.49 -19.92 8.39
CA ASN A 160 21.56 -20.84 8.74
C ASN A 160 22.93 -20.20 8.50
N ALA A 161 23.04 -18.92 8.77
CA ALA A 161 24.32 -18.24 8.64
C ALA A 161 25.26 -18.76 9.69
N THR A 162 26.56 -18.58 9.50
CA THR A 162 27.56 -19.07 10.44
C THR A 162 28.15 -17.96 11.26
N SER A 163 28.10 -16.74 10.78
CA SER A 163 28.67 -15.59 11.48
C SER A 163 27.68 -14.45 11.50
N SER A 164 28.03 -13.35 12.15
CA SER A 164 27.15 -12.19 12.22
C SER A 164 27.43 -11.20 11.10
N ARG A 165 28.67 -11.12 10.64
CA ARG A 165 29.00 -10.25 9.53
C ARG A 165 28.61 -10.93 8.28
N TYR A 166 27.87 -10.25 7.41
CA TYR A 166 27.35 -10.90 6.22
C TYR A 166 27.88 -10.35 4.92
N LEU A 167 27.65 -11.08 3.84
CA LEU A 167 28.01 -10.60 2.54
C LEU A 167 26.73 -10.85 1.81
N LEU A 168 25.84 -9.86 1.83
CA LEU A 168 24.53 -10.05 1.27
C LEU A 168 24.50 -9.83 -0.21
N LYS A 169 24.39 -10.90 -0.96
CA LYS A 169 24.23 -10.79 -2.40
C LYS A 169 22.75 -10.64 -2.55
N VAL A 170 22.29 -9.41 -2.64
CA VAL A 170 20.87 -9.15 -2.67
C VAL A 170 20.22 -9.60 -3.97
N HIS A 171 20.99 -9.73 -5.04
CA HIS A 171 20.46 -10.18 -6.33
C HIS A 171 20.92 -11.57 -6.72
N GLY A 172 21.47 -12.32 -5.79
CA GLY A 172 21.86 -13.69 -6.05
C GLY A 172 23.30 -13.93 -6.39
N ASP A 173 23.62 -15.12 -6.87
CA ASP A 173 24.97 -15.45 -7.26
C ASP A 173 24.93 -16.74 -8.06
N PHE A 174 26.08 -17.14 -8.60
CA PHE A 174 26.15 -18.36 -9.40
C PHE A 174 26.87 -19.46 -8.64
N ARG A 175 26.99 -19.33 -7.32
CA ARG A 175 27.72 -20.31 -6.52
C ARG A 175 27.17 -21.70 -6.67
N LYS A 176 25.87 -21.87 -6.52
CA LYS A 176 25.30 -23.18 -6.73
C LYS A 176 25.54 -23.59 -8.17
N GLY A 177 25.31 -22.66 -9.10
CA GLY A 177 25.52 -22.94 -10.51
C GLY A 177 25.26 -21.75 -11.41
N PHE A 178 25.69 -21.82 -12.66
CA PHE A 178 25.51 -20.73 -13.59
C PHE A 178 24.18 -20.87 -14.27
N LYS A 179 23.12 -20.62 -13.52
CA LYS A 179 21.77 -20.69 -14.06
C LYS A 179 21.12 -19.39 -13.68
N GLY A 180 20.12 -18.97 -14.45
CA GLY A 180 19.50 -17.68 -14.22
C GLY A 180 18.50 -17.76 -13.12
N GLU A 181 18.30 -18.94 -12.56
CA GLU A 181 17.36 -19.14 -11.47
C GLU A 181 17.95 -18.69 -10.16
N ASN A 182 19.27 -18.71 -10.07
CA ASN A 182 19.93 -18.34 -8.84
C ASN A 182 20.25 -16.86 -8.77
N VAL A 183 19.88 -16.09 -9.80
CA VAL A 183 20.20 -14.67 -9.86
C VAL A 183 19.02 -13.81 -10.34
N VAL A 184 18.97 -12.53 -9.95
CA VAL A 184 17.93 -11.61 -10.41
C VAL A 184 18.55 -10.80 -11.52
N LEU A 185 18.12 -11.04 -12.75
CA LEU A 185 18.68 -10.34 -13.91
C LEU A 185 17.61 -9.79 -14.83
N LYS A 186 16.57 -10.58 -15.12
CA LYS A 186 15.50 -10.14 -16.01
C LYS A 186 14.39 -9.40 -15.28
N GLU A 187 13.40 -8.90 -16.00
CA GLU A 187 12.33 -8.11 -15.41
C GLU A 187 11.47 -8.88 -14.44
N ASP A 188 11.11 -10.12 -14.76
CA ASP A 188 10.24 -10.88 -13.88
C ASP A 188 10.94 -11.23 -12.61
N ASP A 189 12.26 -11.23 -12.63
CA ASP A 189 13.03 -11.49 -11.44
C ASP A 189 13.04 -10.29 -10.53
N TYR A 190 12.90 -9.10 -11.10
CA TYR A 190 12.86 -7.87 -10.32
C TYR A 190 11.46 -7.57 -9.86
N LEU A 191 10.48 -7.94 -10.66
CA LEU A 191 9.10 -7.72 -10.31
C LEU A 191 8.70 -8.56 -9.13
N ASN A 192 9.15 -9.80 -9.08
CA ASN A 192 8.75 -10.73 -8.02
C ASN A 192 9.80 -10.88 -6.97
N TYR A 193 10.63 -9.88 -6.78
CA TYR A 193 11.73 -9.99 -5.86
C TYR A 193 11.36 -10.08 -4.42
N ASP A 194 10.42 -9.29 -3.95
CA ASP A 194 10.09 -9.28 -2.54
C ASP A 194 9.30 -10.50 -2.18
N GLN A 195 8.71 -11.14 -3.17
CA GLN A 195 7.96 -12.35 -2.95
C GLN A 195 8.90 -13.49 -2.92
N ASN A 196 9.97 -13.40 -3.68
CA ASN A 196 10.91 -14.48 -3.79
C ASN A 196 12.02 -14.33 -2.82
N TYR A 197 12.32 -13.11 -2.43
CA TYR A 197 13.39 -12.84 -1.48
C TYR A 197 12.86 -12.09 -0.30
N PRO A 198 12.03 -12.74 0.51
CA PRO A 198 11.42 -12.00 1.62
C PRO A 198 12.42 -11.65 2.71
N LEU A 199 13.34 -12.56 3.01
CA LEU A 199 14.28 -12.37 4.10
C LEU A 199 15.56 -11.70 3.70
N ILE A 200 15.97 -11.80 2.45
CA ILE A 200 17.15 -11.09 1.97
C ILE A 200 16.80 -9.62 1.84
N SER A 201 15.56 -9.33 1.52
CA SER A 201 15.12 -7.95 1.44
C SER A 201 15.05 -7.30 2.80
N ASN A 202 14.48 -7.96 3.80
CA ASN A 202 14.39 -7.42 5.14
C ASN A 202 15.72 -7.25 5.78
N LEU A 203 16.62 -8.17 5.54
CA LEU A 203 17.90 -8.10 6.18
C LEU A 203 18.55 -6.86 5.70
N MET A 204 18.55 -6.61 4.41
CA MET A 204 19.26 -5.47 3.87
C MET A 204 18.68 -4.25 4.46
N LYS A 205 17.37 -4.19 4.55
CA LYS A 205 16.73 -2.98 5.00
C LYS A 205 17.07 -2.68 6.44
N THR A 206 17.35 -3.71 7.23
CA THR A 206 17.68 -3.53 8.63
C THR A 206 19.15 -3.17 8.79
N ILE A 207 20.02 -3.67 7.92
CA ILE A 207 21.44 -3.31 7.97
C ILE A 207 21.54 -1.83 7.68
N ILE A 208 20.73 -1.33 6.78
CA ILE A 208 20.72 0.09 6.44
C ILE A 208 20.14 0.91 7.55
N ALA A 209 19.14 0.38 8.21
CA ALA A 209 18.46 1.09 9.29
C ALA A 209 19.28 1.18 10.56
N THR A 210 20.36 0.42 10.65
CA THR A 210 21.15 0.37 11.86
C THR A 210 22.66 0.62 11.68
N HIS A 211 23.20 0.51 10.47
CA HIS A 211 24.61 0.82 10.21
C HIS A 211 24.74 2.08 9.35
N THR A 212 25.96 2.46 8.98
CA THR A 212 26.19 3.61 8.09
C THR A 212 26.50 3.09 6.71
N ILE A 213 25.73 3.51 5.71
CA ILE A 213 25.87 2.98 4.37
C ILE A 213 26.71 3.86 3.48
N VAL A 214 27.53 3.26 2.65
CA VAL A 214 28.34 4.00 1.71
C VAL A 214 28.21 3.27 0.41
N PHE A 215 27.63 3.92 -0.57
CA PHE A 215 27.45 3.31 -1.86
C PHE A 215 28.67 3.52 -2.72
N ILE A 216 29.13 2.49 -3.40
CA ILE A 216 30.28 2.59 -4.28
C ILE A 216 30.02 1.73 -5.49
N GLY A 217 30.29 2.23 -6.68
CA GLY A 217 30.14 1.45 -7.89
C GLY A 217 28.75 1.47 -8.43
N TYR A 218 27.97 2.52 -8.14
CA TYR A 218 26.56 2.53 -8.55
C TYR A 218 26.14 3.57 -9.56
N GLY A 219 26.23 4.84 -9.26
CA GLY A 219 25.73 5.85 -10.17
C GLY A 219 24.35 6.27 -9.75
N LEU A 220 24.15 7.56 -9.50
CA LEU A 220 22.85 8.10 -9.09
C LEU A 220 21.95 7.95 -10.27
N GLY A 221 20.94 7.12 -10.17
CA GLY A 221 20.10 6.84 -11.31
C GLY A 221 20.06 5.36 -11.59
N ASP A 222 20.67 4.56 -10.73
CA ASP A 222 20.60 3.12 -10.87
C ASP A 222 19.19 2.71 -10.52
N TYR A 223 18.78 1.53 -10.97
CA TYR A 223 17.45 1.05 -10.64
C TYR A 223 17.41 0.84 -9.17
N ASN A 224 18.46 0.24 -8.62
CA ASN A 224 18.48 -0.10 -7.22
C ASN A 224 18.59 1.09 -6.34
N ILE A 225 19.37 2.06 -6.73
CA ILE A 225 19.59 3.20 -5.88
C ILE A 225 18.28 3.91 -5.72
N ASN A 226 17.54 4.06 -6.80
CA ASN A 226 16.29 4.79 -6.74
C ASN A 226 15.22 4.04 -5.98
N MET A 227 15.23 2.70 -6.04
CA MET A 227 14.30 1.90 -5.25
C MET A 227 14.54 2.01 -3.74
N LEU A 228 15.80 2.10 -3.31
CA LEU A 228 16.10 2.25 -1.89
C LEU A 228 15.82 3.64 -1.39
N LEU A 229 15.79 4.62 -2.28
CA LEU A 229 15.54 5.99 -1.90
C LEU A 229 14.06 6.17 -1.84
N ASN A 230 13.31 5.26 -2.45
CA ASN A 230 11.85 5.32 -2.39
C ASN A 230 11.38 4.76 -1.09
N TRP A 231 12.09 3.77 -0.56
CA TRP A 231 11.75 3.19 0.72
C TRP A 231 12.02 4.19 1.80
N VAL A 232 13.10 4.93 1.68
CA VAL A 232 13.49 5.87 2.71
C VAL A 232 12.46 6.96 2.87
N ARG A 233 11.71 7.25 1.83
CA ARG A 233 10.71 8.29 1.88
C ARG A 233 9.38 7.68 2.21
N LYS A 234 9.23 6.40 1.93
CA LYS A 234 7.94 5.75 2.08
C LYS A 234 7.45 6.04 3.41
N LEU A 235 8.22 5.63 4.40
CA LEU A 235 7.74 5.77 5.75
C LEU A 235 8.77 6.33 6.68
N GLN A 236 10.04 6.04 6.47
CA GLN A 236 10.98 6.51 7.43
C GLN A 236 10.83 8.02 7.54
N LYS A 237 10.78 8.54 8.76
CA LYS A 237 10.67 9.99 8.97
C LYS A 237 11.72 10.46 9.97
N ASP A 238 12.82 11.02 9.49
CA ASP A 238 13.87 11.54 10.37
C ASP A 238 14.28 10.52 11.41
N SER A 239 14.30 9.24 11.03
CA SER A 239 14.65 8.17 11.95
C SER A 239 15.78 7.33 11.43
N PHE A 240 16.59 7.88 10.54
CA PHE A 240 17.65 7.13 9.91
C PHE A 240 18.80 8.02 9.54
N HIS A 241 19.95 7.43 9.24
CA HIS A 241 21.11 8.20 8.87
C HIS A 241 21.26 8.27 7.36
N LYS A 242 21.39 9.46 6.81
CA LYS A 242 21.44 9.62 5.37
C LYS A 242 22.63 8.84 4.80
N PRO A 243 22.40 7.98 3.79
CA PRO A 243 23.54 7.21 3.31
C PRO A 243 24.51 8.05 2.53
N PHE A 244 25.74 7.60 2.39
CA PHE A 244 26.74 8.33 1.62
C PHE A 244 26.86 7.69 0.27
N PHE A 245 27.22 8.45 -0.74
CA PHE A 245 27.27 7.94 -2.08
C PHE A 245 28.53 8.39 -2.76
N ILE A 246 29.49 7.51 -2.89
CA ILE A 246 30.75 7.88 -3.50
C ILE A 246 30.55 7.87 -4.99
N ARG A 247 30.40 9.06 -5.58
CA ARG A 247 30.18 9.16 -7.00
C ARG A 247 31.50 9.17 -7.70
N THR A 248 31.65 8.37 -8.74
CA THR A 248 32.92 8.26 -9.45
C THR A 248 32.66 8.18 -10.93
N ASP A 249 31.92 9.13 -11.46
CA ASP A 249 31.68 9.18 -12.88
C ASP A 249 32.66 10.14 -13.47
N PRO A 250 32.93 10.06 -14.77
CA PRO A 250 33.98 10.90 -15.34
C PRO A 250 33.82 12.39 -15.11
N SER A 251 32.64 12.94 -15.32
CA SER A 251 32.45 14.37 -15.21
C SER A 251 32.13 14.79 -13.80
N PRO A 252 32.00 16.11 -13.55
CA PRO A 252 31.56 16.53 -12.21
C PRO A 252 30.04 16.45 -12.08
N ILE A 253 29.52 16.59 -10.86
CA ILE A 253 28.08 16.47 -10.63
C ILE A 253 27.43 17.84 -10.69
N GLU A 254 26.34 17.93 -11.46
CA GLU A 254 25.67 19.20 -11.61
C GLU A 254 25.14 19.63 -10.27
N ASN A 255 24.84 20.92 -10.14
CA ASN A 255 24.36 21.44 -8.89
C ASN A 255 22.95 20.95 -8.72
N GLU A 256 22.18 21.00 -9.78
CA GLU A 256 20.80 20.60 -9.71
C GLU A 256 20.66 19.19 -9.24
N THR A 257 21.37 18.27 -9.88
CA THR A 257 21.28 16.86 -9.50
C THR A 257 21.64 16.67 -8.05
N LEU A 258 22.73 17.28 -7.60
CA LEU A 258 23.17 17.08 -6.24
C LEU A 258 22.09 17.53 -5.30
N ILE A 259 21.56 18.72 -5.48
CA ILE A 259 20.57 19.23 -4.57
C ILE A 259 19.41 18.24 -4.51
N TYR A 260 18.99 17.69 -5.65
CA TYR A 260 17.87 16.77 -5.70
C TYR A 260 18.12 15.49 -4.97
N TYR A 261 19.28 14.90 -5.17
CA TYR A 261 19.58 13.62 -4.57
C TYR A 261 20.09 13.76 -3.17
N GLU A 262 20.41 14.97 -2.77
CA GLU A 262 20.85 15.21 -1.41
C GLU A 262 19.66 15.34 -0.52
N ASN A 263 18.58 15.90 -1.03
CA ASN A 263 17.37 16.05 -0.25
C ASN A 263 16.56 14.77 -0.32
N LYS A 264 16.96 13.86 -1.20
CA LYS A 264 16.29 12.57 -1.34
C LYS A 264 16.81 11.65 -0.29
N GLY A 265 17.80 12.10 0.47
CA GLY A 265 18.31 11.32 1.57
C GLY A 265 19.73 10.88 1.41
N LEU A 266 20.44 11.39 0.43
CA LEU A 266 21.80 10.91 0.15
C LEU A 266 22.85 11.94 0.53
N ARG A 267 24.10 11.52 0.65
CA ARG A 267 25.21 12.42 1.04
C ARG A 267 26.34 12.18 0.07
N ILE A 268 26.25 12.72 -1.13
CA ILE A 268 27.24 12.40 -2.17
C ILE A 268 28.61 12.99 -1.97
N ILE A 269 29.65 12.25 -2.36
CA ILE A 269 31.02 12.73 -2.30
C ILE A 269 31.59 12.52 -3.69
N ASP A 270 31.47 13.52 -4.57
CA ASP A 270 31.90 13.36 -5.97
C ASP A 270 33.40 13.32 -6.11
N ALA A 271 33.91 12.38 -6.90
CA ALA A 271 35.35 12.22 -7.03
C ALA A 271 35.93 13.19 -8.03
N ALA A 272 35.18 13.47 -9.08
CA ALA A 272 35.61 14.42 -10.08
C ALA A 272 35.72 15.79 -9.47
N SER A 273 35.03 16.00 -8.36
CA SER A 273 35.04 17.28 -7.69
C SER A 273 36.11 17.35 -6.61
N LEU A 274 36.96 16.33 -6.53
CA LEU A 274 38.04 16.32 -5.55
C LEU A 274 39.37 16.12 -6.22
N ILE A 275 39.42 15.20 -7.18
CA ILE A 275 40.65 14.90 -7.89
C ILE A 275 40.38 15.20 -9.35
N ASP A 276 41.42 15.42 -10.12
CA ASP A 276 41.28 15.65 -11.55
C ASP A 276 41.76 14.45 -12.36
N SER A 277 40.93 13.95 -13.28
CA SER A 277 41.32 12.81 -14.11
C SER A 277 40.51 12.79 -15.39
N ASN A 278 40.99 12.09 -16.42
CA ASN A 278 40.30 12.05 -17.70
C ASN A 278 39.08 11.13 -17.64
N GLU A 279 38.39 10.94 -18.76
CA GLU A 279 37.16 10.15 -18.77
C GLU A 279 37.29 8.72 -18.34
N TYR A 280 38.28 7.99 -18.85
CA TYR A 280 38.38 6.57 -18.55
C TYR A 280 39.37 6.19 -17.45
N ASP A 281 39.73 7.12 -16.58
CA ASP A 281 40.60 6.80 -15.47
C ASP A 281 39.71 6.49 -14.29
N TYR A 282 39.07 5.34 -14.29
CA TYR A 282 38.12 5.06 -13.23
C TYR A 282 38.83 4.74 -11.95
N LEU A 283 39.82 3.85 -11.99
CA LEU A 283 40.46 3.42 -10.75
C LEU A 283 41.01 4.61 -10.01
N GLU A 284 41.41 5.64 -10.75
CA GLU A 284 41.92 6.85 -10.13
C GLU A 284 40.91 7.47 -9.20
N ARG A 285 39.67 7.62 -9.65
CA ARG A 285 38.65 8.30 -8.84
C ARG A 285 38.00 7.37 -7.83
N TYR A 286 38.05 6.06 -8.06
CA TYR A 286 37.57 5.12 -7.06
C TYR A 286 38.58 5.16 -5.95
N SER A 287 39.85 5.14 -6.32
CA SER A 287 40.93 5.15 -5.34
C SER A 287 41.06 6.47 -4.63
N ALA A 288 40.85 7.57 -5.34
CA ALA A 288 40.99 8.88 -4.74
C ALA A 288 40.19 8.97 -3.48
N VAL A 289 38.88 8.84 -3.57
CA VAL A 289 38.00 8.95 -2.41
C VAL A 289 38.26 7.85 -1.40
N MET A 290 38.55 6.65 -1.87
CA MET A 290 38.84 5.55 -0.97
C MET A 290 40.11 5.81 -0.18
N ASP A 291 41.13 6.33 -0.84
CA ASP A 291 42.39 6.66 -0.18
C ASP A 291 42.21 7.80 0.80
N LEU A 292 41.47 8.82 0.42
CA LEU A 292 41.22 9.90 1.33
C LEU A 292 40.67 9.27 2.57
N LEU A 293 39.76 8.32 2.42
CA LEU A 293 39.11 7.70 3.58
C LEU A 293 40.02 6.79 4.38
N ILE A 294 40.74 5.91 3.72
CA ILE A 294 41.56 4.95 4.43
C ILE A 294 42.67 5.63 5.20
N GLU A 295 43.20 6.73 4.67
CA GLU A 295 44.30 7.44 5.31
C GLU A 295 43.85 8.52 6.29
N SER A 296 42.56 8.85 6.29
CA SER A 296 42.07 9.91 7.15
C SER A 296 41.60 9.38 8.50
N GLN A 297 41.70 8.08 8.70
CA GLN A 297 41.33 7.49 9.99
C GLN A 297 42.59 7.25 10.79
N GLU A 298 43.72 7.15 10.11
CA GLU A 298 44.98 6.99 10.80
C GLU A 298 45.22 8.26 11.56
N ASN A 299 44.83 9.38 10.97
CA ASN A 299 45.04 10.68 11.58
C ASN A 299 43.74 11.36 11.87
N LYS A 300 43.80 12.35 12.75
CA LYS A 300 42.61 13.11 13.07
C LYS A 300 42.58 14.33 12.20
N PHE A 301 41.41 14.96 12.11
CA PHE A 301 41.26 16.16 11.31
C PHE A 301 41.53 17.29 12.28
N ILE A 302 42.80 17.46 12.65
CA ILE A 302 43.16 18.46 13.70
C ILE A 302 44.35 19.35 13.36
N THR A 303 44.10 20.53 12.76
CA THR A 303 45.19 21.50 12.52
C THR A 303 44.70 22.86 12.93
N LYS A 304 43.91 22.91 14.00
CA LYS A 304 43.49 24.17 14.57
C LYS A 304 43.34 24.00 16.07
N ASP A 305 43.65 25.08 16.81
CA ASP A 305 43.64 25.03 18.26
C ASP A 305 42.26 24.72 18.84
N ASP A 306 41.20 25.30 18.27
CA ASP A 306 39.86 24.94 18.71
C ASP A 306 39.61 23.44 18.49
N GLU A 307 40.09 22.90 17.38
CA GLU A 307 40.00 21.45 17.17
C GLU A 307 40.78 20.69 18.22
N VAL A 308 41.94 21.23 18.63
CA VAL A 308 42.73 20.58 19.68
C VAL A 308 41.92 20.51 20.97
N ILE A 309 41.32 21.64 21.37
CA ILE A 309 40.54 21.65 22.59
C ILE A 309 39.36 20.70 22.48
N ASP A 310 38.72 20.68 21.32
CA ASP A 310 37.57 19.81 21.13
C ASP A 310 37.95 18.35 21.23
N TYR A 311 39.09 17.97 20.65
CA TYR A 311 39.55 16.58 20.70
C TYR A 311 39.90 16.17 22.11
N ILE A 312 40.68 17.02 22.82
CA ILE A 312 41.04 16.70 24.19
C ILE A 312 39.79 16.56 25.04
N TYR A 313 38.82 17.45 24.85
CA TYR A 313 37.58 17.36 25.61
C TYR A 313 36.83 16.08 25.30
N GLY A 314 36.71 15.73 24.02
CA GLY A 314 36.03 14.51 23.66
C GLY A 314 36.66 13.28 24.31
N LYS A 315 37.97 13.30 24.47
CA LYS A 315 38.67 12.13 25.02
C LYS A 315 38.75 12.15 26.53
N ILE A 316 38.59 13.32 27.17
CA ILE A 316 38.81 13.41 28.61
C ILE A 316 37.54 13.66 29.42
N SER A 317 36.56 14.39 28.87
CA SER A 317 35.41 14.79 29.67
C SER A 317 34.70 13.64 30.37
N PRO A 318 34.49 12.46 29.77
CA PRO A 318 33.84 11.39 30.54
C PRO A 318 34.57 11.04 31.82
N LEU A 319 35.89 11.21 31.84
CA LEU A 319 36.67 10.93 33.04
C LEU A 319 36.39 11.91 34.17
N PHE A 320 35.69 13.02 33.91
CA PHE A 320 35.36 13.95 34.98
C PHE A 320 34.48 13.30 36.05
N ALA A 321 33.72 12.28 35.68
CA ALA A 321 32.91 11.58 36.68
C ALA A 321 33.79 10.86 37.70
N LEU A 322 34.85 10.21 37.25
CA LEU A 322 35.80 9.58 38.15
C LEU A 322 36.57 10.67 38.87
N GLN A 323 36.87 10.43 40.15
CA GLN A 323 37.59 11.44 40.93
C GLN A 323 38.99 11.66 40.36
N TYR A 324 39.85 10.65 40.42
CA TYR A 324 41.21 10.77 39.90
C TYR A 324 41.49 9.59 38.98
N ILE A 325 42.40 9.79 38.05
CA ILE A 325 42.78 8.77 37.07
C ILE A 325 44.25 8.45 37.24
N ARG A 326 44.59 7.16 37.25
CA ARG A 326 46.00 6.78 37.22
C ARG A 326 46.63 7.23 35.92
N LYS A 327 47.84 7.77 36.02
CA LYS A 327 48.53 8.28 34.83
C LYS A 327 48.85 7.14 33.86
N ILE A 328 49.30 6.00 34.36
CA ILE A 328 49.61 4.87 33.48
C ILE A 328 48.39 4.45 32.67
N ASP A 329 47.18 4.72 33.16
CA ASP A 329 45.96 4.41 32.44
C ASP A 329 45.63 5.42 31.35
N LEU A 330 46.10 6.66 31.47
CA LEU A 330 45.85 7.64 30.42
C LEU A 330 46.45 7.21 29.09
N LYS A 331 47.49 6.37 29.12
CA LYS A 331 48.02 5.81 27.88
C LYS A 331 46.93 5.12 27.09
N HIS A 332 46.02 4.43 27.77
CA HIS A 332 44.92 3.77 27.07
C HIS A 332 43.87 4.76 26.60
N VAL A 333 43.72 5.89 27.30
CA VAL A 333 42.71 6.86 26.93
C VAL A 333 42.97 7.41 25.54
N PHE A 334 44.22 7.73 25.24
CA PHE A 334 44.61 8.32 23.95
C PHE A 334 45.17 7.27 22.99
N GLU A 335 44.75 6.01 23.14
CA GLU A 335 45.11 4.95 22.21
C GLU A 335 46.61 4.86 21.99
N TYR A 336 47.35 4.93 23.11
CA TYR A 336 48.81 4.80 23.09
C TYR A 336 49.47 5.93 22.31
N ASP A 337 48.75 7.03 22.07
CA ASP A 337 49.33 8.16 21.37
C ASP A 337 50.40 8.86 22.19
N TYR A 338 50.42 8.66 23.51
CA TYR A 338 51.39 9.34 24.36
C TYR A 338 51.67 8.48 25.58
N HIS A 339 52.94 8.36 25.93
CA HIS A 339 53.35 7.77 27.21
C HIS A 339 53.16 8.83 28.28
N PHE A 340 52.19 8.59 29.16
CA PHE A 340 51.99 9.47 30.31
C PHE A 340 52.80 8.93 31.48
N GLU A 341 53.96 9.53 31.74
CA GLU A 341 54.84 9.05 32.78
C GLU A 341 54.23 9.34 34.15
N VAL A 342 54.66 8.55 35.15
CA VAL A 342 54.10 8.65 36.49
C VAL A 342 54.54 9.91 37.21
N ASN A 343 55.57 10.60 36.71
CA ASN A 343 56.05 11.81 37.35
C ASN A 343 55.21 13.00 36.96
N GLY A 344 54.44 12.88 35.88
CA GLY A 344 53.64 13.98 35.40
C GLY A 344 54.21 14.61 34.15
N THR A 345 54.77 13.79 33.27
CA THR A 345 55.33 14.24 32.01
C THR A 345 54.80 13.38 30.88
N VAL A 346 54.49 14.02 29.75
CA VAL A 346 53.95 13.34 28.58
C VAL A 346 55.07 13.19 27.56
N VAL A 347 55.08 12.08 26.82
CA VAL A 347 56.09 11.81 25.75
C VAL A 347 55.32 11.35 24.50
N ARG A 348 55.79 11.68 23.30
CA ARG A 348 55.16 11.24 22.03
C ARG A 348 55.32 9.73 21.88
N HIS A 349 54.25 9.00 21.56
CA HIS A 349 54.30 7.52 21.37
C HIS A 349 53.29 7.12 20.29
N LYS A 350 53.70 6.33 19.30
CA LYS A 350 52.79 5.89 18.19
C LYS A 350 51.98 7.10 17.71
N ASN A 351 52.61 8.28 17.58
CA ASN A 351 51.92 9.46 17.07
C ASN A 351 52.64 9.99 15.84
N LYS A 352 51.98 9.93 14.68
CA LYS A 352 52.54 10.40 13.39
C LYS A 352 51.74 11.62 12.92
N GLY A 353 50.64 11.94 13.60
CA GLY A 353 49.79 13.10 13.27
C GLY A 353 50.16 14.32 14.09
N PHE A 354 49.45 15.44 13.92
CA PHE A 354 49.75 16.67 14.64
C PHE A 354 49.68 16.43 16.14
N GLY A 355 50.58 17.06 16.88
CA GLY A 355 50.66 16.85 18.32
C GLY A 355 49.71 17.74 19.09
N TYR A 356 48.56 17.17 19.48
CA TYR A 356 47.59 17.95 20.25
C TYR A 356 48.06 18.21 21.66
N MET A 357 48.87 17.32 22.23
CA MET A 357 49.34 17.49 23.60
C MET A 357 50.35 18.63 23.68
N GLU A 358 51.29 18.69 22.73
CA GLU A 358 52.25 19.77 22.71
C GLU A 358 51.54 21.12 22.56
N ARG A 359 50.56 21.19 21.67
CA ARG A 359 49.79 22.42 21.51
C ARG A 359 49.03 22.74 22.79
N PHE A 360 48.48 21.71 23.45
CA PHE A 360 47.75 21.96 24.68
C PHE A 360 48.65 22.58 25.74
N PHE A 361 49.86 22.06 25.89
CA PHE A 361 50.77 22.64 26.88
C PHE A 361 51.25 24.03 26.46
N GLU A 362 51.45 24.24 25.16
CA GLU A 362 51.79 25.58 24.68
C GLU A 362 50.68 26.57 25.06
N LEU A 363 49.43 26.16 24.88
CA LEU A 363 48.31 26.98 25.33
C LEU A 363 48.36 27.19 26.84
N LYS A 364 48.70 26.13 27.58
CA LYS A 364 48.78 26.24 29.03
C LYS A 364 49.75 27.33 29.46
N GLU A 365 50.91 27.40 28.82
CA GLU A 365 51.90 28.40 29.21
C GLU A 365 51.50 29.80 28.76
N SER A 366 51.34 30.01 27.46
CA SER A 366 51.11 31.34 26.90
C SER A 366 49.64 31.71 27.07
N CYS A 367 49.38 32.89 27.62
CA CYS A 367 48.01 33.34 27.87
C CYS A 367 47.33 33.87 26.63
N ASP A 368 48.07 34.60 25.80
CA ASP A 368 47.46 35.18 24.60
C ASP A 368 46.98 34.10 23.63
N GLU A 369 47.80 33.07 23.42
CA GLU A 369 47.38 31.98 22.56
C GLU A 369 46.11 31.34 23.08
N ARG A 370 45.97 31.25 24.40
CA ARG A 370 44.70 30.83 24.98
C ARG A 370 43.59 31.81 24.63
N SER A 371 43.89 33.10 24.67
CA SER A 371 42.89 34.11 24.34
C SER A 371 42.38 33.94 22.91
N LYS A 372 43.23 33.41 22.02
CA LYS A 372 42.78 33.18 20.65
C LYS A 372 41.61 32.21 20.58
N LEU A 373 41.44 31.36 21.61
CA LEU A 373 40.41 30.33 21.57
C LEU A 373 39.02 30.94 21.56
N SER A 374 38.08 30.23 20.95
CA SER A 374 36.68 30.62 20.97
C SER A 374 36.11 30.44 22.37
N LYS A 375 34.90 30.99 22.56
CA LYS A 375 34.26 31.00 23.88
C LYS A 375 34.07 29.57 24.40
N LYS A 376 33.30 28.76 23.68
CA LYS A 376 33.02 27.40 24.15
C LYS A 376 34.32 26.61 24.29
N GLN A 377 35.21 26.74 23.30
CA GLN A 377 36.49 26.06 23.40
C GLN A 377 37.32 26.61 24.55
N TYR A 378 37.21 27.90 24.85
CA TYR A 378 37.94 28.44 26.00
C TYR A 378 37.46 27.80 27.30
N GLU A 379 36.15 27.68 27.48
CA GLU A 379 35.65 27.04 28.70
C GLU A 379 36.02 25.56 28.76
N ARG A 380 35.95 24.87 27.62
CA ARG A 380 36.38 23.48 27.59
C ARG A 380 37.85 23.35 27.98
N PHE A 381 38.68 24.27 27.47
CA PHE A 381 40.09 24.25 27.84
C PHE A 381 40.26 24.53 29.32
N ASN A 382 39.46 25.41 29.87
CA ASN A 382 39.57 25.72 31.29
C ASN A 382 39.29 24.46 32.10
N ALA A 383 38.21 23.75 31.77
CA ALA A 383 37.87 22.51 32.47
C ALA A 383 38.99 21.48 32.33
N LEU A 384 39.51 21.33 31.11
CA LEU A 384 40.59 20.37 30.88
C LEU A 384 41.84 20.74 31.65
N PHE A 385 42.15 22.03 31.72
CA PHE A 385 43.30 22.50 32.47
C PHE A 385 43.16 22.15 33.94
N ASN A 386 41.97 22.37 34.48
CA ASN A 386 41.71 22.04 35.88
C ASN A 386 41.89 20.54 36.09
N PHE A 387 41.37 19.73 35.17
CA PHE A 387 41.50 18.28 35.29
C PHE A 387 42.97 17.85 35.27
N PHE A 388 43.73 18.35 34.30
CA PHE A 388 45.12 17.93 34.17
C PHE A 388 45.95 18.37 35.37
N GLU A 389 45.72 19.58 35.87
CA GLU A 389 46.42 20.01 37.08
C GLU A 389 46.06 19.12 38.26
N LYS A 390 44.79 18.74 38.36
CA LYS A 390 44.37 17.86 39.46
C LYS A 390 45.08 16.51 39.37
N ASN A 391 45.06 15.92 38.17
CA ASN A 391 45.61 14.57 38.01
C ASN A 391 47.13 14.50 38.01
N GLY A 392 47.81 15.64 37.97
CA GLY A 392 49.26 15.66 38.03
C GLY A 392 49.99 15.67 36.71
N VAL A 393 49.28 15.84 35.59
CA VAL A 393 49.92 15.99 34.29
C VAL A 393 50.30 17.45 34.14
N ILE A 394 51.58 17.71 33.86
CA ILE A 394 52.15 19.05 33.96
C ILE A 394 52.64 19.55 32.60
N CYS A 395 53.61 18.86 32.02
CA CYS A 395 54.17 19.31 30.75
C CYS A 395 54.78 18.15 30.01
N MET A 396 55.39 18.43 28.86
CA MET A 396 56.08 17.41 28.10
C MET A 396 57.44 17.13 28.73
N ALA A 397 58.01 15.98 28.37
CA ALA A 397 59.31 15.61 28.91
C ALA A 397 60.43 16.53 28.43
N LYS A 398 60.28 17.14 27.24
CA LYS A 398 61.33 17.98 26.70
C LYS A 398 61.58 19.18 27.61
N ASP A 399 60.51 19.80 28.11
CA ASP A 399 60.60 20.99 28.96
C ASP A 399 60.35 20.66 30.42
N ALA A 400 60.66 19.44 30.85
CA ALA A 400 60.43 19.06 32.23
C ALA A 400 61.21 19.95 33.18
N GLY A 401 60.50 20.55 34.14
CA GLY A 401 61.11 21.39 35.14
C GLY A 401 61.69 20.58 36.29
N THR A 402 61.51 21.09 37.50
CA THR A 402 61.92 20.39 38.72
C THR A 402 60.71 19.63 39.26
N LEU A 403 60.30 18.62 38.52
CA LEU A 403 59.11 17.85 38.88
C LEU A 403 59.30 17.20 40.24
N ASN A 404 58.51 17.65 41.20
CA ASN A 404 58.61 17.15 42.56
C ASN A 404 57.54 16.13 42.86
N THR A 405 57.84 15.20 43.75
CA THR A 405 56.91 14.15 44.15
C THR A 405 56.09 14.61 45.34
N SER A 406 54.78 14.71 45.16
CA SER A 406 53.88 15.05 46.25
C SER A 406 52.63 14.18 46.13
N ILE A 407 52.20 13.65 47.27
CA ILE A 407 51.04 12.77 47.34
C ILE A 407 50.03 13.40 48.28
N GLU A 408 48.77 13.46 47.84
CA GLU A 408 47.70 14.01 48.67
C GLU A 408 46.44 13.20 48.39
N ILE A 409 46.19 12.21 49.24
CA ILE A 409 44.96 11.41 49.20
C ILE A 409 43.96 12.06 50.13
N ASN A 410 42.79 12.40 49.56
CA ASN A 410 41.73 13.06 50.31
C ASN A 410 40.53 12.13 50.39
N SER A 411 40.54 11.23 51.36
CA SER A 411 39.45 10.29 51.56
C SER A 411 39.42 9.89 53.03
N LEU A 412 38.29 10.14 53.69
CA LEU A 412 38.17 9.80 55.10
C LEU A 412 38.41 8.32 55.32
N ALA A 413 38.05 7.48 54.35
CA ALA A 413 38.32 6.05 54.48
C ALA A 413 39.81 5.79 54.60
N TYR A 414 40.62 6.48 53.80
CA TYR A 414 42.06 6.23 53.81
C TYR A 414 42.66 6.55 55.17
N HIS A 415 42.28 7.68 55.76
CA HIS A 415 42.86 8.15 57.01
C HIS A 415 42.19 7.54 58.24
N GLY A 416 41.19 6.69 58.06
CA GLY A 416 40.53 6.06 59.18
C GLY A 416 39.85 7.04 60.10
N LYS A 417 39.12 7.99 59.53
CA LYS A 417 38.35 8.97 60.30
C LYS A 417 36.98 8.36 60.58
N TYR A 418 36.99 7.23 61.29
CA TYR A 418 35.81 6.37 61.37
C TYR A 418 34.58 7.15 61.86
N ASP A 419 34.76 8.03 62.84
CA ASP A 419 33.62 8.78 63.35
C ASP A 419 33.03 9.69 62.29
N VAL A 420 33.88 10.33 61.50
CA VAL A 420 33.38 11.19 60.43
C VAL A 420 32.66 10.35 59.38
N MET A 421 33.18 9.16 59.08
CA MET A 421 32.48 8.27 58.15
C MET A 421 31.10 7.91 58.68
N LYS A 422 31.02 7.58 59.96
CA LYS A 422 29.72 7.25 60.56
C LYS A 422 28.76 8.42 60.45
N LYS A 423 29.22 9.62 60.80
CA LYS A 423 28.35 10.80 60.72
C LYS A 423 27.89 11.06 59.30
N PHE A 424 28.79 10.93 58.33
CA PHE A 424 28.40 11.07 56.93
C PHE A 424 27.37 10.04 56.54
N ILE A 425 27.47 8.83 57.11
CA ILE A 425 26.50 7.78 56.80
C ILE A 425 25.13 8.13 57.37
N GLU A 426 25.08 8.56 58.63
CA GLU A 426 23.80 8.81 59.26
C GLU A 426 23.04 9.93 58.55
N GLU A 427 23.73 11.00 58.18
CA GLU A 427 23.07 12.13 57.54
C GLU A 427 22.56 11.73 56.16
N GLN A 428 21.56 12.47 55.68
CA GLN A 428 20.96 12.17 54.39
C GLN A 428 21.96 12.42 53.26
N SER A 429 21.78 11.68 52.18
CA SER A 429 22.60 11.80 50.98
C SER A 429 21.78 12.43 49.88
N VAL A 430 22.30 13.52 49.29
CA VAL A 430 21.54 14.28 48.32
C VAL A 430 21.57 13.64 46.94
N SER A 431 22.64 12.92 46.60
CA SER A 431 22.81 12.39 45.26
C SER A 431 23.35 10.96 45.33
N ILE A 432 23.18 10.22 44.24
CA ILE A 432 23.69 8.87 44.17
C ILE A 432 25.21 8.84 44.34
N GLU A 433 25.90 9.95 44.08
CA GLU A 433 27.31 10.03 44.41
C GLU A 433 27.52 9.86 45.90
N ASP A 434 26.70 10.54 46.71
CA ASP A 434 26.79 10.39 48.15
C ASP A 434 26.37 9.00 48.61
N ASP A 435 25.39 8.39 47.94
CA ASP A 435 25.04 7.01 48.27
C ASP A 435 26.20 6.06 47.98
N TYR A 436 26.88 6.26 46.86
CA TYR A 436 28.05 5.45 46.52
C TYR A 436 29.15 5.62 47.56
N LYS A 437 29.43 6.87 47.95
CA LYS A 437 30.43 7.12 48.97
C LYS A 437 30.02 6.50 50.31
N LYS A 438 28.73 6.57 50.63
CA LYS A 438 28.23 5.96 51.87
C LYS A 438 28.38 4.45 51.83
N ALA A 439 28.12 3.83 50.69
CA ALA A 439 28.29 2.39 50.59
C ALA A 439 29.74 2.00 50.80
N PHE A 440 30.66 2.74 50.19
CA PHE A 440 32.07 2.47 50.41
C PHE A 440 32.44 2.65 51.88
N PHE A 441 31.94 3.72 52.50
CA PHE A 441 32.23 3.96 53.91
C PHE A 441 31.67 2.85 54.78
N LEU A 442 30.47 2.37 54.48
CA LEU A 442 29.89 1.26 55.23
C LEU A 442 30.75 0.01 55.11
N ALA A 443 31.16 -0.31 53.87
CA ALA A 443 32.02 -1.46 53.69
C ALA A 443 33.32 -1.32 54.48
N CYS A 444 33.91 -0.13 54.45
CA CYS A 444 35.13 0.11 55.21
C CYS A 444 34.90 0.06 56.71
N LEU A 445 33.68 0.31 57.17
CA LEU A 445 33.34 0.23 58.58
C LEU A 445 32.91 -1.16 58.99
N GLY A 446 33.04 -2.14 58.11
CA GLY A 446 32.60 -3.48 58.42
C GLY A 446 31.12 -3.59 58.67
N ARG A 447 30.30 -2.96 57.84
CA ARG A 447 28.87 -3.19 57.80
C ARG A 447 28.54 -3.63 56.37
N TRP A 448 28.75 -4.93 56.11
CA TRP A 448 28.68 -5.41 54.74
C TRP A 448 27.24 -5.71 54.32
N GLU A 449 26.36 -6.06 55.27
CA GLU A 449 24.95 -6.22 54.94
C GLU A 449 24.36 -4.90 54.47
N GLU A 450 24.55 -3.84 55.26
CA GLU A 450 24.04 -2.53 54.88
C GLU A 450 24.71 -2.04 53.59
N SER A 451 26.01 -2.25 53.46
CA SER A 451 26.71 -1.79 52.26
C SER A 451 26.20 -2.52 51.02
N TYR A 452 25.98 -3.83 51.14
CA TYR A 452 25.45 -4.58 50.00
C TYR A 452 24.06 -4.10 49.63
N ASP A 453 23.20 -3.89 50.63
CA ASP A 453 21.86 -3.38 50.35
C ASP A 453 21.92 -2.01 49.69
N LEU A 454 22.78 -1.13 50.18
CA LEU A 454 22.89 0.21 49.60
C LEU A 454 23.44 0.15 48.18
N TYR A 455 24.40 -0.75 47.92
CA TYR A 455 24.91 -0.89 46.57
C TYR A 455 23.82 -1.40 45.62
N SER A 456 23.01 -2.35 46.09
CA SER A 456 21.87 -2.78 45.27
C SER A 456 20.91 -1.63 45.00
N ASN A 457 20.67 -0.82 46.03
CA ASN A 457 19.77 0.33 45.87
C ASN A 457 20.32 1.31 44.86
N ILE A 458 21.60 1.59 44.92
CA ILE A 458 22.23 2.47 43.95
C ILE A 458 22.18 1.89 42.54
N ILE A 459 22.42 0.58 42.41
CA ILE A 459 22.32 -0.05 41.10
C ILE A 459 20.92 0.12 40.53
N LEU A 460 19.90 -0.08 41.36
CA LEU A 460 18.53 0.09 40.90
C LEU A 460 18.20 1.54 40.55
N ASN A 461 18.68 2.49 41.35
CA ASN A 461 18.34 3.90 41.12
C ASN A 461 19.18 4.53 40.02
N SER A 462 20.26 3.88 39.61
CA SER A 462 21.08 4.40 38.53
C SER A 462 20.39 4.29 37.17
N ILE A 463 19.22 3.66 37.11
CA ILE A 463 18.46 3.60 35.87
C ILE A 463 18.29 4.99 35.26
N ASP A 464 18.28 6.02 36.09
CA ASP A 464 18.25 7.39 35.59
C ASP A 464 19.40 7.61 34.61
N GLU A 465 19.11 8.37 33.56
CA GLU A 465 20.12 8.63 32.52
C GLU A 465 21.36 9.25 33.13
N SER A 466 22.49 8.56 32.97
CA SER A 466 23.76 9.03 33.49
C SER A 466 24.87 8.43 32.65
N ASN A 467 26.12 8.74 32.98
CA ASN A 467 27.24 8.15 32.27
C ASN A 467 27.31 6.65 32.46
N GLY A 468 26.69 6.13 33.51
CA GLY A 468 26.77 4.71 33.81
C GLY A 468 27.98 4.31 34.61
N CYS A 469 28.88 5.23 34.89
CA CYS A 469 30.07 4.90 35.64
C CYS A 469 29.70 4.47 37.07
N VAL A 470 28.82 5.20 37.73
CA VAL A 470 28.45 4.84 39.09
C VAL A 470 27.77 3.48 39.12
N TYR A 471 26.95 3.19 38.12
CA TYR A 471 26.27 1.88 38.06
C TYR A 471 27.29 0.76 37.92
N TYR A 472 28.24 0.90 37.00
CA TYR A 472 29.25 -0.12 36.79
C TYR A 472 30.10 -0.33 38.03
N LEU A 473 30.59 0.76 38.62
CA LEU A 473 31.41 0.65 39.82
C LEU A 473 30.63 0.07 40.98
N SER A 474 29.36 0.42 41.14
CA SER A 474 28.56 -0.16 42.20
C SER A 474 28.36 -1.65 41.97
N GLN A 475 28.16 -2.07 40.72
CA GLN A 475 28.04 -3.50 40.44
C GLN A 475 29.31 -4.24 40.83
N ILE A 476 30.47 -3.72 40.42
CA ILE A 476 31.73 -4.37 40.79
C ILE A 476 31.89 -4.39 42.30
N ASN A 477 31.54 -3.31 42.97
CA ASN A 477 31.77 -3.25 44.40
C ASN A 477 30.80 -4.15 45.16
N ARG A 478 29.58 -4.37 44.67
CA ARG A 478 28.70 -5.31 45.34
C ARG A 478 29.12 -6.74 45.05
N TYR A 479 29.64 -7.03 43.87
CA TYR A 479 30.20 -8.35 43.64
C TYR A 479 31.36 -8.61 44.60
N ARG A 480 32.24 -7.63 44.76
CA ARG A 480 33.37 -7.81 45.67
C ARG A 480 32.92 -7.96 47.12
N ILE A 481 31.94 -7.18 47.55
CA ILE A 481 31.49 -7.27 48.94
C ILE A 481 30.76 -8.59 49.15
N TYR A 482 30.08 -9.11 48.13
CA TYR A 482 29.50 -10.44 48.23
C TYR A 482 30.56 -11.51 48.35
N GLN A 483 31.65 -11.37 47.58
CA GLN A 483 32.76 -12.31 47.71
C GLN A 483 33.34 -12.26 49.12
N SER A 484 33.52 -11.06 49.65
CA SER A 484 34.03 -10.93 51.02
C SER A 484 33.06 -11.54 52.02
N ILE A 485 31.75 -11.33 51.82
CA ILE A 485 30.75 -11.89 52.71
C ILE A 485 30.86 -13.42 52.72
N THR A 486 30.91 -14.03 51.53
CA THR A 486 30.96 -15.48 51.44
C THR A 486 32.25 -16.02 52.05
N GLN A 487 33.38 -15.39 51.76
CA GLN A 487 34.64 -15.86 52.32
C GLN A 487 34.66 -15.73 53.85
N ALA A 488 34.15 -14.61 54.37
CA ALA A 488 34.11 -14.43 55.82
C ALA A 488 33.18 -15.44 56.47
N VAL A 489 32.05 -15.74 55.83
CA VAL A 489 31.15 -16.76 56.34
C VAL A 489 31.85 -18.12 56.36
N THR A 490 32.58 -18.43 55.28
CA THR A 490 33.31 -19.69 55.22
C THR A 490 34.30 -19.80 56.36
N GLN A 491 35.05 -18.73 56.61
CA GLN A 491 36.02 -18.76 57.71
C GLN A 491 35.31 -18.85 59.06
N PHE A 492 34.19 -18.15 59.22
CA PHE A 492 33.52 -18.07 60.52
C PHE A 492 32.89 -19.40 60.90
N ASN A 493 32.11 -19.97 59.99
CA ASN A 493 31.52 -21.27 60.24
C ASN A 493 32.66 -22.25 60.42
N GLY A 494 33.69 -22.16 59.59
CA GLY A 494 34.86 -22.99 59.75
C GLY A 494 35.55 -22.74 61.09
N LEU A 495 36.29 -23.75 61.54
CA LEU A 495 36.95 -23.66 62.83
C LEU A 495 38.00 -22.56 62.82
N GLY A 496 38.40 -22.15 64.02
CA GLY A 496 39.30 -21.02 64.19
C GLY A 496 38.56 -19.88 64.87
N LEU A 497 37.29 -19.69 64.48
CA LEU A 497 36.45 -18.72 65.17
C LEU A 497 36.00 -19.23 66.53
N LEU A 498 35.93 -20.55 66.71
CA LEU A 498 35.51 -21.11 68.00
C LEU A 498 36.36 -20.55 69.13
N THR A 499 37.66 -20.32 68.87
CA THR A 499 38.50 -19.66 69.86
C THR A 499 37.96 -18.28 70.21
N PHE A 500 37.40 -17.58 69.23
CA PHE A 500 36.86 -16.24 69.42
C PHE A 500 35.38 -16.27 69.78
N GLY A 501 35.03 -17.07 70.78
CA GLY A 501 33.67 -17.16 71.25
C GLY A 501 32.69 -17.73 70.25
N ARG A 502 33.18 -18.33 69.16
CA ARG A 502 32.34 -18.82 68.07
C ARG A 502 31.27 -17.79 67.71
N HIS A 503 31.75 -16.59 67.38
CA HIS A 503 30.83 -15.50 67.07
C HIS A 503 29.96 -15.86 65.87
N TYR A 504 28.65 -15.81 66.07
CA TYR A 504 27.73 -15.95 64.95
C TYR A 504 28.01 -14.86 63.91
N LYS A 505 28.20 -15.26 62.67
CA LYS A 505 28.45 -14.30 61.62
C LYS A 505 27.20 -13.43 61.44
N PRO A 506 27.31 -12.10 61.49
CA PRO A 506 26.09 -11.29 61.55
C PRO A 506 25.17 -11.48 60.36
N PHE A 507 25.68 -11.99 59.25
CA PHE A 507 24.85 -12.22 58.07
C PHE A 507 23.84 -13.31 58.37
N THR A 508 22.56 -12.96 58.36
CA THR A 508 21.51 -13.94 58.62
C THR A 508 21.44 -14.96 57.49
N ASP A 509 21.08 -16.19 57.87
CA ASP A 509 21.00 -17.26 56.88
C ASP A 509 20.06 -16.89 55.74
N GLU A 510 18.98 -16.17 56.03
CA GLU A 510 18.13 -15.66 54.96
C GLU A 510 18.89 -14.66 54.09
N PHE A 511 19.71 -13.80 54.70
CA PHE A 511 20.50 -12.86 53.92
C PHE A 511 21.52 -13.59 53.06
N LEU A 512 22.20 -14.59 53.64
CA LEU A 512 23.18 -15.35 52.87
C LEU A 512 22.51 -16.05 51.69
N ALA A 513 21.33 -16.65 51.93
CA ALA A 513 20.60 -17.28 50.85
C ALA A 513 20.21 -16.27 49.79
N ARG A 514 19.77 -15.07 50.20
CA ARG A 514 19.37 -14.07 49.23
C ARG A 514 20.54 -13.62 48.36
N ILE A 515 21.70 -13.38 48.98
CA ILE A 515 22.86 -12.94 48.18
C ILE A 515 23.33 -14.07 47.28
N GLU A 516 23.28 -15.31 47.75
CA GLU A 516 23.66 -16.43 46.90
C GLU A 516 22.71 -16.55 45.71
N ARG A 517 21.42 -16.36 45.93
CA ARG A 517 20.45 -16.41 44.84
C ARG A 517 20.66 -15.26 43.88
N GLU A 518 21.00 -14.07 44.39
CA GLU A 518 21.17 -12.90 43.53
C GLU A 518 22.44 -12.98 42.70
N MET A 519 23.54 -13.45 43.28
CA MET A 519 24.84 -13.40 42.65
C MET A 519 25.22 -14.68 41.93
N THR A 520 24.43 -15.74 42.05
CA THR A 520 24.75 -16.98 41.34
C THR A 520 24.67 -16.77 39.83
N ASN A 521 23.75 -15.93 39.37
CA ASN A 521 23.57 -15.70 37.93
C ASN A 521 24.56 -14.66 37.42
N PHE A 522 25.20 -13.93 38.31
CA PHE A 522 26.09 -12.85 37.91
C PHE A 522 27.52 -13.36 37.77
N ASN A 523 28.13 -13.01 36.63
CA ASN A 523 29.54 -13.35 36.40
C ASN A 523 30.20 -12.02 36.09
N ILE A 524 31.35 -11.76 36.68
CA ILE A 524 32.02 -10.47 36.54
C ILE A 524 32.60 -10.27 35.15
N ASP A 525 33.16 -11.32 34.55
CA ASP A 525 33.89 -11.19 33.30
C ASP A 525 33.02 -10.68 32.15
N ASP A 526 31.70 -10.77 32.27
CA ASP A 526 30.78 -10.35 31.19
C ASP A 526 30.16 -9.00 31.55
N LEU A 527 30.48 -8.41 32.71
CA LEU A 527 29.87 -7.13 33.10
C LEU A 527 30.26 -6.01 32.14
N PHE A 528 31.56 -5.84 31.86
CA PHE A 528 31.98 -4.75 30.99
C PHE A 528 31.38 -4.89 29.60
N ASN A 529 31.33 -6.14 29.10
CA ASN A 529 30.77 -6.39 27.79
C ASN A 529 29.27 -6.16 27.79
N GLY A 530 28.65 -6.24 28.96
CA GLY A 530 27.21 -6.04 29.05
C GLY A 530 26.81 -4.58 29.02
N MET A 531 27.76 -3.67 29.28
CA MET A 531 27.45 -2.25 29.34
C MET A 531 27.24 -1.70 27.92
N PRO A 532 26.60 -0.54 27.80
CA PRO A 532 26.39 0.05 26.47
C PRO A 532 27.69 0.21 25.70
N PHE A 533 27.55 0.37 24.39
CA PHE A 533 28.72 0.60 23.56
C PHE A 533 29.36 1.93 23.91
N GLU A 534 28.56 2.93 24.27
CA GLU A 534 29.11 4.20 24.70
C GLU A 534 30.00 4.01 25.93
N PHE A 535 29.51 3.27 26.92
CA PHE A 535 30.31 3.04 28.12
C PHE A 535 31.54 2.21 27.82
N GLN A 536 31.48 1.38 26.78
CA GLN A 536 32.65 0.56 26.43
C GLN A 536 33.70 1.37 25.68
N LYS A 537 33.27 2.36 24.90
CA LYS A 537 34.22 3.20 24.19
C LYS A 537 34.92 4.15 25.16
N LYS A 538 34.15 5.00 25.83
CA LYS A 538 34.67 5.75 26.97
C LYS A 538 34.92 4.75 28.10
N TYR A 539 35.51 5.21 29.20
CA TYR A 539 35.67 4.41 30.41
C TYR A 539 36.29 3.05 30.12
N LYS A 540 37.06 2.97 29.04
CA LYS A 540 37.72 1.73 28.67
C LYS A 540 38.78 1.32 29.69
N ILE A 541 39.24 2.27 30.51
CA ILE A 541 40.21 1.97 31.56
C ILE A 541 39.58 1.34 32.79
N LEU A 542 38.25 1.34 32.89
CA LEU A 542 37.55 0.71 34.01
C LEU A 542 37.38 -0.79 33.83
N GLU A 543 37.70 -1.33 32.65
CA GLU A 543 37.56 -2.76 32.43
C GLU A 543 38.48 -3.55 33.36
N PHE A 544 39.71 -3.07 33.54
CA PHE A 544 40.71 -3.83 34.30
C PHE A 544 40.26 -4.09 35.72
N LEU A 545 39.31 -3.30 36.24
CA LEU A 545 38.85 -3.50 37.60
C LEU A 545 38.14 -4.84 37.79
N SER A 546 37.66 -5.45 36.71
CA SER A 546 36.88 -6.69 36.84
C SER A 546 37.75 -7.92 37.00
N ASP A 547 39.06 -7.80 36.88
CA ASP A 547 39.96 -8.95 36.96
C ASP A 547 41.27 -8.52 37.61
N ASN A 548 42.29 -9.38 37.54
CA ASN A 548 43.61 -9.06 38.09
C ASN A 548 44.43 -8.18 37.16
N GLN A 549 43.94 -7.98 35.94
CA GLN A 549 44.66 -7.15 34.99
C GLN A 549 44.96 -5.75 35.52
N PHE A 550 44.14 -5.24 36.42
CA PHE A 550 44.34 -3.89 36.97
C PHE A 550 45.71 -3.73 37.59
N LEU A 551 46.22 -4.78 38.24
CA LEU A 551 47.50 -4.72 38.93
C LEU A 551 48.66 -5.24 38.07
N TYR A 552 48.40 -5.70 36.85
CA TYR A 552 49.41 -6.43 36.10
C TYR A 552 50.62 -5.55 35.81
N ASP A 553 50.41 -4.37 35.24
CA ASP A 553 51.53 -3.52 34.85
C ASP A 553 52.38 -3.14 36.05
N ASP A 554 51.76 -2.71 37.13
CA ASP A 554 52.51 -2.36 38.32
C ASP A 554 53.23 -3.57 38.91
N THR A 555 52.63 -4.76 38.85
CA THR A 555 53.31 -5.94 39.36
C THR A 555 54.57 -6.25 38.56
N VAL A 556 54.48 -6.25 37.24
CA VAL A 556 55.66 -6.57 36.43
C VAL A 556 56.73 -5.51 36.62
N LYS A 557 56.33 -4.23 36.64
CA LYS A 557 57.31 -3.17 36.89
C LYS A 557 57.93 -3.33 38.27
N LEU A 558 57.15 -3.76 39.26
CA LEU A 558 57.67 -3.96 40.60
C LEU A 558 58.73 -5.04 40.63
N PHE A 559 58.46 -6.18 39.98
CA PHE A 559 59.46 -7.24 39.95
C PHE A 559 60.72 -6.79 39.22
N GLU A 560 60.55 -6.15 38.07
CA GLU A 560 61.72 -5.69 37.30
C GLU A 560 62.56 -4.72 38.12
N LEU A 561 61.91 -3.74 38.75
CA LEU A 561 62.64 -2.76 39.53
C LEU A 561 63.20 -3.33 40.81
N THR A 562 62.55 -4.33 41.41
CA THR A 562 63.15 -5.03 42.53
C THR A 562 64.49 -5.61 42.12
N ASN A 563 64.51 -6.34 41.02
CA ASN A 563 65.76 -6.93 40.54
C ASN A 563 66.78 -5.85 40.21
N LYS A 564 66.36 -4.76 39.59
CA LYS A 564 67.29 -3.73 39.16
C LYS A 564 67.91 -2.99 40.34
N VAL A 565 67.08 -2.55 41.30
CA VAL A 565 67.61 -1.78 42.41
C VAL A 565 68.39 -2.67 43.37
N ARG A 566 68.01 -3.95 43.52
CA ARG A 566 68.86 -4.85 44.30
C ARG A 566 70.22 -5.02 43.65
N SER A 567 70.26 -5.10 42.32
CA SER A 567 71.54 -5.13 41.62
C SER A 567 72.34 -3.86 41.89
N GLU A 568 71.67 -2.71 41.87
CA GLU A 568 72.35 -1.46 42.17
C GLU A 568 72.92 -1.48 43.58
N MET A 569 72.18 -2.03 44.53
CA MET A 569 72.68 -2.16 45.89
C MET A 569 73.96 -3.00 45.91
N SER A 570 73.89 -4.20 45.33
CA SER A 570 75.00 -5.15 45.44
C SER A 570 76.24 -4.63 44.73
N GLU A 571 76.07 -4.00 43.57
CA GLU A 571 77.22 -3.45 42.85
C GLU A 571 77.82 -2.24 43.54
N GLY A 572 77.16 -1.69 44.55
CA GLY A 572 77.68 -0.51 45.22
C GLY A 572 77.66 0.73 44.38
N SER A 573 76.68 0.86 43.48
CA SER A 573 76.54 2.06 42.64
C SER A 573 76.04 3.19 43.52
N TYR A 574 76.97 3.78 44.27
CA TYR A 574 76.63 4.87 45.20
C TYR A 574 76.35 6.11 44.36
N SER A 575 75.21 6.11 43.69
CA SER A 575 74.86 7.15 42.75
C SER A 575 74.56 8.45 43.49
N PHE A 576 75.21 9.53 43.07
CA PHE A 576 74.98 10.83 43.68
C PHE A 576 73.70 11.49 43.19
N GLY A 577 73.11 10.97 42.12
CA GLY A 577 71.92 11.55 41.53
C GLY A 577 70.64 10.96 42.09
N MET A 578 69.60 11.00 41.25
CA MET A 578 68.28 10.53 41.65
C MET A 578 68.23 9.01 41.54
N SER A 579 67.08 8.43 41.90
CA SER A 579 66.93 6.99 42.02
C SER A 579 65.79 6.51 41.13
N SER A 580 65.86 5.22 40.79
CA SER A 580 64.86 4.55 39.96
C SER A 580 63.75 3.93 40.80
N ASP A 581 63.79 4.12 42.11
CA ASP A 581 62.70 3.73 42.98
C ASP A 581 61.52 4.69 42.92
N ILE A 582 61.77 5.98 42.66
CA ILE A 582 60.70 6.97 42.68
C ILE A 582 59.54 6.56 41.79
N VAL A 583 59.81 5.79 40.72
CA VAL A 583 58.71 5.26 39.92
C VAL A 583 57.87 4.30 40.74
N VAL A 584 58.51 3.48 41.58
CA VAL A 584 57.76 2.57 42.44
C VAL A 584 56.87 3.37 43.40
N LEU A 585 57.45 4.39 44.02
CA LEU A 585 56.68 5.22 44.95
C LEU A 585 55.48 5.85 44.26
N LEU A 586 55.71 6.45 43.09
CA LEU A 586 54.63 7.17 42.43
C LEU A 586 53.58 6.21 41.88
N ARG A 587 53.98 5.02 41.41
CA ARG A 587 53.00 4.03 40.99
C ARG A 587 52.16 3.55 42.16
N LEU A 588 52.76 3.36 43.33
CA LEU A 588 52.03 2.95 44.56
C LEU A 588 51.18 4.14 45.02
N TYR A 589 51.61 5.38 44.74
CA TYR A 589 50.86 6.60 45.10
C TYR A 589 49.70 6.79 44.11
N ASP A 590 49.83 6.26 42.90
CA ASP A 590 48.80 6.39 41.85
C ASP A 590 47.73 5.32 42.05
N ASN A 591 48.11 4.13 42.51
CA ASN A 591 47.17 3.04 42.71
C ASN A 591 46.30 3.31 43.94
N LEU A 592 46.93 3.68 45.05
CA LEU A 592 46.18 3.95 46.27
C LEU A 592 45.19 5.09 46.07
N ARG A 593 45.66 6.18 45.46
CA ARG A 593 44.81 7.34 45.28
C ARG A 593 43.63 7.01 44.37
N PHE A 594 43.89 6.32 43.26
CA PHE A 594 42.81 5.97 42.35
C PHE A 594 41.78 5.07 43.03
N LEU A 595 42.23 4.09 43.80
CA LEU A 595 41.28 3.17 44.40
C LEU A 595 40.48 3.84 45.51
N TYR A 596 41.12 4.63 46.36
CA TYR A 596 40.41 5.24 47.48
C TYR A 596 39.53 6.40 47.04
N GLU A 597 40.03 7.27 46.16
CA GLU A 597 39.26 8.44 45.73
C GLU A 597 37.99 8.01 45.01
N ASN A 598 38.10 6.97 44.17
CA ASN A 598 36.96 6.46 43.41
C ASN A 598 36.15 5.51 44.25
N CYS A 599 36.53 5.26 45.50
CA CYS A 599 35.74 4.40 46.40
C CYS A 599 35.49 3.00 45.83
N LEU A 600 36.57 2.26 45.58
CA LEU A 600 36.49 0.91 45.06
C LEU A 600 36.87 -0.07 46.17
N TRP A 601 36.03 -1.09 46.38
CA TRP A 601 36.26 -2.02 47.47
C TRP A 601 37.49 -2.89 47.24
N SER A 602 38.05 -2.90 46.04
CA SER A 602 39.25 -3.70 45.77
C SER A 602 40.41 -3.33 46.69
N VAL A 603 40.34 -2.19 47.38
CA VAL A 603 41.36 -1.84 48.36
C VAL A 603 41.51 -2.92 49.42
N SER A 604 40.46 -3.71 49.65
CA SER A 604 40.49 -4.74 50.69
C SER A 604 41.07 -6.05 50.20
N PHE A 605 41.36 -6.18 48.91
CA PHE A 605 41.89 -7.45 48.39
C PHE A 605 43.21 -7.80 49.06
N HIS A 606 43.49 -9.11 49.08
CA HIS A 606 44.77 -9.60 49.56
C HIS A 606 45.90 -9.38 48.55
N GLU A 607 45.61 -9.48 47.25
CA GLU A 607 46.61 -9.23 46.23
C GLU A 607 47.09 -7.78 46.28
N PHE A 608 46.17 -6.84 46.42
CA PHE A 608 46.56 -5.43 46.54
C PHE A 608 47.40 -5.20 47.79
N HIS A 609 47.03 -5.83 48.90
CA HIS A 609 47.83 -5.70 50.11
C HIS A 609 49.24 -6.22 49.91
N GLN A 610 49.38 -7.36 49.24
CA GLN A 610 50.72 -7.88 48.97
C GLN A 610 51.51 -6.97 48.05
N TYR A 611 50.85 -6.40 47.03
CA TYR A 611 51.53 -5.47 46.14
C TYR A 611 52.07 -4.27 46.90
N ILE A 612 51.22 -3.66 47.72
CA ILE A 612 51.64 -2.50 48.52
C ILE A 612 52.76 -2.91 49.46
N ARG A 613 52.64 -4.09 50.08
CA ARG A 613 53.66 -4.55 51.01
C ARG A 613 55.02 -4.67 50.32
N ASN A 614 55.04 -5.31 49.15
CA ASN A 614 56.29 -5.51 48.44
C ASN A 614 56.89 -4.19 47.98
N SER A 615 56.06 -3.27 47.51
CA SER A 615 56.57 -1.96 47.10
C SER A 615 57.18 -1.21 48.27
N MET A 616 56.48 -1.19 49.41
CA MET A 616 56.98 -0.44 50.55
C MET A 616 58.22 -1.08 51.15
N SER A 617 58.29 -2.41 51.19
CA SER A 617 59.50 -3.06 51.69
C SER A 617 60.70 -2.74 50.80
N LEU A 618 60.50 -2.76 49.48
CA LEU A 618 61.58 -2.40 48.56
C LEU A 618 62.04 -0.97 48.82
N LEU A 619 61.07 -0.06 48.97
CA LEU A 619 61.42 1.34 49.22
C LEU A 619 62.18 1.50 50.53
N ILE A 620 61.78 0.74 51.57
CA ILE A 620 62.41 0.79 52.92
C ILE A 620 63.86 0.34 52.78
N GLU A 621 64.11 -0.75 52.07
CA GLU A 621 65.47 -1.30 51.87
C GLU A 621 66.32 -0.25 51.15
N LYS A 622 65.78 0.36 50.10
CA LYS A 622 66.51 1.39 49.30
C LYS A 622 66.72 2.64 50.15
N ALA A 623 65.79 2.94 51.08
CA ALA A 623 65.87 4.12 51.96
C ALA A 623 67.12 3.99 52.84
N GLU A 624 67.33 2.87 53.52
CA GLU A 624 68.52 2.66 54.35
C GLU A 624 69.74 2.38 53.47
N TYR A 625 69.53 1.87 52.28
CA TYR A 625 70.64 1.62 51.32
C TYR A 625 71.21 2.97 50.88
N GLU A 626 70.36 3.96 50.65
CA GLU A 626 70.79 5.33 50.23
C GLU A 626 71.21 6.08 51.49
N ARG A 627 70.84 5.58 52.67
CA ARG A 627 71.25 6.17 53.98
C ARG A 627 72.71 5.79 54.22
N THR A 628 73.11 4.56 53.85
CA THR A 628 74.51 4.08 54.02
C THR A 628 75.38 4.66 52.90
N ARG A 629 74.78 5.06 51.77
CA ARG A 629 75.49 5.71 50.68
C ARG A 629 75.95 7.10 51.09
N ASP A 630 75.04 7.86 51.70
CA ASP A 630 75.41 9.21 52.13
C ASP A 630 76.52 9.17 53.17
N ILE A 631 76.42 8.25 54.13
CA ILE A 631 77.47 8.15 55.15
C ILE A 631 78.80 7.82 54.50
N ASP A 632 78.83 6.84 53.59
CA ASP A 632 80.08 6.46 52.95
C ASP A 632 80.66 7.61 52.14
N GLU A 633 79.83 8.29 51.36
CA GLU A 633 80.31 9.38 50.51
C GLU A 633 80.90 10.50 51.36
N LEU A 634 80.20 10.87 52.45
CA LEU A 634 80.71 11.94 53.29
C LEU A 634 81.96 11.52 54.06
N GLY A 635 82.06 10.25 54.46
CA GLY A 635 83.20 9.81 55.23
C GLY A 635 84.47 9.71 54.38
N PHE A 636 84.36 9.05 53.23
CA PHE A 636 85.53 8.83 52.38
C PHE A 636 85.82 9.98 51.43
N SER A 637 84.98 11.02 51.42
CA SER A 637 85.23 12.18 50.56
C SER A 637 84.52 13.38 51.15
N PHE A 638 85.13 14.55 50.99
CA PHE A 638 84.46 15.79 51.40
C PHE A 638 83.17 15.98 50.63
N PHE A 639 83.20 15.67 49.33
CA PHE A 639 82.00 15.74 48.52
C PHE A 639 81.12 14.52 48.76
N GLY A 640 79.88 14.75 49.17
CA GLY A 640 78.95 13.68 49.43
C GLY A 640 77.53 14.19 49.45
N LYS A 641 76.59 13.27 49.32
CA LYS A 641 75.18 13.61 49.25
C LYS A 641 74.56 13.64 50.64
N LYS A 642 73.67 14.60 50.84
CA LYS A 642 72.78 14.64 52.01
C LYS A 642 71.37 14.19 51.67
N SER A 643 71.15 13.69 50.44
CA SER A 643 69.82 13.26 50.03
C SER A 643 69.39 12.07 50.87
N GLY A 644 68.19 12.14 51.44
CA GLY A 644 67.70 11.11 52.32
C GLY A 644 66.29 10.66 52.01
N PHE A 645 66.10 9.35 51.88
CA PHE A 645 64.79 8.74 51.74
C PHE A 645 64.20 8.53 53.13
N PHE A 646 63.13 9.26 53.44
CA PHE A 646 62.54 9.22 54.77
C PHE A 646 61.03 9.11 54.64
N MET A 647 60.41 8.55 55.67
CA MET A 647 58.98 8.29 55.67
C MET A 647 58.20 9.57 55.89
N GLU A 648 56.88 9.46 55.76
CA GLU A 648 55.96 10.55 56.04
C GLU A 648 54.64 9.92 56.50
N TYR A 649 53.59 10.74 56.56
CA TYR A 649 52.30 10.22 57.04
C TYR A 649 51.79 9.09 56.17
N TYR A 650 51.81 9.28 54.85
CA TYR A 650 51.24 8.28 53.96
C TYR A 650 52.04 6.99 53.97
N ASP A 651 53.36 7.08 54.04
CA ASP A 651 54.16 5.88 54.18
C ASP A 651 53.81 5.13 55.46
N PHE A 652 53.68 5.85 56.57
CA PHE A 652 53.36 5.21 57.84
C PHE A 652 52.02 4.50 57.77
N VAL A 653 51.00 5.17 57.23
CA VAL A 653 49.69 4.55 57.19
C VAL A 653 49.67 3.36 56.23
N ASN A 654 50.43 3.43 55.14
CA ASN A 654 50.52 2.29 54.23
C ASN A 654 51.11 1.10 54.96
N ILE A 655 52.28 1.29 55.55
CA ILE A 655 52.94 0.20 56.28
C ILE A 655 52.01 -0.35 57.34
N SER A 656 51.34 0.53 58.09
CA SER A 656 50.46 0.07 59.15
C SER A 656 49.32 -0.77 58.60
N ARG A 657 48.71 -0.33 57.50
CA ARG A 657 47.52 -0.99 57.00
C ARG A 657 47.82 -2.31 56.30
N HIS A 658 48.90 -2.39 55.53
CA HIS A 658 49.08 -3.50 54.60
C HIS A 658 50.06 -4.56 55.07
N PHE A 659 50.90 -4.27 56.04
CA PHE A 659 51.85 -5.26 56.55
C PHE A 659 51.22 -6.09 57.66
N LYS A 660 51.65 -7.35 57.75
CA LYS A 660 51.47 -8.16 58.93
C LYS A 660 52.70 -8.04 59.80
N ILE A 661 52.55 -8.40 61.08
CA ILE A 661 53.64 -8.20 62.03
C ILE A 661 54.89 -8.94 61.60
N ASP A 662 54.73 -10.08 60.91
CA ASP A 662 55.89 -10.83 60.46
C ASP A 662 56.65 -10.08 59.36
N ASP A 663 55.93 -9.39 58.48
CA ASP A 663 56.61 -8.61 57.44
C ASP A 663 57.39 -7.46 58.06
N ILE A 664 56.77 -6.75 59.01
CA ILE A 664 57.48 -5.69 59.71
C ILE A 664 58.70 -6.24 60.43
N LYS A 665 58.57 -7.44 61.00
CA LYS A 665 59.70 -8.05 61.70
C LYS A 665 60.81 -8.40 60.72
N ASN A 666 60.46 -8.86 59.53
CA ASN A 666 61.45 -9.17 58.52
C ASN A 666 62.20 -7.91 58.13
N LEU A 667 61.47 -6.82 57.89
CA LEU A 667 62.11 -5.55 57.55
C LEU A 667 63.00 -5.07 58.69
N GLU A 668 62.56 -5.27 59.94
CA GLU A 668 63.37 -4.92 61.09
C GLU A 668 64.67 -5.72 61.10
N ARG A 669 64.57 -7.02 60.82
CA ARG A 669 65.76 -7.87 60.82
C ARG A 669 66.76 -7.42 59.77
N SER A 670 66.31 -7.25 58.53
CA SER A 670 67.22 -6.89 57.44
C SER A 670 67.69 -5.45 57.59
N CYS A 671 66.77 -4.51 57.55
CA CYS A 671 67.11 -3.09 57.60
C CYS A 671 67.01 -2.56 59.03
N SER A 672 67.77 -1.49 59.30
CA SER A 672 67.72 -0.82 60.60
C SER A 672 66.73 0.34 60.50
N ILE A 673 65.45 0.02 60.65
CA ILE A 673 64.41 1.03 60.52
C ILE A 673 64.55 2.12 61.57
N ASP A 674 65.24 1.83 62.68
CA ASP A 674 65.40 2.83 63.73
C ASP A 674 66.11 4.08 63.21
N LYS A 675 66.92 3.94 62.17
CA LYS A 675 67.69 5.06 61.64
C LYS A 675 67.01 5.76 60.47
N ILE A 676 65.82 5.32 60.06
CA ILE A 676 65.07 6.03 59.03
C ILE A 676 64.23 7.10 59.71
N ARG A 677 64.48 8.35 59.37
CA ARG A 677 63.74 9.46 59.95
C ARG A 677 62.29 9.41 59.48
N PHE A 678 61.38 9.84 60.36
CA PHE A 678 59.97 9.99 60.04
C PHE A 678 59.57 11.45 60.15
N GLY A 679 58.93 11.95 59.08
CA GLY A 679 58.42 13.29 59.06
C GLY A 679 56.94 13.32 59.39
N GLU A 680 56.42 14.53 59.55
CA GLU A 680 55.00 14.74 59.86
C GLU A 680 54.60 13.97 61.11
N GLN A 681 55.42 14.08 62.15
CA GLN A 681 55.18 13.31 63.37
C GLN A 681 53.82 13.64 63.99
N GLU A 682 53.37 14.88 63.86
CA GLU A 682 52.09 15.25 64.46
C GLU A 682 50.93 14.52 63.79
N LYS A 683 50.96 14.40 62.46
CA LYS A 683 49.90 13.67 61.78
C LYS A 683 49.93 12.19 62.15
N ILE A 684 51.12 11.61 62.27
CA ILE A 684 51.21 10.21 62.65
C ILE A 684 50.69 10.01 64.07
N GLU A 685 51.00 10.94 64.97
CA GLU A 685 50.47 10.86 66.32
C GLU A 685 48.95 10.96 66.32
N GLU A 686 48.40 11.86 65.49
CA GLU A 686 46.95 11.96 65.41
C GLU A 686 46.33 10.69 64.88
N TYR A 687 46.96 10.07 63.88
CA TYR A 687 46.45 8.81 63.33
C TYR A 687 46.49 7.70 64.38
N LEU A 688 47.58 7.63 65.14
CA LEU A 688 47.67 6.63 66.20
C LEU A 688 46.62 6.88 67.28
N VAL A 689 46.38 8.15 67.62
CA VAL A 689 45.34 8.46 68.60
C VAL A 689 43.97 8.08 68.08
N GLY A 690 43.71 8.31 66.80
CA GLY A 690 42.46 7.86 66.21
C GLY A 690 42.30 6.36 66.28
N ILE A 691 43.37 5.62 65.98
CA ILE A 691 43.33 4.17 66.11
C ILE A 691 43.02 3.77 67.55
N ALA A 692 43.68 4.41 68.52
CA ALA A 692 43.47 4.06 69.92
C ALA A 692 42.03 4.32 70.34
N GLU A 693 41.48 5.46 69.96
CA GLU A 693 40.11 5.77 70.36
C GLU A 693 39.10 4.88 69.64
N GLU A 694 39.37 4.49 68.39
CA GLU A 694 38.50 3.53 67.74
C GLU A 694 38.56 2.17 68.44
N ILE A 695 39.74 1.74 68.86
CA ILE A 695 39.86 0.52 69.63
C ILE A 695 39.04 0.62 70.92
N THR A 696 39.14 1.77 71.59
CA THR A 696 38.39 1.96 72.83
C THR A 696 36.88 1.89 72.59
N LYS A 697 36.41 2.55 71.54
CA LYS A 697 34.97 2.50 71.23
C LYS A 697 34.54 1.08 70.90
N GLN A 698 35.35 0.36 70.12
CA GLN A 698 34.98 -1.00 69.72
C GLN A 698 34.96 -1.94 70.91
N PHE A 699 35.84 -1.75 71.89
CA PHE A 699 35.96 -2.69 73.00
C PHE A 699 35.04 -2.32 74.17
N SER A 700 35.19 -1.11 74.71
CA SER A 700 34.45 -0.72 75.90
C SER A 700 32.96 -1.05 75.76
N ALA A 701 32.31 -0.48 74.74
CA ALA A 701 30.86 -0.68 74.50
C ALA A 701 30.62 -1.96 73.70
N ASN A 702 29.41 -2.52 73.75
CA ASN A 702 29.09 -3.72 72.98
C ASN A 702 28.28 -3.35 71.74
N GLY A 703 27.93 -4.34 70.91
CA GLY A 703 27.18 -4.08 69.67
C GLY A 703 28.13 -3.81 68.51
N MET A 704 29.44 -3.95 68.74
CA MET A 704 30.48 -3.73 67.69
C MET A 704 30.27 -4.73 66.55
N ASN A 705 30.85 -4.48 65.38
CA ASN A 705 30.76 -5.39 64.25
C ASN A 705 31.93 -6.36 64.23
N VAL A 706 31.65 -7.66 64.22
CA VAL A 706 32.68 -8.68 64.19
C VAL A 706 33.36 -8.72 62.83
N VAL A 707 32.65 -8.38 61.75
CA VAL A 707 33.30 -8.29 60.45
C VAL A 707 34.27 -7.12 60.40
N PHE A 708 33.91 -5.97 61.00
CA PHE A 708 34.85 -4.87 61.12
C PHE A 708 36.07 -5.31 61.92
N TYR A 709 35.83 -5.81 63.12
CA TYR A 709 36.91 -6.22 64.01
C TYR A 709 38.05 -6.97 63.33
N THR A 710 37.74 -7.94 62.49
CA THR A 710 38.78 -8.75 61.87
C THR A 710 39.73 -7.88 61.04
N GLN A 711 39.18 -7.06 60.14
CA GLN A 711 40.04 -6.23 59.29
C GLN A 711 40.72 -5.13 60.08
N PHE A 712 39.99 -4.52 61.01
CA PHE A 712 40.53 -3.36 61.73
C PHE A 712 41.62 -3.75 62.72
N ILE A 713 41.56 -4.97 63.27
CA ILE A 713 42.50 -5.34 64.32
C ILE A 713 43.90 -5.48 63.75
N SER A 714 44.02 -6.03 62.53
CA SER A 714 45.35 -6.13 61.92
C SER A 714 45.96 -4.74 61.73
N GLU A 715 45.17 -3.80 61.24
CA GLU A 715 45.68 -2.44 61.04
C GLU A 715 46.07 -1.81 62.37
N ALA A 716 45.24 -1.96 63.39
CA ALA A 716 45.57 -1.38 64.70
C ALA A 716 46.82 -2.00 65.29
N LYS A 717 46.93 -3.33 65.18
CA LYS A 717 48.10 -4.04 65.69
C LYS A 717 49.36 -3.56 65.00
N ALA A 718 49.34 -3.49 63.67
CA ALA A 718 50.52 -3.03 62.94
C ALA A 718 50.84 -1.58 63.27
N ALA A 719 49.82 -0.74 63.40
CA ALA A 719 50.05 0.67 63.72
C ALA A 719 50.75 0.81 65.06
N LEU A 720 50.24 0.14 66.08
CA LEU A 720 50.83 0.25 67.41
C LEU A 720 52.18 -0.43 67.51
N TYR A 721 52.42 -1.48 66.71
CA TYR A 721 53.75 -2.10 66.68
C TYR A 721 54.76 -1.20 66.00
N PHE A 722 54.37 -0.52 64.92
CA PHE A 722 55.27 0.30 64.13
C PHE A 722 55.37 1.73 64.65
N ALA A 723 54.57 2.10 65.64
CA ALA A 723 54.70 3.39 66.31
C ALA A 723 55.96 3.49 67.16
N LYS A 724 56.80 2.45 67.17
CA LYS A 724 58.05 2.51 67.93
C LYS A 724 58.95 3.64 67.42
N TYR A 725 59.00 3.84 66.11
CA TYR A 725 59.97 4.72 65.50
C TYR A 725 59.52 6.18 65.43
N VAL A 726 58.27 6.47 65.77
CA VAL A 726 57.74 7.83 65.79
C VAL A 726 57.57 8.25 67.23
N LYS A 727 57.96 9.48 67.54
CA LYS A 727 57.82 10.01 68.89
C LYS A 727 56.46 10.66 69.06
N LEU A 728 55.90 10.52 70.26
CA LEU A 728 54.56 11.00 70.56
C LEU A 728 54.61 11.92 71.78
N SER A 729 53.58 12.75 71.91
CA SER A 729 53.43 13.59 73.07
C SER A 729 52.84 12.78 74.22
N GLU A 730 52.91 13.33 75.44
CA GLU A 730 52.46 12.58 76.60
C GLU A 730 50.96 12.29 76.55
N GLU A 731 50.18 13.12 75.86
CA GLU A 731 48.77 12.81 75.68
C GLU A 731 48.60 11.61 74.74
N GLY A 732 49.34 11.61 73.64
CA GLY A 732 49.31 10.47 72.74
C GLY A 732 49.76 9.19 73.43
N LEU A 733 50.88 9.27 74.14
CA LEU A 733 51.32 8.10 74.91
C LEU A 733 50.24 7.66 75.88
N GLY A 734 49.66 8.60 76.61
CA GLY A 734 48.60 8.31 77.55
C GLY A 734 47.50 7.48 76.93
N LYS A 735 46.82 8.02 75.93
CA LYS A 735 45.65 7.30 75.42
C LYS A 735 46.02 6.09 74.57
N ILE A 736 47.15 6.13 73.84
CA ILE A 736 47.55 4.95 73.08
C ILE A 736 47.87 3.79 74.02
N VAL A 737 48.63 4.06 75.09
CA VAL A 737 48.95 3.01 76.05
C VAL A 737 47.69 2.55 76.77
N LYS A 738 46.76 3.48 77.03
CA LYS A 738 45.51 3.09 77.67
C LYS A 738 44.74 2.12 76.80
N ALA A 739 44.63 2.41 75.50
CA ALA A 739 43.95 1.48 74.59
C ALA A 739 44.70 0.16 74.51
N LEU A 740 46.03 0.21 74.44
CA LEU A 740 46.81 -1.01 74.27
C LEU A 740 46.68 -1.94 75.47
N LEU A 741 46.87 -1.40 76.68
CA LEU A 741 46.92 -2.24 77.86
C LEU A 741 45.54 -2.73 78.29
N PHE A 742 44.51 -1.91 78.08
CA PHE A 742 43.19 -2.19 78.63
C PHE A 742 42.20 -2.70 77.58
N TYR A 743 41.99 -1.95 76.51
CA TYR A 743 40.89 -2.20 75.59
C TYR A 743 41.28 -2.99 74.36
N PHE A 744 42.53 -3.43 74.23
CA PHE A 744 42.87 -4.28 73.10
C PHE A 744 42.28 -5.67 73.40
N PRO A 745 41.66 -6.32 72.40
CA PRO A 745 41.11 -7.66 72.64
C PRO A 745 42.20 -8.65 73.04
N GLU A 746 41.84 -9.55 73.97
CA GLU A 746 42.81 -10.49 74.51
C GLU A 746 43.16 -11.57 73.50
N ARG A 747 42.18 -12.05 72.73
CA ARG A 747 42.44 -13.15 71.82
C ARG A 747 43.50 -12.79 70.78
N ASP A 748 43.56 -11.53 70.37
CA ASP A 748 44.57 -11.10 69.42
C ASP A 748 45.90 -10.83 70.12
N LEU A 749 45.91 -9.89 71.06
CA LEU A 749 47.09 -9.57 71.85
C LEU A 749 46.98 -10.24 73.20
N ASP A 750 47.77 -11.28 73.42
CA ASP A 750 47.95 -11.81 74.76
C ASP A 750 48.82 -10.86 75.57
N ILE A 751 48.92 -11.14 76.87
CA ILE A 751 49.70 -10.27 77.75
C ILE A 751 51.15 -10.22 77.30
N GLY A 752 51.68 -11.35 76.83
CA GLY A 752 53.07 -11.39 76.41
C GLY A 752 53.36 -10.41 75.28
N LYS A 753 52.53 -10.43 74.23
CA LYS A 753 52.71 -9.48 73.13
C LYS A 753 52.46 -8.06 73.58
N ARG A 754 51.45 -7.86 74.45
CA ARG A 754 51.21 -6.54 75.01
C ARG A 754 52.45 -5.97 75.67
N TYR A 755 53.20 -6.80 76.39
CA TYR A 755 54.39 -6.28 77.06
C TYR A 755 55.39 -5.73 76.06
N VAL A 756 55.71 -6.50 75.02
CA VAL A 756 56.74 -6.06 74.08
C VAL A 756 56.26 -4.84 73.30
N TRP A 757 54.97 -4.79 72.96
CA TRP A 757 54.48 -3.63 72.22
C TRP A 757 54.45 -2.38 73.10
N LEU A 758 54.17 -2.53 74.39
CA LEU A 758 54.35 -1.40 75.30
C LEU A 758 55.81 -1.00 75.38
N GLU A 759 56.70 -2.00 75.47
CA GLU A 759 58.11 -1.73 75.69
C GLU A 759 58.74 -0.99 74.52
N ARG A 760 58.44 -1.39 73.28
CA ARG A 760 59.01 -0.71 72.14
C ARG A 760 58.55 0.75 72.07
N LEU A 761 57.31 1.02 72.48
CA LEU A 761 56.83 2.39 72.53
C LEU A 761 57.61 3.25 73.53
N THR A 762 58.36 2.63 74.44
CA THR A 762 59.22 3.34 75.37
C THR A 762 60.64 3.50 74.83
N LYS A 763 60.82 3.43 73.52
CA LYS A 763 62.14 3.57 72.91
C LYS A 763 62.40 5.01 72.52
N CYS A 764 61.47 5.63 71.79
CA CYS A 764 61.58 7.06 71.47
C CYS A 764 61.09 7.92 72.64
N ASN A 765 60.65 7.29 73.74
CA ASN A 765 60.15 8.01 74.91
C ASN A 765 60.86 7.57 76.20
N GLU A 766 60.64 8.27 77.31
CA GLU A 766 61.36 7.98 78.59
C GLU A 766 60.38 7.61 79.69
N LEU A 767 59.14 7.23 79.35
CA LEU A 767 58.10 6.87 80.33
C LEU A 767 57.66 8.01 81.26
N PRO A 768 56.84 8.93 80.74
CA PRO A 768 56.21 9.97 81.58
C PRO A 768 55.41 9.33 82.71
N LYS A 769 55.40 10.02 83.85
CA LYS A 769 54.82 9.44 85.05
C LYS A 769 53.37 9.02 84.85
N SER A 770 52.65 9.69 83.95
CA SER A 770 51.28 9.28 83.65
C SER A 770 51.25 7.86 83.06
N ILE A 771 52.19 7.56 82.17
CA ILE A 771 52.24 6.22 81.58
C ILE A 771 52.55 5.18 82.64
N ILE A 772 53.46 5.51 83.57
CA ILE A 772 53.74 4.61 84.67
C ILE A 772 52.47 4.39 85.50
N SER A 773 51.67 5.44 85.67
CA SER A 773 50.40 5.28 86.39
C SER A 773 49.46 4.34 85.63
N ILE A 774 49.41 4.45 84.31
CA ILE A 774 48.56 3.55 83.52
C ILE A 774 49.01 2.11 83.74
N ILE A 775 50.32 1.86 83.67
CA ILE A 775 50.82 0.50 83.85
C ILE A 775 50.55 0.02 85.27
N ASP A 776 50.64 0.92 86.25
CA ASP A 776 50.25 0.58 87.62
C ASP A 776 48.82 0.11 87.69
N ASP A 777 47.90 0.85 87.05
CA ASP A 777 46.50 0.46 87.10
C ASP A 777 46.29 -0.88 86.42
N PHE A 778 46.99 -1.13 85.32
CA PHE A 778 46.89 -2.43 84.67
C PHE A 778 47.37 -3.55 85.60
N LEU A 779 48.49 -3.32 86.30
CA LEU A 779 49.00 -4.32 87.24
C LEU A 779 47.98 -4.57 88.36
N VAL A 780 47.36 -3.50 88.86
CA VAL A 780 46.39 -3.67 89.95
C VAL A 780 45.19 -4.46 89.47
N LEU A 781 44.73 -4.18 88.24
CA LEU A 781 43.62 -4.95 87.68
C LEU A 781 44.00 -6.43 87.56
N GLN A 782 45.23 -6.69 87.13
CA GLN A 782 45.69 -8.08 87.04
C GLN A 782 45.70 -8.73 88.41
N ALA A 783 46.10 -8.00 89.44
CA ALA A 783 46.03 -8.51 90.80
C ALA A 783 44.59 -8.88 91.17
N GLU A 784 43.65 -7.98 90.87
CA GLU A 784 42.25 -8.24 91.18
C GLU A 784 41.77 -9.51 90.49
N LYS A 785 42.19 -9.72 89.24
CA LYS A 785 41.88 -10.99 88.57
C LYS A 785 42.53 -12.16 89.30
N HIS A 786 43.77 -11.97 89.76
CA HIS A 786 44.49 -13.05 90.43
C HIS A 786 43.85 -13.43 91.76
N ILE A 787 43.01 -12.55 92.32
CA ILE A 787 42.31 -12.93 93.55
C ILE A 787 41.54 -14.23 93.34
N ASP A 788 40.84 -14.35 92.21
CA ASP A 788 40.21 -15.61 91.86
C ASP A 788 41.29 -16.64 91.55
N GLN A 789 41.11 -17.87 92.06
CA GLN A 789 42.13 -18.89 91.89
C GLN A 789 42.14 -19.46 90.47
N ASN A 790 41.00 -19.34 89.78
CA ASN A 790 40.88 -19.83 88.41
C ASN A 790 41.29 -18.76 87.41
N TYR A 791 42.57 -18.39 87.44
CA TYR A 791 43.09 -17.38 86.53
C TYR A 791 44.58 -17.63 86.32
N SER A 792 45.06 -17.31 85.11
CA SER A 792 46.45 -17.49 84.77
C SER A 792 46.83 -16.48 83.69
N GLU A 793 48.06 -15.98 83.75
CA GLU A 793 48.56 -15.02 82.78
C GLU A 793 49.03 -15.78 81.54
N VAL A 794 48.05 -16.21 80.74
CA VAL A 794 48.38 -16.92 79.51
C VAL A 794 49.25 -16.03 78.63
N SER A 795 50.29 -16.64 78.06
CA SER A 795 51.23 -15.88 77.24
C SER A 795 51.75 -16.79 76.14
N SER A 796 52.28 -16.14 75.10
CA SER A 796 52.86 -16.84 73.95
C SER A 796 54.38 -16.78 73.92
N ASN A 797 54.94 -15.59 74.19
CA ASN A 797 56.40 -15.41 74.16
C ASN A 797 57.02 -15.55 75.55
N GLY A 798 56.22 -15.90 76.56
CA GLY A 798 56.76 -16.14 77.89
C GLY A 798 56.98 -14.88 78.70
N LEU A 799 56.23 -13.82 78.46
CA LEU A 799 56.33 -12.58 79.22
C LEU A 799 55.06 -12.36 80.03
N TYR A 800 55.24 -11.86 81.25
CA TYR A 800 54.17 -11.81 82.23
C TYR A 800 54.16 -10.45 82.93
N SER A 801 53.23 -10.29 83.87
CA SER A 801 53.07 -9.02 84.57
C SER A 801 54.36 -8.57 85.25
N ARG A 802 55.16 -9.53 85.72
CA ARG A 802 56.45 -9.20 86.30
C ARG A 802 57.29 -8.37 85.34
N ASP A 803 57.13 -8.60 84.04
CA ASP A 803 57.87 -7.82 83.05
C ASP A 803 57.42 -6.37 83.04
N TYR A 804 56.11 -6.12 83.17
CA TYR A 804 55.62 -4.75 83.26
C TYR A 804 56.16 -4.07 84.51
N GLY A 805 56.14 -4.79 85.64
CA GLY A 805 56.73 -4.23 86.85
C GLY A 805 58.21 -3.92 86.68
N ALA A 806 58.94 -4.82 86.02
CA ALA A 806 60.35 -4.60 85.76
C ALA A 806 60.57 -3.38 84.87
N LEU A 807 59.69 -3.18 83.88
CA LEU A 807 59.79 -1.98 83.05
C LEU A 807 59.60 -0.72 83.89
N ILE A 808 58.57 -0.69 84.73
CA ILE A 808 58.35 0.46 85.59
C ILE A 808 59.59 0.72 86.44
N LYS A 809 60.15 -0.33 87.03
CA LYS A 809 61.37 -0.18 87.80
C LYS A 809 62.51 0.35 86.93
N HIS A 810 62.59 -0.12 85.69
CA HIS A 810 63.66 0.28 84.79
C HIS A 810 63.66 1.78 84.58
N PHE A 811 62.50 2.35 84.22
CA PHE A 811 62.50 3.77 83.87
C PHE A 811 62.51 4.67 85.10
N GLU A 812 62.13 4.15 86.27
CA GLU A 812 62.27 4.87 87.53
C GLU A 812 62.44 3.83 88.62
N LYS A 813 63.56 3.87 89.34
CA LYS A 813 63.93 2.77 90.22
C LYS A 813 63.25 2.83 91.58
N ASN A 814 62.69 3.97 91.98
CA ASN A 814 62.11 4.12 93.31
C ASN A 814 60.59 4.20 93.31
N PHE A 815 59.95 3.86 92.19
CA PHE A 815 58.49 3.83 92.16
C PHE A 815 57.98 2.80 93.17
N ILE A 816 56.97 3.18 93.94
CA ILE A 816 56.35 2.31 94.93
C ILE A 816 54.86 2.30 94.65
N SER A 817 54.31 1.12 94.33
CA SER A 817 52.91 1.00 93.98
C SER A 817 52.03 0.96 95.22
N LYS A 818 51.43 2.09 95.57
CA LYS A 818 50.64 2.17 96.80
C LYS A 818 49.42 1.27 96.74
N ARG A 819 48.69 1.30 95.62
CA ARG A 819 47.53 0.41 95.49
C ARG A 819 47.95 -1.05 95.60
N LEU A 820 49.04 -1.43 94.92
CA LEU A 820 49.54 -2.79 95.02
C LEU A 820 49.98 -3.11 96.44
N SER A 821 50.59 -2.15 97.13
CA SER A 821 50.99 -2.38 98.51
C SER A 821 49.78 -2.66 99.40
N GLU A 822 48.72 -1.89 99.22
CA GLU A 822 47.49 -2.15 99.97
C GLU A 822 46.95 -3.53 99.65
N ILE A 823 46.98 -3.91 98.37
CA ILE A 823 46.52 -5.24 97.98
C ILE A 823 47.32 -6.32 98.69
N THR A 824 48.64 -6.13 98.76
CA THR A 824 49.48 -7.10 99.47
C THR A 824 49.10 -7.19 100.94
N LEU A 825 48.98 -6.04 101.60
CA LEU A 825 48.76 -6.05 103.04
C LEU A 825 47.38 -6.62 103.38
N CYS A 826 46.40 -6.44 102.50
CA CYS A 826 45.04 -6.87 102.80
C CYS A 826 44.82 -8.36 102.63
N LEU A 827 45.67 -9.04 101.89
CA LEU A 827 45.42 -10.45 101.60
C LEU A 827 45.71 -11.33 102.81
N THR A 828 45.28 -12.58 102.70
CA THR A 828 45.51 -13.61 103.71
C THR A 828 46.12 -14.83 103.02
N GLN A 829 46.59 -15.78 103.84
CA GLN A 829 47.32 -16.93 103.31
C GLN A 829 46.49 -17.73 102.32
N ASP A 830 45.16 -17.74 102.48
CA ASP A 830 44.32 -18.54 101.59
C ASP A 830 44.33 -17.96 100.17
N LYS A 831 44.59 -16.66 100.02
CA LYS A 831 44.70 -16.03 98.71
C LYS A 831 46.10 -16.27 98.16
N GLN A 832 46.38 -17.54 97.85
CA GLN A 832 47.74 -17.92 97.44
C GLN A 832 48.06 -17.51 96.01
N LYS A 833 47.08 -17.56 95.11
CA LYS A 833 47.34 -17.05 93.76
C LYS A 833 47.70 -15.57 93.80
N GLN A 834 46.96 -14.80 94.62
CA GLN A 834 47.34 -13.42 94.86
C GLN A 834 48.79 -13.33 95.31
N ILE A 835 49.16 -14.14 96.31
CA ILE A 835 50.50 -14.06 96.88
C ILE A 835 51.54 -14.33 95.80
N ASP A 836 51.31 -15.34 94.97
CA ASP A 836 52.23 -15.63 93.89
C ASP A 836 52.39 -14.43 92.97
N PHE A 837 51.27 -13.84 92.56
CA PHE A 837 51.34 -12.78 91.57
C PHE A 837 52.08 -11.55 92.13
N LEU A 838 51.79 -11.18 93.38
CA LEU A 838 52.54 -10.07 93.98
C LEU A 838 54.00 -10.42 94.23
N PHE A 839 54.30 -11.67 94.59
CA PHE A 839 55.69 -12.05 94.79
C PHE A 839 56.48 -11.91 93.50
N LYS A 840 55.84 -12.20 92.36
CA LYS A 840 56.53 -12.05 91.09
C LYS A 840 57.03 -10.62 90.88
N LEU A 841 56.17 -9.63 91.14
CA LEU A 841 56.53 -8.22 91.00
C LEU A 841 56.90 -7.61 92.35
N LEU A 842 57.92 -8.21 92.98
CA LEU A 842 58.31 -7.80 94.32
C LEU A 842 58.80 -6.35 94.38
N PRO A 843 59.71 -5.90 93.51
CA PRO A 843 60.39 -4.61 93.80
C PRO A 843 59.46 -3.42 93.95
N LEU A 844 58.33 -3.40 93.25
CA LEU A 844 57.43 -2.26 93.33
C LEU A 844 56.86 -2.10 94.72
N LEU A 845 56.55 -3.20 95.39
CA LEU A 845 55.76 -3.16 96.61
C LEU A 845 56.48 -2.37 97.70
N SER A 846 55.70 -1.64 98.49
CA SER A 846 56.26 -0.82 99.55
C SER A 846 56.95 -1.70 100.61
N THR A 847 57.71 -1.04 101.48
CA THR A 847 58.53 -1.78 102.44
C THR A 847 57.68 -2.62 103.38
N ASN A 848 56.58 -2.05 103.89
CA ASN A 848 55.68 -2.81 104.77
C ASN A 848 54.95 -3.86 103.97
N ALA A 849 54.46 -3.52 102.79
CA ALA A 849 53.86 -4.51 101.91
C ALA A 849 54.83 -5.63 101.59
N LYS A 850 56.08 -5.28 101.29
CA LYS A 850 57.11 -6.27 101.02
C LYS A 850 57.32 -7.16 102.24
N SER A 851 57.31 -6.56 103.44
CA SER A 851 57.47 -7.33 104.71
C SER A 851 56.31 -8.32 104.83
N HIS A 852 55.08 -7.89 104.54
CA HIS A 852 53.87 -8.77 104.63
C HIS A 852 53.99 -9.91 103.62
N LEU A 853 54.31 -9.59 102.36
CA LEU A 853 54.34 -10.60 101.28
C LEU A 853 55.47 -11.60 101.50
N LEU A 854 56.64 -11.15 101.98
CA LEU A 854 57.82 -12.04 102.19
C LEU A 854 57.60 -12.85 103.48
N SER A 855 56.78 -12.35 104.41
CA SER A 855 56.45 -13.07 105.67
C SER A 855 55.33 -14.07 105.36
N PHE A 856 54.72 -13.98 104.18
CA PHE A 856 53.63 -14.90 103.75
C PHE A 856 54.19 -15.96 102.81
N LYS A 857 55.23 -15.64 102.03
CA LYS A 857 55.80 -16.57 101.02
C LYS A 857 57.30 -16.76 101.21
N SER A 858 57.83 -17.97 100.98
CA SER A 858 59.25 -18.28 101.07
C SER A 858 59.67 -19.09 99.85
N VAL A 859 60.97 -19.03 99.54
CA VAL A 859 61.48 -19.70 98.35
C VAL A 859 61.78 -21.16 98.67
N GLU A 860 61.02 -22.07 98.05
CA GLU A 860 61.24 -23.50 98.24
C GLU A 860 61.56 -24.19 96.93
N ASN A 861 60.73 -23.98 95.91
CA ASN A 861 60.92 -24.68 94.64
C ASN A 861 61.78 -23.89 93.67
N ILE A 862 62.09 -24.50 92.54
CA ILE A 862 62.94 -23.88 91.54
C ILE A 862 62.29 -22.62 90.98
N ASN A 863 60.97 -22.64 90.83
CA ASN A 863 60.27 -21.50 90.29
C ASN A 863 60.48 -20.32 91.20
N ASP A 864 60.32 -20.52 92.51
CA ASP A 864 60.54 -19.46 93.47
C ASP A 864 62.00 -19.01 93.45
N LEU A 865 62.94 -19.95 93.26
CA LEU A 865 64.34 -19.57 93.18
C LEU A 865 64.58 -18.57 92.05
N MET A 866 64.05 -18.86 90.86
CA MET A 866 64.31 -17.97 89.74
C MET A 866 63.51 -16.68 89.85
N ASN A 867 62.33 -16.75 90.47
CA ASN A 867 61.55 -15.54 90.70
C ASN A 867 62.36 -14.65 91.61
N GLY A 868 62.95 -15.21 92.67
CA GLY A 868 63.78 -14.45 93.57
C GLY A 868 65.00 -13.86 92.87
N ILE A 869 65.62 -14.63 91.99
CA ILE A 869 66.75 -14.11 91.22
C ILE A 869 66.30 -12.91 90.39
N ARG A 870 65.15 -13.02 89.74
CA ARG A 870 64.64 -11.94 88.90
C ARG A 870 64.37 -10.68 89.72
N ILE A 871 63.73 -10.85 90.90
CA ILE A 871 63.37 -9.71 91.73
C ILE A 871 64.48 -9.29 92.68
N GLY A 872 65.61 -10.00 92.68
CA GLY A 872 66.69 -9.67 93.59
C GLY A 872 66.54 -10.19 94.99
N LEU A 873 65.51 -10.99 95.26
CA LEU A 873 65.35 -11.57 96.60
C LEU A 873 66.55 -12.44 96.96
N ILE A 874 67.00 -13.26 96.00
CA ILE A 874 68.21 -14.06 96.15
C ILE A 874 69.27 -13.48 95.22
N ASP A 875 70.40 -13.08 95.78
CA ASP A 875 71.46 -12.43 95.02
C ASP A 875 72.65 -13.35 94.73
N GLU A 876 72.92 -14.30 95.61
CA GLU A 876 74.02 -15.24 95.43
C GLU A 876 73.50 -16.65 95.69
N PHE A 877 73.64 -17.52 94.70
CA PHE A 877 73.13 -18.89 94.79
C PHE A 877 73.61 -19.55 96.09
N THR A 878 72.68 -19.86 96.97
CA THR A 878 73.01 -20.48 98.24
C THR A 878 73.26 -21.98 98.05
N PRO A 879 73.96 -22.60 99.00
CA PRO A 879 74.12 -24.07 98.92
C PRO A 879 72.79 -24.79 98.87
N GLU A 880 71.80 -24.32 99.63
CA GLU A 880 70.47 -24.89 99.55
C GLU A 880 69.87 -24.67 98.15
N HIS A 881 70.01 -23.46 97.60
CA HIS A 881 69.50 -23.19 96.27
C HIS A 881 70.23 -24.03 95.23
N GLU A 882 71.55 -24.21 95.40
CA GLU A 882 72.28 -25.13 94.53
C GLU A 882 71.71 -26.53 94.63
N GLU A 883 71.33 -26.95 95.84
CA GLU A 883 70.75 -28.28 96.01
C GLU A 883 69.40 -28.39 95.32
N LEU A 884 68.59 -27.33 95.36
CA LEU A 884 67.32 -27.35 94.62
C LEU A 884 67.55 -27.40 93.12
N ILE A 885 68.55 -26.67 92.64
CA ILE A 885 68.89 -26.74 91.22
C ILE A 885 69.28 -28.16 90.86
N ILE A 886 70.10 -28.79 91.69
CA ILE A 886 70.47 -30.19 91.46
C ILE A 886 69.24 -31.08 91.54
N GLU A 887 68.30 -30.77 92.43
CA GLU A 887 67.09 -31.57 92.53
C GLU A 887 66.32 -31.56 91.22
N TYR A 888 66.09 -30.36 90.66
CA TYR A 888 65.39 -30.30 89.39
C TYR A 888 66.19 -30.96 88.28
N LEU A 889 67.51 -30.73 88.26
CA LEU A 889 68.34 -31.33 87.23
C LEU A 889 68.23 -32.85 87.27
N GLU A 890 68.31 -33.43 88.47
CA GLU A 890 68.21 -34.88 88.59
C GLU A 890 66.82 -35.38 88.26
N THR A 891 65.78 -34.63 88.65
CA THR A 891 64.42 -35.04 88.34
C THR A 891 64.18 -35.08 86.84
N ARG A 892 64.53 -33.99 86.15
CA ARG A 892 64.37 -33.93 84.70
C ARG A 892 65.27 -34.96 84.03
N LYS A 893 66.45 -35.21 84.61
CA LYS A 893 67.35 -36.20 84.03
C LYS A 893 66.75 -37.59 84.10
N VAL A 894 66.24 -37.97 85.27
CA VAL A 894 65.61 -39.27 85.44
C VAL A 894 64.42 -39.39 84.50
N ASN A 895 63.58 -38.37 84.45
CA ASN A 895 62.41 -38.40 83.60
C ASN A 895 62.82 -38.56 82.15
N TYR A 896 63.68 -37.69 81.66
CA TYR A 896 64.07 -37.69 80.25
C TYR A 896 64.70 -39.02 79.88
N ILE A 897 65.58 -39.55 80.74
CA ILE A 897 66.24 -40.81 80.43
C ILE A 897 65.23 -41.95 80.43
N VAL A 898 64.25 -41.90 81.34
CA VAL A 898 63.21 -42.93 81.37
C VAL A 898 62.41 -42.90 80.07
N GLU A 899 62.02 -41.70 79.62
CA GLU A 899 61.32 -41.59 78.35
C GLU A 899 62.20 -42.04 77.18
N LYS A 900 63.49 -41.70 77.23
CA LYS A 900 64.41 -42.08 76.17
C LYS A 900 64.50 -43.60 76.05
N GLU A 901 64.63 -44.28 77.18
CA GLU A 901 64.61 -45.74 77.15
C GLU A 901 63.26 -46.27 76.69
N LYS A 902 62.16 -45.64 77.12
CA LYS A 902 60.84 -46.03 76.66
C LYS A 902 60.57 -45.65 75.21
N GLY A 903 61.34 -44.72 74.65
CA GLY A 903 61.15 -44.31 73.27
C GLY A 903 60.28 -43.08 73.08
N ILE A 904 59.92 -42.39 74.16
CA ILE A 904 59.11 -41.18 74.11
C ILE A 904 59.90 -39.98 74.64
N GLN A 905 61.20 -39.94 74.35
CA GLN A 905 62.12 -38.93 74.90
C GLN A 905 61.49 -37.55 74.95
N THR A 906 61.47 -36.96 76.15
CA THR A 906 60.97 -35.61 76.30
C THR A 906 61.98 -34.61 75.74
N PHE A 907 61.47 -33.44 75.37
CA PHE A 907 62.27 -32.38 74.78
C PHE A 907 62.38 -31.21 75.75
N SER A 908 63.56 -30.58 75.77
CA SER A 908 63.78 -29.47 76.69
C SER A 908 62.74 -28.40 76.50
N SER A 909 62.13 -27.97 77.60
CA SER A 909 61.06 -26.98 77.56
C SER A 909 61.13 -26.11 78.79
N ASN A 910 60.51 -24.94 78.73
CA ASN A 910 60.47 -24.02 79.89
C ASN A 910 61.78 -23.29 80.12
N ASP A 911 62.82 -23.55 79.32
CA ASP A 911 64.08 -22.81 79.37
C ASP A 911 64.89 -23.13 80.63
N TYR A 912 64.33 -23.86 81.60
CA TYR A 912 65.00 -24.04 82.89
C TYR A 912 66.42 -24.58 82.71
N MET A 913 66.54 -25.69 81.98
CA MET A 913 67.85 -26.30 81.77
C MET A 913 68.81 -25.30 81.14
N SER A 914 68.37 -24.53 80.16
CA SER A 914 69.24 -23.56 79.51
C SER A 914 69.77 -22.55 80.52
N THR A 915 68.90 -22.07 81.41
CA THR A 915 69.36 -21.14 82.45
C THR A 915 70.37 -21.80 83.36
N PHE A 916 70.16 -23.06 83.74
CA PHE A 916 71.13 -23.74 84.59
C PHE A 916 72.48 -23.88 83.88
N GLY A 917 72.45 -24.21 82.59
CA GLY A 917 73.69 -24.31 81.84
C GLY A 917 74.43 -22.98 81.78
N ILE A 918 73.69 -21.90 81.53
CA ILE A 918 74.31 -20.57 81.51
C ILE A 918 74.90 -20.24 82.88
N TRP A 919 74.17 -20.55 83.95
CA TRP A 919 74.67 -20.28 85.29
C TRP A 919 75.95 -21.04 85.55
N TYR A 920 76.01 -22.31 85.15
CA TYR A 920 77.24 -23.07 85.31
C TYR A 920 78.38 -22.45 84.51
N PHE A 921 78.12 -22.04 83.27
CA PHE A 921 79.17 -21.43 82.47
C PHE A 921 79.64 -20.11 83.06
N LEU A 922 78.73 -19.38 83.71
CA LEU A 922 79.05 -18.10 84.32
C LEU A 922 79.61 -18.24 85.73
N GLU A 923 79.75 -19.47 86.22
CA GLU A 923 80.26 -19.74 87.56
C GLU A 923 79.33 -19.21 88.64
N GLU A 924 78.08 -18.89 88.29
CA GLU A 924 77.08 -18.60 89.31
C GLU A 924 76.85 -19.82 90.20
N ILE A 925 77.08 -21.01 89.65
CA ILE A 925 76.84 -22.28 90.32
C ILE A 925 77.84 -23.30 89.77
N ASN A 926 78.34 -24.16 90.64
CA ASN A 926 79.35 -25.13 90.22
C ASN A 926 79.31 -26.37 91.09
N ASN A 927 79.14 -27.54 90.46
CA ASN A 927 79.07 -28.80 91.19
C ASN A 927 79.23 -29.94 90.19
N SER A 928 79.70 -31.10 90.65
CA SER A 928 79.81 -32.26 89.76
C SER A 928 78.44 -32.65 89.20
N LYS A 929 77.40 -32.58 90.03
CA LYS A 929 76.05 -32.90 89.56
C LYS A 929 75.67 -32.03 88.37
N MET A 930 76.12 -30.78 88.35
CA MET A 930 75.83 -29.89 87.24
C MET A 930 76.47 -30.42 85.96
N GLU A 931 77.72 -30.88 86.05
CA GLU A 931 78.38 -31.47 84.90
C GLU A 931 77.72 -32.78 84.49
N GLU A 932 77.08 -33.48 85.42
CA GLU A 932 76.43 -34.75 85.10
C GLU A 932 75.14 -34.56 84.29
N PHE A 933 74.49 -33.41 84.42
CA PHE A 933 73.21 -33.20 83.74
C PHE A 933 73.36 -33.14 82.22
N ILE A 934 74.59 -33.02 81.70
CA ILE A 934 74.78 -32.93 80.27
C ILE A 934 74.24 -34.17 79.58
N GLY A 935 73.63 -33.97 78.42
CA GLY A 935 73.15 -35.07 77.59
C GLY A 935 71.70 -34.95 77.16
N MET A 936 70.99 -33.88 77.50
CA MET A 936 69.58 -33.75 77.19
C MET A 936 69.18 -32.39 76.64
N ASP A 937 70.02 -31.37 76.79
CA ASP A 937 69.81 -30.08 76.13
C ASP A 937 71.12 -29.68 75.48
N ASP A 938 71.13 -29.55 74.16
CA ASP A 938 72.37 -29.27 73.45
C ASP A 938 72.93 -27.91 73.86
N GLN A 939 72.06 -26.97 74.20
CA GLN A 939 72.54 -25.71 74.77
C GLN A 939 73.23 -25.94 76.11
N TYR A 940 72.68 -26.83 76.93
CA TYR A 940 73.30 -27.14 78.22
C TYR A 940 74.67 -27.76 78.01
N ASP A 941 74.79 -28.68 77.05
CA ASP A 941 76.10 -29.25 76.75
C ASP A 941 77.06 -28.19 76.23
N PHE A 942 76.56 -27.28 75.39
CA PHE A 942 77.40 -26.21 74.86
C PHE A 942 77.95 -25.34 75.97
N PHE A 943 77.10 -25.00 76.94
CA PHE A 943 77.52 -24.08 77.99
C PHE A 943 78.38 -24.78 79.04
N VAL A 944 77.95 -25.94 79.51
CA VAL A 944 78.65 -26.62 80.61
C VAL A 944 80.01 -27.11 80.15
N ASP A 945 80.04 -27.82 79.02
CA ASP A 945 81.28 -28.42 78.51
C ASP A 945 81.41 -28.11 77.03
N PRO A 946 81.75 -26.86 76.68
CA PRO A 946 81.97 -26.55 75.26
C PRO A 946 83.07 -27.39 74.63
N GLU A 947 84.05 -27.82 75.44
CA GLU A 947 85.15 -28.64 74.95
C GLU A 947 84.65 -29.89 74.24
N ASN A 948 83.54 -30.45 74.73
CA ASN A 948 83.02 -31.68 74.16
C ASN A 948 81.76 -31.48 73.32
N PHE A 949 81.12 -30.33 73.45
CA PHE A 949 79.87 -30.11 72.74
C PHE A 949 80.07 -30.22 71.24
N ASP A 950 79.13 -30.89 70.58
CA ASP A 950 79.13 -31.00 69.13
C ASP A 950 78.52 -29.73 68.54
N TYR A 951 79.35 -28.95 67.83
CA TYR A 951 78.92 -27.65 67.33
C TYR A 951 78.14 -27.73 66.03
N LYS A 952 78.04 -28.91 65.42
CA LYS A 952 77.10 -29.09 64.33
C LYS A 952 75.65 -29.06 64.81
N LYS A 953 75.43 -29.20 66.11
CA LYS A 953 74.09 -29.05 66.68
C LYS A 953 73.78 -27.59 67.01
N PHE A 954 74.81 -26.78 67.24
CA PHE A 954 74.61 -25.37 67.59
C PHE A 954 73.74 -24.68 66.55
N ILE A 955 72.59 -24.16 66.99
CA ILE A 955 71.69 -23.39 66.14
C ILE A 955 72.01 -21.92 66.35
N PRO A 956 72.24 -21.15 65.27
CA PRO A 956 72.78 -19.79 65.46
C PRO A 956 71.88 -18.86 66.26
N SER A 957 70.57 -19.05 66.22
CA SER A 957 69.66 -18.12 66.87
C SER A 957 69.93 -17.98 68.36
N TRP A 958 70.55 -18.99 68.99
CA TRP A 958 70.91 -18.89 70.39
C TRP A 958 71.67 -17.59 70.66
N LEU A 959 72.61 -17.24 69.78
CA LEU A 959 73.46 -16.09 70.01
C LEU A 959 72.63 -14.82 70.21
N LYS A 960 71.46 -14.75 69.58
CA LYS A 960 70.62 -13.57 69.73
C LYS A 960 70.15 -13.39 71.17
N ASN A 961 69.77 -14.49 71.82
CA ASN A 961 69.20 -14.38 73.17
C ASN A 961 70.23 -14.00 74.22
N TYR A 962 71.50 -14.32 73.98
CA TYR A 962 72.52 -14.09 74.99
C TYR A 962 72.75 -12.61 75.22
N ASN A 963 73.05 -12.26 76.47
CA ASN A 963 73.24 -10.86 76.84
C ASN A 963 74.64 -10.37 76.49
N ASP A 964 74.98 -9.17 76.95
CA ASP A 964 76.32 -8.63 76.67
C ASP A 964 77.40 -9.41 77.40
N LYS A 965 77.23 -9.61 78.71
CA LYS A 965 78.21 -10.37 79.47
C LYS A 965 78.32 -11.80 78.96
N LEU A 966 77.19 -12.42 78.64
CA LEU A 966 77.21 -13.80 78.16
C LEU A 966 77.96 -13.91 76.85
N LEU A 967 77.69 -13.00 75.91
CA LEU A 967 78.38 -13.04 74.63
C LEU A 967 79.88 -12.78 74.80
N GLY A 968 80.23 -11.81 75.63
CA GLY A 968 81.65 -11.55 75.87
C GLY A 968 82.35 -12.75 76.46
N LYS A 969 81.72 -13.41 77.43
CA LYS A 969 82.33 -14.58 78.05
C LYS A 969 82.43 -15.74 77.07
N ILE A 970 81.42 -15.92 76.22
CA ILE A 970 81.50 -16.96 75.19
C ILE A 970 82.68 -16.70 74.29
N ALA A 971 82.88 -15.44 73.88
CA ALA A 971 84.07 -15.09 73.13
C ALA A 971 85.33 -15.39 73.94
N GLY A 972 85.25 -15.24 75.27
CA GLY A 972 86.42 -15.48 76.10
C GLY A 972 86.86 -16.92 76.10
N ASN A 973 85.91 -17.85 76.23
CA ASN A 973 86.26 -19.27 76.30
C ASN A 973 86.98 -19.75 75.07
N LYS A 974 88.00 -20.59 75.23
CA LYS A 974 88.79 -21.02 74.10
C LYS A 974 88.10 -22.13 73.30
N HIS A 975 87.33 -22.97 73.99
CA HIS A 975 86.81 -24.18 73.34
C HIS A 975 85.78 -23.87 72.27
N MET A 976 85.03 -22.77 72.45
CA MET A 976 83.93 -22.45 71.52
C MET A 976 84.12 -21.18 70.71
N LYS A 977 85.07 -20.33 71.06
CA LYS A 977 85.20 -19.06 70.37
C LYS A 977 85.34 -19.27 68.86
N HIS A 978 86.16 -20.24 68.47
CA HIS A 978 86.36 -20.49 67.04
C HIS A 978 85.09 -21.06 66.39
N HIS A 979 84.42 -21.98 67.06
CA HIS A 979 83.19 -22.55 66.50
C HIS A 979 82.12 -21.48 66.35
N VAL A 980 81.93 -20.66 67.38
CA VAL A 980 80.91 -19.61 67.30
C VAL A 980 81.31 -18.57 66.26
N ILE A 981 82.61 -18.30 66.12
CA ILE A 981 83.06 -17.39 65.08
C ILE A 981 82.70 -17.93 63.70
N GLU A 982 82.92 -19.23 63.49
CA GLU A 982 82.54 -19.84 62.22
C GLU A 982 81.03 -19.72 61.99
N VAL A 983 80.24 -19.97 63.03
CA VAL A 983 78.79 -19.89 62.89
C VAL A 983 78.38 -18.47 62.52
N LEU A 984 78.94 -17.48 63.21
CA LEU A 984 78.59 -16.09 62.93
C LEU A 984 79.02 -15.69 61.52
N LYS A 985 80.20 -16.12 61.09
CA LYS A 985 80.66 -15.82 59.73
C LYS A 985 79.70 -16.40 58.70
N GLU A 986 79.32 -17.67 58.87
CA GLU A 986 78.36 -18.27 57.95
C GLU A 986 77.05 -17.51 57.96
N ARG A 987 76.58 -17.12 59.15
CA ARG A 987 75.31 -16.42 59.24
C ARG A 987 75.34 -15.08 58.52
N VAL A 988 76.36 -14.26 58.79
CA VAL A 988 76.41 -12.95 58.17
C VAL A 988 76.60 -13.07 56.66
N LYS A 989 77.30 -14.11 56.21
CA LYS A 989 77.40 -14.32 54.76
C LYS A 989 76.06 -14.75 54.16
N ASN A 990 75.28 -15.53 54.89
CA ASN A 990 74.03 -16.06 54.35
C ASN A 990 72.79 -15.35 54.86
N SER A 991 72.64 -15.23 56.17
CA SER A 991 71.43 -14.67 56.75
C SER A 991 71.43 -13.15 56.60
N ASN A 992 70.23 -12.59 56.42
CA ASN A 992 70.10 -11.13 56.29
C ASN A 992 70.08 -10.46 57.65
N ASP A 993 70.03 -11.24 58.73
CA ASP A 993 70.07 -10.67 60.05
C ASP A 993 71.34 -9.89 60.30
N LYS A 994 71.22 -8.75 60.97
CA LYS A 994 72.37 -7.93 61.29
C LYS A 994 72.85 -8.10 62.72
N ARG A 995 72.08 -8.79 63.57
CA ARG A 995 72.53 -9.04 64.94
C ARG A 995 73.77 -9.93 64.95
N TYR A 996 73.83 -10.90 64.04
CA TYR A 996 75.00 -11.77 63.96
C TYR A 996 76.26 -10.98 63.63
N LEU A 997 76.17 -10.03 62.70
CA LEU A 997 77.32 -9.22 62.36
C LEU A 997 77.79 -8.40 63.56
N GLU A 998 76.84 -7.81 64.29
CA GLU A 998 77.19 -7.04 65.48
C GLU A 998 77.86 -7.93 66.52
N ILE A 999 77.32 -9.13 66.74
CA ILE A 999 77.89 -10.04 67.73
C ILE A 999 79.30 -10.43 67.33
N LEU A 1000 79.51 -10.72 66.04
CA LEU A 1000 80.84 -11.10 65.58
C LEU A 1000 81.83 -9.95 65.74
N MET A 1001 81.47 -8.76 65.29
CA MET A 1001 82.41 -7.65 65.29
C MET A 1001 82.69 -7.16 66.72
N ASN A 1002 81.64 -6.71 67.40
CA ASN A 1002 81.84 -6.09 68.71
C ASN A 1002 82.42 -6.98 69.77
N TYR A 1003 81.96 -8.23 69.85
CA TYR A 1003 82.36 -9.09 70.96
C TYR A 1003 83.49 -10.04 70.57
N PHE A 1004 83.25 -10.90 69.58
CA PHE A 1004 84.18 -11.99 69.31
C PHE A 1004 85.45 -11.48 68.65
N ILE A 1005 85.32 -10.83 67.50
CA ILE A 1005 86.47 -10.20 66.86
C ILE A 1005 86.85 -8.98 67.69
N LYS B 9 8.89 -27.54 48.08
CA LYS B 9 10.12 -28.08 48.64
C LYS B 9 10.70 -29.22 47.78
N ARG B 10 9.82 -30.06 47.23
CA ARG B 10 10.25 -31.16 46.39
C ARG B 10 10.01 -30.84 44.93
N TYR B 11 9.95 -29.56 44.61
CA TYR B 11 9.70 -29.15 43.24
C TYR B 11 10.73 -29.77 42.32
N GLY B 12 11.99 -29.74 42.72
CA GLY B 12 13.04 -30.30 41.88
C GLY B 12 12.78 -31.75 41.58
N GLU B 13 12.36 -32.49 42.60
CA GLU B 13 12.08 -33.90 42.41
C GLU B 13 10.84 -34.08 41.54
N LYS B 14 9.85 -33.24 41.75
CA LYS B 14 8.63 -33.31 40.97
C LYS B 14 8.87 -33.00 39.51
N LEU B 15 9.72 -32.02 39.25
CA LEU B 15 10.00 -31.63 37.88
C LEU B 15 10.82 -32.68 37.18
N LYS B 16 11.57 -33.47 37.92
CA LYS B 16 12.36 -34.54 37.35
C LYS B 16 11.45 -35.71 37.04
N GLU B 17 10.20 -35.67 37.50
CA GLU B 17 9.23 -36.70 37.15
C GLU B 17 8.44 -36.21 35.96
N VAL B 18 8.20 -34.91 35.88
CA VAL B 18 7.55 -34.36 34.69
C VAL B 18 8.50 -34.71 33.60
N PHE B 19 9.79 -34.36 33.74
CA PHE B 19 10.78 -34.80 32.78
C PHE B 19 10.82 -36.26 33.06
N LEU B 20 11.18 -37.09 32.09
CA LEU B 20 11.16 -38.56 32.26
C LEU B 20 9.76 -39.05 32.01
N MET B 21 8.79 -38.17 31.83
CA MET B 21 7.44 -38.56 31.43
C MET B 21 7.11 -37.84 30.14
N LEU B 22 7.91 -36.84 29.79
CA LEU B 22 7.65 -36.03 28.63
C LEU B 22 7.70 -36.86 27.38
N ASP B 23 6.77 -36.65 26.47
CA ASP B 23 6.79 -37.34 25.21
C ASP B 23 8.01 -36.86 24.45
N ASN B 24 8.49 -37.65 23.50
CA ASN B 24 9.72 -37.29 22.81
C ASN B 24 9.68 -35.90 22.18
N ASN B 25 8.54 -35.48 21.67
CA ASN B 25 8.50 -34.19 21.02
C ASN B 25 8.93 -33.11 21.97
N VAL B 26 8.51 -33.17 23.23
CA VAL B 26 8.83 -32.13 24.19
C VAL B 26 10.27 -32.23 24.61
N VAL B 27 10.79 -33.44 24.67
CA VAL B 27 12.15 -33.64 25.10
C VAL B 27 13.08 -32.98 24.10
N GLU B 28 12.77 -33.10 22.82
CA GLU B 28 13.59 -32.50 21.78
C GLU B 28 13.38 -31.01 21.71
N CYS B 29 12.20 -30.52 22.07
CA CYS B 29 11.96 -29.10 22.10
C CYS B 29 12.80 -28.44 23.16
N ILE B 30 12.90 -29.06 24.32
CA ILE B 30 13.72 -28.52 25.40
C ILE B 30 15.16 -28.57 24.97
N LYS B 31 15.54 -29.62 24.25
CA LYS B 31 16.91 -29.77 23.77
C LYS B 31 17.29 -28.66 22.82
N GLU B 32 16.39 -28.33 21.90
CA GLU B 32 16.68 -27.30 20.91
C GLU B 32 16.60 -25.92 21.52
N ILE B 33 15.66 -25.69 22.41
CA ILE B 33 15.58 -24.41 23.09
C ILE B 33 16.82 -24.20 23.91
N THR B 34 17.32 -25.26 24.54
CA THR B 34 18.50 -25.16 25.40
C THR B 34 19.76 -24.88 24.60
N GLU B 35 19.96 -25.57 23.50
CA GLU B 35 21.17 -25.41 22.70
C GLU B 35 21.15 -24.09 22.00
N SER B 36 19.97 -23.62 21.64
CA SER B 36 19.86 -22.31 21.04
C SER B 36 20.37 -21.31 22.02
N SER B 37 19.94 -21.43 23.26
CA SER B 37 20.35 -20.50 24.29
C SER B 37 21.84 -20.55 24.51
N ARG B 38 22.42 -21.74 24.49
CA ARG B 38 23.84 -21.88 24.70
C ARG B 38 24.57 -21.11 23.63
N ASN B 39 24.06 -21.13 22.41
CA ASN B 39 24.72 -20.46 21.30
C ASN B 39 24.29 -19.00 21.19
N GLY B 40 23.59 -18.48 22.19
CA GLY B 40 23.21 -17.09 22.20
C GLY B 40 22.32 -16.75 21.03
N LYS B 41 21.38 -17.63 20.73
CA LYS B 41 20.52 -17.43 19.60
C LYS B 41 19.07 -17.57 19.97
N LEU B 42 18.74 -17.37 21.23
CA LEU B 42 17.37 -17.50 21.69
C LEU B 42 16.76 -16.17 21.97
N VAL B 43 15.68 -15.85 21.28
CA VAL B 43 14.95 -14.63 21.52
C VAL B 43 13.64 -15.07 22.12
N PHE B 44 13.06 -14.24 22.98
CA PHE B 44 11.82 -14.56 23.63
C PHE B 44 10.87 -13.54 23.16
N PHE B 45 9.69 -13.96 22.76
CA PHE B 45 8.67 -13.04 22.36
C PHE B 45 7.75 -13.14 23.52
N VAL B 46 7.76 -12.17 24.42
CA VAL B 46 6.94 -12.23 25.64
C VAL B 46 5.62 -11.52 25.42
N GLY B 47 4.55 -11.98 26.06
CA GLY B 47 3.24 -11.43 25.86
C GLY B 47 2.56 -11.00 27.11
N ALA B 48 1.27 -10.68 27.03
CA ALA B 48 0.54 -10.15 28.18
C ALA B 48 0.49 -11.05 29.36
N GLY B 49 0.38 -12.34 29.15
CA GLY B 49 0.24 -13.24 30.25
C GLY B 49 1.39 -13.20 31.22
N VAL B 50 2.56 -12.79 30.80
CA VAL B 50 3.69 -12.65 31.71
C VAL B 50 3.52 -11.37 32.50
N SER B 51 2.62 -10.49 32.08
CA SER B 51 2.31 -9.27 32.82
C SER B 51 1.03 -9.41 33.59
N THR B 52 0.17 -10.34 33.23
CA THR B 52 -1.03 -10.58 33.98
C THR B 52 -0.55 -11.16 35.30
N LEU B 53 0.63 -11.74 35.29
CA LEU B 53 1.20 -12.30 36.50
C LEU B 53 1.58 -11.23 37.51
N SER B 54 2.04 -10.07 37.05
CA SER B 54 2.36 -8.95 37.95
C SER B 54 1.15 -8.09 38.17
N ASP B 55 -0.02 -8.59 37.85
CA ASP B 55 -1.27 -7.86 38.03
C ASP B 55 -1.34 -6.59 37.21
N TYR B 56 -0.52 -6.47 36.17
CA TYR B 56 -0.63 -5.31 35.31
C TYR B 56 -2.02 -5.41 34.70
N PRO B 57 -2.72 -4.28 34.55
CA PRO B 57 -4.12 -4.36 34.08
C PRO B 57 -4.32 -5.06 32.75
N GLN B 58 -5.22 -6.03 32.67
CA GLN B 58 -5.50 -6.70 31.42
C GLN B 58 -6.30 -5.74 30.59
N TRP B 59 -6.08 -5.73 29.28
CA TRP B 59 -6.74 -4.76 28.42
C TRP B 59 -8.25 -4.80 28.55
N TRP B 60 -8.82 -5.96 28.81
CA TRP B 60 -10.27 -6.05 28.87
C TRP B 60 -10.77 -5.09 29.92
N ARG B 61 -9.97 -4.86 30.95
CA ARG B 61 -10.35 -3.88 31.96
C ARG B 61 -10.52 -2.51 31.33
N LEU B 62 -9.53 -2.11 30.53
CA LEU B 62 -9.60 -0.82 29.86
C LEU B 62 -10.65 -0.81 28.75
N VAL B 63 -10.78 -1.90 28.00
CA VAL B 63 -11.82 -1.96 26.99
C VAL B 63 -13.13 -1.80 27.71
N ASP B 64 -13.24 -2.35 28.91
CA ASP B 64 -14.46 -2.23 29.70
C ASP B 64 -14.65 -0.82 30.21
N LYS B 65 -13.56 -0.18 30.61
CA LYS B 65 -13.63 1.18 31.08
C LYS B 65 -14.15 2.04 29.95
N TYR B 66 -13.73 1.76 28.73
CA TYR B 66 -14.20 2.51 27.57
C TYR B 66 -15.64 2.16 27.28
N HIS B 67 -16.00 0.90 27.42
CA HIS B 67 -17.35 0.48 27.17
C HIS B 67 -18.23 1.16 28.17
N GLU B 68 -17.76 1.25 29.41
CA GLU B 68 -18.54 1.86 30.47
C GLU B 68 -18.66 3.35 30.28
N GLU B 69 -17.60 3.99 29.82
CA GLU B 69 -17.67 5.42 29.53
C GLU B 69 -18.59 5.70 28.37
N LEU B 70 -18.42 4.98 27.27
CA LEU B 70 -19.20 5.24 26.08
C LEU B 70 -20.64 4.85 26.19
N TYR B 71 -20.89 3.60 26.52
CA TYR B 71 -22.27 3.11 26.55
C TYR B 71 -22.86 3.11 27.94
N GLY B 72 -22.07 3.51 28.94
CA GLY B 72 -22.60 3.65 30.29
C GLY B 72 -22.52 2.46 31.23
N SER B 73 -22.13 1.30 30.74
CA SER B 73 -22.12 0.12 31.58
C SER B 73 -21.27 -0.98 30.97
N PRO B 74 -20.86 -1.96 31.77
CA PRO B 74 -19.97 -3.00 31.23
C PRO B 74 -20.72 -3.90 30.28
N LYS B 75 -20.03 -4.79 29.58
CA LYS B 75 -20.69 -5.61 28.57
C LYS B 75 -21.50 -6.74 29.16
N LYS B 76 -21.23 -7.12 30.39
CA LYS B 76 -21.90 -8.30 30.96
C LYS B 76 -21.69 -9.43 29.97
N GLY B 77 -20.45 -9.58 29.51
CA GLY B 77 -20.13 -10.62 28.55
C GLY B 77 -18.63 -10.61 28.40
N ASN B 78 -18.12 -11.15 27.30
CA ASN B 78 -16.68 -11.10 27.04
C ASN B 78 -16.37 -10.46 25.71
N TYR B 79 -15.55 -9.42 25.73
CA TYR B 79 -15.15 -8.72 24.53
C TYR B 79 -14.36 -9.63 23.60
N SER B 80 -14.89 -9.87 22.42
CA SER B 80 -14.22 -10.72 21.45
C SER B 80 -12.95 -10.07 20.95
N SER B 81 -12.27 -10.72 20.02
CA SER B 81 -11.02 -10.19 19.50
C SER B 81 -11.17 -8.82 18.87
N ASP B 82 -12.23 -8.61 18.11
CA ASP B 82 -12.45 -7.34 17.43
C ASP B 82 -12.79 -6.25 18.40
N GLU B 83 -13.54 -6.59 19.43
CA GLU B 83 -13.98 -5.60 20.39
C GLU B 83 -12.82 -4.98 21.09
N TYR B 84 -11.72 -5.71 21.20
CA TYR B 84 -10.54 -5.19 21.87
C TYR B 84 -9.95 -4.05 21.11
N LEU B 85 -10.25 -3.95 19.83
CA LEU B 85 -9.67 -2.91 18.99
C LEU B 85 -10.69 -1.88 18.57
N ARG B 86 -11.96 -2.25 18.51
CA ARG B 86 -13.02 -1.33 18.08
C ARG B 86 -13.63 -0.53 19.23
N ILE B 87 -13.86 -1.13 20.38
CA ILE B 87 -14.37 -0.35 21.49
C ILE B 87 -13.40 0.75 21.87
N PRO B 88 -12.10 0.44 22.00
CA PRO B 88 -11.20 1.55 22.28
C PRO B 88 -11.19 2.63 21.18
N GLN B 89 -11.51 2.27 19.95
CA GLN B 89 -11.54 3.21 18.84
C GLN B 89 -12.81 4.05 18.78
N ILE B 90 -13.98 3.48 19.04
CA ILE B 90 -15.20 4.27 19.07
C ILE B 90 -15.03 5.33 20.13
N PHE B 91 -14.44 4.97 21.25
CA PHE B 91 -14.19 5.94 22.29
C PHE B 91 -13.37 7.07 21.74
N TYR B 92 -12.17 6.78 21.28
CA TYR B 92 -11.28 7.81 20.75
C TYR B 92 -12.01 8.73 19.80
N ASN B 93 -12.82 8.19 18.90
CA ASN B 93 -13.48 9.02 17.91
C ASN B 93 -14.60 9.83 18.54
N VAL B 94 -15.46 9.19 19.32
CA VAL B 94 -16.58 9.87 19.97
C VAL B 94 -16.13 10.81 21.07
N LYS B 95 -15.29 10.34 21.97
CA LYS B 95 -14.84 11.15 23.09
C LYS B 95 -13.65 11.97 22.70
N GLY B 96 -12.50 11.35 22.54
CA GLY B 96 -11.31 12.06 22.12
C GLY B 96 -10.04 11.46 22.62
N GLU B 97 -8.93 12.01 22.17
CA GLU B 97 -7.64 11.55 22.61
C GLU B 97 -7.43 11.76 24.07
N MET B 98 -7.91 12.89 24.59
CA MET B 98 -7.69 13.22 25.99
C MET B 98 -8.31 12.24 26.96
N ALA B 99 -9.57 11.92 26.73
CA ALA B 99 -10.25 10.98 27.61
C ALA B 99 -9.52 9.67 27.55
N PHE B 100 -9.14 9.25 26.34
CA PHE B 100 -8.47 7.99 26.14
C PHE B 100 -7.17 7.95 26.90
N ASP B 101 -6.41 9.02 26.83
CA ASP B 101 -5.08 8.99 27.43
C ASP B 101 -5.14 9.14 28.94
N GLY B 102 -6.26 9.60 29.46
CA GLY B 102 -6.42 9.64 30.90
C GLY B 102 -6.59 8.23 31.36
N ILE B 103 -7.64 7.55 30.95
CA ILE B 103 -7.91 6.17 31.32
C ILE B 103 -6.65 5.34 31.20
N LEU B 104 -5.85 5.59 30.18
CA LEU B 104 -4.64 4.82 29.98
C LEU B 104 -3.77 4.97 31.19
N LYS B 105 -3.59 6.20 31.65
CA LYS B 105 -2.73 6.48 32.80
C LYS B 105 -3.39 6.03 34.09
N ASP B 106 -4.70 6.22 34.18
CA ASP B 106 -5.41 5.80 35.36
C ASP B 106 -5.09 4.36 35.62
N PHE B 107 -5.24 3.52 34.61
CA PHE B 107 -4.98 2.10 34.76
C PHE B 107 -3.53 1.73 34.72
N PHE B 108 -2.78 2.30 33.79
CA PHE B 108 -1.40 1.88 33.60
C PHE B 108 -0.33 2.60 34.40
N GLN B 109 -0.63 3.79 34.92
CA GLN B 109 0.36 4.55 35.67
C GLN B 109 0.38 4.01 37.06
N VAL B 110 1.01 2.87 37.23
CA VAL B 110 1.06 2.21 38.51
C VAL B 110 2.40 1.55 38.54
N ASP B 111 2.78 1.01 39.68
CA ASP B 111 4.03 0.29 39.77
C ASP B 111 3.72 -1.11 40.19
N LYS B 112 3.98 -2.08 39.31
CA LYS B 112 3.78 -3.47 39.65
C LYS B 112 5.17 -4.07 39.72
N PRO B 113 5.34 -5.14 40.50
CA PRO B 113 6.67 -5.75 40.66
C PRO B 113 7.01 -6.69 39.50
N THR B 114 8.23 -7.22 39.48
CA THR B 114 8.63 -8.15 38.44
C THR B 114 8.45 -9.60 38.89
N ASN B 115 7.46 -10.29 38.32
CA ASN B 115 7.17 -11.69 38.71
C ASN B 115 8.34 -12.64 38.46
N PRO B 116 8.23 -13.90 38.94
CA PRO B 116 9.36 -14.83 38.78
C PRO B 116 9.65 -15.22 37.33
N ILE B 117 8.64 -15.23 36.48
CA ILE B 117 8.81 -15.62 35.09
C ILE B 117 9.74 -14.64 34.40
N HIS B 118 9.67 -13.35 34.71
CA HIS B 118 10.48 -12.37 34.06
C HIS B 118 11.93 -12.77 34.24
N ASP B 119 12.25 -13.23 35.43
CA ASP B 119 13.63 -13.58 35.74
C ASP B 119 14.06 -14.87 35.08
N LYS B 120 13.12 -15.76 34.83
CA LYS B 120 13.43 -16.99 34.16
C LYS B 120 13.71 -16.70 32.72
N ILE B 121 12.92 -15.81 32.13
CA ILE B 121 13.13 -15.45 30.74
C ILE B 121 14.53 -14.90 30.61
N LEU B 122 14.93 -14.01 31.51
CA LEU B 122 16.27 -13.40 31.43
C LEU B 122 17.36 -14.37 31.84
N ALA B 123 17.00 -15.40 32.60
CA ALA B 123 17.96 -16.41 33.03
C ALA B 123 18.35 -17.33 31.91
N MET B 124 17.63 -17.28 30.79
CA MET B 124 17.91 -18.13 29.64
C MET B 124 18.84 -17.44 28.66
N ASN B 125 19.47 -16.34 29.08
CA ASN B 125 20.35 -15.59 28.20
C ASN B 125 19.65 -15.28 26.89
N PRO B 126 18.55 -14.55 26.99
CA PRO B 126 17.88 -14.17 25.76
C PRO B 126 18.76 -13.20 24.98
N ALA B 127 19.01 -13.45 23.69
CA ALA B 127 19.76 -12.52 22.86
C ALA B 127 19.04 -11.22 22.77
N HIS B 128 17.73 -11.27 22.61
CA HIS B 128 16.92 -10.08 22.57
C HIS B 128 15.66 -10.49 23.22
N VAL B 129 14.73 -9.56 23.40
CA VAL B 129 13.42 -9.92 23.91
C VAL B 129 12.41 -9.09 23.16
N ILE B 130 11.70 -9.69 22.22
CA ILE B 130 10.66 -8.97 21.52
C ILE B 130 9.47 -9.06 22.44
N THR B 131 8.62 -8.06 22.46
CA THR B 131 7.50 -8.05 23.40
C THR B 131 6.40 -7.10 22.97
N THR B 132 5.15 -7.48 23.16
CA THR B 132 4.02 -6.64 22.78
C THR B 132 3.41 -5.98 24.01
N ASN B 133 4.16 -5.97 25.12
CA ASN B 133 3.69 -5.40 26.38
C ASN B 133 4.06 -3.93 26.52
N TYR B 134 3.12 -3.09 26.92
CA TYR B 134 3.39 -1.65 27.01
C TYR B 134 4.10 -1.38 28.33
N ASP B 135 3.80 -2.19 29.35
CA ASP B 135 4.47 -2.07 30.64
C ASP B 135 5.98 -2.16 30.58
N ASN B 136 6.66 -1.75 31.63
CA ASN B 136 8.13 -1.77 31.66
C ASN B 136 8.65 -2.80 32.65
N LEU B 137 7.86 -3.83 32.94
CA LEU B 137 8.26 -4.85 33.89
C LEU B 137 9.45 -5.60 33.36
N ILE B 138 9.49 -5.82 32.07
CA ILE B 138 10.59 -6.54 31.48
C ILE B 138 11.83 -5.68 31.59
N ASP B 139 11.65 -4.38 31.47
CA ASP B 139 12.79 -3.46 31.52
C ASP B 139 13.40 -3.45 32.91
N THR B 140 12.55 -3.38 33.91
CA THR B 140 13.01 -3.39 35.28
C THR B 140 13.85 -4.60 35.50
N ALA B 141 13.32 -5.77 35.17
CA ALA B 141 14.03 -7.00 35.44
C ALA B 141 15.40 -6.93 34.87
N CYS B 142 15.50 -6.49 33.62
CA CYS B 142 16.79 -6.48 32.98
C CYS B 142 17.75 -5.64 33.79
N TRP B 143 17.33 -4.45 34.19
CA TRP B 143 18.19 -3.56 34.93
C TRP B 143 18.63 -4.18 36.26
N LYS B 144 17.68 -4.66 37.05
CA LYS B 144 18.01 -5.27 38.32
C LYS B 144 18.98 -6.41 38.13
N ARG B 145 18.78 -7.20 37.09
CA ARG B 145 19.63 -8.36 36.84
C ARG B 145 21.00 -7.94 36.38
N GLY B 146 21.18 -6.64 36.15
CA GLY B 146 22.45 -6.14 35.68
C GLY B 146 22.51 -6.37 34.20
N LYS B 147 21.36 -6.58 33.59
CA LYS B 147 21.29 -6.80 32.15
C LYS B 147 21.02 -5.49 31.45
N TYR B 148 21.62 -5.29 30.30
CA TYR B 148 21.44 -4.06 29.56
C TYR B 148 20.90 -4.35 28.17
N PHE B 149 19.72 -3.81 27.88
CA PHE B 149 19.10 -4.01 26.60
C PHE B 149 18.71 -2.66 26.06
N SER B 150 19.14 -2.32 24.87
CA SER B 150 18.73 -1.07 24.28
C SER B 150 17.27 -1.17 23.92
N VAL B 151 16.41 -0.63 24.76
CA VAL B 151 14.98 -0.63 24.45
C VAL B 151 14.68 0.14 23.18
N ILE B 152 13.91 -0.46 22.27
CA ILE B 152 13.53 0.20 21.03
C ILE B 152 12.03 0.22 21.04
N SER B 153 11.47 1.24 21.64
CA SER B 153 10.03 1.36 21.73
C SER B 153 9.47 2.27 20.66
N ALA B 154 10.35 2.97 19.93
CA ALA B 154 9.90 3.86 18.86
C ALA B 154 10.85 3.85 17.69
N GLU B 155 10.43 4.38 16.56
CA GLU B 155 11.23 4.35 15.34
C GLU B 155 12.54 5.04 15.47
N GLU B 156 12.53 6.21 16.11
CA GLU B 156 13.75 6.96 16.34
C GLU B 156 14.83 6.17 17.05
N ASP B 157 14.45 5.16 17.82
CA ASP B 157 15.41 4.41 18.62
C ASP B 157 16.08 3.27 17.89
N VAL B 158 15.64 2.95 16.69
CA VAL B 158 16.19 1.80 15.99
C VAL B 158 17.63 2.10 15.62
N ALA B 159 17.88 3.31 15.13
CA ALA B 159 19.24 3.73 14.77
C ALA B 159 20.08 4.01 15.98
N ASN B 160 19.50 4.69 16.95
CA ASN B 160 20.20 5.07 18.16
C ASN B 160 20.17 3.96 19.19
N ALA B 161 20.71 2.80 18.87
CA ALA B 161 20.71 1.66 19.79
C ALA B 161 22.12 1.37 20.14
N THR B 162 22.49 1.67 21.38
CA THR B 162 23.87 1.51 21.80
C THR B 162 24.31 0.07 21.93
N SER B 163 23.52 -0.76 22.59
CA SER B 163 23.97 -2.12 22.86
C SER B 163 23.55 -3.10 21.80
N SER B 164 24.09 -4.31 21.87
CA SER B 164 23.78 -5.34 20.89
C SER B 164 22.53 -6.15 21.23
N ARG B 165 21.99 -5.97 22.42
CA ARG B 165 20.79 -6.66 22.82
C ARG B 165 19.68 -5.66 22.84
N TYR B 166 18.50 -6.02 22.34
CA TYR B 166 17.38 -5.10 22.27
C TYR B 166 16.19 -5.60 23.01
N LEU B 167 15.38 -4.69 23.53
CA LEU B 167 14.15 -5.05 24.14
C LEU B 167 13.22 -4.40 23.16
N LEU B 168 12.76 -5.14 22.16
CA LEU B 168 11.93 -4.56 21.13
C LEU B 168 10.53 -4.51 21.62
N LYS B 169 10.10 -3.34 22.03
CA LYS B 169 8.78 -3.18 22.58
C LYS B 169 7.85 -2.75 21.50
N VAL B 170 7.62 -3.63 20.54
CA VAL B 170 6.73 -3.36 19.44
C VAL B 170 5.42 -3.00 20.10
N HIS B 171 4.60 -2.14 19.48
CA HIS B 171 3.35 -1.65 20.10
C HIS B 171 3.62 -0.55 21.13
N GLY B 172 4.87 -0.11 21.26
CA GLY B 172 5.19 1.01 22.13
C GLY B 172 5.41 0.85 23.59
N ASP B 173 5.40 1.95 24.32
CA ASP B 173 5.55 1.95 25.77
C ASP B 173 5.18 3.36 26.15
N PHE B 174 4.92 3.61 27.44
CA PHE B 174 4.47 4.93 27.87
C PHE B 174 5.63 5.70 28.49
N ARG B 175 6.85 5.32 28.16
CA ARG B 175 8.02 6.03 28.68
C ARG B 175 7.95 7.52 28.35
N LYS B 176 7.56 7.85 27.15
CA LYS B 176 7.47 9.24 26.74
C LYS B 176 6.32 9.92 27.44
N GLY B 177 5.25 9.19 27.66
CA GLY B 177 4.10 9.74 28.34
C GLY B 177 3.02 8.71 28.28
N PHE B 178 2.09 8.75 29.21
CA PHE B 178 0.99 7.82 29.16
C PHE B 178 0.03 8.34 28.14
N LYS B 179 0.41 8.23 26.87
CA LYS B 179 -0.43 8.68 25.78
C LYS B 179 -0.57 7.56 24.79
N GLY B 180 -1.68 7.55 24.09
CA GLY B 180 -1.93 6.51 23.12
C GLY B 180 -1.04 6.68 21.92
N GLU B 181 -0.61 7.89 21.66
CA GLU B 181 0.18 8.15 20.49
C GLU B 181 1.49 7.41 20.55
N ASN B 182 1.85 6.92 21.72
CA ASN B 182 3.09 6.22 21.87
C ASN B 182 2.90 4.72 21.75
N VAL B 183 1.65 4.25 21.78
CA VAL B 183 1.37 2.80 21.79
C VAL B 183 0.32 2.34 20.77
N VAL B 184 0.32 1.04 20.45
CA VAL B 184 -0.67 0.47 19.52
C VAL B 184 -1.72 -0.22 20.33
N LEU B 185 -2.92 0.37 20.40
CA LEU B 185 -4.00 -0.18 21.21
C LEU B 185 -5.33 -0.29 20.50
N LYS B 186 -5.67 0.68 19.67
CA LYS B 186 -6.95 0.69 18.98
C LYS B 186 -6.86 0.14 17.58
N GLU B 187 -7.98 -0.01 16.89
CA GLU B 187 -7.96 -0.63 15.56
C GLU B 187 -7.09 0.11 14.59
N ASP B 188 -7.27 1.41 14.45
CA ASP B 188 -6.53 2.15 13.43
C ASP B 188 -5.05 2.16 13.70
N ASP B 189 -4.67 1.93 14.93
CA ASP B 189 -3.27 1.84 15.23
C ASP B 189 -2.73 0.59 14.56
N TYR B 190 -3.56 -0.44 14.45
CA TYR B 190 -3.11 -1.72 13.89
C TYR B 190 -3.21 -1.74 12.39
N LEU B 191 -4.24 -1.12 11.86
CA LEU B 191 -4.40 -1.05 10.42
C LEU B 191 -3.24 -0.30 9.80
N ASN B 192 -2.63 0.62 10.53
CA ASN B 192 -1.53 1.43 10.00
C ASN B 192 -0.21 1.16 10.66
N TYR B 193 -0.03 0.00 11.27
CA TYR B 193 1.18 -0.31 11.99
C TYR B 193 2.36 -0.36 11.09
N ASP B 194 2.23 -0.98 9.94
CA ASP B 194 3.34 -1.14 9.03
C ASP B 194 3.78 0.16 8.44
N GLN B 195 2.84 1.06 8.23
CA GLN B 195 3.14 2.38 7.72
C GLN B 195 3.73 3.23 8.79
N ASN B 196 3.27 3.07 10.02
CA ASN B 196 3.75 3.91 11.12
C ASN B 196 4.96 3.36 11.82
N TYR B 197 5.13 2.05 11.82
CA TYR B 197 6.27 1.41 12.47
C TYR B 197 7.02 0.57 11.48
N PRO B 198 7.63 1.19 10.47
CA PRO B 198 8.38 0.46 9.45
C PRO B 198 9.67 -0.20 9.91
N LEU B 199 10.48 0.49 10.69
CA LEU B 199 11.77 -0.03 11.12
C LEU B 199 11.63 -1.00 12.25
N ILE B 200 10.61 -0.84 13.06
CA ILE B 200 10.35 -1.76 14.17
C ILE B 200 9.78 -3.05 13.65
N SER B 201 8.89 -2.98 12.69
CA SER B 201 8.34 -4.19 12.09
C SER B 201 9.44 -5.00 11.45
N ASN B 202 10.29 -4.34 10.69
CA ASN B 202 11.35 -5.03 9.99
C ASN B 202 12.37 -5.61 10.91
N LEU B 203 12.70 -4.92 11.99
CA LEU B 203 13.71 -5.38 12.91
C LEU B 203 13.24 -6.64 13.51
N MET B 204 11.97 -6.68 13.90
CA MET B 204 11.41 -7.87 14.52
C MET B 204 11.50 -9.02 13.60
N LYS B 205 11.12 -8.84 12.36
CA LYS B 205 11.07 -9.94 11.41
C LYS B 205 12.43 -10.48 11.09
N THR B 206 13.46 -9.67 11.19
CA THR B 206 14.83 -10.13 10.96
C THR B 206 15.36 -10.84 12.19
N ILE B 207 14.89 -10.47 13.37
CA ILE B 207 15.28 -11.13 14.60
C ILE B 207 14.66 -12.50 14.61
N ILE B 208 13.49 -12.62 14.00
CA ILE B 208 12.81 -13.90 13.92
C ILE B 208 13.52 -14.76 12.93
N ALA B 209 13.92 -14.20 11.81
CA ALA B 209 14.60 -14.94 10.75
C ALA B 209 15.95 -15.47 11.13
N THR B 210 16.62 -14.85 12.08
CA THR B 210 17.95 -15.22 12.46
C THR B 210 18.10 -15.98 13.78
N HIS B 211 17.17 -15.79 14.72
CA HIS B 211 17.25 -16.44 16.04
C HIS B 211 16.17 -17.48 16.26
N THR B 212 16.17 -18.12 17.43
CA THR B 212 15.13 -19.08 17.79
C THR B 212 14.15 -18.39 18.69
N ILE B 213 12.89 -18.29 18.27
CA ILE B 213 11.89 -17.56 19.05
C ILE B 213 11.07 -18.47 19.89
N VAL B 214 10.73 -18.04 21.11
CA VAL B 214 9.87 -18.80 21.99
C VAL B 214 8.79 -17.85 22.39
N PHE B 215 7.55 -18.23 22.18
CA PHE B 215 6.42 -17.38 22.51
C PHE B 215 5.85 -17.73 23.87
N ILE B 216 6.01 -16.82 24.83
CA ILE B 216 5.50 -17.01 26.19
C ILE B 216 4.51 -15.91 26.48
N GLY B 217 3.36 -16.26 27.03
CA GLY B 217 2.37 -15.28 27.40
C GLY B 217 1.32 -15.05 26.38
N TYR B 218 1.21 -15.93 25.39
CA TYR B 218 0.26 -15.75 24.30
C TYR B 218 -0.71 -16.90 24.20
N GLY B 219 -1.87 -16.66 23.60
CA GLY B 219 -2.84 -17.71 23.38
C GLY B 219 -2.63 -17.99 21.93
N LEU B 220 -3.17 -19.07 21.39
CA LEU B 220 -2.86 -19.41 20.00
C LEU B 220 -3.80 -18.71 19.07
N GLY B 221 -4.79 -18.02 19.61
CA GLY B 221 -5.73 -17.26 18.80
C GLY B 221 -5.45 -15.78 18.93
N ASP B 222 -4.24 -15.46 19.33
CA ASP B 222 -3.86 -14.08 19.50
C ASP B 222 -3.90 -13.41 18.15
N TYR B 223 -3.86 -12.10 18.13
CA TYR B 223 -3.84 -11.37 16.89
C TYR B 223 -2.45 -11.40 16.35
N ASN B 224 -1.50 -11.18 17.21
CA ASN B 224 -0.12 -11.09 16.78
C ASN B 224 0.42 -12.39 16.33
N ILE B 225 0.12 -13.45 17.04
CA ILE B 225 0.68 -14.74 16.72
C ILE B 225 0.21 -15.14 15.35
N ASN B 226 -1.02 -14.85 15.03
CA ASN B 226 -1.58 -15.28 13.76
C ASN B 226 -1.22 -14.39 12.59
N MET B 227 -0.63 -13.23 12.86
CA MET B 227 -0.14 -12.37 11.80
C MET B 227 1.28 -12.72 11.50
N LEU B 228 2.00 -13.22 12.48
CA LEU B 228 3.37 -13.64 12.28
C LEU B 228 3.35 -14.97 11.63
N LEU B 229 2.28 -15.72 11.80
CA LEU B 229 2.15 -17.03 11.20
C LEU B 229 1.74 -16.87 9.78
N ASN B 230 1.08 -15.77 9.46
CA ASN B 230 0.70 -15.49 8.08
C ASN B 230 1.91 -15.03 7.34
N TRP B 231 2.79 -14.29 8.00
CA TRP B 231 4.02 -13.86 7.39
C TRP B 231 4.87 -15.03 7.08
N VAL B 232 4.97 -15.97 7.99
CA VAL B 232 5.82 -17.14 7.81
C VAL B 232 5.32 -18.00 6.67
N ARG B 233 4.06 -17.86 6.32
CA ARG B 233 3.50 -18.59 5.21
C ARG B 233 4.07 -18.06 3.91
N LYS B 234 4.38 -16.78 3.86
CA LYS B 234 4.95 -16.16 2.68
C LYS B 234 6.39 -16.56 2.46
N LEU B 235 7.09 -16.89 3.52
CA LEU B 235 8.46 -17.31 3.42
C LEU B 235 8.53 -18.63 2.69
N GLN B 236 9.70 -19.01 2.22
CA GLN B 236 9.87 -20.23 1.44
C GLN B 236 10.02 -21.43 2.32
N LYS B 237 9.81 -22.60 1.76
CA LYS B 237 9.90 -23.81 2.56
C LYS B 237 11.27 -24.03 3.10
N ASP B 238 11.38 -24.28 4.40
CA ASP B 238 12.67 -24.54 5.03
C ASP B 238 13.62 -23.36 4.96
N SER B 239 13.11 -22.16 4.74
CA SER B 239 13.95 -20.97 4.73
C SER B 239 13.98 -20.40 6.12
N PHE B 240 13.18 -20.96 7.02
CA PHE B 240 13.07 -20.44 8.37
C PHE B 240 12.99 -21.58 9.33
N HIS B 241 13.10 -21.29 10.63
CA HIS B 241 13.00 -22.30 11.66
C HIS B 241 11.69 -22.14 12.37
N LYS B 242 11.00 -23.24 12.63
CA LYS B 242 9.70 -23.19 13.29
C LYS B 242 9.80 -22.64 14.70
N PRO B 243 9.08 -21.54 15.00
CA PRO B 243 9.10 -20.98 16.35
C PRO B 243 8.51 -21.90 17.42
N PHE B 244 8.93 -21.76 18.67
CA PHE B 244 8.37 -22.55 19.75
C PHE B 244 7.31 -21.74 20.41
N PHE B 245 6.38 -22.37 21.10
CA PHE B 245 5.28 -21.68 21.70
C PHE B 245 4.91 -22.39 22.99
N ILE B 246 5.06 -21.72 24.12
CA ILE B 246 4.73 -22.32 25.40
C ILE B 246 3.28 -22.01 25.73
N ARG B 247 2.41 -23.01 25.71
CA ARG B 247 1.00 -22.80 25.97
C ARG B 247 0.76 -22.96 27.43
N THR B 248 0.19 -21.94 28.06
CA THR B 248 0.01 -21.93 29.49
C THR B 248 -1.44 -21.72 29.79
N ASP B 249 -2.29 -22.29 28.94
CA ASP B 249 -3.71 -22.19 29.15
C ASP B 249 -4.10 -23.31 30.06
N PRO B 250 -5.21 -23.15 30.79
CA PRO B 250 -5.57 -24.15 31.80
C PRO B 250 -5.83 -25.57 31.30
N SER B 251 -6.55 -25.73 30.20
CA SER B 251 -6.91 -27.06 29.72
C SER B 251 -5.95 -27.60 28.69
N PRO B 252 -5.75 -28.92 28.66
CA PRO B 252 -4.77 -29.45 27.72
C PRO B 252 -5.24 -29.21 26.28
N ILE B 253 -4.32 -29.00 25.34
CA ILE B 253 -4.70 -28.66 23.97
C ILE B 253 -5.36 -29.82 23.27
N GLU B 254 -6.38 -29.53 22.48
CA GLU B 254 -7.04 -30.54 21.71
C GLU B 254 -6.03 -30.97 20.70
N ASN B 255 -6.26 -32.11 20.08
CA ASN B 255 -5.29 -32.62 19.14
C ASN B 255 -5.48 -31.93 17.81
N GLU B 256 -6.69 -31.46 17.55
CA GLU B 256 -6.97 -30.83 16.27
C GLU B 256 -6.32 -29.47 16.23
N THR B 257 -6.35 -28.75 17.34
CA THR B 257 -5.75 -27.44 17.39
C THR B 257 -4.26 -27.58 17.28
N LEU B 258 -3.70 -28.56 17.95
CA LEU B 258 -2.27 -28.77 17.92
C LEU B 258 -1.83 -29.02 16.50
N ILE B 259 -2.55 -29.87 15.79
CA ILE B 259 -2.19 -30.20 14.41
C ILE B 259 -2.20 -28.95 13.57
N TYR B 260 -3.29 -28.20 13.61
CA TYR B 260 -3.42 -27.03 12.78
C TYR B 260 -2.27 -26.09 12.96
N TYR B 261 -1.87 -25.83 14.19
CA TYR B 261 -0.86 -24.82 14.44
C TYR B 261 0.54 -25.30 14.36
N GLU B 262 0.72 -26.61 14.37
CA GLU B 262 2.04 -27.18 14.26
C GLU B 262 2.39 -27.35 12.80
N ASN B 263 1.38 -27.34 11.94
CA ASN B 263 1.61 -27.37 10.50
C ASN B 263 1.63 -25.94 10.01
N LYS B 264 1.07 -25.00 10.77
CA LYS B 264 1.12 -23.60 10.43
C LYS B 264 2.50 -23.09 10.72
N GLY B 265 3.32 -23.87 11.43
CA GLY B 265 4.71 -23.52 11.65
C GLY B 265 5.16 -23.26 13.06
N LEU B 266 4.59 -23.94 14.04
CA LEU B 266 4.93 -23.74 15.44
C LEU B 266 5.28 -25.05 16.07
N ARG B 267 5.95 -25.01 17.21
CA ARG B 267 6.33 -26.21 17.93
C ARG B 267 5.87 -25.98 19.33
N ILE B 268 4.62 -26.29 19.64
CA ILE B 268 4.06 -25.94 20.94
C ILE B 268 4.39 -26.87 22.06
N ILE B 269 4.60 -26.33 23.25
CA ILE B 269 4.92 -27.10 24.43
C ILE B 269 3.85 -26.79 25.45
N ASP B 270 2.76 -27.56 25.46
CA ASP B 270 1.63 -27.29 26.36
C ASP B 270 1.90 -27.71 27.78
N ALA B 271 1.70 -26.82 28.74
CA ALA B 271 1.96 -27.09 30.14
C ALA B 271 0.84 -27.83 30.81
N ALA B 272 -0.36 -27.76 30.26
CA ALA B 272 -1.51 -28.43 30.81
C ALA B 272 -1.46 -29.89 30.47
N SER B 273 -0.51 -30.28 29.65
CA SER B 273 -0.34 -31.66 29.30
C SER B 273 0.84 -32.23 30.02
N LEU B 274 1.66 -31.38 30.62
CA LEU B 274 2.82 -31.82 31.34
C LEU B 274 2.47 -31.99 32.79
N ILE B 275 1.58 -31.15 33.31
CA ILE B 275 1.28 -31.17 34.74
C ILE B 275 -0.19 -31.01 35.03
N ASP B 276 -0.62 -31.49 36.20
CA ASP B 276 -2.01 -31.29 36.61
C ASP B 276 -2.05 -29.97 37.35
N SER B 277 -2.89 -29.04 36.89
CA SER B 277 -2.95 -27.72 37.51
C SER B 277 -4.38 -27.26 37.59
N ASN B 278 -4.64 -26.29 38.47
CA ASN B 278 -5.98 -25.78 38.63
C ASN B 278 -6.28 -24.76 37.57
N GLU B 279 -7.53 -24.33 37.47
CA GLU B 279 -7.91 -23.40 36.42
C GLU B 279 -7.21 -22.06 36.54
N TYR B 280 -6.58 -21.78 37.67
CA TYR B 280 -5.88 -20.52 37.88
C TYR B 280 -4.47 -20.67 38.42
N ASP B 281 -3.87 -21.84 38.27
CA ASP B 281 -2.50 -22.03 38.69
C ASP B 281 -1.60 -21.67 37.54
N TYR B 282 -1.58 -20.40 37.15
CA TYR B 282 -0.83 -20.00 35.98
C TYR B 282 0.62 -19.98 36.27
N LEU B 283 1.01 -19.53 37.43
CA LEU B 283 2.41 -19.41 37.67
C LEU B 283 2.99 -20.78 37.62
N GLU B 284 2.23 -21.78 38.02
CA GLU B 284 2.70 -23.16 38.01
C GLU B 284 2.85 -23.66 36.59
N ARG B 285 1.90 -23.38 35.73
CA ARG B 285 2.03 -23.74 34.34
C ARG B 285 3.25 -23.06 33.74
N TYR B 286 3.37 -21.75 33.90
CA TYR B 286 4.51 -21.02 33.36
C TYR B 286 5.78 -21.51 33.94
N SER B 287 5.82 -21.71 35.26
CA SER B 287 7.04 -22.12 35.93
C SER B 287 7.47 -23.52 35.62
N ALA B 288 6.52 -24.43 35.41
CA ALA B 288 6.87 -25.79 35.01
C ALA B 288 7.64 -25.78 33.73
N VAL B 289 7.09 -25.12 32.71
CA VAL B 289 7.72 -25.12 31.40
C VAL B 289 9.02 -24.37 31.43
N MET B 290 9.09 -23.32 32.22
CA MET B 290 10.29 -22.50 32.29
C MET B 290 11.38 -23.13 33.14
N ASP B 291 11.03 -24.03 34.04
CA ASP B 291 12.02 -24.73 34.84
C ASP B 291 12.41 -26.05 34.20
N LEU B 292 11.58 -26.60 33.35
CA LEU B 292 11.97 -27.79 32.61
C LEU B 292 13.04 -27.32 31.70
N LEU B 293 13.00 -26.04 31.35
CA LEU B 293 14.02 -25.44 30.49
C LEU B 293 15.25 -25.01 31.27
N ILE B 294 15.07 -24.33 32.39
CA ILE B 294 16.19 -23.85 33.17
C ILE B 294 16.94 -25.00 33.77
N GLU B 295 16.22 -25.96 34.32
CA GLU B 295 16.86 -27.07 35.01
C GLU B 295 17.51 -28.05 34.06
N SER B 296 17.14 -28.03 32.79
CA SER B 296 17.76 -28.87 31.79
C SER B 296 18.97 -28.16 31.27
N GLN B 297 19.05 -26.85 31.47
CA GLN B 297 20.25 -26.12 31.11
C GLN B 297 21.23 -26.63 32.11
N GLU B 298 20.85 -26.64 33.38
CA GLU B 298 21.70 -27.24 34.40
C GLU B 298 21.62 -28.70 34.06
N ASN B 299 22.62 -29.45 34.44
CA ASN B 299 22.64 -30.87 34.14
C ASN B 299 21.93 -31.57 35.28
N LYS B 300 20.64 -31.33 35.44
CA LYS B 300 19.88 -31.92 36.54
C LYS B 300 19.06 -33.10 36.09
N PHE B 301 18.62 -33.07 34.84
CA PHE B 301 17.80 -34.14 34.32
C PHE B 301 18.63 -35.26 33.69
N ILE B 302 19.95 -35.15 33.73
CA ILE B 302 20.81 -36.23 33.23
C ILE B 302 20.79 -37.36 34.22
N THR B 303 20.57 -38.58 33.74
CA THR B 303 20.56 -39.76 34.61
C THR B 303 21.23 -40.98 34.00
N LYS B 304 21.32 -41.05 32.68
CA LYS B 304 21.89 -42.20 32.01
C LYS B 304 23.36 -41.98 31.73
N ASP B 305 24.14 -43.07 31.82
CA ASP B 305 25.56 -42.98 31.57
C ASP B 305 25.83 -42.55 30.14
N ASP B 306 25.05 -43.05 29.19
CA ASP B 306 25.19 -42.64 27.80
C ASP B 306 25.05 -41.13 27.65
N GLU B 307 24.09 -40.54 28.36
CA GLU B 307 23.91 -39.08 28.29
C GLU B 307 25.10 -38.35 28.89
N VAL B 308 25.66 -38.87 29.97
CA VAL B 308 26.84 -38.27 30.57
C VAL B 308 27.99 -38.26 29.56
N ILE B 309 28.21 -39.40 28.92
CA ILE B 309 29.28 -39.49 27.93
C ILE B 309 29.01 -38.52 26.78
N ASP B 310 27.76 -38.43 26.34
CA ASP B 310 27.43 -37.51 25.25
C ASP B 310 27.71 -36.06 25.63
N TYR B 311 27.35 -35.67 26.86
CA TYR B 311 27.60 -34.28 27.28
C TYR B 311 29.09 -33.99 27.36
N ILE B 312 29.85 -34.87 28.01
CA ILE B 312 31.29 -34.63 28.13
C ILE B 312 31.93 -34.64 26.75
N TYR B 313 31.47 -35.49 25.84
CA TYR B 313 32.04 -35.53 24.50
C TYR B 313 31.70 -34.25 23.74
N GLY B 314 30.47 -33.78 23.84
CA GLY B 314 30.10 -32.53 23.20
C GLY B 314 30.92 -31.36 23.68
N LYS B 315 31.26 -31.33 24.97
CA LYS B 315 32.17 -30.28 25.44
C LYS B 315 33.61 -30.48 25.01
N ILE B 316 34.09 -31.72 25.00
CA ILE B 316 35.53 -32.00 24.81
C ILE B 316 35.89 -32.37 23.38
N SER B 317 34.91 -32.75 22.55
CA SER B 317 35.22 -33.23 21.20
C SER B 317 36.05 -32.24 20.38
N PRO B 318 35.72 -30.93 20.36
CA PRO B 318 36.49 -30.02 19.52
C PRO B 318 37.95 -29.92 19.94
N LEU B 319 38.25 -30.09 21.22
CA LEU B 319 39.62 -29.93 21.71
C LEU B 319 40.56 -30.98 21.14
N PHE B 320 40.05 -32.05 20.53
CA PHE B 320 40.91 -32.98 19.84
C PHE B 320 41.69 -32.30 18.72
N ALA B 321 41.21 -31.16 18.22
CA ALA B 321 41.98 -30.41 17.24
C ALA B 321 43.29 -29.90 17.83
N LEU B 322 43.28 -29.51 19.10
CA LEU B 322 44.47 -29.03 19.78
C LEU B 322 45.32 -30.19 20.29
N GLN B 323 46.59 -29.90 20.57
CA GLN B 323 47.49 -30.93 21.06
C GLN B 323 47.46 -31.04 22.58
N TYR B 324 47.47 -29.91 23.28
CA TYR B 324 47.43 -29.89 24.72
C TYR B 324 46.53 -28.77 25.21
N ILE B 325 45.91 -28.99 26.36
CA ILE B 325 45.03 -28.02 26.99
C ILE B 325 45.52 -27.79 28.41
N ARG B 326 45.71 -26.53 28.79
CA ARG B 326 46.04 -26.23 30.17
C ARG B 326 44.88 -26.62 31.08
N LYS B 327 45.22 -27.07 32.28
CA LYS B 327 44.19 -27.51 33.21
C LYS B 327 43.22 -26.38 33.54
N ILE B 328 43.68 -25.13 33.46
CA ILE B 328 42.82 -23.99 33.78
C ILE B 328 41.75 -23.83 32.72
N ASP B 329 42.11 -23.98 31.45
CA ASP B 329 41.15 -23.78 30.37
C ASP B 329 39.98 -24.75 30.49
N LEU B 330 40.21 -25.95 31.01
CA LEU B 330 39.12 -26.91 31.18
C LEU B 330 38.04 -26.38 32.10
N LYS B 331 38.38 -25.57 33.09
CA LYS B 331 37.35 -24.97 33.93
C LYS B 331 36.45 -24.04 33.12
N HIS B 332 37.00 -23.36 32.13
CA HIS B 332 36.17 -22.61 31.18
C HIS B 332 35.39 -23.55 30.27
N VAL B 333 35.96 -24.69 29.92
CA VAL B 333 35.27 -25.63 29.03
C VAL B 333 33.96 -26.08 29.65
N PHE B 334 33.97 -26.37 30.95
CA PHE B 334 32.79 -26.88 31.66
C PHE B 334 32.07 -25.78 32.42
N GLU B 335 32.20 -24.53 31.99
CA GLU B 335 31.42 -23.42 32.54
C GLU B 335 31.59 -23.32 34.05
N TYR B 336 32.82 -23.50 34.53
CA TYR B 336 33.19 -23.45 35.94
C TYR B 336 32.55 -24.56 36.75
N ASP B 337 31.95 -25.57 36.12
CA ASP B 337 31.32 -26.64 36.88
C ASP B 337 32.29 -27.38 37.78
N TYR B 338 33.58 -27.35 37.45
CA TYR B 338 34.57 -28.10 38.21
C TYR B 338 35.87 -27.30 38.27
N HIS B 339 36.70 -27.64 39.25
CA HIS B 339 38.00 -27.01 39.46
C HIS B 339 39.08 -28.03 39.12
N PHE B 340 39.49 -28.07 37.85
CA PHE B 340 40.61 -28.90 37.46
C PHE B 340 41.89 -28.34 38.06
N GLU B 341 42.76 -29.24 38.52
CA GLU B 341 43.94 -28.86 39.29
C GLU B 341 45.20 -29.35 38.59
N VAL B 342 46.30 -28.67 38.89
CA VAL B 342 47.55 -28.92 38.18
C VAL B 342 48.03 -30.35 38.38
N ASN B 343 47.70 -30.96 39.51
CA ASN B 343 48.13 -32.33 39.78
C ASN B 343 47.28 -33.35 39.06
N GLY B 344 46.15 -32.93 38.49
CA GLY B 344 45.27 -33.83 37.78
C GLY B 344 44.13 -34.31 38.64
N THR B 345 43.60 -33.42 39.48
CA THR B 345 42.50 -33.75 40.38
C THR B 345 41.34 -32.80 40.08
N VAL B 346 40.16 -33.37 39.83
CA VAL B 346 38.96 -32.58 39.58
C VAL B 346 38.24 -32.34 40.90
N VAL B 347 37.57 -31.20 41.01
CA VAL B 347 36.80 -30.85 42.20
C VAL B 347 35.53 -30.15 41.76
N ARG B 348 34.41 -30.52 42.38
CA ARG B 348 33.15 -29.86 42.08
C ARG B 348 33.21 -28.40 42.48
N HIS B 349 32.54 -27.55 41.70
CA HIS B 349 32.51 -26.12 41.97
C HIS B 349 31.35 -25.50 41.21
N LYS B 350 30.43 -24.87 41.94
CA LYS B 350 29.22 -24.27 41.40
C LYS B 350 28.60 -25.13 40.29
N ASN B 351 28.50 -26.45 40.52
CA ASN B 351 27.85 -27.36 39.56
C ASN B 351 26.40 -27.57 39.98
N LYS B 352 25.55 -28.07 39.09
CA LYS B 352 24.15 -28.30 39.43
C LYS B 352 23.59 -29.61 38.88
N GLY B 353 22.86 -30.35 39.71
CA GLY B 353 22.26 -31.62 39.31
C GLY B 353 23.19 -32.80 39.39
N PHE B 354 23.12 -33.72 38.42
CA PHE B 354 23.94 -34.96 38.38
C PHE B 354 25.42 -34.61 38.21
N GLY B 355 26.31 -35.25 38.98
CA GLY B 355 27.77 -35.05 38.85
C GLY B 355 28.31 -35.91 37.74
N TYR B 356 28.43 -35.37 36.52
CA TYR B 356 28.83 -36.14 35.35
C TYR B 356 30.31 -36.49 35.38
N MET B 357 31.14 -35.69 36.05
CA MET B 357 32.57 -36.00 36.12
C MET B 357 32.83 -37.14 37.11
N GLU B 358 32.16 -37.14 38.26
CA GLU B 358 32.28 -38.25 39.19
C GLU B 358 31.80 -39.53 38.54
N ARG B 359 30.68 -39.47 37.82
CA ARG B 359 30.20 -40.64 37.09
C ARG B 359 31.22 -41.06 36.04
N PHE B 360 31.83 -40.10 35.34
CA PHE B 360 32.82 -40.45 34.33
C PHE B 360 33.97 -41.22 34.94
N PHE B 361 34.49 -40.75 36.07
CA PHE B 361 35.63 -41.43 36.68
C PHE B 361 35.23 -42.79 37.25
N GLU B 362 34.06 -42.90 37.87
CA GLU B 362 33.58 -44.20 38.33
C GLU B 362 33.45 -45.16 37.16
N LEU B 363 32.91 -44.68 36.04
CA LEU B 363 32.78 -45.48 34.83
C LEU B 363 34.13 -45.93 34.31
N LYS B 364 35.13 -45.04 34.33
CA LYS B 364 36.45 -45.40 33.82
C LYS B 364 37.10 -46.45 34.71
N GLU B 365 36.92 -46.33 36.04
CA GLU B 365 37.55 -47.30 36.94
C GLU B 365 36.98 -48.70 36.75
N SER B 366 35.66 -48.83 36.59
CA SER B 366 34.99 -50.12 36.53
C SER B 366 34.74 -50.51 35.08
N CYS B 367 35.24 -51.67 34.66
CA CYS B 367 35.12 -52.08 33.27
C CYS B 367 33.70 -52.56 32.92
N ASP B 368 33.05 -53.30 33.80
CA ASP B 368 31.73 -53.83 33.48
C ASP B 368 30.73 -52.70 33.23
N GLU B 369 30.77 -51.65 34.05
CA GLU B 369 29.93 -50.50 33.80
C GLU B 369 30.15 -49.95 32.39
N ARG B 370 31.40 -49.95 31.93
CA ARG B 370 31.68 -49.54 30.57
C ARG B 370 31.05 -50.52 29.58
N SER B 371 31.10 -51.81 29.88
CA SER B 371 30.47 -52.80 29.01
C SER B 371 28.98 -52.51 28.85
N LYS B 372 28.34 -51.98 29.89
CA LYS B 372 26.92 -51.66 29.79
C LYS B 372 26.67 -50.59 28.73
N LEU B 373 27.59 -49.64 28.59
CA LEU B 373 27.36 -48.47 27.74
C LEU B 373 27.12 -48.88 26.30
N SER B 374 26.36 -48.06 25.58
CA SER B 374 26.12 -48.29 24.16
C SER B 374 27.43 -48.30 23.39
N LYS B 375 27.40 -48.94 22.22
CA LYS B 375 28.61 -49.10 21.42
C LYS B 375 29.17 -47.74 21.00
N LYS B 376 28.33 -46.88 20.42
CA LYS B 376 28.80 -45.56 20.02
C LYS B 376 29.32 -44.78 21.20
N GLN B 377 28.56 -44.80 22.30
CA GLN B 377 29.04 -44.17 23.53
C GLN B 377 30.29 -44.86 24.06
N TYR B 378 30.47 -46.15 23.79
CA TYR B 378 31.71 -46.81 24.20
C TYR B 378 32.91 -46.24 23.44
N GLU B 379 32.78 -46.08 22.12
CA GLU B 379 33.88 -45.48 21.36
C GLU B 379 34.12 -44.04 21.78
N ARG B 380 33.05 -43.28 22.03
CA ARG B 380 33.21 -41.92 22.53
C ARG B 380 33.91 -41.92 23.88
N PHE B 381 33.61 -42.88 24.74
CA PHE B 381 34.31 -42.99 26.01
C PHE B 381 35.79 -43.28 25.80
N ASN B 382 36.13 -44.13 24.83
CA ASN B 382 37.52 -44.41 24.58
C ASN B 382 38.23 -43.15 24.12
N ALA B 383 37.59 -42.37 23.26
CA ALA B 383 38.18 -41.10 22.83
C ALA B 383 38.42 -40.18 24.03
N LEU B 384 37.39 -40.01 24.86
CA LEU B 384 37.53 -39.13 26.02
C LEU B 384 38.56 -39.65 27.01
N PHE B 385 38.65 -40.98 27.15
CA PHE B 385 39.63 -41.56 28.05
C PHE B 385 41.04 -41.26 27.59
N ASN B 386 41.30 -41.40 26.30
CA ASN B 386 42.60 -41.08 25.78
C ASN B 386 42.88 -39.60 25.94
N PHE B 387 41.89 -38.75 25.68
CA PHE B 387 42.10 -37.31 25.81
C PHE B 387 42.45 -36.93 27.24
N PHE B 388 41.65 -37.39 28.21
CA PHE B 388 41.90 -37.05 29.60
C PHE B 388 43.23 -37.61 30.09
N GLU B 389 43.56 -38.84 29.68
CA GLU B 389 44.84 -39.42 30.06
C GLU B 389 46.00 -38.57 29.53
N LYS B 390 45.89 -38.13 28.27
CA LYS B 390 46.96 -37.36 27.66
C LYS B 390 47.17 -36.03 28.38
N ASN B 391 46.09 -35.37 28.78
CA ASN B 391 46.17 -34.06 29.41
C ASN B 391 46.33 -34.17 30.91
N GLY B 392 46.55 -35.35 31.45
CA GLY B 392 46.88 -35.49 32.85
C GLY B 392 45.73 -35.27 33.83
N VAL B 393 44.50 -35.47 33.39
CA VAL B 393 43.34 -35.44 34.28
C VAL B 393 43.09 -36.88 34.72
N ILE B 394 43.27 -37.14 36.01
CA ILE B 394 43.28 -38.51 36.53
C ILE B 394 41.96 -38.86 37.20
N CYS B 395 41.61 -38.16 38.28
CA CYS B 395 40.41 -38.50 39.02
C CYS B 395 39.96 -37.38 39.93
N MET B 396 38.95 -37.61 40.76
CA MET B 396 38.44 -36.61 41.68
C MET B 396 39.35 -36.50 42.88
N ALA B 397 39.23 -35.36 43.59
CA ALA B 397 40.12 -35.09 44.71
C ALA B 397 39.98 -36.13 45.81
N LYS B 398 38.74 -36.50 46.15
CA LYS B 398 38.53 -37.49 47.20
C LYS B 398 39.14 -38.83 46.82
N ASP B 399 38.98 -39.25 45.57
CA ASP B 399 39.55 -40.50 45.09
C ASP B 399 41.04 -40.39 44.82
N ALA B 400 41.62 -39.19 44.87
CA ALA B 400 43.01 -38.98 44.51
C ALA B 400 43.92 -39.55 45.60
N GLY B 401 45.22 -39.31 45.46
CA GLY B 401 46.20 -39.85 46.38
C GLY B 401 47.60 -39.41 46.02
N THR B 402 48.56 -40.35 46.00
CA THR B 402 49.94 -40.05 45.64
C THR B 402 50.03 -39.86 44.12
N LEU B 403 49.56 -38.70 43.68
CA LEU B 403 49.58 -38.35 42.26
C LEU B 403 50.94 -37.77 41.90
N ASN B 404 51.66 -38.48 41.04
CA ASN B 404 52.95 -37.98 40.57
C ASN B 404 52.71 -37.11 39.37
N THR B 405 53.53 -36.06 39.23
CA THR B 405 53.45 -35.14 38.10
C THR B 405 54.81 -35.07 37.42
N SER B 406 54.83 -35.42 36.13
CA SER B 406 56.05 -35.38 35.34
C SER B 406 55.73 -34.65 34.04
N ILE B 407 56.28 -33.46 33.87
CA ILE B 407 56.08 -32.69 32.66
C ILE B 407 56.82 -33.37 31.51
N GLU B 408 56.22 -33.33 30.32
CA GLU B 408 56.86 -33.90 29.14
C GLU B 408 56.35 -33.12 27.93
N ILE B 409 57.16 -32.18 27.47
CA ILE B 409 56.84 -31.38 26.30
C ILE B 409 57.48 -32.07 25.09
N ASN B 410 56.61 -32.48 24.16
CA ASN B 410 57.06 -33.16 22.97
C ASN B 410 57.03 -32.18 21.85
N SER B 411 58.13 -31.47 21.66
CA SER B 411 58.24 -30.51 20.57
C SER B 411 59.71 -30.27 20.28
N LEU B 412 60.12 -30.49 19.03
CA LEU B 412 61.50 -30.25 18.64
C LEU B 412 61.91 -28.80 18.86
N ALA B 413 60.96 -27.87 18.74
CA ALA B 413 61.26 -26.46 18.98
C ALA B 413 61.72 -26.26 20.42
N TYR B 414 60.99 -26.83 21.37
CA TYR B 414 61.36 -26.67 22.78
C TYR B 414 62.71 -27.28 23.08
N HIS B 415 62.98 -28.49 22.58
CA HIS B 415 64.23 -29.18 22.83
C HIS B 415 65.38 -28.65 21.98
N GLY B 416 65.11 -27.77 21.03
CA GLY B 416 66.14 -27.20 20.20
C GLY B 416 66.79 -28.21 19.28
N LYS B 417 65.99 -29.06 18.65
CA LYS B 417 66.49 -30.02 17.66
C LYS B 417 66.41 -29.34 16.30
N TYR B 418 67.39 -28.46 16.06
CA TYR B 418 67.35 -27.60 14.88
C TYR B 418 67.46 -28.42 13.60
N ASP B 419 68.36 -29.42 13.57
CA ASP B 419 68.53 -30.24 12.38
C ASP B 419 67.25 -31.00 12.06
N VAL B 420 66.59 -31.56 13.08
CA VAL B 420 65.35 -32.28 12.84
C VAL B 420 64.28 -31.33 12.33
N MET B 421 64.22 -30.12 12.87
CA MET B 421 63.24 -29.14 12.38
C MET B 421 63.49 -28.81 10.92
N LYS B 422 64.75 -28.60 10.53
CA LYS B 422 65.05 -28.31 9.14
C LYS B 422 64.68 -29.49 8.23
N LYS B 423 65.02 -30.70 8.65
CA LYS B 423 64.68 -31.87 7.85
C LYS B 423 63.17 -31.98 7.68
N PHE B 424 62.42 -31.77 8.76
CA PHE B 424 60.96 -31.78 8.65
C PHE B 424 60.48 -30.70 7.69
N ILE B 425 61.10 -29.53 7.73
CA ILE B 425 60.71 -28.46 6.83
C ILE B 425 60.91 -28.86 5.38
N GLU B 426 62.02 -29.54 5.07
CA GLU B 426 62.26 -29.96 3.69
C GLU B 426 61.23 -30.97 3.24
N GLU B 427 60.74 -31.81 4.15
CA GLU B 427 59.78 -32.85 3.80
C GLU B 427 58.50 -32.22 3.27
N GLN B 428 57.87 -32.89 2.29
CA GLN B 428 56.68 -32.36 1.64
C GLN B 428 55.45 -32.59 2.52
N SER B 429 54.77 -31.50 2.86
CA SER B 429 53.65 -31.57 3.79
C SER B 429 52.50 -32.40 3.21
N VAL B 430 51.75 -33.04 4.09
CA VAL B 430 50.58 -33.81 3.70
C VAL B 430 49.29 -33.06 4.00
N SER B 431 49.04 -32.75 5.27
CA SER B 431 47.83 -32.08 5.71
C SER B 431 48.13 -30.62 6.00
N ILE B 432 47.12 -29.91 6.51
CA ILE B 432 47.29 -28.52 6.91
C ILE B 432 47.95 -28.38 8.27
N GLU B 433 47.77 -29.36 9.15
CA GLU B 433 48.47 -29.35 10.43
C GLU B 433 49.98 -29.45 10.24
N ASP B 434 50.43 -30.24 9.28
CA ASP B 434 51.86 -30.28 8.96
C ASP B 434 52.35 -28.91 8.52
N ASP B 435 51.56 -28.20 7.70
CA ASP B 435 51.94 -26.85 7.29
C ASP B 435 52.02 -25.92 8.49
N TYR B 436 51.07 -26.03 9.42
CA TYR B 436 51.08 -25.19 10.61
C TYR B 436 52.34 -25.44 11.44
N LYS B 437 52.66 -26.70 11.71
CA LYS B 437 53.86 -27.02 12.47
C LYS B 437 55.10 -26.58 11.72
N LYS B 438 55.11 -26.70 10.39
CA LYS B 438 56.26 -26.27 9.61
C LYS B 438 56.44 -24.77 9.68
N ALA B 439 55.34 -24.01 9.66
CA ALA B 439 55.44 -22.56 9.80
C ALA B 439 56.03 -22.19 11.15
N PHE B 440 55.57 -22.85 12.22
CA PHE B 440 56.14 -22.59 13.53
C PHE B 440 57.62 -22.92 13.57
N PHE B 441 58.01 -24.05 12.98
CA PHE B 441 59.43 -24.42 12.95
C PHE B 441 60.25 -23.40 12.17
N LEU B 442 59.71 -22.93 11.04
CA LEU B 442 60.39 -21.89 10.28
C LEU B 442 60.60 -20.65 11.12
N ALA B 443 59.56 -20.22 11.83
CA ALA B 443 59.69 -19.04 12.69
C ALA B 443 60.75 -19.25 13.76
N CYS B 444 60.76 -20.43 14.37
CA CYS B 444 61.76 -20.73 15.39
C CYS B 444 63.17 -20.71 14.81
N LEU B 445 63.30 -21.10 13.55
CA LEU B 445 64.61 -21.13 12.89
C LEU B 445 64.99 -19.79 12.28
N GLY B 446 64.17 -18.76 12.45
CA GLY B 446 64.48 -17.42 12.00
C GLY B 446 63.96 -17.07 10.62
N ARG B 447 63.54 -18.05 9.83
CA ARG B 447 63.04 -17.78 8.48
C ARG B 447 61.63 -17.20 8.59
N TRP B 448 61.58 -15.95 9.05
CA TRP B 448 60.31 -15.28 9.30
C TRP B 448 59.55 -14.95 8.02
N GLU B 449 60.25 -14.65 6.92
CA GLU B 449 59.57 -14.41 5.65
C GLU B 449 58.82 -15.66 5.19
N GLU B 450 59.51 -16.82 5.21
CA GLU B 450 58.86 -18.05 4.81
C GLU B 450 57.72 -18.40 5.76
N SER B 451 57.90 -18.13 7.06
CA SER B 451 56.84 -18.38 8.02
C SER B 451 55.61 -17.54 7.70
N TYR B 452 55.81 -16.27 7.38
CA TYR B 452 54.67 -15.41 7.02
C TYR B 452 53.98 -15.93 5.77
N ASP B 453 54.75 -16.30 4.76
CA ASP B 453 54.15 -16.81 3.52
C ASP B 453 53.34 -18.07 3.80
N LEU B 454 53.91 -19.00 4.57
CA LEU B 454 53.24 -20.27 4.81
C LEU B 454 52.00 -20.07 5.68
N TYR B 455 52.05 -19.13 6.62
CA TYR B 455 50.86 -18.83 7.41
C TYR B 455 49.76 -18.23 6.55
N SER B 456 50.13 -17.38 5.60
CA SER B 456 49.13 -16.86 4.66
C SER B 456 48.50 -17.99 3.86
N ASN B 457 49.31 -18.91 3.37
CA ASN B 457 48.80 -20.04 2.63
C ASN B 457 47.83 -20.80 3.50
N ILE B 458 48.25 -21.12 4.71
CA ILE B 458 47.42 -21.91 5.61
C ILE B 458 46.09 -21.23 5.85
N ILE B 459 46.11 -19.91 6.06
CA ILE B 459 44.86 -19.19 6.24
C ILE B 459 43.98 -19.35 5.01
N LEU B 460 44.55 -19.17 3.82
CA LEU B 460 43.77 -19.24 2.59
C LEU B 460 43.12 -20.61 2.43
N ASN B 461 43.84 -21.67 2.74
CA ASN B 461 43.31 -23.00 2.54
C ASN B 461 42.34 -23.38 3.66
N SER B 462 42.61 -22.96 4.88
CA SER B 462 41.81 -23.40 6.02
C SER B 462 40.48 -22.67 6.07
N ILE B 463 40.39 -21.45 5.53
CA ILE B 463 39.09 -20.80 5.47
C ILE B 463 38.14 -21.64 4.62
N ASP B 464 38.66 -22.25 3.55
CA ASP B 464 37.83 -23.12 2.72
C ASP B 464 37.59 -24.47 3.40
N GLU B 465 38.59 -24.97 4.13
CA GLU B 465 38.48 -26.29 4.73
C GLU B 465 37.67 -26.30 6.02
N SER B 466 37.17 -25.15 6.47
CA SER B 466 36.32 -25.08 7.66
C SER B 466 37.05 -25.63 8.89
N ASN B 467 38.34 -25.26 9.00
CA ASN B 467 39.16 -25.64 10.17
C ASN B 467 39.29 -24.39 11.01
N GLY B 468 38.32 -24.10 11.87
CA GLY B 468 38.33 -22.87 12.64
C GLY B 468 39.57 -22.72 13.50
N CYS B 469 39.99 -23.81 14.14
CA CYS B 469 41.13 -23.74 15.02
C CYS B 469 42.38 -23.36 14.25
N VAL B 470 42.68 -24.04 13.16
CA VAL B 470 43.89 -23.76 12.40
C VAL B 470 43.84 -22.35 11.83
N TYR B 471 42.67 -21.95 11.34
CA TYR B 471 42.47 -20.60 10.76
C TYR B 471 42.76 -19.53 11.82
N TYR B 472 42.26 -19.70 13.04
CA TYR B 472 42.43 -18.73 14.12
C TYR B 472 43.87 -18.66 14.58
N LEU B 473 44.47 -19.83 14.84
CA LEU B 473 45.84 -19.84 15.34
C LEU B 473 46.83 -19.37 14.29
N SER B 474 46.59 -19.66 13.01
CA SER B 474 47.47 -19.16 11.96
C SER B 474 47.35 -17.65 11.82
N GLN B 475 46.14 -17.11 11.94
CA GLN B 475 45.98 -15.66 11.96
C GLN B 475 46.80 -15.04 13.07
N ILE B 476 46.65 -15.57 14.30
CA ILE B 476 47.36 -15.00 15.43
C ILE B 476 48.87 -15.11 15.25
N ASN B 477 49.34 -16.24 14.74
CA ASN B 477 50.77 -16.43 14.61
C ASN B 477 51.32 -15.61 13.49
N ARG B 478 50.56 -15.34 12.43
CA ARG B 478 51.01 -14.41 11.40
C ARG B 478 51.11 -13.00 11.97
N TYR B 479 50.13 -12.59 12.77
CA TYR B 479 50.23 -11.26 13.36
C TYR B 479 51.45 -11.15 14.27
N ARG B 480 51.72 -12.19 15.05
CA ARG B 480 52.89 -12.17 15.94
C ARG B 480 54.19 -12.15 15.14
N ILE B 481 54.30 -12.92 14.07
CA ILE B 481 55.52 -12.91 13.27
C ILE B 481 55.67 -11.55 12.59
N TYR B 482 54.57 -10.92 12.19
CA TYR B 482 54.64 -9.58 11.63
C TYR B 482 55.15 -8.57 12.65
N GLN B 483 54.65 -8.66 13.89
CA GLN B 483 55.15 -7.77 14.94
C GLN B 483 56.64 -8.01 15.17
N SER B 484 57.05 -9.27 15.21
CA SER B 484 58.47 -9.57 15.42
C SER B 484 59.31 -9.02 14.27
N ILE B 485 58.83 -9.16 13.04
CA ILE B 485 59.57 -8.64 11.88
C ILE B 485 59.72 -7.13 11.99
N THR B 486 58.63 -6.44 12.34
CA THR B 486 58.68 -4.99 12.45
C THR B 486 59.68 -4.56 13.52
N GLN B 487 59.59 -5.15 14.71
CA GLN B 487 60.53 -4.79 15.76
C GLN B 487 61.96 -5.15 15.38
N ALA B 488 62.14 -6.23 14.62
CA ALA B 488 63.48 -6.64 14.20
C ALA B 488 64.07 -5.63 13.24
N VAL B 489 63.30 -5.16 12.26
CA VAL B 489 63.83 -4.17 11.33
C VAL B 489 64.11 -2.87 12.07
N THR B 490 63.24 -2.50 13.01
CA THR B 490 63.50 -1.31 13.81
C THR B 490 64.83 -1.43 14.55
N GLN B 491 65.05 -2.55 15.24
CA GLN B 491 66.28 -2.73 15.98
C GLN B 491 67.49 -2.75 15.05
N PHE B 492 67.36 -3.40 13.89
CA PHE B 492 68.50 -3.53 13.00
C PHE B 492 68.90 -2.17 12.42
N ASN B 493 67.93 -1.43 11.93
CA ASN B 493 68.22 -0.12 11.37
C ASN B 493 68.75 0.81 12.45
N GLY B 494 68.13 0.81 13.62
CA GLY B 494 68.56 1.70 14.69
C GLY B 494 69.96 1.39 15.19
N LEU B 495 70.22 0.12 15.52
CA LEU B 495 71.47 -0.26 16.16
C LEU B 495 72.15 -1.49 15.57
N GLY B 496 71.44 -2.32 14.80
CA GLY B 496 72.03 -3.56 14.32
C GLY B 496 73.31 -3.32 13.53
N LEU B 497 73.28 -2.33 12.64
CA LEU B 497 74.47 -2.00 11.86
C LEU B 497 75.64 -1.64 12.78
N LEU B 498 75.35 -1.02 13.92
CA LEU B 498 76.41 -0.61 14.84
C LEU B 498 77.00 -1.80 15.57
N THR B 499 76.16 -2.53 16.31
CA THR B 499 76.66 -3.64 17.12
C THR B 499 77.26 -4.73 16.23
N PHE B 500 76.64 -5.03 15.10
CA PHE B 500 77.17 -6.04 14.19
C PHE B 500 78.37 -5.53 13.39
N GLY B 501 78.60 -4.23 13.36
CA GLY B 501 79.68 -3.66 12.58
C GLY B 501 79.37 -3.48 11.12
N ARG B 502 78.18 -3.88 10.68
CA ARG B 502 77.77 -3.69 9.29
C ARG B 502 76.27 -3.79 9.23
N HIS B 503 75.64 -3.07 8.30
CA HIS B 503 74.19 -3.09 8.17
C HIS B 503 73.72 -4.39 7.55
N TYR B 504 72.66 -4.95 8.12
CA TYR B 504 72.00 -6.13 7.59
C TYR B 504 70.59 -5.74 7.13
N LYS B 505 70.21 -6.22 5.95
CA LYS B 505 68.87 -6.01 5.41
C LYS B 505 68.19 -7.38 5.34
N PRO B 506 67.80 -7.94 6.50
CA PRO B 506 67.24 -9.30 6.48
C PRO B 506 66.01 -9.44 5.60
N PHE B 507 65.22 -8.38 5.47
CA PHE B 507 63.97 -8.42 4.72
C PHE B 507 64.05 -7.43 3.57
N THR B 508 63.73 -7.89 2.36
CA THR B 508 63.67 -7.00 1.22
C THR B 508 62.61 -5.93 1.44
N ASP B 509 62.93 -4.69 1.06
CA ASP B 509 61.98 -3.60 1.23
C ASP B 509 60.66 -3.88 0.53
N GLU B 510 60.68 -4.64 -0.57
CA GLU B 510 59.42 -5.04 -1.19
C GLU B 510 58.60 -5.92 -0.25
N PHE B 511 59.25 -6.87 0.43
CA PHE B 511 58.53 -7.73 1.37
C PHE B 511 57.98 -6.92 2.54
N LEU B 512 58.79 -5.99 3.06
CA LEU B 512 58.32 -5.17 4.17
C LEU B 512 57.13 -4.33 3.75
N ALA B 513 57.19 -3.74 2.55
CA ALA B 513 56.05 -2.98 2.05
C ALA B 513 54.82 -3.88 1.90
N ARG B 514 55.01 -5.09 1.40
CA ARG B 514 53.90 -6.01 1.20
C ARG B 514 53.23 -6.34 2.53
N ILE B 515 54.02 -6.69 3.54
CA ILE B 515 53.43 -7.05 4.82
C ILE B 515 52.79 -5.84 5.48
N GLU B 516 53.42 -4.66 5.38
CA GLU B 516 52.84 -3.47 5.97
C GLU B 516 51.51 -3.14 5.31
N ARG B 517 51.41 -3.36 3.99
CA ARG B 517 50.15 -3.13 3.29
C ARG B 517 49.10 -4.18 3.65
N GLU B 518 49.52 -5.43 3.85
CA GLU B 518 48.57 -6.49 4.17
C GLU B 518 47.97 -6.31 5.56
N MET B 519 48.80 -5.93 6.53
CA MET B 519 48.36 -5.80 7.91
C MET B 519 47.87 -4.40 8.25
N THR B 520 47.38 -3.66 7.25
CA THR B 520 46.84 -2.33 7.51
C THR B 520 45.50 -2.45 8.22
N ASN B 521 45.35 -1.75 9.34
CA ASN B 521 44.07 -1.73 10.07
C ASN B 521 43.68 -3.08 10.66
N PHE B 522 44.55 -4.08 10.56
CA PHE B 522 44.23 -5.40 11.09
C PHE B 522 44.38 -5.34 12.61
N ASN B 523 43.25 -5.27 13.31
CA ASN B 523 43.27 -5.28 14.77
C ASN B 523 42.98 -6.70 15.21
N ILE B 524 43.85 -7.26 16.03
CA ILE B 524 43.71 -8.64 16.47
C ILE B 524 42.50 -8.82 17.37
N ASP B 525 42.02 -7.75 18.01
CA ASP B 525 40.95 -7.89 18.98
C ASP B 525 39.68 -8.41 18.34
N ASP B 526 39.33 -7.92 17.16
CA ASP B 526 38.10 -8.34 16.50
C ASP B 526 38.17 -9.75 15.92
N LEU B 527 39.37 -10.35 15.89
CA LEU B 527 39.53 -11.66 15.25
C LEU B 527 38.58 -12.69 15.86
N PHE B 528 38.61 -12.84 17.17
CA PHE B 528 37.75 -13.83 17.82
C PHE B 528 36.27 -13.45 17.68
N ASN B 529 35.98 -12.16 17.80
CA ASN B 529 34.58 -11.71 17.78
C ASN B 529 33.94 -11.81 16.41
N GLY B 530 34.74 -11.93 15.35
CA GLY B 530 34.21 -12.04 14.00
C GLY B 530 34.14 -13.47 13.52
N MET B 531 34.44 -14.42 14.40
CA MET B 531 34.45 -15.82 14.05
C MET B 531 33.03 -16.38 14.03
N PRO B 532 32.85 -17.56 13.42
CA PRO B 532 31.55 -18.24 13.51
C PRO B 532 31.17 -18.48 14.97
N PHE B 533 29.89 -18.28 15.29
CA PHE B 533 29.47 -18.48 16.66
C PHE B 533 29.68 -19.92 17.12
N GLU B 534 29.71 -20.88 16.19
CA GLU B 534 30.06 -22.24 16.56
C GLU B 534 31.48 -22.31 17.12
N PHE B 535 32.45 -21.77 16.39
CA PHE B 535 33.83 -21.76 16.88
C PHE B 535 33.94 -20.92 18.14
N GLN B 536 33.29 -19.76 18.17
CA GLN B 536 33.35 -18.90 19.35
C GLN B 536 32.80 -19.61 20.58
N LYS B 537 31.82 -20.50 20.40
CA LYS B 537 31.29 -21.25 21.53
C LYS B 537 32.23 -22.39 21.93
N LYS B 538 32.64 -23.21 20.97
CA LYS B 538 33.45 -24.38 21.29
C LYS B 538 34.84 -23.99 21.77
N TYR B 539 35.50 -23.08 21.08
CA TYR B 539 36.91 -22.77 21.29
C TYR B 539 37.10 -21.47 22.05
N LYS B 540 36.23 -21.18 23.03
CA LYS B 540 36.39 -19.98 23.82
C LYS B 540 37.72 -19.93 24.54
N ILE B 541 38.28 -21.09 24.90
CA ILE B 541 39.53 -21.12 25.64
C ILE B 541 40.70 -20.50 24.88
N LEU B 542 40.55 -20.28 23.58
CA LEU B 542 41.60 -19.66 22.78
C LEU B 542 41.45 -18.14 22.68
N GLU B 543 40.36 -17.57 23.19
CA GLU B 543 40.15 -16.13 23.06
C GLU B 543 41.29 -15.35 23.71
N PHE B 544 41.86 -15.88 24.80
CA PHE B 544 42.96 -15.18 25.45
C PHE B 544 44.18 -15.02 24.56
N LEU B 545 44.36 -15.92 23.58
CA LEU B 545 45.54 -15.84 22.73
C LEU B 545 45.57 -14.54 21.92
N SER B 546 44.43 -14.13 21.37
CA SER B 546 44.37 -12.90 20.61
C SER B 546 44.59 -11.67 21.48
N ASP B 547 44.19 -11.72 22.75
CA ASP B 547 44.30 -10.57 23.62
C ASP B 547 45.75 -10.13 23.75
N ASN B 548 45.96 -8.82 23.81
CA ASN B 548 47.33 -8.28 23.87
C ASN B 548 48.23 -8.98 24.89
N GLN B 549 47.67 -9.39 26.03
CA GLN B 549 48.49 -10.02 27.04
C GLN B 549 47.67 -11.05 27.79
N PHE B 550 48.36 -12.06 28.30
CA PHE B 550 47.77 -13.02 29.23
C PHE B 550 48.81 -13.29 30.31
N LEU B 551 48.57 -14.33 31.12
CA LEU B 551 49.43 -14.66 32.26
C LEU B 551 49.28 -13.66 33.39
N TYR B 552 48.46 -12.62 33.22
CA TYR B 552 48.37 -11.60 34.26
C TYR B 552 47.80 -12.15 35.55
N ASP B 553 46.88 -13.11 35.48
CA ASP B 553 46.44 -13.79 36.68
C ASP B 553 47.52 -14.73 37.20
N ASP B 554 48.34 -15.29 36.30
CA ASP B 554 49.47 -16.10 36.75
C ASP B 554 50.59 -15.24 37.31
N THR B 555 50.82 -14.07 36.71
CA THR B 555 51.83 -13.16 37.25
C THR B 555 51.43 -12.61 38.61
N VAL B 556 50.19 -12.15 38.74
CA VAL B 556 49.71 -11.62 40.02
C VAL B 556 49.66 -12.67 41.11
N LYS B 557 49.64 -13.96 40.75
CA LYS B 557 49.66 -15.03 41.72
C LYS B 557 51.06 -15.41 42.17
N LEU B 558 52.09 -14.75 41.65
CA LEU B 558 53.45 -14.97 42.09
C LEU B 558 53.74 -14.31 43.43
N PHE B 559 52.86 -13.42 43.90
CA PHE B 559 53.07 -12.78 45.19
C PHE B 559 53.11 -13.78 46.34
N GLU B 560 52.42 -14.92 46.20
CA GLU B 560 52.45 -15.92 47.25
C GLU B 560 53.84 -16.46 47.51
N LEU B 561 54.76 -16.31 46.57
CA LEU B 561 56.15 -16.69 46.77
C LEU B 561 56.96 -15.62 47.49
N THR B 562 56.38 -14.43 47.70
CA THR B 562 57.04 -13.35 48.43
C THR B 562 56.54 -13.24 49.86
N ASN B 563 55.80 -14.25 50.31
CA ASN B 563 55.27 -14.24 51.66
C ASN B 563 56.37 -14.57 52.64
N LYS B 564 56.43 -13.86 53.76
CA LYS B 564 57.39 -14.15 54.82
C LYS B 564 56.77 -14.93 55.96
N VAL B 565 55.45 -14.82 56.16
CA VAL B 565 54.79 -15.56 57.23
C VAL B 565 54.86 -17.05 56.98
N ARG B 566 54.88 -17.45 55.70
CA ARG B 566 54.88 -18.87 55.37
C ARG B 566 56.07 -19.60 55.97
N SER B 567 57.26 -19.01 55.86
CA SER B 567 58.45 -19.66 56.41
C SER B 567 58.33 -19.83 57.91
N GLU B 568 57.87 -18.79 58.61
CA GLU B 568 57.59 -18.93 60.04
C GLU B 568 56.46 -19.93 60.26
N MET B 569 55.39 -19.82 59.48
CA MET B 569 54.27 -20.75 59.59
C MET B 569 53.51 -20.69 58.26
N SER B 570 53.58 -21.78 57.49
CA SER B 570 52.88 -21.90 56.23
C SER B 570 51.72 -22.86 56.38
N GLU B 571 50.53 -22.42 55.97
CA GLU B 571 49.37 -23.31 55.99
C GLU B 571 49.54 -24.47 55.03
N GLY B 572 50.26 -24.26 53.92
CA GLY B 572 50.33 -25.27 52.88
C GLY B 572 48.99 -25.56 52.26
N SER B 573 48.04 -24.64 52.36
CA SER B 573 46.68 -24.84 51.91
C SER B 573 46.44 -24.33 50.49
N TYR B 574 47.49 -23.86 49.81
CA TYR B 574 47.33 -23.50 48.40
C TYR B 574 46.84 -24.69 47.60
N SER B 575 47.19 -25.91 48.02
CA SER B 575 46.67 -27.12 47.43
C SER B 575 47.06 -28.30 48.30
N PHE B 576 46.12 -29.22 48.49
CA PHE B 576 46.38 -30.42 49.28
C PHE B 576 47.54 -31.20 48.68
N GLY B 577 48.42 -31.70 49.54
CA GLY B 577 49.60 -32.42 49.07
C GLY B 577 50.49 -31.58 48.19
N MET B 578 50.39 -30.26 48.29
CA MET B 578 51.13 -29.34 47.43
C MET B 578 51.38 -28.06 48.23
N SER B 579 51.82 -27.02 47.54
CA SER B 579 52.05 -25.72 48.15
C SER B 579 52.00 -24.67 47.06
N SER B 580 52.34 -23.43 47.42
CA SER B 580 52.43 -22.38 46.40
C SER B 580 53.54 -22.70 45.41
N ASP B 581 54.66 -23.23 45.89
CA ASP B 581 55.79 -23.54 45.02
C ASP B 581 55.39 -24.56 43.95
N ILE B 582 54.79 -25.68 44.39
CA ILE B 582 54.44 -26.73 43.45
C ILE B 582 53.39 -26.24 42.45
N VAL B 583 52.38 -25.52 42.94
CA VAL B 583 51.34 -25.03 42.06
C VAL B 583 51.91 -24.07 41.03
N VAL B 584 52.79 -23.16 41.47
CA VAL B 584 53.39 -22.21 40.54
C VAL B 584 54.22 -22.94 39.49
N LEU B 585 55.03 -23.91 39.91
CA LEU B 585 55.87 -24.62 38.96
C LEU B 585 55.02 -25.39 37.94
N LEU B 586 53.98 -26.06 38.42
CA LEU B 586 53.15 -26.85 37.50
C LEU B 586 52.33 -25.93 36.59
N ARG B 587 51.93 -24.77 37.07
CA ARG B 587 51.26 -23.80 36.20
C ARG B 587 52.20 -23.29 35.12
N LEU B 588 53.46 -23.01 35.49
CA LEU B 588 54.46 -22.61 34.51
C LEU B 588 54.64 -23.70 33.46
N TYR B 589 54.76 -24.95 33.88
CA TYR B 589 54.89 -26.04 32.93
C TYR B 589 53.64 -26.19 32.07
N ASP B 590 52.46 -25.98 32.64
CA ASP B 590 51.24 -26.02 31.83
C ASP B 590 51.29 -24.98 30.73
N ASN B 591 51.64 -23.75 31.07
CA ASN B 591 51.69 -22.69 30.08
C ASN B 591 52.74 -22.99 29.02
N LEU B 592 53.91 -23.46 29.44
CA LEU B 592 55.00 -23.74 28.50
C LEU B 592 54.62 -24.87 27.55
N ARG B 593 54.07 -25.96 28.08
CA ARG B 593 53.66 -27.07 27.23
C ARG B 593 52.54 -26.68 26.29
N PHE B 594 51.56 -25.90 26.77
CA PHE B 594 50.46 -25.51 25.91
C PHE B 594 50.95 -24.66 24.75
N LEU B 595 51.87 -23.73 25.02
CA LEU B 595 52.33 -22.86 23.94
C LEU B 595 53.29 -23.56 22.99
N TYR B 596 54.21 -24.38 23.50
CA TYR B 596 55.17 -25.04 22.62
C TYR B 596 54.57 -26.22 21.86
N GLU B 597 53.62 -26.92 22.47
CA GLU B 597 53.04 -28.11 21.83
C GLU B 597 51.96 -27.74 20.82
N ASN B 598 51.31 -26.58 21.03
CA ASN B 598 50.30 -26.10 20.06
C ASN B 598 50.99 -25.19 19.05
N CYS B 599 52.30 -25.00 19.16
CA CYS B 599 53.08 -24.26 18.17
C CYS B 599 52.57 -22.84 18.00
N LEU B 600 52.59 -22.10 19.11
CA LEU B 600 52.20 -20.70 19.14
C LEU B 600 53.45 -19.84 19.24
N TRP B 601 53.53 -18.81 18.40
CA TRP B 601 54.73 -17.98 18.33
C TRP B 601 54.92 -17.11 19.56
N SER B 602 53.89 -16.95 20.39
CA SER B 602 54.01 -16.09 21.57
C SER B 602 55.11 -16.55 22.52
N VAL B 603 55.63 -17.77 22.34
CA VAL B 603 56.74 -18.23 23.17
C VAL B 603 57.95 -17.33 23.01
N SER B 604 58.05 -16.62 21.88
CA SER B 604 59.24 -15.83 21.59
C SER B 604 59.16 -14.40 22.10
N PHE B 605 58.01 -13.97 22.64
CA PHE B 605 57.83 -12.57 22.94
C PHE B 605 58.41 -12.22 24.31
N HIS B 606 58.53 -10.91 24.56
CA HIS B 606 59.12 -10.45 25.81
C HIS B 606 58.21 -10.69 27.01
N GLU B 607 56.89 -10.62 26.81
CA GLU B 607 55.98 -10.85 27.92
C GLU B 607 56.18 -12.24 28.53
N PHE B 608 56.22 -13.26 27.69
CA PHE B 608 56.39 -14.63 28.18
C PHE B 608 57.77 -14.83 28.80
N HIS B 609 58.80 -14.26 28.19
CA HIS B 609 60.14 -14.37 28.75
C HIS B 609 60.21 -13.74 30.13
N GLN B 610 59.62 -12.55 30.30
CA GLN B 610 59.61 -11.91 31.60
C GLN B 610 58.77 -12.70 32.60
N TYR B 611 57.68 -13.30 32.14
CA TYR B 611 56.87 -14.15 33.02
C TYR B 611 57.72 -15.29 33.58
N ILE B 612 58.45 -15.97 32.72
CA ILE B 612 59.26 -17.10 33.19
C ILE B 612 60.38 -16.61 34.08
N ARG B 613 61.00 -15.48 33.73
CA ARG B 613 62.04 -14.91 34.58
C ARG B 613 61.50 -14.68 35.99
N ASN B 614 60.36 -14.00 36.08
CA ASN B 614 59.77 -13.71 37.37
C ASN B 614 59.43 -14.98 38.13
N SER B 615 58.79 -15.94 37.47
CA SER B 615 58.37 -17.15 38.17
C SER B 615 59.56 -17.93 38.70
N MET B 616 60.56 -18.18 37.85
CA MET B 616 61.68 -19.00 38.29
C MET B 616 62.53 -18.29 39.32
N SER B 617 62.76 -16.98 39.14
CA SER B 617 63.53 -16.23 40.13
C SER B 617 62.83 -16.25 41.48
N LEU B 618 61.51 -16.03 41.50
CA LEU B 618 60.79 -16.02 42.76
C LEU B 618 60.78 -17.40 43.41
N LEU B 619 60.63 -18.45 42.62
CA LEU B 619 60.68 -19.80 43.20
C LEU B 619 62.04 -20.08 43.82
N ILE B 620 63.11 -19.75 43.12
CA ILE B 620 64.45 -20.03 43.65
C ILE B 620 64.70 -19.19 44.89
N GLU B 621 64.30 -17.93 44.88
CA GLU B 621 64.49 -17.08 46.05
C GLU B 621 63.67 -17.58 47.23
N LYS B 622 62.46 -18.06 46.99
CA LYS B 622 61.66 -18.61 48.06
C LYS B 622 62.33 -19.86 48.66
N ALA B 623 62.87 -20.72 47.81
CA ALA B 623 63.57 -21.89 48.32
C ALA B 623 64.76 -21.47 49.17
N GLU B 624 65.53 -20.48 48.70
CA GLU B 624 66.67 -19.99 49.46
C GLU B 624 66.22 -19.42 50.80
N TYR B 625 65.14 -18.65 50.80
CA TYR B 625 64.66 -18.03 52.03
C TYR B 625 64.23 -19.09 53.03
N GLU B 626 63.51 -20.10 52.57
CA GLU B 626 63.09 -21.17 53.46
C GLU B 626 64.30 -21.91 54.02
N ARG B 627 65.28 -22.20 53.17
CA ARG B 627 66.49 -22.88 53.63
C ARG B 627 67.21 -22.06 54.70
N THR B 628 67.37 -20.76 54.45
CA THR B 628 68.08 -19.92 55.41
C THR B 628 67.33 -19.81 56.73
N ARG B 629 66.01 -19.65 56.67
CA ARG B 629 65.24 -19.56 57.91
C ARG B 629 65.27 -20.89 58.67
N ASP B 630 65.28 -22.01 57.97
CA ASP B 630 65.43 -23.30 58.64
C ASP B 630 66.79 -23.40 59.32
N ILE B 631 67.85 -22.96 58.63
CA ILE B 631 69.18 -22.99 59.23
C ILE B 631 69.23 -22.07 60.44
N ASP B 632 68.46 -20.99 60.44
CA ASP B 632 68.45 -20.10 61.58
C ASP B 632 67.68 -20.70 62.75
N GLU B 633 66.53 -21.32 62.47
CA GLU B 633 65.73 -21.94 63.53
C GLU B 633 66.33 -23.28 63.95
N LEU B 634 66.39 -24.23 63.03
CA LEU B 634 67.06 -25.50 63.28
C LEU B 634 68.55 -25.36 62.99
N GLY B 635 69.32 -26.33 63.49
CA GLY B 635 70.75 -26.29 63.29
C GLY B 635 71.14 -26.43 61.84
N PHE B 636 72.34 -25.98 61.52
CA PHE B 636 72.84 -26.10 60.15
C PHE B 636 72.90 -27.56 59.72
N SER B 637 73.00 -28.48 60.68
CA SER B 637 72.94 -29.90 60.36
C SER B 637 71.63 -30.26 59.66
N PHE B 638 70.54 -29.59 60.02
CA PHE B 638 69.24 -29.82 59.43
C PHE B 638 68.93 -28.70 58.43
N PHE B 639 68.51 -29.10 57.23
CA PHE B 639 68.21 -28.15 56.16
C PHE B 639 69.43 -27.31 55.81
N GLY B 640 70.63 -27.85 56.05
CA GLY B 640 71.84 -27.07 55.82
C GLY B 640 72.03 -26.69 54.37
N LYS B 641 71.83 -27.65 53.47
CA LYS B 641 71.94 -27.43 52.04
C LYS B 641 70.76 -28.09 51.33
N LYS B 642 69.58 -27.92 51.90
CA LYS B 642 68.38 -28.53 51.33
C LYS B 642 68.15 -28.00 49.93
N SER B 643 67.88 -28.91 48.99
CA SER B 643 67.53 -28.55 47.63
C SER B 643 66.02 -28.35 47.56
N GLY B 644 65.55 -27.31 48.25
CA GLY B 644 64.14 -26.99 48.23
C GLY B 644 63.62 -26.87 46.81
N PHE B 645 64.36 -26.18 45.96
CA PHE B 645 64.20 -26.30 44.52
C PHE B 645 65.12 -27.39 44.00
N PHE B 646 64.71 -28.03 42.92
CA PHE B 646 65.45 -29.14 42.35
C PHE B 646 65.38 -29.03 40.83
N MET B 647 66.48 -28.56 40.23
CA MET B 647 66.50 -28.35 38.79
C MET B 647 66.48 -29.68 38.05
N GLU B 648 65.68 -29.73 36.99
CA GLU B 648 65.63 -30.85 36.08
C GLU B 648 65.94 -30.34 34.69
N TYR B 649 65.87 -31.22 33.70
CA TYR B 649 66.16 -30.82 32.32
C TYR B 649 65.30 -29.63 31.91
N TYR B 650 63.99 -29.68 32.20
CA TYR B 650 63.11 -28.61 31.77
C TYR B 650 63.42 -27.31 32.48
N ASP B 651 63.76 -27.36 33.77
CA ASP B 651 64.16 -26.14 34.47
C ASP B 651 65.42 -25.55 33.86
N PHE B 652 66.40 -26.39 33.56
CA PHE B 652 67.65 -25.89 32.99
C PHE B 652 67.40 -25.23 31.64
N VAL B 653 66.62 -25.86 30.77
CA VAL B 653 66.37 -25.26 29.47
C VAL B 653 65.53 -24.00 29.60
N ASN B 654 64.62 -23.93 30.57
CA ASN B 654 63.86 -22.71 30.79
C ASN B 654 64.81 -21.59 31.14
N ILE B 655 65.63 -21.80 32.15
CA ILE B 655 66.56 -20.77 32.60
C ILE B 655 67.46 -20.35 31.44
N SER B 656 67.94 -21.31 30.67
CA SER B 656 68.84 -21.00 29.57
C SER B 656 68.15 -20.13 28.53
N ARG B 657 66.92 -20.49 28.16
CA ARG B 657 66.25 -19.81 27.05
C ARG B 657 65.75 -18.42 27.45
N HIS B 658 65.19 -18.29 28.66
CA HIS B 658 64.41 -17.09 28.98
C HIS B 658 65.15 -16.09 29.85
N PHE B 659 66.29 -16.44 30.44
CA PHE B 659 67.04 -15.51 31.25
C PHE B 659 68.14 -14.84 30.44
N LYS B 660 68.49 -13.63 30.84
CA LYS B 660 69.68 -12.94 30.38
C LYS B 660 70.80 -13.16 31.38
N ILE B 661 72.04 -12.92 30.94
CA ILE B 661 73.18 -13.16 31.82
C ILE B 661 73.06 -12.33 33.09
N ASP B 662 72.48 -11.13 32.99
CA ASP B 662 72.30 -10.30 34.17
C ASP B 662 71.33 -10.96 35.16
N ASP B 663 70.27 -11.60 34.65
CA ASP B 663 69.36 -12.32 35.53
C ASP B 663 70.03 -13.51 36.20
N ILE B 664 70.87 -14.24 35.47
CA ILE B 664 71.61 -15.33 36.08
C ILE B 664 72.52 -14.78 37.18
N LYS B 665 73.18 -13.65 36.94
CA LYS B 665 74.02 -13.05 37.95
C LYS B 665 73.21 -12.61 39.16
N ASN B 666 72.00 -12.09 38.94
CA ASN B 666 71.15 -11.67 40.04
C ASN B 666 70.81 -12.88 40.90
N LEU B 667 70.39 -13.97 40.27
CA LEU B 667 70.11 -15.19 41.04
C LEU B 667 71.35 -15.69 41.76
N GLU B 668 72.51 -15.61 41.11
CA GLU B 668 73.74 -16.10 41.74
C GLU B 668 74.09 -15.30 42.98
N ARG B 669 73.96 -13.97 42.92
CA ARG B 669 74.34 -13.15 44.06
C ARG B 669 73.31 -13.22 45.17
N SER B 670 72.03 -13.24 44.82
CA SER B 670 70.98 -13.25 45.84
C SER B 670 70.86 -14.64 46.46
N CYS B 671 70.52 -15.64 45.64
CA CYS B 671 70.39 -17.00 46.12
C CYS B 671 71.73 -17.72 46.07
N SER B 672 71.73 -18.96 46.53
CA SER B 672 72.91 -19.82 46.48
C SER B 672 72.60 -20.95 45.50
N ILE B 673 72.86 -20.71 44.22
CA ILE B 673 72.53 -21.69 43.20
C ILE B 673 73.33 -22.96 43.36
N ASP B 674 74.54 -22.89 43.92
CA ASP B 674 75.33 -24.09 44.16
C ASP B 674 74.69 -25.02 45.17
N LYS B 675 73.84 -24.49 46.06
CA LYS B 675 73.12 -25.35 47.00
C LYS B 675 72.04 -26.15 46.32
N ILE B 676 71.59 -25.73 45.13
CA ILE B 676 70.60 -26.50 44.39
C ILE B 676 71.28 -27.65 43.66
N ARG B 677 70.64 -28.82 43.69
CA ARG B 677 71.15 -30.00 43.02
C ARG B 677 70.48 -30.14 41.66
N PHE B 678 71.28 -30.53 40.66
CA PHE B 678 70.81 -30.67 39.28
C PHE B 678 70.65 -32.15 38.95
N GLY B 679 69.43 -32.55 38.58
CA GLY B 679 69.16 -33.89 38.12
C GLY B 679 69.04 -33.94 36.60
N GLU B 680 68.85 -35.16 36.10
CA GLU B 680 68.69 -35.39 34.66
C GLU B 680 69.88 -34.83 33.89
N GLN B 681 71.08 -34.94 34.48
CA GLN B 681 72.24 -34.25 33.93
C GLN B 681 72.64 -34.80 32.57
N GLU B 682 72.25 -36.02 32.22
CA GLU B 682 72.59 -36.54 30.89
C GLU B 682 71.79 -35.84 29.79
N LYS B 683 70.49 -35.62 30.00
CA LYS B 683 69.72 -34.85 29.03
C LYS B 683 70.22 -33.42 28.92
N ILE B 684 70.62 -32.82 30.04
CA ILE B 684 71.19 -31.48 29.99
C ILE B 684 72.49 -31.49 29.21
N GLU B 685 73.30 -32.54 29.36
CA GLU B 685 74.52 -32.65 28.56
C GLU B 685 74.20 -32.75 27.09
N GLU B 686 73.17 -33.53 26.73
CA GLU B 686 72.76 -33.59 25.33
C GLU B 686 72.32 -32.23 24.82
N TYR B 687 71.57 -31.48 25.63
CA TYR B 687 71.14 -30.15 25.22
C TYR B 687 72.33 -29.22 25.01
N LEU B 688 73.30 -29.28 25.93
CA LEU B 688 74.48 -28.42 25.80
C LEU B 688 75.35 -28.79 24.61
N VAL B 689 75.56 -30.08 24.34
CA VAL B 689 76.31 -30.45 23.15
C VAL B 689 75.54 -30.12 21.87
N GLY B 690 74.21 -30.14 21.91
CA GLY B 690 73.44 -29.60 20.79
C GLY B 690 73.67 -28.12 20.59
N ILE B 691 73.74 -27.36 21.68
CA ILE B 691 74.09 -25.95 21.58
C ILE B 691 75.47 -25.78 20.95
N ALA B 692 76.43 -26.59 21.40
CA ALA B 692 77.78 -26.49 20.85
C ALA B 692 77.79 -26.80 19.36
N GLU B 693 77.06 -27.84 18.94
CA GLU B 693 76.98 -28.19 17.53
C GLU B 693 76.35 -27.04 16.74
N GLU B 694 75.29 -26.43 17.28
CA GLU B 694 74.62 -25.37 16.55
C GLU B 694 75.51 -24.15 16.39
N ILE B 695 76.33 -23.83 17.40
CA ILE B 695 77.22 -22.69 17.23
C ILE B 695 78.42 -23.05 16.36
N THR B 696 78.83 -24.32 16.33
CA THR B 696 79.91 -24.73 15.45
C THR B 696 79.48 -24.88 14.00
N LYS B 697 78.17 -24.94 13.75
CA LYS B 697 77.67 -24.92 12.37
C LYS B 697 77.28 -23.51 11.95
N GLN B 698 76.59 -22.79 12.83
CA GLN B 698 76.05 -21.49 12.49
C GLN B 698 77.14 -20.49 12.14
N PHE B 699 78.31 -20.60 12.77
CA PHE B 699 79.36 -19.60 12.60
C PHE B 699 80.58 -20.13 11.87
N SER B 700 80.94 -21.40 12.03
CA SER B 700 82.05 -21.98 11.24
C SER B 700 81.70 -21.81 9.77
N ALA B 701 80.40 -21.84 9.43
CA ALA B 701 79.92 -21.63 8.05
C ALA B 701 80.00 -20.15 7.70
N ASN B 702 80.27 -19.80 6.45
CA ASN B 702 80.38 -18.40 6.06
C ASN B 702 79.10 -17.63 6.33
N GLY B 703 77.95 -18.29 6.22
CA GLY B 703 76.64 -17.64 6.43
C GLY B 703 76.03 -17.96 7.79
N MET B 704 75.50 -16.96 8.49
CA MET B 704 74.83 -17.14 9.81
C MET B 704 73.51 -16.36 9.79
N ASN B 705 72.37 -17.02 9.63
CA ASN B 705 71.10 -16.32 9.68
C ASN B 705 71.15 -15.31 10.80
N VAL B 706 70.92 -14.03 10.50
CA VAL B 706 71.06 -12.98 11.52
C VAL B 706 69.86 -12.97 12.45
N VAL B 707 68.64 -13.09 11.89
CA VAL B 707 67.45 -13.06 12.75
C VAL B 707 67.43 -14.27 13.66
N PHE B 708 67.85 -15.43 13.15
CA PHE B 708 68.03 -16.58 14.04
C PHE B 708 69.15 -16.34 15.04
N TYR B 709 70.25 -15.72 14.58
CA TYR B 709 71.41 -15.54 15.44
C TYR B 709 71.08 -14.68 16.66
N THR B 710 70.34 -13.60 16.46
CA THR B 710 70.10 -12.68 17.57
C THR B 710 69.35 -13.37 18.71
N GLN B 711 68.38 -14.21 18.38
CA GLN B 711 67.63 -14.90 19.41
C GLN B 711 68.39 -16.11 19.95
N PHE B 712 69.19 -16.77 19.12
CA PHE B 712 69.84 -18.00 19.53
C PHE B 712 71.08 -17.77 20.37
N ILE B 713 71.82 -16.69 20.12
CA ILE B 713 73.09 -16.49 20.82
C ILE B 713 72.86 -16.20 22.30
N SER B 714 71.80 -15.48 22.64
CA SER B 714 71.49 -15.25 24.05
C SER B 714 71.26 -16.57 24.77
N GLU B 715 70.47 -17.46 24.17
CA GLU B 715 70.25 -18.77 24.76
C GLU B 715 71.56 -19.55 24.86
N ALA B 716 72.39 -19.49 23.83
CA ALA B 716 73.63 -20.25 23.83
C ALA B 716 74.54 -19.80 24.98
N LYS B 717 74.75 -18.49 25.11
CA LYS B 717 75.65 -18.00 26.16
C LYS B 717 75.04 -18.10 27.54
N ALA B 718 73.71 -18.04 27.66
CA ALA B 718 73.09 -18.30 28.96
C ALA B 718 73.25 -19.76 29.35
N ALA B 719 73.06 -20.68 28.41
CA ALA B 719 73.21 -22.09 28.70
C ALA B 719 74.64 -22.42 29.10
N LEU B 720 75.62 -21.86 28.37
CA LEU B 720 77.06 -22.09 28.66
C LEU B 720 77.42 -21.43 29.98
N TYR B 721 76.86 -20.25 30.28
CA TYR B 721 77.09 -19.58 31.56
C TYR B 721 76.51 -20.38 32.71
N PHE B 722 75.33 -20.96 32.51
CA PHE B 722 74.62 -21.69 33.56
C PHE B 722 75.01 -23.16 33.61
N ALA B 723 76.00 -23.58 32.82
CA ALA B 723 76.49 -24.95 32.86
C ALA B 723 77.55 -25.15 33.92
N LYS B 724 77.83 -24.13 34.74
CA LYS B 724 78.80 -24.27 35.81
C LYS B 724 78.39 -25.38 36.77
N TYR B 725 77.11 -25.45 37.11
CA TYR B 725 76.63 -26.36 38.14
C TYR B 725 76.40 -27.77 37.63
N VAL B 726 76.08 -27.91 36.35
CA VAL B 726 75.89 -29.22 35.76
C VAL B 726 77.25 -29.87 35.53
N LYS B 727 77.33 -31.17 35.80
CA LYS B 727 78.52 -31.92 35.46
C LYS B 727 78.41 -32.46 34.04
N LEU B 728 79.56 -32.74 33.43
CA LEU B 728 79.61 -33.17 32.04
C LEU B 728 80.67 -34.24 31.90
N SER B 729 80.51 -35.06 30.86
CA SER B 729 81.51 -36.06 30.50
C SER B 729 82.60 -35.41 29.66
N GLU B 730 83.72 -36.11 29.53
CA GLU B 730 84.86 -35.56 28.81
C GLU B 730 84.51 -35.26 27.36
N GLU B 731 83.58 -36.02 26.78
CA GLU B 731 83.26 -35.81 25.36
C GLU B 731 82.39 -34.58 25.15
N GLY B 732 81.27 -34.51 25.87
CA GLY B 732 80.43 -33.32 25.78
C GLY B 732 81.16 -32.08 26.25
N LEU B 733 81.94 -32.21 27.34
CA LEU B 733 82.73 -31.09 27.80
C LEU B 733 83.75 -30.67 26.77
N GLY B 734 84.38 -31.63 26.10
CA GLY B 734 85.34 -31.29 25.06
C GLY B 734 84.70 -30.54 23.91
N LYS B 735 83.55 -31.02 23.45
CA LYS B 735 82.86 -30.31 22.36
C LYS B 735 82.44 -28.92 22.81
N ILE B 736 81.93 -28.79 24.02
CA ILE B 736 81.48 -27.49 24.50
C ILE B 736 82.65 -26.52 24.61
N VAL B 737 83.77 -26.97 25.15
CA VAL B 737 84.94 -26.10 25.28
C VAL B 737 85.43 -25.69 23.90
N LYS B 738 85.51 -26.66 22.97
CA LYS B 738 85.95 -26.33 21.62
C LYS B 738 85.05 -25.26 21.01
N ALA B 739 83.74 -25.47 21.05
CA ALA B 739 82.83 -24.51 20.45
C ALA B 739 82.94 -23.14 21.11
N LEU B 740 82.96 -23.10 22.44
CA LEU B 740 83.05 -21.82 23.15
C LEU B 740 84.32 -21.08 22.78
N LEU B 741 85.46 -21.77 22.85
CA LEU B 741 86.74 -21.09 22.62
C LEU B 741 86.89 -20.64 21.18
N PHE B 742 86.50 -21.47 20.20
CA PHE B 742 86.77 -21.18 18.76
C PHE B 742 85.52 -20.86 17.94
N TYR B 743 84.40 -21.56 18.11
CA TYR B 743 83.20 -21.40 17.24
C TYR B 743 82.14 -20.48 17.86
N PHE B 744 82.52 -19.56 18.74
CA PHE B 744 81.59 -18.57 19.36
C PHE B 744 81.84 -17.21 18.69
N PRO B 745 80.83 -16.35 18.49
CA PRO B 745 81.08 -15.01 17.96
C PRO B 745 81.98 -14.20 18.91
N GLU B 746 82.85 -13.33 18.38
CA GLU B 746 83.68 -12.49 19.23
C GLU B 746 82.87 -11.27 19.65
N ARG B 747 81.89 -10.88 18.85
CA ARG B 747 81.04 -9.75 19.19
C ARG B 747 80.39 -9.94 20.56
N ASP B 748 79.91 -11.15 20.84
CA ASP B 748 79.15 -11.40 22.06
C ASP B 748 80.06 -11.76 23.22
N LEU B 749 80.97 -12.70 22.98
CA LEU B 749 81.95 -13.10 24.02
C LEU B 749 83.32 -12.62 23.59
N ASP B 750 83.93 -11.66 24.28
CA ASP B 750 85.32 -11.28 24.12
C ASP B 750 86.20 -12.35 24.74
N ILE B 751 87.51 -12.08 24.80
CA ILE B 751 88.42 -13.06 25.38
C ILE B 751 88.18 -13.19 26.89
N GLY B 752 87.89 -12.08 27.55
CA GLY B 752 87.67 -12.13 28.99
C GLY B 752 86.42 -12.89 29.37
N LYS B 753 85.30 -12.59 28.70
CA LYS B 753 84.07 -13.31 28.97
C LYS B 753 84.19 -14.77 28.59
N ARG B 754 84.90 -15.07 27.50
CA ARG B 754 85.21 -16.46 27.19
C ARG B 754 85.94 -17.11 28.35
N TYR B 755 86.91 -16.41 28.93
CA TYR B 755 87.67 -16.99 30.04
C TYR B 755 86.79 -17.27 31.24
N VAL B 756 85.92 -16.33 31.59
CA VAL B 756 85.10 -16.54 32.79
C VAL B 756 84.09 -17.66 32.55
N TRP B 757 83.53 -17.73 31.34
CA TRP B 757 82.70 -18.88 30.98
C TRP B 757 83.46 -20.18 31.18
N LEU B 758 84.68 -20.25 30.64
CA LEU B 758 85.47 -21.48 30.73
C LEU B 758 85.74 -21.84 32.18
N GLU B 759 86.22 -20.87 32.97
CA GLU B 759 86.53 -21.13 34.37
C GLU B 759 85.30 -21.61 35.11
N ARG B 760 84.14 -21.00 34.84
CA ARG B 760 82.89 -21.51 35.39
C ARG B 760 82.70 -22.98 35.04
N LEU B 761 82.93 -23.33 33.77
CA LEU B 761 82.81 -24.73 33.38
C LEU B 761 83.80 -25.63 34.10
N THR B 762 84.92 -25.09 34.59
CA THR B 762 85.95 -25.91 35.22
C THR B 762 85.71 -26.17 36.70
N LYS B 763 84.68 -25.57 37.31
CA LYS B 763 84.50 -25.72 38.75
C LYS B 763 84.22 -27.17 39.11
N CYS B 764 83.20 -27.76 38.47
CA CYS B 764 82.81 -29.14 38.76
C CYS B 764 83.54 -30.12 37.85
N ASN B 765 83.57 -29.84 36.56
CA ASN B 765 84.25 -30.70 35.60
C ASN B 765 85.69 -30.24 35.52
N GLU B 766 86.44 -30.51 36.57
CA GLU B 766 87.83 -30.06 36.64
C GLU B 766 88.61 -30.55 35.44
N LEU B 767 89.36 -29.65 34.82
CA LEU B 767 90.02 -29.86 33.54
C LEU B 767 90.75 -31.19 33.46
N PRO B 768 90.29 -32.13 32.63
CA PRO B 768 91.17 -33.23 32.22
C PRO B 768 92.09 -32.76 31.09
N LYS B 769 93.05 -33.63 30.76
CA LYS B 769 94.05 -33.27 29.76
C LYS B 769 93.44 -33.02 28.39
N SER B 770 92.30 -33.64 28.10
CA SER B 770 91.71 -33.57 26.77
C SER B 770 91.36 -32.14 26.39
N ILE B 771 90.80 -31.38 27.33
CA ILE B 771 90.46 -29.98 27.05
C ILE B 771 91.62 -29.05 27.35
N ILE B 772 92.59 -29.50 28.15
CA ILE B 772 93.85 -28.77 28.26
C ILE B 772 94.49 -28.64 26.88
N SER B 773 94.41 -29.71 26.08
CA SER B 773 94.90 -29.63 24.71
C SER B 773 94.14 -28.57 23.91
N ILE B 774 92.82 -28.48 24.07
CA ILE B 774 92.04 -27.48 23.34
C ILE B 774 92.47 -26.08 23.75
N ILE B 775 92.67 -25.86 25.05
CA ILE B 775 93.11 -24.55 25.52
C ILE B 775 94.48 -24.21 24.96
N ASP B 776 95.37 -25.21 24.89
CA ASP B 776 96.68 -25.00 24.28
C ASP B 776 96.54 -24.58 22.82
N ASP B 777 95.64 -25.24 22.09
CA ASP B 777 95.43 -24.89 20.69
C ASP B 777 94.89 -23.47 20.56
N PHE B 778 93.97 -23.09 21.45
CA PHE B 778 93.44 -21.73 21.41
C PHE B 778 94.53 -20.69 21.65
N LEU B 779 95.40 -20.96 22.63
CA LEU B 779 96.52 -20.05 22.89
C LEU B 779 97.45 -19.97 21.69
N VAL B 780 97.70 -21.11 21.04
CA VAL B 780 98.57 -21.12 19.87
C VAL B 780 97.97 -20.26 18.76
N LEU B 781 96.67 -20.41 18.52
CA LEU B 781 96.01 -19.59 17.51
C LEU B 781 96.08 -18.12 17.87
N GLN B 782 95.95 -17.80 19.16
CA GLN B 782 96.10 -16.41 19.58
C GLN B 782 97.49 -15.89 19.27
N ALA B 783 98.51 -16.72 19.48
CA ALA B 783 99.88 -16.31 19.11
C ALA B 783 99.99 -16.06 17.61
N GLU B 784 99.42 -16.95 16.80
CA GLU B 784 99.47 -16.77 15.36
C GLU B 784 98.81 -15.45 14.96
N LYS B 785 97.67 -15.13 15.57
CA LYS B 785 97.06 -13.83 15.35
C LYS B 785 97.98 -12.70 15.80
N HIS B 786 98.65 -12.88 16.94
CA HIS B 786 99.53 -11.85 17.48
C HIS B 786 100.76 -11.62 16.62
N ILE B 787 101.07 -12.53 15.69
CA ILE B 787 102.21 -12.30 14.80
C ILE B 787 102.05 -10.97 14.08
N ASP B 788 100.85 -10.68 13.58
CA ASP B 788 100.58 -9.40 12.96
C ASP B 788 100.69 -8.29 14.01
N GLN B 789 101.18 -7.12 13.58
CA GLN B 789 101.45 -6.03 14.51
C GLN B 789 100.23 -5.16 14.80
N ASN B 790 99.09 -5.44 14.18
CA ASN B 790 97.88 -4.66 14.40
C ASN B 790 96.95 -5.32 15.41
N TYR B 791 97.06 -6.63 15.59
CA TYR B 791 96.15 -7.35 16.47
C TYR B 791 96.36 -6.93 17.92
N SER B 792 95.27 -6.98 18.69
CA SER B 792 95.33 -6.63 20.11
C SER B 792 94.04 -7.10 20.76
N GLU B 793 94.15 -7.81 21.89
CA GLU B 793 92.96 -8.30 22.56
C GLU B 793 92.10 -7.16 23.08
N VAL B 794 90.80 -7.39 23.14
CA VAL B 794 89.85 -6.47 23.75
C VAL B 794 89.09 -7.24 24.81
N SER B 795 89.03 -6.67 26.01
CA SER B 795 88.41 -7.37 27.14
C SER B 795 87.77 -6.34 28.07
N SER B 796 86.54 -6.62 28.47
CA SER B 796 85.83 -5.76 29.40
C SER B 796 86.16 -6.09 30.85
N ASN B 797 86.41 -7.35 31.16
CA ASN B 797 86.68 -7.72 32.56
C ASN B 797 88.17 -7.63 32.89
N GLY B 798 89.01 -7.20 31.94
CA GLY B 798 90.41 -7.05 32.21
C GLY B 798 91.21 -8.33 32.18
N LEU B 799 90.63 -9.42 31.69
CA LEU B 799 91.31 -10.70 31.59
C LEU B 799 91.67 -10.98 30.14
N TYR B 800 92.85 -11.56 29.93
CA TYR B 800 93.39 -11.79 28.59
C TYR B 800 93.90 -13.22 28.52
N SER B 801 94.58 -13.55 27.41
CA SER B 801 95.09 -14.89 27.20
C SER B 801 96.03 -15.33 28.32
N ARG B 802 96.69 -14.38 28.98
CA ARG B 802 97.51 -14.71 30.14
C ARG B 802 96.68 -15.47 31.17
N ASP B 803 95.40 -15.13 31.30
CA ASP B 803 94.54 -15.85 32.23
C ASP B 803 94.31 -17.28 31.79
N TYR B 804 94.15 -17.51 30.48
CA TYR B 804 94.03 -18.89 29.99
C TYR B 804 95.29 -19.67 30.31
N GLY B 805 96.45 -19.06 30.09
CA GLY B 805 97.71 -19.71 30.43
C GLY B 805 97.80 -20.03 31.90
N ALA B 806 97.40 -19.09 32.76
CA ALA B 806 97.42 -19.32 34.20
C ALA B 806 96.50 -20.47 34.58
N LEU B 807 95.33 -20.54 33.96
CA LEU B 807 94.39 -21.62 34.27
C LEU B 807 94.97 -22.97 33.88
N ILE B 808 95.47 -23.09 32.65
CA ILE B 808 96.02 -24.38 32.21
C ILE B 808 97.18 -24.78 33.09
N LYS B 809 98.05 -23.82 33.44
CA LYS B 809 99.19 -24.16 34.30
C LYS B 809 98.72 -24.54 35.71
N HIS B 810 97.66 -23.91 36.19
CA HIS B 810 97.15 -24.23 37.52
C HIS B 810 96.62 -25.65 37.58
N PHE B 811 95.88 -26.07 36.55
CA PHE B 811 95.32 -27.42 36.58
C PHE B 811 96.37 -28.47 36.29
N GLU B 812 97.33 -28.17 35.41
CA GLU B 812 98.49 -29.03 35.18
C GLU B 812 99.73 -28.21 35.53
N LYS B 813 100.37 -28.57 36.65
CA LYS B 813 101.43 -27.73 37.19
C LYS B 813 102.64 -27.66 36.26
N ASN B 814 103.00 -28.81 35.67
CA ASN B 814 104.21 -28.88 34.84
C ASN B 814 103.94 -28.93 33.34
N PHE B 815 102.76 -28.49 32.92
CA PHE B 815 102.46 -28.45 31.49
C PHE B 815 103.45 -27.54 30.77
N ILE B 816 103.95 -28.00 29.63
CA ILE B 816 104.84 -27.22 28.77
C ILE B 816 104.41 -27.49 27.34
N SER B 817 103.67 -26.56 26.74
CA SER B 817 103.25 -26.70 25.36
C SER B 817 104.46 -26.75 24.43
N LYS B 818 104.40 -27.64 23.45
CA LYS B 818 105.47 -27.74 22.47
C LYS B 818 105.31 -26.74 21.33
N ARG B 819 104.06 -26.46 20.92
CA ARG B 819 103.85 -25.57 19.79
C ARG B 819 104.23 -24.14 20.13
N LEU B 820 103.88 -23.69 21.34
CA LEU B 820 104.32 -22.38 21.79
C LEU B 820 105.84 -22.32 21.91
N SER B 821 106.46 -23.41 22.34
CA SER B 821 107.91 -23.44 22.46
C SER B 821 108.59 -23.27 21.10
N GLU B 822 108.08 -23.97 20.08
CA GLU B 822 108.67 -23.81 18.75
C GLU B 822 108.35 -22.44 18.16
N ILE B 823 107.19 -21.86 18.50
CA ILE B 823 106.93 -20.49 18.10
C ILE B 823 107.98 -19.56 18.70
N THR B 824 108.31 -19.78 19.97
CA THR B 824 109.32 -18.96 20.63
C THR B 824 110.67 -19.13 19.95
N LEU B 825 111.06 -20.38 19.67
CA LEU B 825 112.36 -20.62 19.05
C LEU B 825 112.44 -19.99 17.66
N CYS B 826 111.34 -20.01 16.91
CA CYS B 826 111.33 -19.37 15.59
C CYS B 826 111.24 -17.87 15.72
N LEU B 827 111.04 -17.35 16.92
CA LEU B 827 110.83 -15.93 17.15
C LEU B 827 112.06 -15.10 16.81
N THR B 828 111.85 -13.84 16.45
CA THR B 828 112.93 -12.91 16.16
C THR B 828 112.54 -11.54 16.70
N GLN B 829 113.55 -10.68 16.87
CA GLN B 829 113.32 -9.37 17.48
C GLN B 829 112.34 -8.54 16.66
N ASP B 830 112.19 -8.83 15.37
CA ASP B 830 111.23 -8.10 14.55
C ASP B 830 109.79 -8.34 15.02
N LYS B 831 109.51 -9.52 15.53
CA LYS B 831 108.16 -9.89 15.96
C LYS B 831 107.89 -9.36 17.37
N GLN B 832 107.84 -8.04 17.49
CA GLN B 832 107.80 -7.40 18.80
C GLN B 832 106.53 -7.73 19.56
N LYS B 833 105.37 -7.57 18.91
CA LYS B 833 104.11 -7.80 19.61
C LYS B 833 103.94 -9.29 19.93
N GLN B 834 104.36 -10.16 19.02
CA GLN B 834 104.38 -11.58 19.35
C GLN B 834 105.33 -11.86 20.50
N ILE B 835 106.45 -11.14 20.56
CA ILE B 835 107.37 -11.31 21.69
C ILE B 835 106.65 -10.96 22.99
N ASP B 836 105.94 -9.84 23.01
CA ASP B 836 105.22 -9.44 24.22
C ASP B 836 104.17 -10.49 24.60
N PHE B 837 103.40 -10.95 23.61
CA PHE B 837 102.36 -11.93 23.92
C PHE B 837 102.97 -13.21 24.49
N LEU B 838 104.00 -13.75 23.84
CA LEU B 838 104.66 -14.93 24.38
C LEU B 838 105.25 -14.65 25.76
N PHE B 839 105.69 -13.42 26.00
CA PHE B 839 106.17 -13.06 27.34
C PHE B 839 105.06 -13.20 28.36
N LYS B 840 103.83 -12.85 27.99
CA LYS B 840 102.71 -13.02 28.90
C LYS B 840 102.55 -14.49 29.30
N LEU B 841 102.73 -15.41 28.34
CA LEU B 841 102.57 -16.84 28.57
C LEU B 841 103.86 -17.53 28.96
N LEU B 842 104.77 -16.84 29.64
CA LEU B 842 106.09 -17.39 29.93
C LEU B 842 106.05 -18.74 30.64
N PRO B 843 105.21 -18.97 31.65
CA PRO B 843 105.27 -20.26 32.37
C PRO B 843 105.07 -21.48 31.48
N LEU B 844 104.23 -21.38 30.45
CA LEU B 844 103.93 -22.53 29.61
C LEU B 844 105.07 -22.92 28.69
N LEU B 845 106.08 -22.08 28.52
CA LEU B 845 107.11 -22.31 27.53
C LEU B 845 108.23 -23.19 28.09
N SER B 846 108.88 -23.92 27.19
CA SER B 846 109.98 -24.80 27.56
C SER B 846 111.21 -23.98 27.93
N THR B 847 112.22 -24.69 28.45
CA THR B 847 113.42 -24.01 28.95
C THR B 847 114.12 -23.25 27.83
N ASN B 848 114.40 -23.92 26.72
CA ASN B 848 115.08 -23.25 25.60
C ASN B 848 114.19 -22.19 24.96
N ALA B 849 112.87 -22.42 24.93
CA ALA B 849 111.95 -21.44 24.36
C ALA B 849 111.98 -20.14 25.18
N LYS B 850 111.77 -20.25 26.49
CA LYS B 850 111.75 -19.05 27.32
C LYS B 850 113.13 -18.43 27.44
N SER B 851 114.19 -19.25 27.32
CA SER B 851 115.53 -18.70 27.29
C SER B 851 115.72 -17.77 26.10
N HIS B 852 115.37 -18.25 24.91
CA HIS B 852 115.46 -17.39 23.73
C HIS B 852 114.53 -16.20 23.84
N LEU B 853 113.37 -16.39 24.47
CA LEU B 853 112.45 -15.27 24.68
C LEU B 853 113.10 -14.18 25.52
N LEU B 854 113.50 -14.51 26.76
CA LEU B 854 114.10 -13.54 27.65
C LEU B 854 115.45 -13.04 27.14
N SER B 855 116.04 -13.71 26.15
CA SER B 855 117.25 -13.16 25.53
C SER B 855 116.99 -11.76 24.97
N PHE B 856 115.82 -11.56 24.36
CA PHE B 856 115.54 -10.27 23.72
C PHE B 856 115.44 -9.15 24.75
N LYS B 857 114.72 -9.41 25.83
CA LYS B 857 114.51 -8.40 26.86
C LYS B 857 115.48 -8.51 28.01
N SER B 858 115.71 -7.41 28.72
CA SER B 858 116.61 -7.39 29.86
C SER B 858 116.29 -6.19 30.72
N VAL B 859 116.87 -6.18 31.92
CA VAL B 859 116.65 -5.11 32.89
C VAL B 859 117.92 -4.26 32.96
N GLU B 860 117.76 -2.94 32.83
CA GLU B 860 118.86 -2.01 32.91
C GLU B 860 118.65 -0.93 33.97
N ASN B 861 117.50 -0.91 34.63
CA ASN B 861 117.24 0.08 35.65
C ASN B 861 116.06 -0.35 36.49
N ILE B 862 115.67 0.45 37.46
CA ILE B 862 114.55 0.13 38.33
C ILE B 862 113.24 0.15 37.56
N ASN B 863 113.11 1.03 36.58
CA ASN B 863 111.91 1.06 35.76
C ASN B 863 111.82 -0.25 35.00
N ASP B 864 112.91 -0.67 34.37
CA ASP B 864 112.93 -1.94 33.66
C ASP B 864 112.70 -3.10 34.63
N LEU B 865 113.25 -3.01 35.83
CA LEU B 865 113.07 -4.07 36.82
C LEU B 865 111.59 -4.22 37.20
N MET B 866 110.92 -3.11 37.48
CA MET B 866 109.51 -3.18 37.82
C MET B 866 108.71 -3.64 36.61
N ASN B 867 109.10 -3.23 35.41
CA ASN B 867 108.41 -3.67 34.22
C ASN B 867 108.53 -5.17 34.06
N GLY B 868 109.70 -5.74 34.36
CA GLY B 868 109.90 -7.18 34.29
C GLY B 868 109.12 -7.93 35.35
N ILE B 869 109.13 -7.42 36.59
CA ILE B 869 108.38 -8.08 37.66
C ILE B 869 106.88 -8.03 37.35
N ARG B 870 106.38 -6.86 36.95
CA ARG B 870 104.97 -6.72 36.61
C ARG B 870 104.62 -7.60 35.43
N ILE B 871 105.40 -7.52 34.35
CA ILE B 871 105.21 -8.34 33.16
C ILE B 871 106.55 -8.95 32.79
N GLY B 872 106.57 -10.26 32.56
CA GLY B 872 107.80 -10.99 32.31
C GLY B 872 108.23 -11.89 33.45
N LEU B 873 107.66 -11.71 34.64
CA LEU B 873 107.86 -12.63 35.76
C LEU B 873 109.35 -12.75 36.11
N ILE B 874 109.91 -11.63 36.56
CA ILE B 874 111.25 -11.66 37.13
C ILE B 874 111.17 -12.51 38.40
N ASP B 875 111.71 -13.73 38.33
CA ASP B 875 111.47 -14.70 39.40
C ASP B 875 112.08 -14.23 40.72
N GLU B 876 113.31 -13.74 40.68
CA GLU B 876 114.00 -13.33 41.89
C GLU B 876 114.86 -12.11 41.59
N PHE B 877 115.06 -11.27 42.60
CA PHE B 877 115.87 -10.07 42.47
C PHE B 877 117.34 -10.47 42.53
N THR B 878 117.96 -10.58 41.35
CA THR B 878 119.38 -10.86 41.28
C THR B 878 120.16 -9.83 42.09
N PRO B 879 121.41 -10.12 42.45
CA PRO B 879 122.19 -9.12 43.19
C PRO B 879 122.26 -7.79 42.47
N GLU B 880 122.43 -7.81 41.15
CA GLU B 880 122.41 -6.55 40.38
C GLU B 880 121.03 -5.90 40.44
N HIS B 881 119.98 -6.71 40.44
CA HIS B 881 118.64 -6.14 40.59
C HIS B 881 118.50 -5.43 41.92
N GLU B 882 118.99 -6.05 43.00
CA GLU B 882 118.97 -5.40 44.31
C GLU B 882 119.82 -4.14 44.31
N GLU B 883 120.94 -4.15 43.58
CA GLU B 883 121.73 -2.92 43.47
C GLU B 883 120.94 -1.84 42.76
N LEU B 884 120.14 -2.20 41.76
CA LEU B 884 119.26 -1.22 41.13
C LEU B 884 118.26 -0.67 42.13
N ILE B 885 117.66 -1.55 42.93
CA ILE B 885 116.70 -1.11 43.94
C ILE B 885 117.37 -0.09 44.85
N ILE B 886 118.56 -0.42 45.36
CA ILE B 886 119.23 0.47 46.30
C ILE B 886 119.67 1.76 45.62
N GLU B 887 120.11 1.66 44.36
CA GLU B 887 120.55 2.85 43.64
C GLU B 887 119.42 3.86 43.52
N TYR B 888 118.26 3.41 43.03
CA TYR B 888 117.14 4.34 42.87
C TYR B 888 116.58 4.75 44.23
N LEU B 889 116.63 3.84 45.21
CA LEU B 889 116.13 4.14 46.55
C LEU B 889 116.94 5.27 47.19
N GLU B 890 118.27 5.21 47.06
CA GLU B 890 119.12 6.26 47.61
C GLU B 890 119.08 7.52 46.74
N THR B 891 118.88 7.39 45.44
CA THR B 891 118.68 8.58 44.61
C THR B 891 117.45 9.34 45.10
N ARG B 892 116.34 8.63 45.30
CA ARG B 892 115.15 9.28 45.84
C ARG B 892 115.31 9.62 47.31
N LYS B 893 116.22 8.99 48.03
CA LYS B 893 116.52 9.41 49.39
C LYS B 893 117.17 10.79 49.41
N VAL B 894 118.13 11.01 48.52
CA VAL B 894 118.72 12.34 48.37
C VAL B 894 117.67 13.33 47.89
N ASN B 895 116.84 12.91 46.95
CA ASN B 895 115.78 13.77 46.45
C ASN B 895 114.82 14.13 47.58
N TYR B 896 114.56 13.18 48.48
CA TYR B 896 113.61 13.40 49.57
C TYR B 896 114.23 14.27 50.66
N ILE B 897 115.54 14.16 50.88
CA ILE B 897 116.23 15.11 51.76
C ILE B 897 116.11 16.52 51.19
N VAL B 898 116.34 16.66 49.88
CA VAL B 898 116.18 17.97 49.25
C VAL B 898 114.71 18.40 49.30
N GLU B 899 113.77 17.45 49.32
CA GLU B 899 112.37 17.80 49.46
C GLU B 899 112.07 18.35 50.85
N LYS B 900 112.60 17.69 51.89
CA LYS B 900 112.50 18.24 53.24
C LYS B 900 113.07 19.65 53.28
N GLU B 901 114.20 19.87 52.61
CA GLU B 901 114.74 21.22 52.51
C GLU B 901 113.75 22.15 51.81
N LYS B 902 113.11 21.67 50.75
CA LYS B 902 112.07 22.47 50.08
C LYS B 902 110.90 22.72 51.01
N GLY B 903 110.49 21.70 51.78
CA GLY B 903 109.19 21.71 52.38
C GLY B 903 108.08 21.47 51.38
N ILE B 904 108.42 20.91 50.21
CA ILE B 904 107.48 20.73 49.12
C ILE B 904 107.62 19.31 48.60
N GLN B 905 106.48 18.69 48.27
CA GLN B 905 106.47 17.40 47.59
C GLN B 905 105.19 17.37 46.75
N THR B 906 105.31 17.69 45.46
CA THR B 906 104.15 17.80 44.59
C THR B 906 103.40 16.47 44.51
N PHE B 907 104.04 15.46 43.93
CA PHE B 907 103.41 14.15 43.78
C PHE B 907 104.49 13.10 43.55
N SER B 908 104.11 11.84 43.72
CA SER B 908 104.95 10.70 43.39
C SER B 908 104.17 9.83 42.42
N SER B 909 104.56 9.88 41.14
CA SER B 909 103.78 9.21 40.10
C SER B 909 103.68 7.71 40.36
N ASN B 910 104.83 7.07 40.56
CA ASN B 910 104.87 5.63 40.81
C ASN B 910 105.76 5.38 42.01
N ASP B 911 105.16 4.99 43.14
CA ASP B 911 105.92 4.69 44.34
C ASP B 911 106.55 3.31 44.18
N TYR B 912 107.69 3.26 43.48
CA TYR B 912 108.44 2.01 43.43
C TYR B 912 108.89 1.57 44.81
N MET B 913 108.94 2.50 45.76
CA MET B 913 109.26 2.13 47.15
C MET B 913 108.16 1.26 47.75
N SER B 914 106.90 1.52 47.41
CA SER B 914 105.83 0.61 47.87
C SER B 914 106.04 -0.79 47.32
N THR B 915 106.43 -0.89 46.05
CA THR B 915 106.72 -2.19 45.47
C THR B 915 107.90 -2.86 46.18
N PHE B 916 108.95 -2.08 46.48
CA PHE B 916 110.07 -2.61 47.23
C PHE B 916 109.62 -3.12 48.59
N GLY B 917 108.67 -2.42 49.21
CA GLY B 917 108.14 -2.82 50.48
C GLY B 917 107.45 -4.15 50.42
N ILE B 918 106.48 -4.30 49.51
CA ILE B 918 105.74 -5.60 49.32
C ILE B 918 106.76 -6.65 48.88
N TRP B 919 107.87 -6.24 48.25
CA TRP B 919 108.94 -7.16 47.80
C TRP B 919 109.91 -7.41 48.97
N TYR B 920 109.98 -6.52 49.96
CA TYR B 920 110.84 -6.71 51.16
C TYR B 920 110.01 -7.45 52.21
N PHE B 921 108.68 -7.42 52.09
CA PHE B 921 107.76 -8.12 53.02
C PHE B 921 107.58 -9.54 52.48
N LEU B 922 107.72 -9.72 51.17
CA LEU B 922 107.61 -11.02 50.52
C LEU B 922 108.93 -11.78 50.54
N GLU B 923 109.96 -11.21 51.17
CA GLU B 923 111.29 -11.81 51.22
C GLU B 923 111.89 -11.96 49.83
N GLU B 924 111.37 -11.20 48.87
CA GLU B 924 111.95 -11.19 47.53
C GLU B 924 113.34 -10.58 47.54
N ILE B 925 113.53 -9.53 48.34
CA ILE B 925 114.81 -8.85 48.46
C ILE B 925 115.54 -9.45 49.66
N ASN B 926 116.58 -10.24 49.40
CA ASN B 926 117.37 -10.80 50.48
C ASN B 926 118.19 -9.69 51.12
N ASN B 927 118.58 -8.69 50.32
CA ASN B 927 119.32 -7.56 50.85
C ASN B 927 118.48 -6.85 51.90
N SER B 928 119.11 -6.36 52.95
CA SER B 928 118.43 -5.64 54.02
C SER B 928 118.86 -4.18 54.11
N LYS B 929 119.61 -3.67 53.13
CA LYS B 929 120.05 -2.28 53.19
C LYS B 929 118.86 -1.32 53.17
N MET B 930 117.85 -1.64 52.35
CA MET B 930 116.73 -0.70 52.18
C MET B 930 116.03 -0.41 53.50
N GLU B 931 116.19 -1.27 54.50
CA GLU B 931 115.64 -0.99 55.82
C GLU B 931 116.15 0.35 56.34
N GLU B 932 117.35 0.75 55.93
CA GLU B 932 117.85 2.07 56.27
C GLU B 932 116.92 3.16 55.73
N PHE B 933 116.48 3.00 54.49
CA PHE B 933 115.48 3.91 53.92
C PHE B 933 114.13 3.59 54.53
N ILE B 934 113.62 4.50 55.36
CA ILE B 934 112.31 4.34 55.97
C ILE B 934 111.90 5.70 56.50
N GLY B 935 110.58 5.96 56.48
CA GLY B 935 110.03 7.25 56.84
C GLY B 935 109.53 8.05 55.66
N MET B 936 109.82 7.62 54.43
CA MET B 936 109.35 8.34 53.26
C MET B 936 107.86 8.09 53.02
N ASP B 937 107.50 6.83 52.74
CA ASP B 937 106.12 6.44 52.50
C ASP B 937 105.62 5.63 53.69
N ASP B 938 104.42 5.98 54.16
CA ASP B 938 103.82 5.21 55.24
C ASP B 938 103.62 3.76 54.84
N GLN B 939 103.32 3.51 53.56
CA GLN B 939 103.21 2.14 53.08
C GLN B 939 104.57 1.43 53.06
N TYR B 940 105.62 2.15 52.66
CA TYR B 940 106.94 1.54 52.64
C TYR B 940 107.40 1.19 54.05
N ASP B 941 107.13 2.07 55.01
CA ASP B 941 107.40 1.74 56.41
C ASP B 941 106.54 0.57 56.86
N PHE B 942 105.27 0.56 56.42
CA PHE B 942 104.35 -0.49 56.79
C PHE B 942 104.91 -1.86 56.42
N PHE B 943 105.45 -1.98 55.21
CA PHE B 943 106.01 -3.24 54.75
C PHE B 943 107.43 -3.50 55.23
N VAL B 944 108.23 -2.46 55.44
CA VAL B 944 109.66 -2.64 55.71
C VAL B 944 109.89 -2.98 57.17
N ASP B 945 109.49 -2.09 58.07
CA ASP B 945 109.65 -2.28 59.51
C ASP B 945 108.28 -2.12 60.15
N PRO B 946 107.38 -3.07 59.93
CA PRO B 946 106.02 -2.92 60.49
C PRO B 946 105.99 -2.78 62.00
N GLU B 947 106.91 -3.45 62.71
CA GLU B 947 106.86 -3.47 64.16
C GLU B 947 106.92 -2.05 64.73
N ASN B 948 107.89 -1.26 64.29
CA ASN B 948 108.02 0.11 64.77
C ASN B 948 107.15 1.09 63.95
N PHE B 949 106.65 0.64 62.80
CA PHE B 949 105.83 1.51 61.97
C PHE B 949 104.57 1.92 62.71
N ASP B 950 104.22 3.19 62.61
CA ASP B 950 103.00 3.70 63.25
C ASP B 950 101.81 3.35 62.37
N TYR B 951 100.98 2.41 62.84
CA TYR B 951 99.83 1.97 62.08
C TYR B 951 98.70 3.00 62.04
N LYS B 952 98.80 4.05 62.85
CA LYS B 952 97.92 5.20 62.67
C LYS B 952 98.12 5.82 61.29
N LYS B 953 99.36 5.82 60.80
CA LYS B 953 99.62 6.33 59.46
C LYS B 953 98.89 5.53 58.40
N PHE B 954 98.72 4.22 58.65
CA PHE B 954 98.24 3.29 57.63
C PHE B 954 96.89 3.72 57.09
N ILE B 955 96.75 3.61 55.77
CA ILE B 955 95.51 3.95 55.07
C ILE B 955 94.80 2.63 54.73
N PRO B 956 93.60 2.38 55.27
CA PRO B 956 92.91 1.12 54.92
C PRO B 956 92.61 0.98 53.45
N SER B 957 92.56 2.08 52.70
CA SER B 957 92.31 1.99 51.26
C SER B 957 93.35 1.13 50.56
N TRP B 958 94.58 1.08 51.10
CA TRP B 958 95.61 0.24 50.50
C TRP B 958 95.18 -1.21 50.46
N LEU B 959 94.40 -1.65 51.46
CA LEU B 959 93.94 -3.03 51.48
C LEU B 959 93.09 -3.35 50.26
N LYS B 960 92.44 -2.33 49.68
CA LYS B 960 91.68 -2.55 48.46
C LYS B 960 92.59 -2.98 47.32
N ASN B 961 93.80 -2.44 47.28
CA ASN B 961 94.73 -2.73 46.18
C ASN B 961 95.54 -4.00 46.42
N TYR B 962 95.79 -4.34 47.67
CA TYR B 962 96.64 -5.50 47.96
C TYR B 962 96.04 -6.76 47.35
N ASN B 963 96.93 -7.57 46.76
CA ASN B 963 96.48 -8.81 46.14
C ASN B 963 96.13 -9.85 47.19
N ASP B 964 95.61 -10.98 46.76
CA ASP B 964 95.17 -12.03 47.67
C ASP B 964 96.31 -12.47 48.59
N LYS B 965 97.46 -12.82 48.01
CA LYS B 965 98.57 -13.33 48.80
C LYS B 965 99.11 -12.25 49.73
N LEU B 966 99.11 -11.00 49.28
CA LEU B 966 99.59 -9.92 50.13
C LEU B 966 98.71 -9.78 51.37
N LEU B 967 97.39 -9.84 51.19
CA LEU B 967 96.49 -9.77 52.34
C LEU B 967 96.68 -10.97 53.25
N GLY B 968 96.85 -12.16 52.67
CA GLY B 968 97.13 -13.32 53.50
C GLY B 968 98.39 -13.16 54.33
N LYS B 969 99.46 -12.66 53.71
CA LYS B 969 100.70 -12.42 54.45
C LYS B 969 100.50 -11.39 55.55
N ILE B 970 99.79 -10.30 55.23
CA ILE B 970 99.55 -9.27 56.23
C ILE B 970 98.81 -9.86 57.42
N ALA B 971 97.86 -10.75 57.16
CA ALA B 971 97.24 -11.50 58.25
C ALA B 971 98.27 -12.35 58.98
N GLY B 972 99.23 -12.92 58.26
CA GLY B 972 100.23 -13.76 58.90
C GLY B 972 101.12 -13.01 59.86
N ASN B 973 101.63 -11.84 59.44
CA ASN B 973 102.58 -11.09 60.27
C ASN B 973 101.91 -10.61 61.55
N LYS B 974 102.51 -10.90 62.69
CA LYS B 974 101.92 -10.58 63.99
C LYS B 974 101.81 -9.07 64.19
N HIS B 975 102.84 -8.32 63.81
CA HIS B 975 102.82 -6.88 64.07
C HIS B 975 101.71 -6.18 63.30
N MET B 976 101.49 -6.56 62.04
CA MET B 976 100.48 -5.88 61.24
C MET B 976 99.12 -6.55 61.39
N LYS B 977 99.09 -7.81 61.81
CA LYS B 977 97.84 -8.56 61.83
C LYS B 977 96.79 -7.82 62.64
N HIS B 978 97.03 -7.66 63.95
CA HIS B 978 96.02 -7.07 64.81
C HIS B 978 95.73 -5.63 64.44
N HIS B 979 96.74 -4.88 64.03
CA HIS B 979 96.52 -3.48 63.68
C HIS B 979 95.57 -3.35 62.49
N VAL B 980 95.75 -4.17 61.45
CA VAL B 980 94.85 -4.07 60.31
C VAL B 980 93.53 -4.80 60.58
N ILE B 981 93.52 -5.75 61.50
CA ILE B 981 92.23 -6.23 62.01
C ILE B 981 91.43 -5.06 62.57
N GLU B 982 92.08 -4.23 63.38
CA GLU B 982 91.41 -3.06 63.94
C GLU B 982 90.99 -2.10 62.84
N VAL B 983 91.84 -1.88 61.83
CA VAL B 983 91.50 -0.88 60.81
C VAL B 983 90.32 -1.35 59.97
N LEU B 984 90.30 -2.64 59.60
CA LEU B 984 89.17 -3.15 58.83
C LEU B 984 87.89 -3.18 59.67
N LYS B 985 88.01 -3.54 60.95
CA LYS B 985 86.87 -3.47 61.85
C LYS B 985 86.31 -2.05 61.86
N GLU B 986 87.19 -1.06 62.00
CA GLU B 986 86.74 0.33 62.04
C GLU B 986 86.09 0.73 60.73
N ARG B 987 86.63 0.26 59.60
CA ARG B 987 86.07 0.65 58.32
C ARG B 987 84.67 0.06 58.13
N VAL B 988 84.50 -1.23 58.44
CA VAL B 988 83.17 -1.82 58.36
C VAL B 988 82.24 -1.31 59.44
N LYS B 989 82.78 -0.74 60.51
CA LYS B 989 81.99 -0.19 61.60
C LYS B 989 81.51 1.22 61.33
N ASN B 990 82.31 2.01 60.59
CA ASN B 990 81.99 3.40 60.31
C ASN B 990 81.54 3.59 58.87
N SER B 991 82.41 3.30 57.90
CA SER B 991 82.03 3.42 56.51
C SER B 991 81.02 2.34 56.12
N ASN B 992 81.12 1.15 56.70
CA ASN B 992 80.17 0.08 56.44
C ASN B 992 80.21 -0.41 55.00
N ASP B 993 81.34 -0.22 54.31
CA ASP B 993 81.46 -0.76 52.96
C ASP B 993 81.55 -2.28 53.02
N LYS B 994 81.18 -2.94 51.92
CA LYS B 994 81.04 -4.38 51.91
C LYS B 994 82.27 -5.09 51.36
N ARG B 995 83.00 -4.49 50.43
CA ARG B 995 84.29 -5.02 50.03
C ARG B 995 85.25 -5.03 51.23
N TYR B 996 85.17 -3.98 52.06
CA TYR B 996 85.98 -3.95 53.26
C TYR B 996 85.64 -5.12 54.17
N LEU B 997 84.35 -5.45 54.31
CA LEU B 997 83.94 -6.61 55.10
C LEU B 997 84.47 -7.90 54.49
N GLU B 998 84.42 -7.99 53.15
CA GLU B 998 84.96 -9.17 52.48
C GLU B 998 86.41 -9.37 52.85
N ILE B 999 87.21 -8.30 52.77
CA ILE B 999 88.62 -8.39 53.18
C ILE B 999 88.71 -8.70 54.66
N LEU B 1000 87.79 -8.16 55.46
CA LEU B 1000 87.86 -8.33 56.91
C LEU B 1000 87.76 -9.79 57.30
N MET B 1001 86.81 -10.53 56.70
CA MET B 1001 86.57 -11.91 57.13
C MET B 1001 87.10 -12.98 56.20
N ASN B 1002 86.86 -12.87 54.90
CA ASN B 1002 87.26 -13.95 54.00
C ASN B 1002 88.76 -14.23 54.07
N TYR B 1003 89.56 -13.25 54.49
CA TYR B 1003 91.01 -13.40 54.60
C TYR B 1003 91.48 -13.52 56.05
N PHE B 1004 91.04 -12.58 56.91
CA PHE B 1004 91.65 -12.42 58.23
C PHE B 1004 90.92 -13.21 59.30
N ILE B 1005 89.64 -12.91 59.51
CA ILE B 1005 88.86 -13.64 60.50
C ILE B 1005 87.43 -13.80 59.99
N LYS C 14 -51.46 2.94 9.77
CA LYS C 14 -50.49 2.70 10.83
C LYS C 14 -49.11 3.20 10.40
N LEU C 15 -48.75 2.97 9.14
CA LEU C 15 -47.48 3.47 8.63
C LEU C 15 -47.54 4.97 8.52
N LYS C 16 -48.75 5.52 8.55
CA LYS C 16 -48.90 6.96 8.51
C LYS C 16 -48.22 7.53 9.73
N GLU C 17 -48.42 6.88 10.87
CA GLU C 17 -47.78 7.32 12.11
C GLU C 17 -46.29 7.11 12.01
N VAL C 18 -45.90 6.00 11.40
CA VAL C 18 -44.47 5.74 11.23
C VAL C 18 -43.91 6.87 10.39
N PHE C 19 -44.59 7.22 9.30
CA PHE C 19 -44.13 8.28 8.42
C PHE C 19 -44.05 9.57 9.20
N LEU C 20 -45.10 9.89 9.94
CA LEU C 20 -45.11 11.09 10.74
C LEU C 20 -43.91 11.09 11.67
N MET C 21 -43.62 9.95 12.27
CA MET C 21 -42.51 9.87 13.21
C MET C 21 -41.16 9.98 12.53
N LEU C 22 -41.04 9.48 11.30
CA LEU C 22 -39.75 9.49 10.63
C LEU C 22 -39.09 10.83 10.80
N ASP C 23 -37.88 10.83 11.32
CA ASP C 23 -37.15 12.07 11.51
C ASP C 23 -36.71 12.56 10.14
N ASN C 24 -36.23 13.79 10.08
CA ASN C 24 -35.74 14.31 8.83
C ASN C 24 -34.71 13.35 8.27
N ASN C 25 -33.90 12.78 9.15
CA ASN C 25 -32.85 11.89 8.70
C ASN C 25 -33.44 10.72 7.96
N VAL C 26 -34.43 10.08 8.56
CA VAL C 26 -35.01 8.89 7.95
C VAL C 26 -35.59 9.23 6.61
N VAL C 27 -36.36 10.31 6.54
CA VAL C 27 -37.04 10.64 5.29
C VAL C 27 -36.05 11.08 4.23
N GLU C 28 -34.95 11.70 4.64
CA GLU C 28 -33.92 12.10 3.70
C GLU C 28 -33.30 10.87 3.07
N CYS C 29 -33.00 9.87 3.90
CA CYS C 29 -32.46 8.64 3.37
C CYS C 29 -33.46 8.01 2.43
N ILE C 30 -34.71 7.97 2.84
CA ILE C 30 -35.74 7.36 2.02
C ILE C 30 -35.86 8.11 0.71
N LYS C 31 -35.75 9.43 0.77
CA LYS C 31 -35.89 10.24 -0.42
C LYS C 31 -34.81 9.91 -1.43
N GLU C 32 -33.57 9.88 -0.99
CA GLU C 32 -32.49 9.66 -1.92
C GLU C 32 -32.57 8.25 -2.48
N ILE C 33 -32.96 7.30 -1.65
CA ILE C 33 -33.01 5.92 -2.09
C ILE C 33 -34.07 5.76 -3.16
N THR C 34 -35.24 6.35 -2.93
CA THR C 34 -36.31 6.27 -3.91
C THR C 34 -35.81 6.95 -5.16
N GLU C 35 -35.36 8.21 -5.05
CA GLU C 35 -35.00 9.02 -6.25
C GLU C 35 -33.91 8.35 -7.07
N SER C 36 -32.83 7.89 -6.45
CA SER C 36 -31.77 7.15 -7.15
C SER C 36 -32.45 6.06 -7.96
N SER C 37 -33.44 5.35 -7.39
CA SER C 37 -34.17 4.23 -8.05
C SER C 37 -34.95 4.70 -9.28
N ARG C 38 -35.59 5.87 -9.24
CA ARG C 38 -36.38 6.38 -10.39
C ARG C 38 -35.38 6.79 -11.47
N ASN C 39 -34.11 6.97 -11.13
CA ASN C 39 -33.02 7.25 -12.11
C ASN C 39 -32.34 5.94 -12.52
N GLY C 40 -32.27 4.90 -11.67
CA GLY C 40 -31.73 3.63 -12.12
C GLY C 40 -30.32 3.47 -11.64
N LYS C 41 -30.05 3.93 -10.42
CA LYS C 41 -28.70 3.92 -9.89
C LYS C 41 -28.58 3.36 -8.48
N LEU C 42 -29.63 2.75 -7.95
CA LEU C 42 -29.59 2.18 -6.61
C LEU C 42 -29.02 0.79 -6.70
N VAL C 43 -28.27 0.37 -5.70
CA VAL C 43 -27.75 -0.97 -5.67
C VAL C 43 -27.93 -1.45 -4.26
N PHE C 44 -28.31 -2.72 -4.10
CA PHE C 44 -28.49 -3.29 -2.78
C PHE C 44 -27.38 -4.26 -2.48
N PHE C 45 -26.74 -4.10 -1.34
CA PHE C 45 -25.74 -5.04 -0.91
C PHE C 45 -26.56 -5.97 -0.06
N VAL C 46 -26.76 -7.20 -0.48
CA VAL C 46 -27.63 -8.13 0.25
C VAL C 46 -26.80 -9.13 1.03
N GLY C 47 -26.98 -9.19 2.33
CA GLY C 47 -26.20 -10.07 3.19
C GLY C 47 -26.86 -11.35 3.62
N ALA C 48 -26.40 -11.90 4.74
CA ALA C 48 -26.92 -13.18 5.21
C ALA C 48 -28.33 -13.10 5.77
N GLY C 49 -28.58 -12.13 6.62
CA GLY C 49 -29.88 -12.02 7.24
C GLY C 49 -31.03 -12.21 6.27
N VAL C 50 -30.94 -11.66 5.08
CA VAL C 50 -32.08 -11.75 4.18
C VAL C 50 -32.40 -13.22 3.99
N SER C 51 -31.39 -14.06 3.88
CA SER C 51 -31.61 -15.48 3.61
C SER C 51 -31.99 -16.28 4.83
N THR C 52 -31.78 -15.73 6.03
CA THR C 52 -32.20 -16.41 7.25
C THR C 52 -33.69 -16.21 7.38
N LEU C 53 -34.26 -15.19 6.74
CA LEU C 53 -35.71 -15.01 6.72
C LEU C 53 -36.27 -16.20 6.00
N SER C 54 -35.49 -16.77 5.07
CA SER C 54 -35.89 -17.96 4.35
C SER C 54 -35.24 -19.15 5.03
N ASP C 55 -35.06 -19.08 6.33
CA ASP C 55 -34.45 -20.18 7.11
C ASP C 55 -33.38 -20.92 6.33
N TYR C 56 -32.36 -20.20 5.88
CA TYR C 56 -31.24 -20.84 5.20
C TYR C 56 -30.22 -21.02 6.31
N PRO C 57 -29.49 -22.14 6.31
CA PRO C 57 -28.59 -22.32 7.45
C PRO C 57 -27.73 -21.13 7.69
N GLN C 58 -27.82 -20.51 8.85
CA GLN C 58 -26.93 -19.43 9.18
C GLN C 58 -25.54 -20.02 9.19
N TRP C 59 -24.52 -19.20 9.00
CA TRP C 59 -23.19 -19.74 8.88
C TRP C 59 -22.76 -20.39 10.17
N TRP C 60 -23.03 -19.74 11.30
CA TRP C 60 -22.57 -20.27 12.57
C TRP C 60 -23.10 -21.68 12.77
N ARG C 61 -24.18 -22.03 12.11
CA ARG C 61 -24.68 -23.39 12.19
C ARG C 61 -23.66 -24.36 11.66
N LEU C 62 -22.96 -24.00 10.60
CA LEU C 62 -21.92 -24.86 10.02
C LEU C 62 -20.59 -24.69 10.73
N VAL C 63 -20.26 -23.47 11.14
CA VAL C 63 -19.05 -23.29 11.88
C VAL C 63 -19.18 -24.25 13.04
N ASP C 64 -20.36 -24.32 13.63
CA ASP C 64 -20.59 -25.20 14.77
C ASP C 64 -20.65 -26.66 14.38
N LYS C 65 -20.99 -26.97 13.14
CA LYS C 65 -20.96 -28.36 12.68
C LYS C 65 -19.52 -28.79 12.54
N TYR C 66 -18.66 -27.89 12.07
CA TYR C 66 -17.22 -28.18 11.96
C TYR C 66 -16.63 -28.21 13.34
N HIS C 67 -17.15 -27.39 14.25
CA HIS C 67 -16.63 -27.32 15.60
C HIS C 67 -17.05 -28.52 16.41
N GLU C 68 -17.96 -29.32 15.88
CA GLU C 68 -18.43 -30.52 16.57
C GLU C 68 -17.82 -31.77 15.99
N GLU C 69 -17.61 -31.82 14.69
CA GLU C 69 -17.00 -32.98 14.07
C GLU C 69 -15.51 -32.90 14.23
N LEU C 70 -15.01 -31.75 14.63
CA LEU C 70 -13.60 -31.57 14.83
C LEU C 70 -13.31 -31.84 16.27
N TYR C 71 -13.96 -31.11 17.17
CA TYR C 71 -13.68 -31.25 18.60
C TYR C 71 -14.61 -32.20 19.37
N GLY C 72 -15.91 -32.14 19.13
CA GLY C 72 -16.87 -32.99 19.84
C GLY C 72 -18.02 -32.27 20.52
N SER C 73 -18.20 -30.98 20.27
CA SER C 73 -19.25 -30.21 20.93
C SER C 73 -19.42 -28.84 20.28
N PRO C 74 -20.38 -28.04 20.74
CA PRO C 74 -20.50 -26.67 20.22
C PRO C 74 -19.66 -25.70 21.01
N LYS C 75 -19.35 -24.55 20.44
CA LYS C 75 -18.48 -23.58 21.10
C LYS C 75 -19.15 -22.95 22.31
N LYS C 76 -20.46 -23.09 22.41
CA LYS C 76 -21.21 -22.48 23.52
C LYS C 76 -20.73 -21.05 23.74
N GLY C 77 -20.71 -20.26 22.68
CA GLY C 77 -20.29 -18.88 22.79
C GLY C 77 -20.54 -18.21 21.45
N ASN C 78 -20.49 -16.88 21.41
CA ASN C 78 -20.67 -16.17 20.15
C ASN C 78 -19.42 -16.23 19.31
N TYR C 79 -19.54 -16.73 18.10
CA TYR C 79 -18.38 -16.86 17.23
C TYR C 79 -17.83 -15.50 16.87
N SER C 80 -16.54 -15.30 17.09
CA SER C 80 -15.90 -14.04 16.76
C SER C 80 -15.62 -13.95 15.29
N SER C 81 -15.07 -12.84 14.84
CA SER C 81 -14.71 -12.70 13.44
C SER C 81 -13.61 -13.69 13.10
N ASP C 82 -12.84 -14.10 14.09
CA ASP C 82 -11.75 -15.03 13.86
C ASP C 82 -12.23 -16.45 13.77
N GLU C 83 -13.07 -16.88 14.70
CA GLU C 83 -13.51 -18.26 14.73
C GLU C 83 -14.47 -18.57 13.62
N TYR C 84 -15.06 -17.54 13.04
CA TYR C 84 -15.93 -17.74 11.92
C TYR C 84 -15.11 -18.21 10.76
N LEU C 85 -13.89 -17.70 10.63
CA LEU C 85 -13.04 -18.05 9.51
C LEU C 85 -12.01 -19.12 9.81
N ARG C 86 -11.71 -19.36 11.08
CA ARG C 86 -10.69 -20.34 11.45
C ARG C 86 -11.24 -21.73 11.64
N ILE C 87 -12.40 -21.86 12.28
CA ILE C 87 -12.93 -23.20 12.55
C ILE C 87 -13.16 -23.90 11.23
N PRO C 88 -13.74 -23.21 10.25
CA PRO C 88 -13.84 -23.90 8.97
C PRO C 88 -12.48 -24.32 8.43
N GLN C 89 -11.45 -23.50 8.60
CA GLN C 89 -10.12 -23.83 8.09
C GLN C 89 -9.42 -24.93 8.86
N ILE C 90 -9.54 -24.96 10.19
CA ILE C 90 -8.94 -26.03 10.98
C ILE C 90 -9.47 -27.35 10.48
N PHE C 91 -10.77 -27.44 10.26
CA PHE C 91 -11.40 -28.64 9.76
C PHE C 91 -10.88 -29.01 8.41
N TYR C 92 -10.68 -28.04 7.55
CA TYR C 92 -10.25 -28.32 6.20
C TYR C 92 -8.83 -28.85 6.23
N ASN C 93 -8.00 -28.25 7.06
CA ASN C 93 -6.62 -28.64 7.09
C ASN C 93 -6.47 -30.02 7.71
N VAL C 94 -7.31 -30.37 8.69
CA VAL C 94 -7.21 -31.67 9.40
C VAL C 94 -8.15 -32.77 8.90
N LYS C 95 -9.44 -32.48 8.69
CA LYS C 95 -10.43 -33.46 8.23
C LYS C 95 -10.50 -33.49 6.73
N GLY C 96 -9.88 -32.52 6.05
CA GLY C 96 -9.78 -32.54 4.60
C GLY C 96 -10.76 -31.78 3.79
N GLU C 97 -10.59 -31.84 2.48
CA GLU C 97 -11.52 -31.18 1.58
C GLU C 97 -12.79 -31.97 1.42
N MET C 98 -12.70 -33.28 1.41
CA MET C 98 -13.87 -34.11 1.18
C MET C 98 -14.95 -33.86 2.21
N ALA C 99 -14.59 -33.92 3.48
CA ALA C 99 -15.56 -33.71 4.53
C ALA C 99 -16.00 -32.28 4.57
N PHE C 100 -15.06 -31.37 4.29
CA PHE C 100 -15.39 -29.98 4.33
C PHE C 100 -16.53 -29.80 3.38
N ASP C 101 -16.40 -30.40 2.21
CA ASP C 101 -17.42 -30.28 1.18
C ASP C 101 -18.64 -31.12 1.52
N GLY C 102 -18.49 -32.15 2.35
CA GLY C 102 -19.62 -32.96 2.77
C GLY C 102 -20.60 -32.17 3.61
N ILE C 103 -20.09 -31.49 4.62
CA ILE C 103 -20.94 -30.65 5.46
C ILE C 103 -21.55 -29.54 4.61
N LEU C 104 -20.81 -29.10 3.60
CA LEU C 104 -21.31 -28.05 2.75
C LEU C 104 -22.51 -28.59 2.04
N LYS C 105 -22.40 -29.78 1.46
CA LYS C 105 -23.50 -30.31 0.68
C LYS C 105 -24.68 -30.51 1.57
N ASP C 106 -24.46 -31.09 2.74
CA ASP C 106 -25.56 -31.39 3.65
C ASP C 106 -26.37 -30.18 4.03
N PHE C 107 -25.73 -29.12 4.48
CA PHE C 107 -26.47 -27.95 4.95
C PHE C 107 -27.02 -27.13 3.84
N PHE C 108 -26.28 -27.01 2.75
CA PHE C 108 -26.67 -26.10 1.69
C PHE C 108 -27.41 -26.70 0.50
N GLN C 109 -27.41 -28.02 0.35
CA GLN C 109 -28.18 -28.65 -0.73
C GLN C 109 -29.58 -28.74 -0.22
N VAL C 110 -30.25 -27.61 -0.15
CA VAL C 110 -31.60 -27.57 0.35
C VAL C 110 -32.30 -26.41 -0.31
N ASP C 111 -33.58 -26.56 -0.55
CA ASP C 111 -34.35 -25.48 -1.17
C ASP C 111 -35.06 -24.71 -0.10
N LYS C 112 -35.07 -23.39 -0.24
CA LYS C 112 -35.78 -22.54 0.70
C LYS C 112 -36.60 -21.54 -0.08
N PRO C 113 -37.63 -20.95 0.54
CA PRO C 113 -38.53 -20.04 -0.18
C PRO C 113 -38.06 -18.58 -0.34
N THR C 114 -38.40 -17.92 -1.43
CA THR C 114 -38.04 -16.52 -1.56
C THR C 114 -38.84 -15.74 -0.54
N ASN C 115 -38.15 -15.20 0.46
CA ASN C 115 -38.83 -14.44 1.51
C ASN C 115 -39.40 -13.14 0.94
N PRO C 116 -40.25 -12.46 1.71
CA PRO C 116 -40.87 -11.24 1.17
C PRO C 116 -39.86 -10.17 0.84
N ILE C 117 -38.84 -10.00 1.67
CA ILE C 117 -37.88 -8.92 1.47
C ILE C 117 -37.17 -9.01 0.13
N HIS C 118 -36.98 -10.22 -0.39
CA HIS C 118 -36.37 -10.34 -1.69
C HIS C 118 -37.18 -9.61 -2.74
N ASP C 119 -38.48 -9.79 -2.72
CA ASP C 119 -39.35 -9.14 -3.72
C ASP C 119 -39.40 -7.65 -3.51
N LYS C 120 -39.43 -7.21 -2.27
CA LYS C 120 -39.39 -5.80 -1.99
C LYS C 120 -38.15 -5.23 -2.65
N ILE C 121 -37.02 -5.90 -2.52
CA ILE C 121 -35.77 -5.39 -3.07
C ILE C 121 -35.88 -5.26 -4.58
N LEU C 122 -36.36 -6.29 -5.25
CA LEU C 122 -36.45 -6.25 -6.69
C LEU C 122 -37.54 -5.29 -7.15
N ALA C 123 -38.41 -4.85 -6.24
CA ALA C 123 -39.46 -3.91 -6.58
C ALA C 123 -38.91 -2.52 -6.58
N MET C 124 -37.74 -2.33 -5.97
CA MET C 124 -37.10 -1.04 -6.03
C MET C 124 -36.42 -0.98 -7.37
N ASN C 125 -36.47 -2.07 -8.13
CA ASN C 125 -35.86 -2.13 -9.44
C ASN C 125 -34.39 -1.73 -9.33
N PRO C 126 -33.64 -2.43 -8.46
CA PRO C 126 -32.27 -2.00 -8.26
C PRO C 126 -31.47 -2.14 -9.53
N ALA C 127 -30.48 -1.27 -9.71
CA ALA C 127 -29.63 -1.34 -10.88
C ALA C 127 -28.80 -2.59 -10.83
N HIS C 128 -28.26 -2.92 -9.66
CA HIS C 128 -27.48 -4.12 -9.49
C HIS C 128 -27.78 -4.70 -8.14
N VAL C 129 -27.32 -5.90 -7.87
CA VAL C 129 -27.48 -6.51 -6.54
C VAL C 129 -26.22 -7.26 -6.18
N ILE C 130 -25.33 -6.65 -5.41
CA ILE C 130 -24.14 -7.33 -4.99
C ILE C 130 -24.58 -8.10 -3.79
N THR C 131 -23.98 -9.26 -3.58
CA THR C 131 -24.39 -10.14 -2.49
C THR C 131 -23.24 -11.02 -2.05
N THR C 132 -23.21 -11.34 -0.77
CA THR C 132 -22.17 -12.18 -0.23
C THR C 132 -22.77 -13.55 0.11
N ASN C 133 -23.88 -13.91 -0.53
CA ASN C 133 -24.57 -15.18 -0.25
C ASN C 133 -24.31 -16.29 -1.26
N TYR C 134 -24.14 -17.52 -0.78
CA TYR C 134 -23.91 -18.67 -1.66
C TYR C 134 -25.21 -19.21 -2.22
N ASP C 135 -26.31 -18.93 -1.54
CA ASP C 135 -27.63 -19.39 -1.97
C ASP C 135 -28.10 -18.76 -3.26
N ASN C 136 -29.21 -19.26 -3.81
CA ASN C 136 -29.74 -18.75 -5.07
C ASN C 136 -31.10 -18.09 -4.87
N LEU C 137 -31.37 -17.59 -3.68
CA LEU C 137 -32.68 -17.01 -3.39
C LEU C 137 -32.90 -15.67 -4.10
N ILE C 138 -31.90 -14.81 -4.13
CA ILE C 138 -32.03 -13.55 -4.87
C ILE C 138 -32.23 -13.88 -6.32
N ASP C 139 -31.54 -14.91 -6.80
CA ASP C 139 -31.62 -15.28 -8.20
C ASP C 139 -33.02 -15.79 -8.55
N THR C 140 -33.62 -16.54 -7.65
CA THR C 140 -34.95 -17.09 -7.93
C THR C 140 -35.99 -16.00 -7.92
N ALA C 141 -35.92 -15.11 -6.94
CA ALA C 141 -36.88 -14.04 -6.87
C ALA C 141 -36.79 -13.24 -8.14
N CYS C 142 -35.59 -13.13 -8.70
CA CYS C 142 -35.41 -12.39 -9.93
C CYS C 142 -36.16 -13.04 -11.07
N TRP C 143 -35.99 -14.35 -11.26
CA TRP C 143 -36.63 -15.01 -12.38
C TRP C 143 -38.13 -14.96 -12.21
N LYS C 144 -38.59 -15.12 -10.98
CA LYS C 144 -40.01 -15.11 -10.71
C LYS C 144 -40.58 -13.74 -11.01
N ARG C 145 -39.90 -12.71 -10.55
CA ARG C 145 -40.34 -11.34 -10.79
C ARG C 145 -40.28 -11.06 -12.27
N GLY C 146 -39.38 -11.74 -12.96
CA GLY C 146 -39.22 -11.54 -14.39
C GLY C 146 -38.19 -10.47 -14.67
N LYS C 147 -37.29 -10.23 -13.72
CA LYS C 147 -36.24 -9.25 -13.90
C LYS C 147 -34.93 -9.96 -14.12
N TYR C 148 -34.28 -9.70 -15.25
CA TYR C 148 -33.03 -10.37 -15.57
C TYR C 148 -31.82 -9.72 -14.97
N PHE C 149 -30.79 -10.50 -14.66
CA PHE C 149 -29.55 -9.97 -14.15
C PHE C 149 -28.54 -10.99 -14.56
N SER C 150 -27.35 -10.57 -14.96
CA SER C 150 -26.30 -11.52 -15.28
C SER C 150 -25.65 -11.87 -13.98
N VAL C 151 -25.55 -13.15 -13.65
CA VAL C 151 -25.00 -13.54 -12.36
C VAL C 151 -23.51 -13.73 -12.52
N ILE C 152 -22.72 -12.96 -11.78
CA ILE C 152 -21.28 -13.11 -11.80
C ILE C 152 -20.91 -13.62 -10.43
N SER C 153 -20.41 -14.84 -10.36
CA SER C 153 -20.04 -15.43 -9.09
C SER C 153 -18.69 -16.14 -9.22
N ALA C 154 -17.97 -15.89 -10.30
CA ALA C 154 -16.70 -16.53 -10.54
C ALA C 154 -15.95 -15.60 -11.43
N GLU C 155 -14.63 -15.71 -11.48
CA GLU C 155 -13.86 -14.75 -12.25
C GLU C 155 -14.28 -14.74 -13.70
N GLU C 156 -14.41 -15.90 -14.30
CA GLU C 156 -14.72 -15.97 -15.72
C GLU C 156 -16.02 -15.29 -16.09
N ASP C 157 -16.99 -15.26 -15.20
CA ASP C 157 -18.30 -14.70 -15.54
C ASP C 157 -18.26 -13.23 -15.91
N VAL C 158 -17.26 -12.49 -15.45
CA VAL C 158 -17.23 -11.05 -15.71
C VAL C 158 -17.02 -10.77 -17.18
N ALA C 159 -16.16 -11.55 -17.83
CA ALA C 159 -15.86 -11.32 -19.23
C ALA C 159 -16.96 -11.79 -20.14
N ASN C 160 -17.72 -12.81 -19.72
CA ASN C 160 -18.75 -13.39 -20.59
C ASN C 160 -20.18 -12.92 -20.30
N ALA C 161 -20.35 -11.91 -19.48
CA ALA C 161 -21.69 -11.46 -19.13
C ALA C 161 -22.40 -10.95 -20.34
N THR C 162 -23.73 -10.84 -20.26
CA THR C 162 -24.52 -10.43 -21.41
C THR C 162 -25.55 -9.36 -21.08
N SER C 163 -25.31 -8.58 -20.03
CA SER C 163 -26.22 -7.53 -19.66
C SER C 163 -25.51 -6.48 -18.84
N SER C 164 -26.10 -5.30 -18.75
CA SER C 164 -25.52 -4.26 -17.92
C SER C 164 -25.70 -4.60 -16.45
N ARG C 165 -26.88 -5.08 -16.09
CA ARG C 165 -27.17 -5.37 -14.70
C ARG C 165 -26.40 -6.60 -14.30
N TYR C 166 -26.02 -6.69 -13.03
CA TYR C 166 -25.26 -7.82 -12.54
C TYR C 166 -25.70 -8.29 -11.19
N LEU C 167 -25.63 -9.59 -10.94
CA LEU C 167 -25.88 -10.11 -9.60
C LEU C 167 -24.49 -10.56 -9.26
N LEU C 168 -23.73 -9.69 -8.61
CA LEU C 168 -22.37 -10.01 -8.31
C LEU C 168 -22.37 -10.74 -7.02
N LYS C 169 -22.09 -12.02 -7.06
CA LYS C 169 -21.99 -12.82 -5.87
C LYS C 169 -20.52 -12.76 -5.57
N VAL C 170 -20.14 -11.93 -4.63
CA VAL C 170 -18.72 -11.70 -4.37
C VAL C 170 -18.02 -12.81 -3.60
N HIS C 171 -18.76 -13.72 -3.00
CA HIS C 171 -18.17 -14.81 -2.24
C HIS C 171 -18.52 -16.12 -2.89
N GLY C 172 -18.79 -16.11 -4.18
CA GLY C 172 -19.06 -17.32 -4.92
C GLY C 172 -20.42 -17.86 -4.71
N ASP C 173 -20.67 -19.05 -5.21
CA ASP C 173 -21.92 -19.73 -4.99
C ASP C 173 -21.67 -21.16 -5.38
N PHE C 174 -22.56 -22.06 -5.01
CA PHE C 174 -22.35 -23.48 -5.26
C PHE C 174 -23.01 -23.90 -6.53
N ARG C 175 -23.19 -22.98 -7.48
CA ARG C 175 -23.88 -23.29 -8.72
C ARG C 175 -23.08 -24.27 -9.52
N LYS C 176 -21.77 -24.25 -9.35
CA LYS C 176 -20.93 -25.21 -10.05
C LYS C 176 -20.73 -26.47 -9.22
N GLY C 177 -21.41 -26.59 -8.08
CA GLY C 177 -21.31 -27.76 -7.23
C GLY C 177 -21.11 -27.34 -5.80
N PHE C 178 -21.43 -28.21 -4.84
CA PHE C 178 -21.30 -27.88 -3.43
C PHE C 178 -19.89 -28.18 -2.97
N LYS C 179 -18.92 -27.60 -3.66
CA LYS C 179 -17.53 -27.75 -3.26
C LYS C 179 -17.12 -26.47 -2.61
N GLY C 180 -16.08 -26.50 -1.78
CA GLY C 180 -15.62 -25.31 -1.10
C GLY C 180 -14.66 -24.52 -1.94
N GLU C 181 -14.40 -24.99 -3.16
CA GLU C 181 -13.52 -24.29 -4.07
C GLU C 181 -14.25 -23.23 -4.82
N ASN C 182 -15.56 -23.21 -4.70
CA ASN C 182 -16.37 -22.25 -5.40
C ASN C 182 -16.94 -21.19 -4.48
N VAL C 183 -16.42 -21.07 -3.27
CA VAL C 183 -16.98 -20.13 -2.30
C VAL C 183 -15.92 -19.54 -1.39
N VAL C 184 -16.23 -18.46 -0.68
CA VAL C 184 -15.30 -17.84 0.27
C VAL C 184 -15.85 -17.96 1.68
N LEU C 185 -15.41 -18.96 2.43
CA LEU C 185 -15.90 -19.13 3.77
C LEU C 185 -14.77 -19.33 4.78
N LYS C 186 -13.78 -20.14 4.42
CA LYS C 186 -12.70 -20.40 5.34
C LYS C 186 -11.75 -19.23 5.35
N GLU C 187 -10.71 -19.26 6.19
CA GLU C 187 -9.83 -18.09 6.32
C GLU C 187 -8.91 -17.82 5.17
N ASP C 188 -8.31 -18.82 4.55
CA ASP C 188 -7.37 -18.55 3.50
C ASP C 188 -8.10 -17.91 2.36
N ASP C 189 -9.36 -18.27 2.19
CA ASP C 189 -10.17 -17.72 1.10
C ASP C 189 -10.34 -16.25 1.25
N TYR C 190 -10.49 -15.78 2.48
CA TYR C 190 -10.65 -14.37 2.75
C TYR C 190 -9.33 -13.64 2.66
N LEU C 191 -8.25 -14.28 3.05
CA LEU C 191 -6.94 -13.64 3.03
C LEU C 191 -6.48 -13.45 1.62
N ASN C 192 -6.74 -14.40 0.75
CA ASN C 192 -6.29 -14.34 -0.62
C ASN C 192 -7.42 -13.95 -1.54
N TYR C 193 -8.29 -13.06 -1.10
CA TYR C 193 -9.46 -12.76 -1.91
C TYR C 193 -9.16 -12.00 -3.18
N ASP C 194 -8.46 -10.87 -3.09
CA ASP C 194 -8.22 -10.05 -4.27
C ASP C 194 -7.29 -10.73 -5.21
N GLN C 195 -6.43 -11.58 -4.68
CA GLN C 195 -5.53 -12.34 -5.52
C GLN C 195 -6.31 -13.33 -6.35
N ASN C 196 -7.34 -13.94 -5.76
CA ASN C 196 -8.10 -14.95 -6.45
C ASN C 196 -9.30 -14.39 -7.18
N TYR C 197 -9.88 -13.29 -6.68
CA TYR C 197 -11.02 -12.65 -7.31
C TYR C 197 -10.74 -11.19 -7.64
N PRO C 198 -9.77 -10.93 -8.54
CA PRO C 198 -9.39 -9.56 -8.84
C PRO C 198 -10.45 -8.84 -9.63
N LEU C 199 -11.07 -9.52 -10.56
CA LEU C 199 -12.08 -8.90 -11.41
C LEU C 199 -13.37 -8.58 -10.67
N ILE C 200 -13.87 -9.51 -9.88
CA ILE C 200 -15.08 -9.27 -9.10
C ILE C 200 -14.84 -8.28 -7.97
N SER C 201 -13.63 -8.28 -7.41
CA SER C 201 -13.31 -7.30 -6.38
C SER C 201 -13.44 -5.91 -6.93
N ASN C 202 -12.86 -5.68 -8.10
CA ASN C 202 -12.91 -4.38 -8.74
C ASN C 202 -14.28 -4.00 -9.19
N LEU C 203 -15.06 -4.96 -9.67
CA LEU C 203 -16.39 -4.66 -10.19
C LEU C 203 -17.26 -4.15 -9.05
N MET C 204 -17.17 -4.77 -7.90
CA MET C 204 -17.95 -4.34 -6.77
C MET C 204 -17.58 -2.93 -6.46
N LYS C 205 -16.28 -2.66 -6.40
CA LYS C 205 -15.79 -1.33 -6.03
C LYS C 205 -16.13 -0.25 -7.05
N THR C 206 -16.18 -0.57 -8.34
CA THR C 206 -16.59 0.40 -9.35
C THR C 206 -18.08 0.71 -9.24
N ILE C 207 -18.90 -0.26 -8.87
CA ILE C 207 -20.34 -0.03 -8.70
C ILE C 207 -20.55 0.78 -7.45
N ILE C 208 -19.84 0.46 -6.39
CA ILE C 208 -20.00 1.17 -5.14
C ILE C 208 -19.73 2.61 -5.40
N ALA C 209 -18.76 2.90 -6.25
CA ALA C 209 -18.36 4.27 -6.55
C ALA C 209 -19.35 5.01 -7.39
N THR C 210 -19.92 4.34 -8.38
CA THR C 210 -20.82 5.00 -9.32
C THR C 210 -22.31 4.84 -9.06
N HIS C 211 -22.69 4.09 -8.01
CA HIS C 211 -24.09 3.87 -7.68
C HIS C 211 -24.31 4.14 -6.23
N THR C 212 -25.55 4.34 -5.80
CA THR C 212 -25.87 4.53 -4.39
C THR C 212 -26.07 3.17 -3.75
N ILE C 213 -25.22 2.81 -2.79
CA ILE C 213 -25.32 1.49 -2.17
C ILE C 213 -26.23 1.53 -0.96
N VAL C 214 -27.09 0.52 -0.81
CA VAL C 214 -27.93 0.42 0.36
C VAL C 214 -27.74 -0.99 0.89
N PHE C 215 -27.03 -1.13 2.02
CA PHE C 215 -26.76 -2.44 2.57
C PHE C 215 -28.02 -2.96 3.19
N ILE C 216 -28.17 -4.28 3.25
CA ILE C 216 -29.30 -4.89 3.90
C ILE C 216 -28.94 -6.33 4.19
N GLY C 217 -29.05 -6.76 5.45
CA GLY C 217 -28.75 -8.13 5.81
C GLY C 217 -27.43 -8.29 6.53
N TYR C 218 -26.88 -7.19 7.02
CA TYR C 218 -25.57 -7.22 7.65
C TYR C 218 -25.67 -6.52 8.95
N GLY C 219 -24.70 -6.71 9.82
CA GLY C 219 -24.67 -5.98 11.08
C GLY C 219 -23.50 -5.04 11.00
N LEU C 220 -23.47 -3.98 11.77
CA LEU C 220 -22.39 -3.00 11.64
C LEU C 220 -21.05 -3.61 11.95
N GLY C 221 -21.02 -4.75 12.62
CA GLY C 221 -19.78 -5.39 12.98
C GLY C 221 -19.38 -6.47 12.02
N ASP C 222 -20.07 -6.54 10.88
CA ASP C 222 -19.78 -7.57 9.90
C ASP C 222 -18.38 -7.41 9.37
N TYR C 223 -17.73 -8.51 9.04
CA TYR C 223 -16.41 -8.45 8.48
C TYR C 223 -16.42 -7.71 7.17
N ASN C 224 -17.40 -8.01 6.32
CA ASN C 224 -17.44 -7.40 5.01
C ASN C 224 -17.74 -5.93 5.07
N ILE C 225 -18.69 -5.54 5.89
CA ILE C 225 -19.09 -4.16 5.95
C ILE C 225 -17.89 -3.42 6.39
N ASN C 226 -17.15 -3.96 7.36
CA ASN C 226 -16.02 -3.23 7.91
C ASN C 226 -14.85 -3.11 6.95
N MET C 227 -14.66 -4.07 6.07
CA MET C 227 -13.60 -4.01 5.08
C MET C 227 -13.87 -2.97 4.03
N LEU C 228 -15.09 -2.89 3.59
CA LEU C 228 -15.45 -1.89 2.59
C LEU C 228 -15.22 -0.52 3.14
N LEU C 229 -15.51 -0.33 4.41
CA LEU C 229 -15.37 0.98 5.03
C LEU C 229 -13.92 1.37 5.14
N ASN C 230 -13.03 0.40 5.30
CA ASN C 230 -11.59 0.67 5.38
C ASN C 230 -11.01 0.99 4.01
N TRP C 231 -11.71 0.66 2.93
CA TRP C 231 -11.27 1.00 1.59
C TRP C 231 -11.79 2.38 1.24
N VAL C 232 -12.96 2.72 1.75
CA VAL C 232 -13.54 4.00 1.47
C VAL C 232 -12.73 5.06 2.19
N ARG C 233 -12.01 4.65 3.23
CA ARG C 233 -11.19 5.59 3.95
C ARG C 233 -10.11 6.04 3.03
N LYS C 234 -9.55 5.09 2.29
CA LYS C 234 -8.47 5.38 1.39
C LYS C 234 -8.93 6.20 0.20
N LEU C 235 -10.14 5.93 -0.33
CA LEU C 235 -10.66 6.75 -1.40
C LEU C 235 -10.26 8.14 -1.02
N GLN C 236 -10.54 8.51 0.22
CA GLN C 236 -10.08 9.80 0.72
C GLN C 236 -10.14 10.94 -0.26
N LYS C 237 -11.27 11.13 -0.92
CA LYS C 237 -11.40 12.30 -1.78
C LYS C 237 -12.85 12.75 -1.77
N ASP C 238 -13.59 12.37 -0.74
CA ASP C 238 -14.99 12.70 -0.70
C ASP C 238 -15.55 12.47 -2.09
N SER C 239 -15.09 11.41 -2.75
CA SER C 239 -15.58 11.07 -4.08
C SER C 239 -16.58 9.94 -4.01
N PHE C 240 -16.98 9.56 -2.79
CA PHE C 240 -17.89 8.43 -2.60
C PHE C 240 -19.21 8.85 -1.97
N HIS C 241 -20.32 8.33 -2.48
CA HIS C 241 -21.61 8.62 -1.89
C HIS C 241 -21.74 7.78 -0.65
N LYS C 242 -22.06 8.39 0.50
CA LYS C 242 -22.10 7.64 1.73
C LYS C 242 -23.11 6.51 1.61
N PRO C 243 -22.68 5.27 1.91
CA PRO C 243 -23.62 4.17 1.72
C PRO C 243 -24.64 4.07 2.83
N PHE C 244 -25.91 3.86 2.51
CA PHE C 244 -26.92 3.67 3.52
C PHE C 244 -26.78 2.28 4.08
N PHE C 245 -27.09 2.12 5.37
CA PHE C 245 -27.02 0.81 6.01
C PHE C 245 -28.33 0.53 6.72
N ILE C 246 -29.09 -0.44 6.25
CA ILE C 246 -30.38 -0.78 6.85
C ILE C 246 -30.20 -1.70 8.06
N ARG C 247 -30.05 -1.14 9.25
CA ARG C 247 -29.89 -1.94 10.46
C ARG C 247 -31.21 -2.58 10.74
N THR C 248 -31.20 -3.79 11.24
CA THR C 248 -32.44 -4.52 11.47
C THR C 248 -32.26 -5.46 12.64
N ASP C 249 -31.51 -5.05 13.65
CA ASP C 249 -31.31 -5.85 14.85
C ASP C 249 -32.42 -5.49 15.81
N PRO C 250 -32.79 -6.39 16.71
CA PRO C 250 -33.93 -6.08 17.58
C PRO C 250 -33.77 -4.81 18.40
N SER C 251 -32.71 -4.70 19.18
CA SER C 251 -32.56 -3.53 20.04
C SER C 251 -32.35 -2.26 19.21
N PRO C 252 -32.50 -1.08 19.84
CA PRO C 252 -32.23 0.15 19.11
C PRO C 252 -30.73 0.48 19.11
N ILE C 253 -30.19 0.92 17.98
CA ILE C 253 -28.78 1.31 17.91
C ILE C 253 -28.51 2.42 18.89
N GLU C 254 -27.42 2.31 19.63
CA GLU C 254 -27.07 3.34 20.59
C GLU C 254 -26.61 4.56 19.81
N ASN C 255 -26.16 5.59 20.51
CA ASN C 255 -25.74 6.82 19.86
C ASN C 255 -24.24 6.85 19.65
N GLU C 256 -23.47 6.29 20.57
CA GLU C 256 -22.04 6.38 20.45
C GLU C 256 -21.64 5.69 19.17
N THR C 257 -22.27 4.56 18.86
CA THR C 257 -21.95 3.86 17.63
C THR C 257 -22.50 4.59 16.46
N LEU C 258 -23.72 5.12 16.56
CA LEU C 258 -24.33 5.81 15.43
C LEU C 258 -23.38 6.88 14.97
N ILE C 259 -22.82 7.62 15.92
CA ILE C 259 -21.89 8.69 15.58
C ILE C 259 -20.64 8.11 14.94
N TYR C 260 -20.03 7.13 15.56
CA TYR C 260 -18.78 6.57 15.06
C TYR C 260 -18.91 5.99 13.67
N TYR C 261 -19.93 5.20 13.43
CA TYR C 261 -20.09 4.55 12.14
C TYR C 261 -20.59 5.50 11.10
N GLU C 262 -21.22 6.59 11.52
CA GLU C 262 -21.68 7.58 10.58
C GLU C 262 -20.47 8.35 10.10
N ASN C 263 -19.55 8.64 11.01
CA ASN C 263 -18.34 9.33 10.64
C ASN C 263 -17.49 8.45 9.74
N LYS C 264 -17.48 7.15 10.01
CA LYS C 264 -16.71 6.19 9.20
C LYS C 264 -17.23 6.04 7.79
N GLY C 265 -18.43 6.52 7.50
CA GLY C 265 -18.91 6.51 6.14
C GLY C 265 -20.33 6.10 5.90
N LEU C 266 -21.03 5.56 6.89
CA LEU C 266 -22.37 5.03 6.67
C LEU C 266 -23.51 5.95 6.99
N ARG C 267 -24.71 5.58 6.58
CA ARG C 267 -25.92 6.34 6.85
C ARG C 267 -26.92 5.36 7.41
N ILE C 268 -26.81 5.02 8.69
CA ILE C 268 -27.65 3.98 9.28
C ILE C 268 -29.14 4.31 9.25
N ILE C 269 -30.00 3.31 9.07
CA ILE C 269 -31.46 3.50 9.08
C ILE C 269 -32.02 2.42 9.98
N ASP C 270 -31.84 2.56 11.30
CA ASP C 270 -32.26 1.51 12.24
C ASP C 270 -33.74 1.26 12.20
N ALA C 271 -34.13 0.03 11.88
CA ALA C 271 -35.53 -0.31 11.80
C ALA C 271 -36.16 -0.37 13.17
N ALA C 272 -35.36 -0.64 14.19
CA ALA C 272 -35.86 -0.69 15.56
C ALA C 272 -36.44 0.65 15.94
N SER C 273 -35.74 1.73 15.59
CA SER C 273 -36.24 3.06 15.90
C SER C 273 -37.48 3.34 15.10
N LEU C 274 -37.49 2.94 13.84
CA LEU C 274 -38.65 3.15 12.98
C LEU C 274 -39.91 2.45 13.50
N ILE C 275 -39.78 1.20 13.95
CA ILE C 275 -40.92 0.44 14.46
C ILE C 275 -40.49 -0.43 15.63
N ASP C 276 -41.28 -0.43 16.70
CA ASP C 276 -40.96 -1.24 17.88
C ASP C 276 -41.21 -2.72 17.62
N SER C 277 -40.48 -3.60 18.30
CA SER C 277 -40.60 -5.04 18.05
C SER C 277 -40.04 -5.90 19.14
N ASN C 278 -40.52 -7.15 19.23
CA ASN C 278 -40.03 -8.08 20.24
C ASN C 278 -38.68 -8.57 19.81
N GLU C 279 -37.96 -9.30 20.64
CA GLU C 279 -36.59 -9.70 20.32
C GLU C 279 -36.40 -10.46 19.01
N TYR C 280 -37.38 -11.22 18.54
CA TYR C 280 -37.18 -12.04 17.34
C TYR C 280 -38.15 -11.72 16.22
N ASP C 281 -38.64 -10.49 16.19
CA ASP C 281 -39.55 -10.08 15.14
C ASP C 281 -38.75 -9.50 13.99
N TYR C 282 -38.11 -10.34 13.19
CA TYR C 282 -37.23 -9.83 12.13
C TYR C 282 -37.97 -9.38 10.89
N LEU C 283 -38.75 -10.24 10.26
CA LEU C 283 -39.40 -9.83 9.02
C LEU C 283 -40.19 -8.55 9.24
N GLU C 284 -40.60 -8.28 10.47
CA GLU C 284 -41.31 -7.06 10.78
C GLU C 284 -40.42 -5.84 10.65
N ARG C 285 -39.27 -5.85 11.32
CA ARG C 285 -38.34 -4.74 11.22
C ARG C 285 -37.85 -4.58 9.79
N TYR C 286 -37.64 -5.69 9.09
CA TYR C 286 -37.21 -5.63 7.72
C TYR C 286 -38.24 -4.94 6.89
N SER C 287 -39.48 -5.42 6.91
CA SER C 287 -40.53 -4.85 6.05
C SER C 287 -40.74 -3.36 6.25
N ALA C 288 -40.82 -2.93 7.50
CA ALA C 288 -41.06 -1.54 7.78
C ALA C 288 -40.07 -0.69 7.03
N VAL C 289 -38.78 -0.87 7.32
CA VAL C 289 -37.77 -0.02 6.69
C VAL C 289 -37.67 -0.31 5.22
N MET C 290 -37.88 -1.56 4.83
CA MET C 290 -37.70 -1.94 3.44
C MET C 290 -38.72 -1.32 2.53
N ASP C 291 -39.98 -1.67 2.68
CA ASP C 291 -41.00 -1.19 1.73
C ASP C 291 -42.06 -0.30 2.33
N LEU C 292 -42.37 -0.50 3.60
CA LEU C 292 -43.42 0.28 4.19
C LEU C 292 -42.95 1.71 4.31
N LEU C 293 -41.65 1.95 4.16
CA LEU C 293 -41.12 3.31 4.18
C LEU C 293 -40.51 3.63 2.85
N ILE C 294 -39.39 3.01 2.51
CA ILE C 294 -38.71 3.41 1.28
C ILE C 294 -39.64 3.25 0.09
N GLU C 295 -40.27 2.09 -0.06
CA GLU C 295 -41.09 1.88 -1.24
C GLU C 295 -42.39 2.68 -1.20
N SER C 296 -42.95 2.88 -0.01
CA SER C 296 -44.20 3.62 0.13
C SER C 296 -44.01 5.12 0.01
N GLN C 297 -42.77 5.58 0.16
CA GLN C 297 -42.48 7.00 0.08
C GLN C 297 -42.02 7.39 -1.31
N GLU C 298 -42.28 6.55 -2.31
CA GLU C 298 -41.83 6.85 -3.66
C GLU C 298 -42.45 8.15 -4.16
N ASN C 299 -43.58 8.57 -3.60
CA ASN C 299 -44.29 9.78 -4.06
C ASN C 299 -43.74 11.11 -3.50
N LYS C 300 -44.38 12.22 -3.84
CA LYS C 300 -43.94 13.55 -3.36
C LYS C 300 -44.32 13.81 -1.91
N PHE C 301 -43.83 14.91 -1.32
CA PHE C 301 -44.11 15.22 0.10
C PHE C 301 -44.54 16.70 0.18
N ILE C 302 -45.41 17.16 -0.73
CA ILE C 302 -45.86 18.54 -0.79
C ILE C 302 -46.86 18.77 0.34
N THR C 303 -46.44 19.50 1.38
CA THR C 303 -47.30 19.78 2.51
C THR C 303 -47.21 21.22 3.02
N LYS C 304 -46.37 22.06 2.42
CA LYS C 304 -46.18 23.43 2.87
C LYS C 304 -46.42 24.40 1.73
N ASP C 305 -46.73 25.64 2.07
CA ASP C 305 -46.96 26.68 1.09
C ASP C 305 -45.70 27.01 0.28
N ASP C 306 -44.51 26.74 0.81
CA ASP C 306 -43.26 27.03 0.11
C ASP C 306 -42.78 25.87 -0.74
N GLU C 307 -43.09 24.63 -0.35
CA GLU C 307 -42.67 23.48 -1.16
C GLU C 307 -43.38 23.47 -2.51
N VAL C 308 -44.61 23.98 -2.57
CA VAL C 308 -45.32 24.06 -3.84
C VAL C 308 -44.57 24.95 -4.82
N ILE C 309 -44.16 26.13 -4.36
CA ILE C 309 -43.45 27.06 -5.23
C ILE C 309 -42.12 26.46 -5.66
N ASP C 310 -41.40 25.84 -4.74
CA ASP C 310 -40.11 25.24 -5.08
C ASP C 310 -40.27 24.13 -6.12
N TYR C 311 -41.27 23.26 -5.93
CA TYR C 311 -41.49 22.19 -6.89
C TYR C 311 -41.87 22.73 -8.26
N ILE C 312 -42.78 23.71 -8.30
CA ILE C 312 -43.20 24.25 -9.58
C ILE C 312 -42.02 24.93 -10.28
N TYR C 313 -41.20 25.66 -9.53
CA TYR C 313 -40.03 26.30 -10.12
C TYR C 313 -39.05 25.24 -10.64
N GLY C 314 -38.85 24.16 -9.89
CA GLY C 314 -37.98 23.11 -10.38
C GLY C 314 -38.48 22.49 -11.67
N LYS C 315 -39.79 22.31 -11.79
CA LYS C 315 -40.35 21.73 -13.01
C LYS C 315 -40.42 22.71 -14.17
N ILE C 316 -40.41 24.02 -13.91
CA ILE C 316 -40.66 25.01 -14.96
C ILE C 316 -39.40 25.78 -15.37
N SER C 317 -38.36 25.81 -14.55
CA SER C 317 -37.19 26.63 -14.86
C SER C 317 -36.53 26.30 -16.19
N PRO C 318 -36.27 25.02 -16.53
CA PRO C 318 -35.57 24.75 -17.80
C PRO C 318 -36.30 25.28 -19.02
N LEU C 319 -37.63 25.42 -18.96
CA LEU C 319 -38.39 25.94 -20.08
C LEU C 319 -38.13 27.42 -20.35
N PHE C 320 -37.47 28.13 -19.43
CA PHE C 320 -37.18 29.54 -19.66
C PHE C 320 -36.25 29.75 -20.85
N ALA C 321 -35.42 28.76 -21.19
CA ALA C 321 -34.54 28.91 -22.34
C ALA C 321 -35.34 29.11 -23.62
N LEU C 322 -36.48 28.45 -23.75
CA LEU C 322 -37.35 28.63 -24.90
C LEU C 322 -38.17 29.90 -24.75
N GLN C 323 -38.82 30.30 -25.85
CA GLN C 323 -39.61 31.52 -25.87
C GLN C 323 -41.08 31.27 -25.52
N TYR C 324 -41.65 30.19 -26.04
CA TYR C 324 -43.05 29.85 -25.77
C TYR C 324 -43.20 28.34 -25.72
N ILE C 325 -44.23 27.89 -25.01
CA ILE C 325 -44.51 26.47 -24.81
C ILE C 325 -45.95 26.21 -25.18
N ARG C 326 -46.18 25.16 -25.97
CA ARG C 326 -47.55 24.77 -26.29
C ARG C 326 -48.29 24.31 -25.04
N LYS C 327 -49.54 24.73 -24.91
CA LYS C 327 -50.32 24.38 -23.73
C LYS C 327 -50.51 22.87 -23.62
N ILE C 328 -50.75 22.20 -24.75
CA ILE C 328 -50.95 20.75 -24.71
C ILE C 328 -49.70 20.04 -24.21
N ASP C 329 -48.52 20.49 -24.66
CA ASP C 329 -47.27 19.86 -24.23
C ASP C 329 -47.09 19.89 -22.74
N LEU C 330 -47.67 20.88 -22.05
CA LEU C 330 -47.56 20.93 -20.59
C LEU C 330 -48.10 19.67 -19.94
N LYS C 331 -49.02 18.97 -20.59
CA LYS C 331 -49.54 17.72 -20.02
C LYS C 331 -48.41 16.74 -19.74
N HIS C 332 -47.35 16.77 -20.54
CA HIS C 332 -46.22 15.87 -20.32
C HIS C 332 -45.20 16.43 -19.33
N VAL C 333 -45.22 17.74 -19.07
CA VAL C 333 -44.27 18.31 -18.13
C VAL C 333 -44.54 17.80 -16.72
N PHE C 334 -45.82 17.77 -16.32
CA PHE C 334 -46.22 17.38 -14.98
C PHE C 334 -46.57 15.89 -14.88
N GLU C 335 -46.34 15.12 -15.94
CA GLU C 335 -46.58 13.67 -15.93
C GLU C 335 -48.07 13.36 -15.77
N TYR C 336 -48.89 13.97 -16.62
CA TYR C 336 -50.33 13.72 -16.67
C TYR C 336 -51.03 14.08 -15.37
N ASP C 337 -50.39 14.86 -14.50
CA ASP C 337 -51.01 15.22 -13.22
C ASP C 337 -52.23 16.11 -13.42
N TYR C 338 -52.25 16.90 -14.48
CA TYR C 338 -53.35 17.83 -14.74
C TYR C 338 -53.54 17.97 -16.24
N HIS C 339 -54.74 18.40 -16.62
CA HIS C 339 -55.09 18.70 -18.00
C HIS C 339 -55.04 20.20 -18.23
N PHE C 340 -54.25 20.61 -19.22
CA PHE C 340 -54.17 22.01 -19.66
C PHE C 340 -54.97 22.14 -20.95
N GLU C 341 -55.91 23.06 -20.97
CA GLU C 341 -56.76 23.28 -22.12
C GLU C 341 -56.26 24.45 -22.95
N VAL C 342 -56.63 24.45 -24.23
CA VAL C 342 -56.19 25.51 -25.13
C VAL C 342 -56.71 26.87 -24.68
N ASN C 343 -57.83 26.90 -23.95
CA ASN C 343 -58.41 28.18 -23.52
C ASN C 343 -57.76 28.69 -22.22
N GLY C 344 -56.77 27.98 -21.69
CA GLY C 344 -56.06 28.43 -20.52
C GLY C 344 -56.58 27.90 -19.20
N THR C 345 -57.51 26.95 -19.22
CA THR C 345 -58.08 26.38 -18.01
C THR C 345 -57.31 25.14 -17.60
N VAL C 346 -57.34 24.84 -16.30
CA VAL C 346 -56.63 23.72 -15.71
C VAL C 346 -57.66 22.81 -15.04
N VAL C 347 -57.55 21.51 -15.30
CA VAL C 347 -58.48 20.52 -14.75
C VAL C 347 -57.66 19.43 -14.05
N ARG C 348 -58.17 18.92 -12.94
CA ARG C 348 -57.51 17.83 -12.25
C ARG C 348 -57.72 16.53 -13.02
N HIS C 349 -56.64 15.75 -13.14
CA HIS C 349 -56.70 14.47 -13.86
C HIS C 349 -55.53 13.61 -13.41
N LYS C 350 -55.82 12.46 -12.81
CA LYS C 350 -54.81 11.49 -12.42
C LYS C 350 -53.86 12.04 -11.36
N ASN C 351 -54.39 12.88 -10.46
CA ASN C 351 -53.59 13.42 -9.36
C ASN C 351 -54.25 13.06 -8.04
N LYS C 352 -53.56 12.30 -7.19
CA LYS C 352 -54.09 11.85 -5.92
C LYS C 352 -53.45 12.53 -4.71
N GLY C 353 -52.36 13.26 -4.91
CA GLY C 353 -51.67 13.93 -3.82
C GLY C 353 -52.20 15.34 -3.61
N PHE C 354 -51.40 16.13 -2.89
CA PHE C 354 -51.76 17.52 -2.63
C PHE C 354 -51.92 18.28 -3.93
N GLY C 355 -52.92 19.16 -3.97
CA GLY C 355 -53.15 19.98 -5.14
C GLY C 355 -52.31 21.24 -5.12
N TYR C 356 -51.20 21.23 -5.85
CA TYR C 356 -50.24 22.33 -5.78
C TYR C 356 -50.55 23.44 -6.78
N MET C 357 -51.12 23.12 -7.94
CA MET C 357 -51.48 24.16 -8.89
C MET C 357 -52.68 24.96 -8.40
N GLU C 358 -53.65 24.30 -7.76
CA GLU C 358 -54.75 25.02 -7.14
C GLU C 358 -54.24 25.94 -6.04
N ARG C 359 -53.28 25.47 -5.25
CA ARG C 359 -52.68 26.32 -4.23
C ARG C 359 -51.95 27.51 -4.86
N PHE C 360 -51.27 27.27 -5.97
CA PHE C 360 -50.59 28.36 -6.68
C PHE C 360 -51.59 29.40 -7.15
N PHE C 361 -52.71 28.95 -7.73
CA PHE C 361 -53.73 29.89 -8.18
C PHE C 361 -54.33 30.66 -7.01
N GLU C 362 -54.57 29.97 -5.89
CA GLU C 362 -55.09 30.65 -4.71
C GLU C 362 -54.13 31.71 -4.21
N LEU C 363 -52.83 31.39 -4.18
CA LEU C 363 -51.84 32.39 -3.79
C LEU C 363 -51.82 33.56 -4.77
N LYS C 364 -51.97 33.27 -6.07
CA LYS C 364 -52.03 34.34 -7.05
C LYS C 364 -53.22 35.26 -6.78
N GLU C 365 -54.37 34.69 -6.44
CA GLU C 365 -55.56 35.50 -6.18
C GLU C 365 -55.36 36.36 -4.93
N SER C 366 -54.80 35.80 -3.87
CA SER C 366 -54.72 36.45 -2.57
C SER C 366 -53.33 37.00 -2.32
N CYS C 367 -53.25 38.28 -1.97
CA CYS C 367 -51.97 38.91 -1.71
C CYS C 367 -51.39 38.51 -0.36
N ASP C 368 -52.25 38.31 0.64
CA ASP C 368 -51.75 37.93 1.96
C ASP C 368 -51.05 36.57 1.91
N GLU C 369 -51.59 35.63 1.13
CA GLU C 369 -50.92 34.34 0.98
C GLU C 369 -49.55 34.51 0.35
N ARG C 370 -49.43 35.40 -0.64
CA ARG C 370 -48.12 35.68 -1.21
C ARG C 370 -47.19 36.29 -0.17
N SER C 371 -47.70 37.18 0.67
CA SER C 371 -46.87 37.78 1.71
C SER C 371 -46.35 36.72 2.69
N LYS C 372 -47.10 35.63 2.88
CA LYS C 372 -46.67 34.58 3.80
C LYS C 372 -45.41 33.88 3.30
N LEU C 373 -45.12 33.94 2.01
CA LEU C 373 -43.94 33.27 1.47
C LEU C 373 -42.67 33.86 2.09
N SER C 374 -41.71 33.00 2.37
CA SER C 374 -40.45 33.43 2.97
C SER C 374 -39.57 34.13 1.94
N LYS C 375 -38.44 34.64 2.42
CA LYS C 375 -37.49 35.31 1.54
C LYS C 375 -36.87 34.29 0.57
N LYS C 376 -36.39 34.81 -0.56
CA LYS C 376 -35.73 34.02 -1.60
C LYS C 376 -36.74 33.19 -2.39
N GLN C 377 -38.01 33.22 -1.99
CA GLN C 377 -39.06 32.45 -2.66
C GLN C 377 -40.09 33.34 -3.36
N TYR C 378 -40.13 34.64 -3.03
CA TYR C 378 -41.05 35.53 -3.73
C TYR C 378 -40.61 35.75 -5.17
N GLU C 379 -39.29 35.76 -5.42
CA GLU C 379 -38.80 35.95 -6.78
C GLU C 379 -39.15 34.76 -7.67
N ARG C 380 -39.05 33.55 -7.13
CA ARG C 380 -39.45 32.37 -7.89
C ARG C 380 -40.93 32.42 -8.22
N PHE C 381 -41.76 32.84 -7.25
CA PHE C 381 -43.19 32.98 -7.52
C PHE C 381 -43.44 34.03 -8.59
N ASN C 382 -42.70 35.13 -8.54
CA ASN C 382 -42.86 36.17 -9.54
C ASN C 382 -42.53 35.64 -10.91
N ALA C 383 -41.41 34.92 -11.04
CA ALA C 383 -41.00 34.36 -12.32
C ALA C 383 -42.05 33.38 -12.83
N LEU C 384 -42.56 32.51 -11.96
CA LEU C 384 -43.58 31.56 -12.38
C LEU C 384 -44.85 32.27 -12.82
N PHE C 385 -45.26 33.32 -12.10
CA PHE C 385 -46.44 34.08 -12.47
C PHE C 385 -46.27 34.73 -13.83
N ASN C 386 -45.09 35.30 -14.07
CA ASN C 386 -44.81 35.94 -15.35
C ASN C 386 -44.84 34.91 -16.48
N PHE C 387 -44.24 33.75 -16.25
CA PHE C 387 -44.20 32.71 -17.26
C PHE C 387 -45.60 32.22 -17.58
N PHE C 388 -46.42 31.99 -16.56
CA PHE C 388 -47.78 31.50 -16.79
C PHE C 388 -48.63 32.56 -17.48
N GLU C 389 -48.49 33.83 -17.10
CA GLU C 389 -49.24 34.88 -17.75
C GLU C 389 -48.87 34.99 -19.22
N LYS C 390 -47.57 34.94 -19.53
CA LYS C 390 -47.14 34.98 -20.93
C LYS C 390 -47.64 33.78 -21.70
N ASN C 391 -47.59 32.59 -21.08
CA ASN C 391 -48.03 31.36 -21.74
C ASN C 391 -49.53 31.33 -21.95
N GLY C 392 -50.28 32.07 -21.13
CA GLY C 392 -51.72 32.13 -21.25
C GLY C 392 -52.51 31.27 -20.29
N VAL C 393 -51.86 30.65 -19.31
CA VAL C 393 -52.57 29.86 -18.31
C VAL C 393 -53.22 30.82 -17.32
N ILE C 394 -54.53 30.72 -17.17
CA ILE C 394 -55.29 31.71 -16.41
C ILE C 394 -55.59 31.20 -15.01
N CYS C 395 -56.36 30.11 -14.93
CA CYS C 395 -56.74 29.58 -13.63
C CYS C 395 -57.39 28.22 -13.83
N MET C 396 -57.94 27.65 -12.77
CA MET C 396 -58.59 26.34 -12.83
C MET C 396 -59.96 26.46 -13.49
N ALA C 397 -60.46 25.30 -13.96
CA ALA C 397 -61.64 25.30 -14.80
C ALA C 397 -62.88 25.77 -14.06
N LYS C 398 -63.09 25.31 -12.83
CA LYS C 398 -64.33 25.59 -12.13
C LYS C 398 -64.50 27.09 -11.85
N ASP C 399 -63.39 27.80 -11.63
CA ASP C 399 -63.42 29.24 -11.42
C ASP C 399 -63.26 30.03 -12.72
N ALA C 400 -63.64 29.43 -13.85
CA ALA C 400 -63.48 30.11 -15.14
C ALA C 400 -64.38 31.33 -15.22
N GLY C 401 -63.85 32.41 -15.81
CA GLY C 401 -64.60 33.63 -16.00
C GLY C 401 -65.00 33.83 -17.44
N THR C 402 -64.66 35.01 -18.00
CA THR C 402 -64.95 35.33 -19.39
C THR C 402 -63.65 35.19 -20.18
N LEU C 403 -63.40 33.97 -20.68
CA LEU C 403 -62.19 33.72 -21.43
C LEU C 403 -62.18 34.52 -22.73
N ASN C 404 -60.98 34.96 -23.12
CA ASN C 404 -60.84 35.72 -24.34
C ASN C 404 -59.83 35.06 -25.25
N THR C 405 -59.87 35.41 -26.52
CA THR C 405 -58.98 34.87 -27.53
C THR C 405 -58.21 36.02 -28.19
N SER C 406 -56.91 35.85 -28.34
CA SER C 406 -56.07 36.87 -28.95
C SER C 406 -54.95 36.20 -29.73
N ILE C 407 -54.44 36.93 -30.73
CA ILE C 407 -53.36 36.44 -31.58
C ILE C 407 -52.25 37.48 -31.58
N GLU C 408 -51.02 37.02 -31.36
CA GLU C 408 -49.86 37.92 -31.37
C GLU C 408 -48.64 37.08 -31.70
N ILE C 409 -48.10 37.25 -32.90
CA ILE C 409 -46.87 36.60 -33.33
C ILE C 409 -45.84 37.70 -33.59
N ASN C 410 -44.72 37.65 -32.88
CA ASN C 410 -43.70 38.69 -33.01
C ASN C 410 -42.56 38.28 -33.94
N SER C 411 -42.63 37.08 -34.52
CA SER C 411 -41.57 36.62 -35.40
C SER C 411 -41.45 37.55 -36.60
N LEU C 412 -40.22 38.02 -36.87
CA LEU C 412 -40.00 38.93 -37.99
C LEU C 412 -40.25 38.25 -39.33
N ALA C 413 -39.85 36.99 -39.48
CA ALA C 413 -40.02 36.30 -40.75
C ALA C 413 -41.48 36.09 -41.09
N TYR C 414 -42.35 35.97 -40.08
CA TYR C 414 -43.76 35.72 -40.35
C TYR C 414 -44.39 36.86 -41.13
N HIS C 415 -44.03 38.10 -40.80
CA HIS C 415 -44.62 39.27 -41.44
C HIS C 415 -43.95 39.62 -42.77
N GLY C 416 -42.93 38.89 -43.17
CA GLY C 416 -42.29 39.15 -44.46
C GLY C 416 -41.60 40.49 -44.56
N LYS C 417 -40.85 40.87 -43.53
CA LYS C 417 -40.09 42.11 -43.54
C LYS C 417 -38.65 41.78 -43.93
N TYR C 418 -38.47 41.51 -45.23
CA TYR C 418 -37.20 40.99 -45.71
C TYR C 418 -36.05 41.97 -45.49
N ASP C 419 -36.30 43.26 -45.71
CA ASP C 419 -35.24 44.25 -45.55
C ASP C 419 -34.75 44.32 -44.11
N VAL C 420 -35.68 44.21 -43.14
CA VAL C 420 -35.29 44.24 -41.74
C VAL C 420 -34.42 43.03 -41.40
N MET C 421 -34.77 41.87 -41.95
CA MET C 421 -33.96 40.67 -41.73
C MET C 421 -32.58 40.83 -42.37
N LYS C 422 -32.52 41.45 -43.55
CA LYS C 422 -31.23 41.72 -44.19
C LYS C 422 -30.37 42.61 -43.29
N LYS C 423 -30.97 43.67 -42.75
CA LYS C 423 -30.23 44.57 -41.87
C LYS C 423 -29.77 43.83 -40.61
N PHE C 424 -30.64 42.98 -40.04
CA PHE C 424 -30.26 42.23 -38.85
C PHE C 424 -29.08 41.30 -39.14
N ILE C 425 -29.11 40.62 -40.29
CA ILE C 425 -27.98 39.76 -40.67
C ILE C 425 -26.71 40.60 -40.84
N GLU C 426 -26.83 41.76 -41.47
CA GLU C 426 -25.67 42.60 -41.70
C GLU C 426 -25.04 43.05 -40.38
N GLU C 427 -25.87 43.43 -39.41
CA GLU C 427 -25.37 43.89 -38.13
C GLU C 427 -24.67 42.76 -37.38
N GLN C 428 -23.65 43.14 -36.61
CA GLN C 428 -22.89 42.16 -35.86
C GLN C 428 -23.75 41.54 -34.75
N SER C 429 -23.42 40.30 -34.39
CA SER C 429 -24.11 39.56 -33.34
C SER C 429 -23.31 39.64 -32.04
N VAL C 430 -24.02 39.48 -30.93
CA VAL C 430 -23.41 39.53 -29.61
C VAL C 430 -23.60 38.24 -28.81
N SER C 431 -24.61 37.44 -29.10
CA SER C 431 -24.87 36.21 -28.37
C SER C 431 -25.30 35.12 -29.34
N ILE C 432 -25.14 33.87 -28.90
CA ILE C 432 -25.50 32.73 -29.73
C ILE C 432 -26.97 32.75 -30.10
N GLU C 433 -27.82 33.35 -29.26
CA GLU C 433 -29.23 33.49 -29.62
C GLU C 433 -29.38 34.36 -30.88
N ASP C 434 -28.62 35.46 -30.95
CA ASP C 434 -28.63 36.28 -32.15
C ASP C 434 -28.13 35.50 -33.36
N ASP C 435 -27.13 34.64 -33.16
CA ASP C 435 -26.64 33.81 -34.25
C ASP C 435 -27.72 32.83 -34.72
N TYR C 436 -28.48 32.27 -33.78
CA TYR C 436 -29.57 31.36 -34.15
C TYR C 436 -30.64 32.10 -34.94
N LYS C 437 -30.99 33.32 -34.49
CA LYS C 437 -31.96 34.11 -35.23
C LYS C 437 -31.44 34.46 -36.62
N LYS C 438 -30.15 34.77 -36.72
CA LYS C 438 -29.55 35.09 -38.01
C LYS C 438 -29.57 33.88 -38.94
N ALA C 439 -29.31 32.69 -38.39
CA ALA C 439 -29.39 31.47 -39.21
C ALA C 439 -30.81 31.23 -39.71
N PHE C 440 -31.80 31.43 -38.83
CA PHE C 440 -33.18 31.30 -39.27
C PHE C 440 -33.50 32.32 -40.36
N PHE C 441 -33.05 33.55 -40.20
CA PHE C 441 -33.28 34.58 -41.21
C PHE C 441 -32.64 34.19 -42.54
N LEU C 442 -31.40 33.70 -42.49
CA LEU C 442 -30.72 33.27 -43.71
C LEU C 442 -31.48 32.15 -44.39
N ALA C 443 -31.97 31.18 -43.61
CA ALA C 443 -32.76 30.11 -44.19
C ALA C 443 -34.02 30.64 -44.85
N CYS C 444 -34.69 31.60 -44.20
CA CYS C 444 -35.92 32.16 -44.75
C CYS C 444 -35.67 33.15 -45.88
N LEU C 445 -34.41 33.54 -46.12
CA LEU C 445 -34.09 34.54 -47.14
C LEU C 445 -33.64 33.93 -48.46
N GLY C 446 -33.01 32.76 -48.43
CA GLY C 446 -32.59 32.10 -49.65
C GLY C 446 -31.15 31.64 -49.65
N ARG C 447 -30.52 31.61 -48.47
CA ARG C 447 -29.12 31.21 -48.33
C ARG C 447 -29.08 29.92 -47.52
N TRP C 448 -29.09 28.78 -48.22
CA TRP C 448 -28.95 27.50 -47.53
C TRP C 448 -27.52 27.27 -47.08
N GLU C 449 -26.54 27.64 -47.91
CA GLU C 449 -25.13 27.44 -47.54
C GLU C 449 -24.77 28.26 -46.31
N GLU C 450 -25.15 29.54 -46.30
CA GLU C 450 -24.82 30.40 -45.16
C GLU C 450 -25.52 29.94 -43.90
N SER C 451 -26.78 29.53 -44.01
CA SER C 451 -27.50 29.02 -42.84
C SER C 451 -26.84 27.75 -42.31
N TYR C 452 -26.45 26.84 -43.21
CA TYR C 452 -25.77 25.63 -42.77
C TYR C 452 -24.45 25.94 -42.08
N ASP C 453 -23.68 26.88 -42.64
CA ASP C 453 -22.41 27.26 -42.04
C ASP C 453 -22.62 27.87 -40.66
N LEU C 454 -23.63 28.74 -40.52
CA LEU C 454 -23.89 29.37 -39.23
C LEU C 454 -24.36 28.35 -38.21
N TYR C 455 -25.20 27.40 -38.62
CA TYR C 455 -25.64 26.35 -37.70
C TYR C 455 -24.45 25.51 -37.24
N SER C 456 -23.56 25.15 -38.17
CA SER C 456 -22.37 24.39 -37.78
C SER C 456 -21.49 25.20 -36.83
N ASN C 457 -21.39 26.51 -37.09
CA ASN C 457 -20.60 27.38 -36.24
C ASN C 457 -21.18 27.42 -34.84
N ILE C 458 -22.50 27.53 -34.72
CA ILE C 458 -23.16 27.56 -33.42
C ILE C 458 -22.97 26.23 -32.71
N ILE C 459 -23.08 25.12 -33.44
CA ILE C 459 -22.85 23.81 -32.85
C ILE C 459 -21.43 23.73 -32.28
N LEU C 460 -20.46 24.23 -33.03
CA LEU C 460 -19.08 24.21 -32.56
C LEU C 460 -18.90 25.09 -31.33
N ASN C 461 -19.48 26.30 -31.38
CA ASN C 461 -19.25 27.27 -30.31
C ASN C 461 -20.08 27.10 -29.04
N SER C 462 -21.08 26.21 -29.08
CA SER C 462 -21.87 25.95 -27.88
C SER C 462 -21.18 25.01 -26.90
N ILE C 463 -19.86 24.81 -27.01
CA ILE C 463 -19.16 23.90 -26.12
C ILE C 463 -19.27 24.39 -24.67
N ASP C 464 -19.24 25.70 -24.46
CA ASP C 464 -19.32 26.25 -23.11
C ASP C 464 -20.60 25.78 -22.42
N GLU C 465 -20.62 25.95 -21.10
CA GLU C 465 -21.77 25.51 -20.31
C GLU C 465 -23.05 26.18 -20.80
N SER C 466 -24.11 25.39 -20.90
CA SER C 466 -25.42 25.86 -21.35
C SER C 466 -26.43 24.77 -21.02
N ASN C 467 -27.67 24.96 -21.46
CA ASN C 467 -28.73 23.98 -21.21
C ASN C 467 -28.75 22.86 -22.24
N GLY C 468 -28.00 23.01 -23.32
CA GLY C 468 -28.02 22.02 -24.38
C GLY C 468 -29.21 22.10 -25.31
N CYS C 469 -30.03 23.13 -25.17
CA CYS C 469 -31.22 23.25 -26.00
C CYS C 469 -30.85 23.83 -27.36
N VAL C 470 -30.11 24.94 -27.39
CA VAL C 470 -29.76 25.58 -28.65
C VAL C 470 -28.93 24.65 -29.52
N TYR C 471 -28.06 23.86 -28.90
CA TYR C 471 -27.24 22.91 -29.65
C TYR C 471 -28.13 21.86 -30.34
N TYR C 472 -29.10 21.31 -29.61
CA TYR C 472 -30.00 20.32 -30.16
C TYR C 472 -30.84 20.91 -31.30
N LEU C 473 -31.38 22.11 -31.08
CA LEU C 473 -32.17 22.77 -32.11
C LEU C 473 -31.34 23.08 -33.34
N SER C 474 -30.08 23.51 -33.13
CA SER C 474 -29.20 23.78 -34.27
C SER C 474 -28.92 22.50 -35.05
N GLN C 475 -28.70 21.39 -34.36
CA GLN C 475 -28.49 20.12 -35.06
C GLN C 475 -29.71 19.76 -35.90
N ILE C 476 -30.91 19.87 -35.33
CA ILE C 476 -32.12 19.52 -36.07
C ILE C 476 -32.29 20.44 -37.27
N ASN C 477 -32.07 21.74 -37.05
CA ASN C 477 -32.24 22.71 -38.13
C ASN C 477 -31.25 22.45 -39.24
N ARG C 478 -30.01 22.12 -38.90
CA ARG C 478 -29.00 21.81 -39.92
C ARG C 478 -29.37 20.57 -40.69
N TYR C 479 -29.89 19.54 -40.02
CA TYR C 479 -30.33 18.34 -40.72
C TYR C 479 -31.46 18.66 -41.69
N ARG C 480 -32.44 19.45 -41.25
CA ARG C 480 -33.55 19.82 -42.13
C ARG C 480 -33.06 20.65 -43.31
N ILE C 481 -32.11 21.56 -43.06
CA ILE C 481 -31.58 22.40 -44.13
C ILE C 481 -30.85 21.54 -45.15
N TYR C 482 -30.10 20.53 -44.68
CA TYR C 482 -29.44 19.62 -45.60
C TYR C 482 -30.45 18.85 -46.43
N GLN C 483 -31.54 18.39 -45.80
CA GLN C 483 -32.58 17.70 -46.57
C GLN C 483 -33.18 18.61 -47.63
N SER C 484 -33.45 19.87 -47.26
CA SER C 484 -33.97 20.82 -48.23
C SER C 484 -32.98 21.05 -49.36
N ILE C 485 -31.69 21.15 -49.05
CA ILE C 485 -30.67 21.33 -50.07
C ILE C 485 -30.67 20.14 -51.02
N THR C 486 -30.74 18.92 -50.48
CA THR C 486 -30.73 17.73 -51.33
C THR C 486 -31.94 17.71 -52.24
N GLN C 487 -33.12 18.01 -51.71
CA GLN C 487 -34.32 18.02 -52.54
C GLN C 487 -34.23 19.12 -53.61
N ALA C 488 -33.71 20.30 -53.23
CA ALA C 488 -33.55 21.37 -54.20
C ALA C 488 -32.61 20.97 -55.32
N VAL C 489 -31.50 20.32 -54.99
CA VAL C 489 -30.57 19.88 -56.02
C VAL C 489 -31.23 18.84 -56.90
N THR C 490 -32.00 17.92 -56.31
CA THR C 490 -32.67 16.89 -57.09
C THR C 490 -33.64 17.50 -58.09
N GLN C 491 -34.41 18.50 -57.68
CA GLN C 491 -35.34 19.15 -58.58
C GLN C 491 -34.69 20.22 -59.46
N PHE C 492 -33.42 20.56 -59.21
CA PHE C 492 -32.70 21.50 -60.04
C PHE C 492 -32.00 20.81 -61.20
N ASN C 493 -31.24 19.76 -60.90
CA ASN C 493 -30.47 19.07 -61.93
C ASN C 493 -31.36 18.26 -62.86
N GLY C 494 -32.57 17.91 -62.43
CA GLY C 494 -33.47 17.09 -63.22
C GLY C 494 -34.62 17.88 -63.81
N LEU C 495 -35.11 18.87 -63.06
CA LEU C 495 -36.23 19.69 -63.49
C LEU C 495 -35.87 21.17 -63.63
N GLY C 496 -34.83 21.65 -62.95
CA GLY C 496 -34.44 23.04 -63.09
C GLY C 496 -34.02 23.40 -64.50
N LEU C 497 -33.53 22.41 -65.26
CA LEU C 497 -33.14 22.66 -66.64
C LEU C 497 -34.33 23.09 -67.48
N LEU C 498 -35.49 22.44 -67.29
CA LEU C 498 -36.70 22.79 -68.04
C LEU C 498 -37.44 23.97 -67.42
N THR C 499 -37.38 24.13 -66.11
CA THR C 499 -38.12 25.20 -65.45
C THR C 499 -37.61 26.56 -65.91
N PHE C 500 -36.30 26.73 -66.03
CA PHE C 500 -35.70 27.98 -66.45
C PHE C 500 -34.96 27.92 -67.77
N GLY C 501 -34.76 26.73 -68.34
CA GLY C 501 -34.06 26.59 -69.59
C GLY C 501 -32.54 26.62 -69.49
N ARG C 502 -31.99 26.70 -68.28
CA ARG C 502 -30.55 26.76 -68.09
C ARG C 502 -30.17 25.89 -66.90
N HIS C 503 -28.94 25.37 -66.95
CA HIS C 503 -28.41 24.53 -65.88
C HIS C 503 -28.01 25.43 -64.72
N TYR C 504 -28.96 25.70 -63.83
CA TYR C 504 -28.70 26.53 -62.66
C TYR C 504 -27.88 25.74 -61.64
N LYS C 505 -26.78 26.32 -61.19
CA LYS C 505 -25.87 25.68 -60.24
C LYS C 505 -25.83 26.49 -58.95
N PRO C 506 -26.88 26.45 -58.14
CA PRO C 506 -26.86 27.24 -56.89
C PRO C 506 -25.73 26.88 -55.96
N PHE C 507 -25.31 25.61 -55.92
CA PHE C 507 -24.25 25.15 -55.05
C PHE C 507 -23.19 24.42 -55.85
N THR C 508 -21.93 24.63 -55.49
CA THR C 508 -20.83 23.93 -56.15
C THR C 508 -20.78 22.47 -55.72
N ASP C 509 -20.07 21.67 -56.51
CA ASP C 509 -19.96 20.25 -56.21
C ASP C 509 -19.23 20.01 -54.90
N GLU C 510 -18.20 20.80 -54.61
CA GLU C 510 -17.40 20.58 -53.42
C GLU C 510 -18.23 20.75 -52.15
N PHE C 511 -19.07 21.78 -52.10
CA PHE C 511 -19.90 21.99 -50.91
C PHE C 511 -20.90 20.84 -50.72
N LEU C 512 -21.52 20.40 -51.81
CA LEU C 512 -22.47 19.30 -51.71
C LEU C 512 -21.78 18.03 -51.23
N ALA C 513 -20.60 17.73 -51.78
CA ALA C 513 -19.86 16.54 -51.34
C ALA C 513 -19.47 16.66 -49.87
N ARG C 514 -19.04 17.84 -49.44
CA ARG C 514 -18.65 18.03 -48.04
C ARG C 514 -19.83 17.79 -47.11
N ILE C 515 -20.99 18.37 -47.43
CA ILE C 515 -22.14 18.21 -46.55
C ILE C 515 -22.61 16.77 -46.56
N GLU C 516 -22.55 16.09 -47.71
CA GLU C 516 -22.92 14.69 -47.77
C GLU C 516 -21.99 13.84 -46.90
N ARG C 517 -20.68 14.11 -46.97
CA ARG C 517 -19.72 13.35 -46.18
C ARG C 517 -19.91 13.58 -44.68
N GLU C 518 -20.15 14.84 -44.29
CA GLU C 518 -20.11 15.18 -42.87
C GLU C 518 -21.19 14.43 -42.08
N MET C 519 -22.41 14.38 -42.61
CA MET C 519 -23.54 13.77 -41.90
C MET C 519 -24.00 12.47 -42.55
N THR C 520 -23.11 11.77 -43.27
CA THR C 520 -23.46 10.48 -43.84
C THR C 520 -23.81 9.46 -42.75
N ASN C 521 -23.32 9.68 -41.53
CA ASN C 521 -23.60 8.78 -40.42
C ASN C 521 -24.66 9.34 -39.47
N PHE C 522 -25.03 10.61 -39.64
CA PHE C 522 -25.98 11.23 -38.73
C PHE C 522 -27.33 10.52 -38.81
N ASN C 523 -27.94 10.30 -37.64
CA ASN C 523 -29.26 9.67 -37.58
C ASN C 523 -30.10 10.46 -36.59
N ILE C 524 -31.14 11.12 -37.08
CA ILE C 524 -32.00 11.95 -36.24
C ILE C 524 -32.71 11.11 -35.18
N ASP C 525 -32.90 9.81 -35.42
CA ASP C 525 -33.61 8.98 -34.47
C ASP C 525 -32.89 8.92 -33.12
N ASP C 526 -31.57 8.81 -33.16
CA ASP C 526 -30.76 8.67 -31.94
C ASP C 526 -30.26 10.00 -31.40
N LEU C 527 -30.66 11.13 -32.01
CA LEU C 527 -30.16 12.43 -31.56
C LEU C 527 -30.57 12.71 -30.12
N PHE C 528 -31.84 12.44 -29.78
CA PHE C 528 -32.31 12.72 -28.43
C PHE C 528 -31.72 11.74 -27.42
N ASN C 529 -31.61 10.47 -27.80
CA ASN C 529 -31.13 9.45 -26.89
C ASN C 529 -29.69 9.70 -26.48
N GLY C 530 -28.88 10.21 -27.42
CA GLY C 530 -27.47 10.44 -27.14
C GLY C 530 -27.19 11.63 -26.25
N MET C 531 -28.19 12.46 -25.97
CA MET C 531 -28.00 13.62 -25.13
C MET C 531 -27.86 13.20 -23.67
N PRO C 532 -27.34 14.07 -22.80
CA PRO C 532 -27.18 13.68 -21.39
C PRO C 532 -28.51 13.34 -20.74
N PHE C 533 -28.44 12.46 -19.74
CA PHE C 533 -29.65 12.02 -19.06
C PHE C 533 -30.37 13.21 -18.41
N GLU C 534 -29.62 14.18 -17.89
CA GLU C 534 -30.25 15.34 -17.26
C GLU C 534 -31.10 16.10 -18.28
N PHE C 535 -30.59 16.25 -19.50
CA PHE C 535 -31.36 16.95 -20.54
C PHE C 535 -32.61 16.17 -20.90
N GLN C 536 -32.53 14.85 -20.94
CA GLN C 536 -33.69 14.05 -21.33
C GLN C 536 -34.84 14.22 -20.34
N LYS C 537 -34.53 14.22 -19.04
CA LYS C 537 -35.56 14.37 -18.02
C LYS C 537 -36.02 15.82 -17.84
N LYS C 538 -35.34 16.78 -18.47
CA LYS C 538 -35.66 18.20 -18.33
C LYS C 538 -36.31 18.80 -19.57
N TYR C 539 -35.95 18.32 -20.76
CA TYR C 539 -36.46 18.86 -22.02
C TYR C 539 -37.04 17.73 -22.88
N LYS C 540 -37.83 16.86 -22.26
CA LYS C 540 -38.40 15.73 -22.98
C LYS C 540 -39.40 16.15 -24.04
N ILE C 541 -40.11 17.26 -23.83
CA ILE C 541 -41.13 17.69 -24.79
C ILE C 541 -40.52 17.91 -26.17
N LEU C 542 -39.24 18.27 -26.24
CA LEU C 542 -38.59 18.53 -27.52
C LEU C 542 -38.37 17.28 -28.34
N GLU C 543 -38.47 16.09 -27.73
CA GLU C 543 -38.26 14.86 -28.48
C GLU C 543 -39.21 14.76 -29.67
N PHE C 544 -40.47 15.13 -29.46
CA PHE C 544 -41.47 15.06 -30.52
C PHE C 544 -41.12 15.95 -31.71
N LEU C 545 -40.22 16.91 -31.54
CA LEU C 545 -39.77 17.76 -32.63
C LEU C 545 -38.88 17.02 -33.63
N SER C 546 -38.47 15.79 -33.32
CA SER C 546 -37.60 15.02 -34.20
C SER C 546 -38.37 13.98 -35.00
N ASP C 547 -39.68 14.12 -35.15
CA ASP C 547 -40.48 13.18 -35.92
C ASP C 547 -41.85 13.80 -36.15
N ASN C 548 -42.76 13.04 -36.77
CA ASN C 548 -44.11 13.53 -37.05
C ASN C 548 -45.02 13.48 -35.83
N GLN C 549 -44.55 12.94 -34.72
CA GLN C 549 -45.35 12.91 -33.50
C GLN C 549 -45.68 14.30 -32.99
N PHE C 550 -44.95 15.33 -33.44
CA PHE C 550 -45.28 16.70 -33.07
C PHE C 550 -46.70 17.08 -33.51
N LEU C 551 -47.23 16.41 -34.54
CA LEU C 551 -48.52 16.79 -35.10
C LEU C 551 -49.46 15.59 -35.17
N TYR C 552 -49.61 14.88 -34.05
CA TYR C 552 -50.50 13.72 -33.96
C TYR C 552 -51.83 14.06 -33.30
N ASP C 553 -51.79 14.57 -32.07
CA ASP C 553 -53.04 14.84 -31.35
C ASP C 553 -53.87 15.90 -32.07
N ASP C 554 -53.22 16.96 -32.55
CA ASP C 554 -53.96 18.03 -33.21
C ASP C 554 -54.65 17.52 -34.46
N THR C 555 -53.99 16.65 -35.23
CA THR C 555 -54.58 16.13 -36.45
C THR C 555 -55.79 15.26 -36.16
N VAL C 556 -55.69 14.40 -35.14
CA VAL C 556 -56.83 13.56 -34.77
C VAL C 556 -57.98 14.43 -34.30
N LYS C 557 -57.68 15.45 -33.50
CA LYS C 557 -58.72 16.37 -33.05
C LYS C 557 -59.39 17.07 -34.22
N LEU C 558 -58.59 17.50 -35.20
CA LEU C 558 -59.16 18.14 -36.39
C LEU C 558 -60.06 17.18 -37.15
N PHE C 559 -59.64 15.92 -37.30
CA PHE C 559 -60.46 14.93 -37.98
C PHE C 559 -61.80 14.77 -37.26
N GLU C 560 -61.75 14.59 -35.94
CA GLU C 560 -62.98 14.38 -35.18
C GLU C 560 -63.89 15.60 -35.27
N LEU C 561 -63.34 16.80 -35.16
CA LEU C 561 -64.15 18.00 -35.23
C LEU C 561 -64.75 18.20 -36.62
N THR C 562 -63.98 17.87 -37.66
CA THR C 562 -64.51 17.95 -39.02
C THR C 562 -65.69 16.98 -39.19
N ASN C 563 -65.54 15.78 -38.65
CA ASN C 563 -66.62 14.80 -38.73
C ASN C 563 -67.85 15.31 -38.01
N LYS C 564 -67.68 15.84 -36.80
CA LYS C 564 -68.81 16.33 -36.03
C LYS C 564 -69.49 17.51 -36.73
N VAL C 565 -68.69 18.44 -37.26
CA VAL C 565 -69.25 19.63 -37.90
C VAL C 565 -70.01 19.24 -39.16
N ARG C 566 -69.47 18.30 -39.94
CA ARG C 566 -70.17 17.89 -41.15
C ARG C 566 -71.43 17.11 -40.83
N SER C 567 -71.42 16.32 -39.75
CA SER C 567 -72.64 15.65 -39.31
C SER C 567 -73.70 16.67 -38.91
N GLU C 568 -73.30 17.69 -38.15
CA GLU C 568 -74.24 18.75 -37.79
C GLU C 568 -74.74 19.49 -39.03
N MET C 569 -73.86 19.68 -40.02
CA MET C 569 -74.26 20.33 -41.26
C MET C 569 -75.34 19.53 -41.96
N SER C 570 -75.14 18.21 -42.08
CA SER C 570 -76.14 17.36 -42.70
C SER C 570 -77.45 17.37 -41.92
N GLU C 571 -77.35 17.34 -40.58
CA GLU C 571 -78.55 17.41 -39.76
C GLU C 571 -79.28 18.73 -39.95
N GLY C 572 -78.55 19.83 -40.01
CA GLY C 572 -79.15 21.14 -40.16
C GLY C 572 -79.54 21.82 -38.87
N SER C 573 -79.02 21.35 -37.73
CA SER C 573 -79.34 21.96 -36.45
C SER C 573 -78.62 23.30 -36.29
N TYR C 574 -79.16 24.14 -35.41
CA TYR C 574 -78.61 25.46 -35.13
C TYR C 574 -78.47 25.62 -33.62
N SER C 575 -77.24 25.59 -33.13
CA SER C 575 -76.99 25.84 -31.72
C SER C 575 -76.95 27.34 -31.44
N PHE C 576 -77.14 27.69 -30.17
CA PHE C 576 -77.12 29.08 -29.72
C PHE C 576 -76.02 29.32 -28.69
N GLY C 577 -74.90 28.60 -28.79
CA GLY C 577 -73.79 28.74 -27.89
C GLY C 577 -72.49 29.04 -28.62
N MET C 578 -71.38 28.74 -27.96
CA MET C 578 -70.07 28.98 -28.55
C MET C 578 -69.82 28.07 -29.72
N SER C 579 -69.06 28.54 -30.69
CA SER C 579 -68.72 27.74 -31.86
C SER C 579 -67.87 26.54 -31.44
N SER C 580 -68.15 25.40 -32.06
CA SER C 580 -67.47 24.15 -31.74
C SER C 580 -66.12 24.01 -32.45
N ASP C 581 -65.78 24.93 -33.35
CA ASP C 581 -64.51 24.88 -34.08
C ASP C 581 -63.50 25.89 -33.56
N ILE C 582 -63.78 26.51 -32.40
CA ILE C 582 -62.81 27.46 -31.83
C ILE C 582 -61.53 26.74 -31.44
N VAL C 583 -61.63 25.49 -30.99
CA VAL C 583 -60.45 24.74 -30.58
C VAL C 583 -59.50 24.58 -31.77
N VAL C 584 -60.03 24.40 -32.97
CA VAL C 584 -59.18 24.27 -34.15
C VAL C 584 -58.36 25.54 -34.34
N LEU C 585 -59.01 26.70 -34.26
CA LEU C 585 -58.30 27.97 -34.41
C LEU C 585 -57.26 28.15 -33.31
N LEU C 586 -57.62 27.83 -32.08
CA LEU C 586 -56.69 28.00 -30.96
C LEU C 586 -55.46 27.13 -31.14
N ARG C 587 -55.68 25.85 -31.50
CA ARG C 587 -54.55 24.94 -31.70
C ARG C 587 -53.69 25.40 -32.88
N LEU C 588 -54.33 25.84 -33.96
CA LEU C 588 -53.57 26.30 -35.13
C LEU C 588 -52.68 27.48 -34.77
N TYR C 589 -53.24 28.46 -34.07
CA TYR C 589 -52.45 29.65 -33.73
C TYR C 589 -51.38 29.31 -32.70
N ASP C 590 -51.68 28.41 -31.76
CA ASP C 590 -50.67 28.01 -30.80
C ASP C 590 -49.50 27.32 -31.49
N ASN C 591 -49.80 26.43 -32.44
CA ASN C 591 -48.74 25.75 -33.18
C ASN C 591 -47.93 26.74 -34.01
N LEU C 592 -48.61 27.68 -34.65
CA LEU C 592 -47.90 28.69 -35.45
C LEU C 592 -46.97 29.52 -34.57
N ARG C 593 -47.47 29.98 -33.42
CA ARG C 593 -46.66 30.78 -32.52
C ARG C 593 -45.47 29.98 -32.00
N PHE C 594 -45.69 28.73 -31.61
CA PHE C 594 -44.60 27.92 -31.09
C PHE C 594 -43.53 27.69 -32.15
N LEU C 595 -43.95 27.42 -33.39
CA LEU C 595 -42.99 27.11 -34.44
C LEU C 595 -42.26 28.35 -34.95
N TYR C 596 -42.90 29.53 -34.91
CA TYR C 596 -42.30 30.73 -35.45
C TYR C 596 -41.48 31.51 -34.42
N GLU C 597 -41.93 31.53 -33.16
CA GLU C 597 -41.19 32.27 -32.13
C GLU C 597 -39.92 31.56 -31.68
N ASN C 598 -39.82 30.25 -31.96
CA ASN C 598 -38.64 29.47 -31.57
C ASN C 598 -37.68 29.30 -32.75
N CYS C 599 -37.94 29.97 -33.88
CA CYS C 599 -37.05 29.95 -35.03
C CYS C 599 -36.74 28.52 -35.46
N LEU C 600 -37.79 27.80 -35.85
CA LEU C 600 -37.70 26.43 -36.31
C LEU C 600 -38.07 26.35 -37.78
N TRP C 601 -37.40 25.46 -38.51
CA TRP C 601 -37.65 25.30 -39.93
C TRP C 601 -38.85 24.41 -40.23
N SER C 602 -39.48 23.81 -39.21
CA SER C 602 -40.63 22.95 -39.44
C SER C 602 -41.78 23.69 -40.10
N VAL C 603 -41.78 25.02 -40.05
CA VAL C 603 -42.80 25.81 -40.73
C VAL C 603 -42.81 25.55 -42.23
N SER C 604 -41.69 25.09 -42.79
CA SER C 604 -41.58 24.85 -44.22
C SER C 604 -42.08 23.48 -44.65
N PHE C 605 -42.55 22.65 -43.73
CA PHE C 605 -42.96 21.30 -44.07
C PHE C 605 -44.30 21.31 -44.79
N HIS C 606 -44.50 20.29 -45.63
CA HIS C 606 -45.72 20.20 -46.43
C HIS C 606 -46.90 19.72 -45.60
N GLU C 607 -46.67 18.80 -44.66
CA GLU C 607 -47.75 18.32 -43.81
C GLU C 607 -48.32 19.45 -42.96
N PHE C 608 -47.46 20.34 -42.47
CA PHE C 608 -47.94 21.50 -41.73
C PHE C 608 -48.83 22.38 -42.61
N HIS C 609 -48.42 22.58 -43.86
CA HIS C 609 -49.24 23.36 -44.79
C HIS C 609 -50.59 22.69 -45.01
N GLN C 610 -50.60 21.36 -45.18
CA GLN C 610 -51.86 20.66 -45.39
C GLN C 610 -52.78 20.79 -44.17
N TYR C 611 -52.21 20.67 -42.97
CA TYR C 611 -53.01 20.80 -41.75
C TYR C 611 -53.60 22.20 -41.64
N ILE C 612 -52.78 23.22 -41.90
CA ILE C 612 -53.28 24.60 -41.86
C ILE C 612 -54.39 24.79 -42.89
N ARG C 613 -54.18 24.26 -44.09
CA ARG C 613 -55.17 24.41 -45.16
C ARG C 613 -56.50 23.77 -44.75
N ASN C 614 -56.43 22.56 -44.21
CA ASN C 614 -57.63 21.85 -43.79
C ASN C 614 -58.36 22.60 -42.68
N SER C 615 -57.61 23.08 -41.69
CA SER C 615 -58.23 23.79 -40.57
C SER C 615 -58.93 25.06 -41.05
N MET C 616 -58.24 25.86 -41.86
CA MET C 616 -58.85 27.10 -42.32
C MET C 616 -60.00 26.85 -43.29
N SER C 617 -59.92 25.80 -44.10
CA SER C 617 -61.04 25.47 -44.97
C SER C 617 -62.28 25.10 -44.16
N LEU C 618 -62.09 24.29 -43.11
CA LEU C 618 -63.23 23.95 -42.25
C LEU C 618 -63.80 25.19 -41.57
N LEU C 619 -62.92 26.07 -41.09
CA LEU C 619 -63.38 27.30 -40.45
C LEU C 619 -64.19 28.16 -41.42
N ILE C 620 -63.69 28.31 -42.65
CA ILE C 620 -64.37 29.13 -43.63
C ILE C 620 -65.72 28.53 -44.01
N GLU C 621 -65.77 27.20 -44.16
CA GLU C 621 -67.05 26.56 -44.46
C GLU C 621 -68.05 26.76 -43.34
N LYS C 622 -67.61 26.60 -42.09
CA LYS C 622 -68.52 26.82 -40.97
C LYS C 622 -69.00 28.26 -40.92
N ALA C 623 -68.10 29.21 -41.17
CA ALA C 623 -68.50 30.62 -41.19
C ALA C 623 -69.50 30.90 -42.30
N GLU C 624 -69.28 30.34 -43.49
CA GLU C 624 -70.20 30.56 -44.59
C GLU C 624 -71.58 29.99 -44.26
N TYR C 625 -71.62 28.80 -43.64
CA TYR C 625 -72.91 28.23 -43.25
C TYR C 625 -73.58 29.10 -42.19
N GLU C 626 -72.82 29.57 -41.20
CA GLU C 626 -73.38 30.39 -40.14
C GLU C 626 -73.73 31.80 -40.61
N ARG C 627 -73.31 32.16 -41.83
CA ARG C 627 -73.75 33.43 -42.40
C ARG C 627 -75.20 33.36 -42.85
N THR C 628 -75.62 32.23 -43.43
CA THR C 628 -76.94 32.11 -44.01
C THR C 628 -78.03 31.80 -42.98
N ARG C 629 -77.66 31.39 -41.77
CA ARG C 629 -78.66 31.03 -40.77
C ARG C 629 -79.47 32.23 -40.29
N ASP C 630 -78.99 33.45 -40.53
CA ASP C 630 -79.70 34.66 -40.09
C ASP C 630 -80.92 34.97 -40.95
N ILE C 631 -81.26 34.10 -41.90
CA ILE C 631 -82.46 34.26 -42.69
C ILE C 631 -83.53 33.23 -42.36
N ASP C 632 -83.17 32.11 -41.71
CA ASP C 632 -84.15 31.09 -41.31
C ASP C 632 -84.52 31.22 -39.83
N GLU C 633 -83.54 31.12 -38.94
CA GLU C 633 -83.83 31.19 -37.51
C GLU C 633 -84.34 32.57 -37.11
N LEU C 634 -83.89 33.61 -37.80
CA LEU C 634 -84.31 34.98 -37.53
C LEU C 634 -85.54 35.39 -38.35
N GLY C 635 -86.02 34.51 -39.23
CA GLY C 635 -87.18 34.82 -40.05
C GLY C 635 -88.48 34.30 -39.45
N PHE C 636 -88.39 33.25 -38.65
CA PHE C 636 -89.55 32.68 -37.97
C PHE C 636 -89.68 33.12 -36.53
N SER C 637 -88.65 33.73 -35.94
CA SER C 637 -88.71 34.20 -34.57
C SER C 637 -87.57 35.19 -34.34
N PHE C 638 -87.80 36.12 -33.42
CA PHE C 638 -86.78 37.13 -33.12
C PHE C 638 -85.53 36.49 -32.53
N PHE C 639 -85.67 35.35 -31.86
CA PHE C 639 -84.53 34.70 -31.24
C PHE C 639 -83.49 34.32 -32.27
N GLY C 640 -82.23 34.57 -31.95
CA GLY C 640 -81.16 34.29 -32.88
C GLY C 640 -79.80 34.39 -32.21
N LYS C 641 -78.76 34.45 -33.03
CA LYS C 641 -77.39 34.54 -32.58
C LYS C 641 -76.66 35.66 -33.32
N LYS C 642 -75.49 36.02 -32.81
CA LYS C 642 -74.71 37.13 -33.35
C LYS C 642 -73.28 36.72 -33.64
N SER C 643 -72.79 35.69 -32.96
CA SER C 643 -71.39 35.29 -33.10
C SER C 643 -71.09 34.84 -34.52
N GLY C 644 -69.88 35.15 -34.98
CA GLY C 644 -69.47 34.77 -36.31
C GLY C 644 -67.97 34.88 -36.46
N PHE C 645 -67.50 34.57 -37.68
CA PHE C 645 -66.09 34.63 -38.03
C PHE C 645 -65.90 35.57 -39.20
N PHE C 646 -64.84 36.37 -39.15
CA PHE C 646 -64.56 37.35 -40.19
C PHE C 646 -63.06 37.40 -40.47
N MET C 647 -62.73 37.83 -41.67
CA MET C 647 -61.35 37.83 -42.15
C MET C 647 -60.49 38.84 -41.41
N GLU C 648 -59.21 38.54 -41.27
CA GLU C 648 -58.27 39.42 -40.60
C GLU C 648 -56.87 39.22 -41.20
N TYR C 649 -55.94 40.07 -40.76
CA TYR C 649 -54.61 40.07 -41.38
C TYR C 649 -53.91 38.73 -41.22
N TYR C 650 -53.95 38.15 -40.01
CA TYR C 650 -53.25 36.89 -39.78
C TYR C 650 -53.83 35.79 -40.64
N ASP C 651 -55.16 35.71 -40.74
CA ASP C 651 -55.78 34.70 -41.59
C ASP C 651 -55.44 34.93 -43.05
N PHE C 652 -55.40 36.19 -43.48
CA PHE C 652 -55.02 36.50 -44.86
C PHE C 652 -53.62 36.01 -45.16
N VAL C 653 -52.67 36.29 -44.25
CA VAL C 653 -51.29 35.85 -44.45
C VAL C 653 -51.21 34.33 -44.48
N ASN C 654 -51.89 33.68 -43.54
CA ASN C 654 -51.87 32.23 -43.49
C ASN C 654 -52.40 31.65 -44.81
N ILE C 655 -53.53 32.15 -45.28
CA ILE C 655 -54.10 31.64 -46.52
C ILE C 655 -53.16 31.89 -47.69
N SER C 656 -52.60 33.09 -47.78
CA SER C 656 -51.70 33.39 -48.89
C SER C 656 -50.45 32.51 -48.86
N ARG C 657 -50.05 32.05 -47.68
CA ARG C 657 -48.84 31.25 -47.57
C ARG C 657 -49.09 29.74 -47.69
N HIS C 658 -50.26 29.25 -47.27
CA HIS C 658 -50.49 27.82 -47.14
C HIS C 658 -51.54 27.27 -48.10
N PHE C 659 -52.01 28.07 -49.05
CA PHE C 659 -53.02 27.63 -50.00
C PHE C 659 -52.48 27.73 -51.43
N LYS C 660 -52.95 26.83 -52.27
CA LYS C 660 -52.69 26.87 -53.71
C LYS C 660 -53.89 27.49 -54.42
N ILE C 661 -53.69 27.83 -55.70
CA ILE C 661 -54.77 28.44 -56.48
C ILE C 661 -55.94 27.47 -56.58
N ASP C 662 -55.66 26.17 -56.71
CA ASP C 662 -56.74 25.19 -56.83
C ASP C 662 -57.60 25.16 -55.58
N ASP C 663 -56.99 25.19 -54.39
CA ASP C 663 -57.74 25.16 -53.15
C ASP C 663 -58.59 26.42 -53.00
N ILE C 664 -58.04 27.59 -53.33
CA ILE C 664 -58.79 28.83 -53.24
C ILE C 664 -59.97 28.80 -54.21
N LYS C 665 -59.75 28.30 -55.43
CA LYS C 665 -60.84 28.19 -56.39
C LYS C 665 -61.92 27.24 -55.90
N ASN C 666 -61.51 26.13 -55.29
CA ASN C 666 -62.47 25.19 -54.76
C ASN C 666 -63.30 25.82 -53.65
N LEU C 667 -62.66 26.55 -52.75
CA LEU C 667 -63.39 27.23 -51.68
C LEU C 667 -64.33 28.28 -52.23
N GLU C 668 -63.89 29.02 -53.26
CA GLU C 668 -64.77 30.02 -53.88
C GLU C 668 -65.98 29.35 -54.51
N ARG C 669 -65.78 28.21 -55.17
CA ARG C 669 -66.92 27.49 -55.74
C ARG C 669 -67.87 27.02 -54.64
N SER C 670 -67.33 26.50 -53.54
CA SER C 670 -68.18 25.99 -52.47
C SER C 670 -68.71 27.13 -51.59
N CYS C 671 -67.91 28.18 -51.38
CA CYS C 671 -68.25 29.24 -50.44
C CYS C 671 -68.26 30.59 -51.15
N SER C 672 -69.17 31.45 -50.70
CA SER C 672 -69.30 32.81 -51.24
C SER C 672 -68.37 33.71 -50.43
N ILE C 673 -67.13 33.84 -50.89
CA ILE C 673 -66.14 34.63 -50.17
C ILE C 673 -66.44 36.12 -50.24
N ASP C 674 -67.17 36.57 -51.26
CA ASP C 674 -67.45 38.00 -51.41
C ASP C 674 -68.35 38.54 -50.31
N LYS C 675 -69.05 37.66 -49.58
CA LYS C 675 -69.97 38.08 -48.52
C LYS C 675 -69.33 38.06 -47.15
N ILE C 676 -68.04 37.75 -47.03
CA ILE C 676 -67.36 37.69 -45.76
C ILE C 676 -66.66 39.01 -45.49
N ARG C 677 -66.87 39.56 -44.30
CA ARG C 677 -66.28 40.84 -43.94
C ARG C 677 -64.76 40.74 -43.86
N PHE C 678 -64.08 41.81 -44.26
CA PHE C 678 -62.63 41.89 -44.24
C PHE C 678 -62.20 43.03 -43.31
N GLY C 679 -61.27 42.72 -42.40
CA GLY C 679 -60.76 43.69 -41.46
C GLY C 679 -59.24 43.77 -41.51
N GLU C 680 -58.70 44.72 -40.75
CA GLU C 680 -57.27 44.98 -40.72
C GLU C 680 -56.75 45.27 -42.12
N GLN C 681 -57.48 46.12 -42.84
CA GLN C 681 -57.19 46.33 -44.25
C GLN C 681 -55.82 46.95 -44.47
N GLU C 682 -55.45 47.94 -43.65
CA GLU C 682 -54.19 48.63 -43.87
C GLU C 682 -52.99 47.69 -43.76
N LYS C 683 -53.05 46.75 -42.81
CA LYS C 683 -51.97 45.78 -42.68
C LYS C 683 -51.86 44.89 -43.91
N ILE C 684 -53.01 44.47 -44.45
CA ILE C 684 -53.00 43.64 -45.66
C ILE C 684 -52.44 44.45 -46.83
N GLU C 685 -52.79 45.73 -46.92
CA GLU C 685 -52.25 46.58 -47.98
C GLU C 685 -50.74 46.70 -47.86
N GLU C 686 -50.23 46.90 -46.64
CA GLU C 686 -48.79 46.96 -46.45
C GLU C 686 -48.13 45.64 -46.84
N TYR C 687 -48.76 44.51 -46.49
CA TYR C 687 -48.22 43.20 -46.84
C TYR C 687 -48.14 43.02 -48.35
N LEU C 688 -49.22 43.39 -49.06
CA LEU C 688 -49.23 43.27 -50.51
C LEU C 688 -48.22 44.21 -51.16
N VAL C 689 -48.09 45.43 -50.64
CA VAL C 689 -47.13 46.37 -51.19
C VAL C 689 -45.70 45.86 -50.97
N GLY C 690 -45.44 45.24 -49.81
CA GLY C 690 -44.15 44.63 -49.58
C GLY C 690 -43.88 43.50 -50.55
N ILE C 691 -44.90 42.68 -50.82
CA ILE C 691 -44.73 41.61 -51.81
C ILE C 691 -44.38 42.20 -53.17
N ALA C 692 -45.09 43.25 -53.57
CA ALA C 692 -44.82 43.88 -54.86
C ALA C 692 -43.41 44.47 -54.91
N GLU C 693 -42.99 45.11 -53.81
CA GLU C 693 -41.64 45.67 -53.77
C GLU C 693 -40.59 44.59 -53.88
N GLU C 694 -40.79 43.46 -53.18
CA GLU C 694 -39.85 42.36 -53.29
C GLU C 694 -39.82 41.80 -54.71
N ILE C 695 -40.99 41.69 -55.34
CA ILE C 695 -41.05 41.22 -56.73
C ILE C 695 -40.24 42.13 -57.64
N THR C 696 -40.45 43.45 -57.49
CA THR C 696 -39.72 44.41 -58.32
C THR C 696 -38.23 44.33 -58.07
N LYS C 697 -37.82 44.24 -56.80
CA LYS C 697 -36.40 44.15 -56.48
C LYS C 697 -35.77 42.91 -57.10
N GLN C 698 -36.46 41.77 -57.03
CA GLN C 698 -35.88 40.52 -57.53
C GLN C 698 -35.86 40.41 -59.03
N PHE C 699 -36.88 40.94 -59.72
CA PHE C 699 -36.99 40.78 -61.15
C PHE C 699 -36.73 42.07 -61.94
N SER C 700 -36.17 43.09 -61.30
CA SER C 700 -35.83 44.31 -62.03
C SER C 700 -34.49 44.16 -62.76
N ALA C 701 -33.42 43.90 -62.01
CA ALA C 701 -32.09 43.71 -62.58
C ALA C 701 -31.82 42.22 -62.77
N ASN C 702 -30.60 41.89 -63.22
CA ASN C 702 -30.22 40.50 -63.44
C ASN C 702 -29.68 39.88 -62.16
N GLY C 703 -30.45 39.96 -61.08
CA GLY C 703 -30.08 39.37 -59.82
C GLY C 703 -31.28 38.77 -59.10
N MET C 704 -31.18 37.49 -58.72
CA MET C 704 -32.28 36.80 -58.07
C MET C 704 -31.74 35.53 -57.43
N ASN C 705 -32.37 35.15 -56.31
CA ASN C 705 -32.02 33.91 -55.63
C ASN C 705 -33.05 32.92 -56.10
N VAL C 706 -32.63 31.79 -56.66
CA VAL C 706 -33.56 30.83 -57.24
C VAL C 706 -34.28 30.06 -56.15
N VAL C 707 -33.56 29.68 -55.09
CA VAL C 707 -34.20 28.95 -53.99
C VAL C 707 -35.25 29.82 -53.31
N PHE C 708 -34.92 31.09 -53.06
CA PHE C 708 -35.90 32.01 -52.51
C PHE C 708 -37.06 32.21 -53.46
N TYR C 709 -36.76 32.31 -54.76
CA TYR C 709 -37.82 32.51 -55.75
C TYR C 709 -38.81 31.35 -55.74
N THR C 710 -38.31 30.12 -55.63
CA THR C 710 -39.19 28.97 -55.69
C THR C 710 -40.24 28.99 -54.59
N GLN C 711 -39.84 29.34 -53.37
CA GLN C 711 -40.76 29.35 -52.23
C GLN C 711 -41.46 30.69 -52.05
N PHE C 712 -41.06 31.73 -52.77
CA PHE C 712 -41.71 33.03 -52.66
C PHE C 712 -42.73 33.28 -53.75
N ILE C 713 -42.55 32.70 -54.94
CA ILE C 713 -43.45 32.98 -56.05
C ILE C 713 -44.83 32.40 -55.78
N SER C 714 -44.91 31.23 -55.15
CA SER C 714 -46.20 30.65 -54.82
C SER C 714 -46.96 31.54 -53.84
N GLU C 715 -46.26 32.02 -52.80
CA GLU C 715 -46.91 32.90 -51.84
C GLU C 715 -47.37 34.19 -52.48
N ALA C 716 -46.52 34.77 -53.34
CA ALA C 716 -46.91 36.01 -54.03
C ALA C 716 -48.11 35.78 -54.93
N LYS C 717 -48.13 34.67 -55.66
CA LYS C 717 -49.26 34.35 -56.54
C LYS C 717 -50.54 34.22 -55.72
N ALA C 718 -50.48 33.48 -54.61
CA ALA C 718 -51.66 33.31 -53.77
C ALA C 718 -52.14 34.64 -53.20
N ALA C 719 -51.22 35.48 -52.75
CA ALA C 719 -51.60 36.77 -52.19
C ALA C 719 -52.27 37.64 -53.26
N LEU C 720 -51.69 37.69 -54.45
CA LEU C 720 -52.28 38.51 -55.51
C LEU C 720 -53.63 37.96 -55.96
N TYR C 721 -53.80 36.64 -55.95
CA TYR C 721 -55.09 36.06 -56.34
C TYR C 721 -56.15 36.33 -55.27
N PHE C 722 -55.77 36.31 -54.00
CA PHE C 722 -56.71 36.53 -52.92
C PHE C 722 -56.94 38.00 -52.61
N ALA C 723 -56.13 38.90 -53.17
CA ALA C 723 -56.32 40.34 -52.95
C ALA C 723 -57.54 40.90 -53.66
N LYS C 724 -58.35 40.06 -54.32
CA LYS C 724 -59.55 40.55 -54.99
C LYS C 724 -60.58 41.08 -54.00
N TYR C 725 -60.50 40.68 -52.72
CA TYR C 725 -61.55 40.95 -51.74
C TYR C 725 -61.14 42.03 -50.75
N VAL C 726 -60.27 42.95 -51.15
CA VAL C 726 -59.86 44.07 -50.32
C VAL C 726 -59.92 45.36 -51.14
N LYS C 727 -60.06 46.47 -50.42
CA LYS C 727 -60.12 47.80 -51.03
C LYS C 727 -58.74 48.43 -50.96
N LEU C 728 -58.17 48.74 -52.11
CA LEU C 728 -56.80 49.26 -52.20
C LEU C 728 -56.81 50.74 -52.55
N SER C 729 -55.84 51.45 -51.99
CA SER C 729 -55.65 52.86 -52.31
C SER C 729 -55.02 53.00 -53.69
N GLU C 730 -55.03 54.23 -54.20
CA GLU C 730 -54.54 54.47 -55.55
C GLU C 730 -53.06 54.14 -55.68
N GLU C 731 -52.25 54.57 -54.71
CA GLU C 731 -50.80 54.35 -54.81
C GLU C 731 -50.44 52.88 -54.70
N GLY C 732 -50.98 52.20 -53.70
CA GLY C 732 -50.71 50.77 -53.55
C GLY C 732 -51.25 49.96 -54.72
N LEU C 733 -52.45 50.30 -55.18
CA LEU C 733 -53.02 49.61 -56.33
C LEU C 733 -52.16 49.81 -57.56
N GLY C 734 -51.68 51.03 -57.79
CA GLY C 734 -50.81 51.28 -58.93
C GLY C 734 -49.50 50.50 -58.84
N LYS C 735 -48.89 50.47 -57.65
CA LYS C 735 -47.67 49.70 -57.48
C LYS C 735 -47.91 48.22 -57.75
N ILE C 736 -49.02 47.68 -57.23
CA ILE C 736 -49.32 46.28 -57.42
C ILE C 736 -49.54 45.98 -58.90
N VAL C 737 -50.27 46.86 -59.60
CA VAL C 737 -50.53 46.66 -61.02
C VAL C 737 -49.22 46.69 -61.81
N LYS C 738 -48.34 47.65 -61.47
CA LYS C 738 -47.05 47.73 -62.16
C LYS C 738 -46.25 46.45 -61.96
N ALA C 739 -46.18 45.97 -60.71
CA ALA C 739 -45.42 44.75 -60.43
C ALA C 739 -46.01 43.56 -61.15
N LEU C 740 -47.34 43.45 -61.16
CA LEU C 740 -48.00 42.30 -61.80
C LEU C 740 -47.79 42.32 -63.31
N LEU C 741 -47.89 43.50 -63.93
CA LEU C 741 -47.88 43.59 -65.39
C LEU C 741 -46.48 43.66 -65.99
N PHE C 742 -45.48 44.10 -65.22
CA PHE C 742 -44.14 44.30 -65.76
C PHE C 742 -43.11 43.33 -65.19
N TYR C 743 -42.98 43.26 -63.87
CA TYR C 743 -41.87 42.56 -63.24
C TYR C 743 -42.21 41.12 -62.82
N PHE C 744 -43.41 40.64 -63.11
CA PHE C 744 -43.75 39.26 -62.77
C PHE C 744 -43.18 38.31 -63.83
N PRO C 745 -42.51 37.22 -63.44
CA PRO C 745 -41.97 36.31 -64.45
C PRO C 745 -43.07 35.77 -65.37
N GLU C 746 -42.73 35.62 -66.65
CA GLU C 746 -43.67 35.11 -67.63
C GLU C 746 -43.85 33.60 -67.55
N ARG C 747 -42.89 32.88 -66.95
CA ARG C 747 -42.99 31.43 -66.87
C ARG C 747 -44.11 30.96 -65.95
N ASP C 748 -44.70 31.86 -65.15
CA ASP C 748 -45.76 31.51 -64.22
C ASP C 748 -47.11 32.09 -64.63
N LEU C 749 -47.18 33.40 -64.85
CA LEU C 749 -48.40 34.05 -65.30
C LEU C 749 -48.20 34.50 -66.75
N ASP C 750 -49.04 33.99 -67.64
CA ASP C 750 -48.99 34.35 -69.04
C ASP C 750 -49.89 35.55 -69.29
N ILE C 751 -50.14 35.87 -70.56
CA ILE C 751 -50.96 37.03 -70.90
C ILE C 751 -52.38 36.83 -70.38
N GLY C 752 -52.94 35.64 -70.61
CA GLY C 752 -54.29 35.37 -70.14
C GLY C 752 -54.40 35.36 -68.63
N LYS C 753 -53.44 34.69 -67.96
CA LYS C 753 -53.43 34.68 -66.50
C LYS C 753 -53.24 36.08 -65.95
N ARG C 754 -52.35 36.87 -66.55
CA ARG C 754 -52.18 38.25 -66.14
C ARG C 754 -53.49 39.02 -66.30
N TYR C 755 -54.19 38.83 -67.42
CA TYR C 755 -55.43 39.56 -67.66
C TYR C 755 -56.49 39.20 -66.62
N VAL C 756 -56.67 37.91 -66.35
CA VAL C 756 -57.72 37.52 -65.41
C VAL C 756 -57.37 37.97 -63.99
N TRP C 757 -56.08 37.90 -63.63
CA TRP C 757 -55.69 38.35 -62.30
C TRP C 757 -55.89 39.86 -62.16
N LEU C 758 -55.58 40.62 -63.20
CA LEU C 758 -55.84 42.06 -63.16
C LEU C 758 -57.33 42.35 -63.08
N GLU C 759 -58.14 41.62 -63.85
CA GLU C 759 -59.58 41.85 -63.83
C GLU C 759 -60.19 41.47 -62.49
N ARG C 760 -59.56 40.55 -61.76
CA ARG C 760 -60.01 40.24 -60.41
C ARG C 760 -59.84 41.41 -59.45
N LEU C 761 -58.98 42.37 -59.78
CA LEU C 761 -58.63 43.46 -58.88
C LEU C 761 -59.47 44.72 -59.11
N THR C 762 -60.41 44.70 -60.06
CA THR C 762 -61.22 45.88 -60.37
C THR C 762 -62.65 45.74 -59.88
N LYS C 763 -62.89 44.91 -58.85
CA LYS C 763 -64.21 44.76 -58.26
C LYS C 763 -64.42 45.72 -57.09
N CYS C 764 -63.40 45.83 -56.22
CA CYS C 764 -63.50 46.70 -55.06
C CYS C 764 -63.06 48.12 -55.37
N ASN C 765 -62.49 48.34 -56.55
CA ASN C 765 -62.03 49.66 -56.93
C ASN C 765 -62.04 49.81 -58.44
N GLU C 766 -62.93 50.66 -58.97
CA GLU C 766 -63.03 50.82 -60.41
C GLU C 766 -61.79 51.48 -60.96
N LEU C 767 -61.39 51.06 -62.18
CA LEU C 767 -60.16 51.49 -62.82
C LEU C 767 -60.01 53.01 -62.80
N PRO C 768 -59.05 53.55 -62.03
CA PRO C 768 -58.76 54.99 -62.13
C PRO C 768 -58.00 55.33 -63.41
N LYS C 769 -57.60 56.59 -63.57
CA LYS C 769 -56.89 57.00 -64.76
C LYS C 769 -55.43 56.55 -64.76
N SER C 770 -54.80 56.50 -63.58
CA SER C 770 -53.41 56.07 -63.51
C SER C 770 -53.26 54.62 -63.94
N ILE C 771 -54.17 53.75 -63.50
CA ILE C 771 -54.10 52.35 -63.90
C ILE C 771 -54.37 52.22 -65.40
N ILE C 772 -55.27 53.04 -65.94
CA ILE C 772 -55.51 53.04 -67.37
C ILE C 772 -54.24 53.42 -68.13
N SER C 773 -53.53 54.43 -67.63
CA SER C 773 -52.27 54.83 -68.27
C SER C 773 -51.23 53.71 -68.18
N ILE C 774 -51.18 53.02 -67.05
CA ILE C 774 -50.23 51.90 -66.90
C ILE C 774 -50.55 50.81 -67.91
N ILE C 775 -51.83 50.46 -68.05
CA ILE C 775 -52.20 49.42 -69.01
C ILE C 775 -51.93 49.88 -70.44
N ASP C 776 -52.12 51.18 -70.70
CA ASP C 776 -51.79 51.71 -72.02
C ASP C 776 -50.30 51.59 -72.30
N ASP C 777 -49.46 51.88 -71.31
CA ASP C 777 -48.02 51.71 -71.48
C ASP C 777 -47.67 50.24 -71.74
N PHE C 778 -48.34 49.33 -71.03
CA PHE C 778 -48.12 47.91 -71.27
C PHE C 778 -48.50 47.52 -72.70
N LEU C 779 -49.63 48.04 -73.18
CA LEU C 779 -50.06 47.78 -74.55
C LEU C 779 -49.06 48.34 -75.56
N VAL C 780 -48.54 49.54 -75.29
CA VAL C 780 -47.54 50.13 -76.17
C VAL C 780 -46.28 49.27 -76.20
N LEU C 781 -45.88 48.75 -75.03
CA LEU C 781 -44.72 47.87 -74.99
C LEU C 781 -44.95 46.61 -75.81
N GLN C 782 -46.16 46.03 -75.71
CA GLN C 782 -46.47 44.85 -76.51
C GLN C 782 -46.44 45.17 -78.00
N ALA C 783 -47.00 46.32 -78.39
CA ALA C 783 -46.98 46.72 -79.79
C ALA C 783 -45.56 46.88 -80.29
N GLU C 784 -44.69 47.49 -79.47
CA GLU C 784 -43.28 47.60 -79.85
C GLU C 784 -42.64 46.23 -79.97
N LYS C 785 -42.97 45.31 -79.06
CA LYS C 785 -42.49 43.94 -79.17
C LYS C 785 -42.94 43.28 -80.46
N HIS C 786 -44.10 43.67 -80.99
CA HIS C 786 -44.62 43.09 -82.23
C HIS C 786 -43.93 43.62 -83.48
N ILE C 787 -42.96 44.53 -83.34
CA ILE C 787 -42.21 45.00 -84.50
C ILE C 787 -41.47 43.83 -85.15
N ASP C 788 -40.80 43.03 -84.34
CA ASP C 788 -40.09 41.86 -84.85
C ASP C 788 -41.08 40.86 -85.42
N GLN C 789 -40.77 40.32 -86.60
CA GLN C 789 -41.66 39.36 -87.25
C GLN C 789 -41.71 38.03 -86.52
N ASN C 790 -40.60 37.64 -85.90
CA ASN C 790 -40.52 36.38 -85.18
C ASN C 790 -40.93 36.55 -83.72
N TYR C 791 -42.22 36.75 -83.49
CA TYR C 791 -42.75 36.89 -82.14
C TYR C 791 -44.24 36.62 -82.16
N SER C 792 -44.73 35.99 -81.09
CA SER C 792 -46.14 35.67 -80.97
C SER C 792 -46.49 35.52 -79.49
N GLU C 793 -47.70 35.92 -79.13
CA GLU C 793 -48.15 35.82 -77.75
C GLU C 793 -48.76 34.45 -77.50
N VAL C 794 -48.38 33.84 -76.38
CA VAL C 794 -48.83 32.50 -76.00
C VAL C 794 -49.75 32.64 -74.80
N SER C 795 -50.97 32.14 -74.93
CA SER C 795 -51.95 32.17 -73.85
C SER C 795 -52.58 30.79 -73.71
N SER C 796 -52.79 30.37 -72.47
CA SER C 796 -53.36 29.06 -72.16
C SER C 796 -54.87 29.08 -72.08
N ASN C 797 -55.50 30.25 -72.22
CA ASN C 797 -56.96 30.37 -72.14
C ASN C 797 -57.56 31.21 -73.26
N GLY C 798 -56.78 31.50 -74.30
CA GLY C 798 -57.31 32.23 -75.43
C GLY C 798 -57.57 33.70 -75.18
N LEU C 799 -56.90 34.29 -74.19
CA LEU C 799 -57.05 35.70 -73.87
C LEU C 799 -55.79 36.46 -74.27
N TYR C 800 -55.97 37.61 -74.91
CA TYR C 800 -54.85 38.36 -75.49
C TYR C 800 -55.06 39.85 -75.21
N SER C 801 -54.24 40.68 -75.88
CA SER C 801 -54.23 42.12 -75.59
C SER C 801 -55.57 42.77 -75.90
N ARG C 802 -56.33 42.21 -76.85
CA ARG C 802 -57.66 42.75 -77.12
C ARG C 802 -58.53 42.73 -75.88
N ASP C 803 -58.30 41.77 -74.98
CA ASP C 803 -59.01 41.75 -73.70
C ASP C 803 -58.64 42.97 -72.87
N TYR C 804 -57.35 43.34 -72.84
CA TYR C 804 -56.95 44.55 -72.14
C TYR C 804 -57.61 45.79 -72.75
N GLY C 805 -57.65 45.85 -74.08
CA GLY C 805 -58.32 46.96 -74.73
C GLY C 805 -59.79 47.05 -74.38
N ALA C 806 -60.48 45.91 -74.36
CA ALA C 806 -61.88 45.88 -73.97
C ALA C 806 -62.05 46.31 -72.53
N LEU C 807 -61.14 45.88 -71.65
CA LEU C 807 -61.21 46.31 -70.25
C LEU C 807 -61.05 47.81 -70.13
N ILE C 808 -60.11 48.39 -70.88
CA ILE C 808 -59.93 49.85 -70.85
C ILE C 808 -61.20 50.54 -71.34
N LYS C 809 -61.77 50.06 -72.45
CA LYS C 809 -62.97 50.68 -72.99
C LYS C 809 -64.18 50.50 -72.09
N HIS C 810 -64.19 49.47 -71.24
CA HIS C 810 -65.34 49.25 -70.36
C HIS C 810 -65.56 50.43 -69.43
N PHE C 811 -64.49 50.97 -68.84
CA PHE C 811 -64.60 52.04 -67.86
C PHE C 811 -64.49 53.43 -68.46
N GLU C 812 -63.76 53.58 -69.57
CA GLU C 812 -63.63 54.86 -70.26
C GLU C 812 -63.99 54.62 -71.72
N LYS C 813 -65.23 54.96 -72.10
CA LYS C 813 -65.69 54.71 -73.46
C LYS C 813 -64.93 55.59 -74.46
N ASN C 814 -64.61 56.83 -74.08
CA ASN C 814 -63.98 57.77 -75.00
C ASN C 814 -62.46 57.78 -74.90
N PHE C 815 -61.86 56.66 -74.53
CA PHE C 815 -60.40 56.57 -74.41
C PHE C 815 -59.79 56.40 -75.79
N ILE C 816 -59.04 57.40 -76.24
CA ILE C 816 -58.30 57.36 -77.50
C ILE C 816 -56.82 57.41 -77.16
N SER C 817 -56.08 56.37 -77.54
CA SER C 817 -54.66 56.29 -77.26
C SER C 817 -53.89 57.21 -78.21
N LYS C 818 -52.88 57.88 -77.67
CA LYS C 818 -52.07 58.80 -78.46
C LYS C 818 -50.82 58.13 -79.03
N ARG C 819 -50.03 57.47 -78.16
CA ARG C 819 -48.81 56.82 -78.64
C ARG C 819 -49.14 55.71 -79.63
N LEU C 820 -50.16 54.91 -79.33
CA LEU C 820 -50.56 53.85 -80.26
C LEU C 820 -51.06 54.44 -81.56
N SER C 821 -51.79 55.56 -81.49
CA SER C 821 -52.27 56.21 -82.71
C SER C 821 -51.09 56.69 -83.55
N GLU C 822 -50.06 57.26 -82.92
CA GLU C 822 -48.88 57.68 -83.67
C GLU C 822 -48.17 56.47 -84.27
N ILE C 823 -48.08 55.38 -83.52
CA ILE C 823 -47.38 54.19 -84.01
C ILE C 823 -48.08 53.64 -85.25
N THR C 824 -49.41 53.51 -85.18
CA THR C 824 -50.14 52.99 -86.33
C THR C 824 -50.14 53.97 -87.50
N LEU C 825 -50.14 55.27 -87.22
CA LEU C 825 -50.07 56.26 -88.30
C LEU C 825 -48.75 56.14 -89.05
N CYS C 826 -47.66 55.86 -88.33
CA CYS C 826 -46.35 55.73 -88.96
C CYS C 826 -46.11 54.32 -89.49
N LEU C 827 -47.03 53.40 -89.19
CA LEU C 827 -46.90 51.98 -89.63
C LEU C 827 -46.78 51.93 -91.15
N THR C 828 -45.99 51.00 -91.69
CA THR C 828 -45.83 50.80 -93.15
C THR C 828 -46.40 49.43 -93.50
N GLN C 829 -46.73 49.18 -94.76
CA GLN C 829 -47.35 47.90 -95.20
C GLN C 829 -46.41 46.75 -94.88
N ASP C 830 -45.10 46.92 -95.09
CA ASP C 830 -44.10 45.85 -94.86
C ASP C 830 -44.32 45.22 -93.48
N LYS C 831 -44.73 45.99 -92.46
CA LYS C 831 -45.00 45.45 -91.13
C LYS C 831 -46.42 44.89 -91.11
N GLN C 832 -46.53 43.57 -91.20
CA GLN C 832 -47.83 42.89 -91.22
C GLN C 832 -48.28 42.45 -89.84
N LYS C 833 -47.37 42.00 -88.98
CA LYS C 833 -47.75 41.62 -87.63
C LYS C 833 -48.31 42.81 -86.86
N GLN C 834 -47.68 43.98 -87.00
CA GLN C 834 -48.19 45.17 -86.33
C GLN C 834 -49.57 45.55 -86.87
N ILE C 835 -49.81 45.34 -88.16
CA ILE C 835 -51.13 45.63 -88.72
C ILE C 835 -52.19 44.80 -88.02
N ASP C 836 -51.94 43.50 -87.88
CA ASP C 836 -52.91 42.63 -87.20
C ASP C 836 -53.06 43.01 -85.74
N PHE C 837 -51.94 43.32 -85.07
CA PHE C 837 -52.02 43.68 -83.65
C PHE C 837 -52.85 44.94 -83.43
N LEU C 838 -52.63 45.97 -84.25
CA LEU C 838 -53.38 47.20 -84.11
C LEU C 838 -54.82 47.07 -84.60
N PHE C 839 -55.08 46.15 -85.53
CA PHE C 839 -56.46 45.91 -85.95
C PHE C 839 -57.28 45.32 -84.81
N LYS C 840 -56.66 44.48 -83.98
CA LYS C 840 -57.35 43.89 -82.84
C LYS C 840 -57.68 44.89 -81.75
N LEU C 841 -57.09 46.08 -81.79
CA LEU C 841 -57.34 47.16 -80.82
C LEU C 841 -57.75 48.42 -81.54
N LEU C 842 -58.64 48.28 -82.52
CA LEU C 842 -59.12 49.43 -83.28
C LEU C 842 -59.78 50.50 -82.42
N PRO C 843 -60.63 50.17 -81.45
CA PRO C 843 -61.36 51.24 -80.74
C PRO C 843 -60.48 52.27 -80.04
N LEU C 844 -59.25 51.90 -79.69
CA LEU C 844 -58.37 52.79 -78.95
C LEU C 844 -57.62 53.78 -79.83
N LEU C 845 -57.86 53.78 -81.14
CA LEU C 845 -57.15 54.64 -82.08
C LEU C 845 -58.03 55.80 -82.53
N SER C 846 -57.39 56.77 -83.18
CA SER C 846 -58.05 57.98 -83.63
C SER C 846 -58.73 57.75 -84.99
N THR C 847 -59.49 58.76 -85.43
CA THR C 847 -60.23 58.65 -86.67
C THR C 847 -59.29 58.48 -87.86
N ASN C 848 -58.22 59.27 -87.90
CA ASN C 848 -57.26 59.17 -88.98
C ASN C 848 -56.59 57.82 -88.97
N ALA C 849 -56.18 57.35 -87.79
CA ALA C 849 -55.57 56.03 -87.67
C ALA C 849 -56.55 54.94 -88.07
N LYS C 850 -57.83 55.08 -87.67
CA LYS C 850 -58.83 54.09 -88.05
C LYS C 850 -58.98 54.03 -89.56
N SER C 851 -59.05 55.19 -90.23
CA SER C 851 -59.18 55.20 -91.67
C SER C 851 -57.95 54.58 -92.34
N HIS C 852 -56.76 54.90 -91.84
CA HIS C 852 -55.54 54.34 -92.41
C HIS C 852 -55.52 52.83 -92.28
N LEU C 853 -55.87 52.32 -91.10
CA LEU C 853 -55.85 50.87 -90.88
C LEU C 853 -56.90 50.18 -91.75
N LEU C 854 -58.10 50.77 -91.85
CA LEU C 854 -59.13 50.16 -92.68
C LEU C 854 -58.73 50.16 -94.15
N SER C 855 -58.06 51.22 -94.61
CA SER C 855 -57.55 51.23 -95.97
C SER C 855 -56.49 50.17 -96.17
N PHE C 856 -55.61 49.97 -95.20
CA PHE C 856 -54.52 49.01 -95.35
C PHE C 856 -54.99 47.58 -95.19
N LYS C 857 -55.96 47.32 -94.31
CA LYS C 857 -56.42 45.97 -94.01
C LYS C 857 -57.90 45.85 -94.27
N SER C 858 -58.31 44.67 -94.76
CA SER C 858 -59.71 44.37 -95.03
C SER C 858 -60.01 42.95 -94.57
N VAL C 859 -61.28 42.69 -94.30
CA VAL C 859 -61.71 41.37 -93.84
C VAL C 859 -61.56 40.38 -94.99
N GLU C 860 -60.79 39.32 -94.76
CA GLU C 860 -60.53 38.31 -95.78
C GLU C 860 -60.81 36.89 -95.29
N ASN C 861 -60.49 36.59 -94.03
CA ASN C 861 -60.69 35.25 -93.49
C ASN C 861 -61.61 35.26 -92.29
N ILE C 862 -61.82 34.10 -91.69
CA ILE C 862 -62.76 33.98 -90.57
C ILE C 862 -62.24 34.73 -89.35
N ASN C 863 -60.92 34.77 -89.16
CA ASN C 863 -60.36 35.44 -88.00
C ASN C 863 -60.63 36.93 -88.09
N ASP C 864 -60.47 37.52 -89.27
CA ASP C 864 -60.79 38.93 -89.46
C ASP C 864 -62.27 39.19 -89.22
N LEU C 865 -63.13 38.27 -89.65
CA LEU C 865 -64.56 38.40 -89.42
C LEU C 865 -64.86 38.43 -87.92
N MET C 866 -64.25 37.52 -87.16
CA MET C 866 -64.47 37.48 -85.72
C MET C 866 -63.94 38.74 -85.06
N ASN C 867 -62.78 39.22 -85.51
CA ASN C 867 -62.21 40.45 -84.96
C ASN C 867 -63.16 41.60 -85.19
N GLY C 868 -63.69 41.73 -86.41
CA GLY C 868 -64.63 42.79 -86.71
C GLY C 868 -65.91 42.69 -85.90
N ILE C 869 -66.41 41.47 -85.70
CA ILE C 869 -67.61 41.28 -84.90
C ILE C 869 -67.35 41.73 -83.46
N ARG C 870 -66.21 41.34 -82.90
CA ARG C 870 -65.88 41.74 -81.54
C ARG C 870 -65.72 43.26 -81.43
N ILE C 871 -65.07 43.88 -82.42
CA ILE C 871 -64.84 45.32 -82.39
C ILE C 871 -66.05 46.13 -82.82
N GLY C 872 -67.02 45.51 -83.46
CA GLY C 872 -68.18 46.23 -83.95
C GLY C 872 -68.00 46.86 -85.31
N LEU C 873 -66.94 46.51 -86.05
CA LEU C 873 -66.74 47.06 -87.38
C LEU C 873 -67.89 46.71 -88.30
N ILE C 874 -68.40 45.47 -88.20
CA ILE C 874 -69.53 45.00 -88.97
C ILE C 874 -70.71 44.77 -88.03
N ASP C 875 -71.88 45.26 -88.42
CA ASP C 875 -73.07 45.14 -87.59
C ASP C 875 -73.86 43.86 -87.85
N GLU C 876 -73.72 43.27 -89.04
CA GLU C 876 -74.47 42.08 -89.39
C GLU C 876 -73.67 41.26 -90.40
N PHE C 877 -74.02 39.99 -90.52
CA PHE C 877 -73.34 39.07 -91.41
C PHE C 877 -73.79 39.28 -92.84
N THR C 878 -72.89 39.74 -93.70
CA THR C 878 -73.18 39.88 -95.12
C THR C 878 -73.14 38.50 -95.79
N PRO C 879 -73.72 38.40 -97.00
CA PRO C 879 -73.68 37.09 -97.69
C PRO C 879 -72.28 36.56 -97.89
N GLU C 880 -71.29 37.43 -98.13
CA GLU C 880 -69.92 36.97 -98.33
C GLU C 880 -69.39 36.28 -97.09
N HIS C 881 -69.74 36.78 -95.90
CA HIS C 881 -69.32 36.12 -94.67
C HIS C 881 -69.95 34.74 -94.57
N GLU C 882 -71.21 34.60 -94.97
CA GLU C 882 -71.84 33.28 -94.99
C GLU C 882 -71.12 32.35 -95.97
N GLU C 883 -70.73 32.87 -97.14
CA GLU C 883 -69.98 32.05 -98.09
C GLU C 883 -68.66 31.59 -97.48
N LEU C 884 -67.95 32.48 -96.80
CA LEU C 884 -66.71 32.10 -96.15
C LEU C 884 -66.94 31.04 -95.08
N ILE C 885 -68.01 31.20 -94.29
CA ILE C 885 -68.29 30.25 -93.23
C ILE C 885 -68.59 28.87 -93.81
N ILE C 886 -69.41 28.81 -94.86
CA ILE C 886 -69.75 27.52 -95.44
C ILE C 886 -68.53 26.89 -96.12
N GLU C 887 -67.68 27.70 -96.74
CA GLU C 887 -66.45 27.15 -97.33
C GLU C 887 -65.56 26.55 -96.25
N TYR C 888 -65.39 27.26 -95.13
CA TYR C 888 -64.60 26.71 -94.03
C TYR C 888 -65.23 25.43 -93.49
N LEU C 889 -66.55 25.41 -93.37
CA LEU C 889 -67.23 24.21 -92.88
C LEU C 889 -67.05 23.05 -93.84
N GLU C 890 -67.10 23.31 -95.16
CA GLU C 890 -66.89 22.25 -96.13
C GLU C 890 -65.47 21.69 -96.04
N THR C 891 -64.48 22.58 -95.91
CA THR C 891 -63.11 22.11 -95.77
C THR C 891 -62.94 21.29 -94.49
N ARG C 892 -63.53 21.76 -93.39
CA ARG C 892 -63.45 21.02 -92.13
C ARG C 892 -64.13 19.66 -92.26
N LYS C 893 -65.27 19.61 -92.95
CA LYS C 893 -65.97 18.34 -93.14
C LYS C 893 -65.13 17.37 -93.95
N VAL C 894 -64.48 17.86 -95.01
CA VAL C 894 -63.61 17.00 -95.82
C VAL C 894 -62.48 16.46 -94.97
N ASN C 895 -61.86 17.33 -94.18
CA ASN C 895 -60.76 16.92 -93.33
C ASN C 895 -61.22 15.87 -92.34
N TYR C 896 -62.36 16.12 -91.70
CA TYR C 896 -62.88 15.20 -90.70
C TYR C 896 -63.23 13.85 -91.31
N ILE C 897 -63.80 13.84 -92.51
CA ILE C 897 -64.12 12.59 -93.18
C ILE C 897 -62.84 11.82 -93.48
N VAL C 898 -61.81 12.52 -93.97
CA VAL C 898 -60.54 11.86 -94.25
C VAL C 898 -59.97 11.25 -92.98
N GLU C 899 -59.99 12.01 -91.89
CA GLU C 899 -59.44 11.52 -90.63
C GLU C 899 -60.23 10.32 -90.12
N LYS C 900 -61.57 10.38 -90.22
CA LYS C 900 -62.39 9.27 -89.76
C LYS C 900 -62.13 8.02 -90.58
N GLU C 901 -61.95 8.18 -91.90
CA GLU C 901 -61.55 7.04 -92.72
C GLU C 901 -60.20 6.51 -92.27
N LYS C 902 -59.27 7.40 -91.91
CA LYS C 902 -58.00 7.00 -91.34
C LYS C 902 -58.12 6.51 -89.91
N GLY C 903 -59.25 6.75 -89.24
CA GLY C 903 -59.41 6.35 -87.86
C GLY C 903 -58.70 7.26 -86.87
N ILE C 904 -58.32 8.46 -87.27
CA ILE C 904 -57.56 9.39 -86.43
C ILE C 904 -58.35 10.68 -86.29
N GLN C 905 -59.68 10.58 -86.24
CA GLN C 905 -60.56 11.74 -86.13
C GLN C 905 -60.07 12.70 -85.06
N THR C 906 -59.78 13.94 -85.48
CA THR C 906 -59.29 14.96 -84.59
C THR C 906 -60.45 15.71 -83.93
N PHE C 907 -60.24 16.09 -82.67
CA PHE C 907 -61.26 16.83 -81.94
C PHE C 907 -61.30 18.29 -82.40
N SER C 908 -62.50 18.86 -82.40
CA SER C 908 -62.66 20.26 -82.78
C SER C 908 -61.83 21.15 -81.86
N SER C 909 -61.14 22.11 -82.46
CA SER C 909 -60.26 23.02 -81.73
C SER C 909 -60.55 24.45 -82.13
N ASN C 910 -60.29 25.39 -81.21
CA ASN C 910 -60.52 26.84 -81.46
C ASN C 910 -61.98 27.23 -81.26
N ASP C 911 -62.88 26.27 -81.09
CA ASP C 911 -64.28 26.55 -80.78
C ASP C 911 -64.98 27.35 -81.89
N TYR C 912 -64.54 27.18 -83.14
CA TYR C 912 -65.28 27.78 -84.25
C TYR C 912 -66.69 27.17 -84.35
N MET C 913 -66.78 25.86 -84.17
CA MET C 913 -68.06 25.17 -84.31
C MET C 913 -69.06 25.67 -83.28
N SER C 914 -68.61 25.90 -82.04
CA SER C 914 -69.51 26.41 -81.02
C SER C 914 -70.07 27.77 -81.39
N THR C 915 -69.21 28.67 -81.88
CA THR C 915 -69.68 29.99 -82.29
C THR C 915 -70.66 29.89 -83.45
N PHE C 916 -70.36 29.04 -84.43
CA PHE C 916 -71.28 28.89 -85.56
C PHE C 916 -72.62 28.35 -85.10
N GLY C 917 -72.62 27.35 -84.22
CA GLY C 917 -73.87 26.81 -83.71
C GLY C 917 -74.67 27.83 -82.93
N ILE C 918 -73.99 28.62 -82.10
CA ILE C 918 -74.68 29.67 -81.35
C ILE C 918 -75.29 30.69 -82.31
N TRP C 919 -74.53 31.07 -83.34
CA TRP C 919 -75.06 32.03 -84.31
C TRP C 919 -76.29 31.47 -85.03
N TYR C 920 -76.24 30.19 -85.41
CA TYR C 920 -77.39 29.59 -86.07
C TYR C 920 -78.59 29.54 -85.13
N PHE C 921 -78.36 29.18 -83.87
CA PHE C 921 -79.47 29.13 -82.91
C PHE C 921 -80.07 30.50 -82.67
N LEU C 922 -79.27 31.56 -82.82
CA LEU C 922 -79.74 32.92 -82.61
C LEU C 922 -80.30 33.56 -83.88
N GLU C 923 -80.38 32.80 -84.97
CA GLU C 923 -80.92 33.28 -86.25
C GLU C 923 -80.08 34.40 -86.84
N GLU C 924 -78.84 34.56 -86.38
CA GLU C 924 -77.97 35.58 -86.95
C GLU C 924 -77.64 35.28 -88.40
N ILE C 925 -77.40 34.01 -88.72
CA ILE C 925 -77.07 33.58 -90.08
C ILE C 925 -78.18 32.67 -90.56
N ASN C 926 -78.69 32.94 -91.77
CA ASN C 926 -79.76 32.16 -92.35
C ASN C 926 -79.24 31.39 -93.57
N ASN C 927 -79.12 30.08 -93.44
CA ASN C 927 -78.62 29.23 -94.51
C ASN C 927 -78.88 27.77 -94.18
N SER C 928 -79.41 27.00 -95.13
CA SER C 928 -79.69 25.59 -94.91
C SER C 928 -78.43 24.72 -94.95
N LYS C 929 -77.29 25.29 -95.32
CA LYS C 929 -76.05 24.51 -95.38
C LYS C 929 -75.64 24.02 -94.00
N MET C 930 -75.96 24.78 -92.95
CA MET C 930 -75.55 24.41 -91.60
C MET C 930 -76.15 23.06 -91.20
N GLU C 931 -77.43 22.85 -91.50
CA GLU C 931 -78.10 21.61 -91.12
C GLU C 931 -77.43 20.39 -91.73
N GLU C 932 -76.68 20.56 -92.81
CA GLU C 932 -76.01 19.44 -93.46
C GLU C 932 -74.72 19.03 -92.76
N PHE C 933 -74.25 19.79 -91.77
CA PHE C 933 -72.99 19.51 -91.09
C PHE C 933 -73.20 18.84 -89.73
N ILE C 934 -74.29 18.10 -89.56
CA ILE C 934 -74.56 17.43 -88.30
C ILE C 934 -73.76 16.14 -88.22
N GLY C 935 -73.01 15.96 -87.13
CA GLY C 935 -72.31 14.71 -86.90
C GLY C 935 -70.90 14.87 -86.36
N MET C 936 -70.32 16.06 -86.49
CA MET C 936 -68.92 16.27 -86.12
C MET C 936 -68.77 16.66 -84.65
N ASP C 937 -69.35 17.79 -84.27
CA ASP C 937 -69.20 18.34 -82.92
C ASP C 937 -70.52 18.19 -82.17
N ASP C 938 -70.43 17.68 -80.94
CA ASP C 938 -71.63 17.44 -80.14
C ASP C 938 -72.36 18.75 -79.85
N GLN C 939 -71.62 19.80 -79.48
CA GLN C 939 -72.25 21.08 -79.17
C GLN C 939 -72.87 21.68 -80.43
N TYR C 940 -72.21 21.55 -81.57
CA TYR C 940 -72.76 22.08 -82.82
C TYR C 940 -74.08 21.42 -83.15
N ASP C 941 -74.15 20.09 -83.05
CA ASP C 941 -75.40 19.39 -83.32
C ASP C 941 -76.46 19.74 -82.29
N PHE C 942 -76.05 19.87 -81.03
CA PHE C 942 -77.00 20.21 -79.97
C PHE C 942 -77.64 21.57 -80.23
N PHE C 943 -76.84 22.55 -80.65
CA PHE C 943 -77.37 23.89 -80.89
C PHE C 943 -78.14 23.98 -82.22
N VAL C 944 -77.73 23.21 -83.23
CA VAL C 944 -78.32 23.29 -84.55
C VAL C 944 -79.50 22.34 -84.71
N ASP C 945 -79.43 21.17 -84.10
CA ASP C 945 -80.45 20.13 -84.22
C ASP C 945 -80.84 19.66 -82.82
N PRO C 946 -81.63 20.46 -82.09
CA PRO C 946 -81.93 20.09 -80.70
C PRO C 946 -82.76 18.82 -80.57
N GLU C 947 -83.87 18.71 -81.31
CA GLU C 947 -84.79 17.60 -81.09
C GLU C 947 -84.13 16.25 -81.40
N ASN C 948 -83.28 16.21 -82.42
CA ASN C 948 -82.66 14.95 -82.81
C ASN C 948 -81.40 14.67 -82.00
N PHE C 949 -80.87 15.69 -81.32
CA PHE C 949 -79.65 15.51 -80.56
C PHE C 949 -79.86 14.53 -79.41
N ASP C 950 -78.87 13.66 -79.19
CA ASP C 950 -78.88 12.73 -78.07
C ASP C 950 -78.31 13.44 -76.86
N TYR C 951 -79.14 13.63 -75.83
CA TYR C 951 -78.76 14.41 -74.67
C TYR C 951 -77.88 13.63 -73.68
N LYS C 952 -77.66 12.32 -73.92
CA LYS C 952 -76.76 11.56 -73.07
C LYS C 952 -75.32 12.06 -73.18
N LYS C 953 -74.97 12.75 -74.27
CA LYS C 953 -73.64 13.28 -74.47
C LYS C 953 -73.47 14.69 -73.93
N PHE C 954 -74.53 15.28 -73.39
CA PHE C 954 -74.45 16.65 -72.91
C PHE C 954 -73.47 16.78 -71.76
N ILE C 955 -72.67 17.84 -71.80
CA ILE C 955 -71.72 18.17 -70.74
C ILE C 955 -72.28 19.35 -69.95
N PRO C 956 -72.57 19.20 -68.66
CA PRO C 956 -73.18 20.32 -67.92
C PRO C 956 -72.33 21.58 -67.90
N SER C 957 -70.99 21.44 -67.95
CA SER C 957 -70.12 22.60 -67.87
C SER C 957 -70.45 23.65 -68.92
N TRP C 958 -71.01 23.25 -70.06
CA TRP C 958 -71.37 24.20 -71.10
C TRP C 958 -72.25 25.32 -70.56
N LEU C 959 -73.16 25.00 -69.62
CA LEU C 959 -74.05 26.02 -69.08
C LEU C 959 -73.29 27.19 -68.48
N LYS C 960 -72.08 26.95 -67.98
CA LYS C 960 -71.30 28.04 -67.40
C LYS C 960 -70.93 29.07 -68.46
N ASN C 961 -70.60 28.61 -69.66
CA ASN C 961 -70.14 29.50 -70.73
C ASN C 961 -71.25 30.37 -71.27
N TYR C 962 -72.51 29.97 -71.07
CA TYR C 962 -73.63 30.70 -71.66
C TYR C 962 -73.89 31.99 -70.88
N ASN C 963 -74.27 33.03 -71.60
CA ASN C 963 -74.58 34.31 -70.97
C ASN C 963 -76.06 34.37 -70.64
N ASP C 964 -76.55 35.54 -70.25
CA ASP C 964 -77.95 35.68 -69.85
C ASP C 964 -78.88 35.47 -71.03
N LYS C 965 -78.60 36.14 -72.16
CA LYS C 965 -79.47 36.02 -73.32
C LYS C 965 -79.51 34.60 -73.85
N LEU C 966 -78.34 33.96 -73.94
CA LEU C 966 -78.28 32.60 -74.45
C LEU C 966 -79.03 31.64 -73.53
N LEU C 967 -78.86 31.80 -72.21
CA LEU C 967 -79.56 30.94 -71.26
C LEU C 967 -81.07 31.14 -71.37
N GLY C 968 -81.52 32.39 -71.48
CA GLY C 968 -82.94 32.64 -71.63
C GLY C 968 -83.51 32.03 -72.88
N LYS C 969 -82.81 32.19 -74.01
CA LYS C 969 -83.30 31.61 -75.26
C LYS C 969 -83.29 30.09 -75.19
N ILE C 970 -82.30 29.51 -74.51
CA ILE C 970 -82.26 28.06 -74.33
C ILE C 970 -83.48 27.61 -73.53
N ALA C 971 -83.81 28.34 -72.45
CA ALA C 971 -84.99 28.02 -71.67
C ALA C 971 -86.27 28.23 -72.48
N GLY C 972 -86.24 29.09 -73.49
CA GLY C 972 -87.43 29.35 -74.29
C GLY C 972 -87.78 28.27 -75.29
N ASN C 973 -86.81 27.41 -75.64
CA ASN C 973 -87.03 26.35 -76.62
C ASN C 973 -87.63 25.12 -75.96
N LYS C 974 -88.63 24.51 -76.60
CA LYS C 974 -89.32 23.38 -75.98
C LYS C 974 -88.53 22.08 -76.09
N HIS C 975 -87.84 21.88 -77.22
CA HIS C 975 -87.16 20.60 -77.44
C HIS C 975 -86.02 20.35 -76.47
N MET C 976 -85.56 21.37 -75.76
CA MET C 976 -84.37 21.27 -74.92
C MET C 976 -84.59 21.67 -73.47
N LYS C 977 -85.76 22.20 -73.13
CA LYS C 977 -85.97 22.74 -71.79
C LYS C 977 -85.86 21.65 -70.72
N HIS C 978 -86.60 20.56 -70.89
CA HIS C 978 -86.71 19.58 -69.82
C HIS C 978 -85.41 18.79 -69.64
N HIS C 979 -84.65 18.54 -70.71
CA HIS C 979 -83.37 17.87 -70.56
C HIS C 979 -82.40 18.72 -69.74
N VAL C 980 -82.35 20.02 -70.03
CA VAL C 980 -81.47 20.91 -69.27
C VAL C 980 -81.95 21.03 -67.83
N ILE C 981 -83.27 21.03 -67.62
CA ILE C 981 -83.80 21.05 -66.26
C ILE C 981 -83.35 19.79 -65.51
N GLU C 982 -83.40 18.64 -66.18
CA GLU C 982 -83.00 17.40 -65.54
C GLU C 982 -81.51 17.42 -65.18
N VAL C 983 -80.66 17.89 -66.10
CA VAL C 983 -79.23 17.88 -65.83
C VAL C 983 -78.89 18.89 -64.74
N LEU C 984 -79.57 20.04 -64.73
CA LEU C 984 -79.37 21.01 -63.65
C LEU C 984 -79.80 20.42 -62.31
N LYS C 985 -80.93 19.71 -62.28
CA LYS C 985 -81.37 19.09 -61.04
C LYS C 985 -80.34 18.08 -60.55
N GLU C 986 -79.83 17.24 -61.46
CA GLU C 986 -78.82 16.26 -61.07
C GLU C 986 -77.57 16.94 -60.53
N ARG C 987 -77.11 18.00 -61.20
CA ARG C 987 -75.91 18.68 -60.75
C ARG C 987 -76.12 19.32 -59.38
N VAL C 988 -77.20 20.09 -59.22
CA VAL C 988 -77.41 20.78 -57.94
C VAL C 988 -77.56 19.76 -56.82
N LYS C 989 -78.19 18.61 -57.11
CA LYS C 989 -78.29 17.57 -56.10
C LYS C 989 -76.91 16.98 -55.77
N ASN C 990 -76.08 16.75 -56.78
CA ASN C 990 -74.79 16.09 -56.55
C ASN C 990 -73.56 16.99 -56.56
N SER C 991 -73.70 18.24 -56.98
CA SER C 991 -72.55 19.14 -57.10
C SER C 991 -72.47 20.07 -55.89
N ASN C 992 -71.27 20.58 -55.62
CA ASN C 992 -71.07 21.52 -54.52
C ASN C 992 -70.93 22.94 -55.03
N ASP C 993 -71.12 23.14 -56.34
CA ASP C 993 -71.01 24.46 -56.94
C ASP C 993 -72.38 25.14 -56.94
N LYS C 994 -72.40 26.41 -56.55
CA LYS C 994 -73.65 27.15 -56.40
C LYS C 994 -74.14 27.77 -57.71
N ARG C 995 -73.33 27.76 -58.77
CA ARG C 995 -73.74 28.38 -60.02
C ARG C 995 -74.91 27.63 -60.64
N TYR C 996 -74.92 26.31 -60.54
CA TYR C 996 -75.99 25.53 -61.15
C TYR C 996 -77.33 25.87 -60.53
N LEU C 997 -77.39 26.01 -59.20
CA LEU C 997 -78.64 26.38 -58.55
C LEU C 997 -79.10 27.76 -58.99
N GLU C 998 -78.17 28.71 -59.13
CA GLU C 998 -78.54 30.04 -59.59
C GLU C 998 -79.09 29.99 -61.00
N ILE C 999 -78.47 29.21 -61.88
CA ILE C 999 -78.96 29.10 -63.25
C ILE C 999 -80.36 28.48 -63.26
N LEU C 1000 -80.57 27.45 -62.46
CA LEU C 1000 -81.88 26.80 -62.41
C LEU C 1000 -82.94 27.76 -61.89
N MET C 1001 -82.63 28.53 -60.85
CA MET C 1001 -83.63 29.38 -60.22
C MET C 1001 -83.95 30.60 -61.07
N ASN C 1002 -82.92 31.29 -61.56
CA ASN C 1002 -83.15 32.56 -62.25
C ASN C 1002 -83.81 32.50 -63.61
N TYR C 1003 -83.54 31.46 -64.39
CA TYR C 1003 -84.02 31.39 -65.77
C TYR C 1003 -85.03 30.28 -66.02
N PHE C 1004 -84.76 29.07 -65.52
CA PHE C 1004 -85.57 27.91 -65.87
C PHE C 1004 -86.85 27.79 -65.06
N ILE C 1005 -87.06 28.64 -64.06
CA ILE C 1005 -88.30 28.66 -63.32
C ILE C 1005 -88.73 30.11 -63.11
N LYS D 9 -9.91 6.64 -54.18
CA LYS D 9 -10.51 5.77 -55.19
C LYS D 9 -9.54 4.66 -55.53
N ARG D 10 -8.38 5.02 -56.07
CA ARG D 10 -7.37 4.03 -56.36
C ARG D 10 -6.93 3.45 -55.02
N TYR D 11 -6.82 4.30 -54.02
CA TYR D 11 -6.48 3.83 -52.69
C TYR D 11 -7.59 2.98 -52.11
N GLY D 12 -8.84 3.29 -52.45
CA GLY D 12 -9.93 2.47 -51.97
C GLY D 12 -9.68 1.04 -52.38
N GLU D 13 -9.25 0.85 -53.62
CA GLU D 13 -8.93 -0.49 -54.10
C GLU D 13 -7.68 -1.00 -53.40
N LYS D 14 -6.74 -0.10 -53.12
CA LYS D 14 -5.53 -0.50 -52.39
C LYS D 14 -5.88 -0.87 -50.96
N LEU D 15 -6.89 -0.23 -50.38
CA LEU D 15 -7.31 -0.58 -49.03
C LEU D 15 -7.85 -1.98 -49.11
N LYS D 16 -8.57 -2.29 -50.18
CA LYS D 16 -9.09 -3.63 -50.37
C LYS D 16 -7.96 -4.58 -50.72
N GLU D 17 -6.91 -4.07 -51.36
CA GLU D 17 -5.75 -4.89 -51.65
C GLU D 17 -5.06 -5.20 -50.36
N VAL D 18 -4.99 -4.22 -49.47
CA VAL D 18 -4.42 -4.45 -48.16
C VAL D 18 -5.32 -5.45 -47.49
N PHE D 19 -6.63 -5.27 -47.67
CA PHE D 19 -7.58 -6.17 -47.04
C PHE D 19 -7.39 -7.59 -47.57
N LEU D 20 -7.11 -7.70 -48.86
CA LEU D 20 -6.86 -9.01 -49.45
C LEU D 20 -5.58 -9.55 -48.86
N MET D 21 -4.56 -8.71 -48.77
CA MET D 21 -3.28 -9.13 -48.25
C MET D 21 -3.36 -9.54 -46.79
N LEU D 22 -4.25 -8.91 -46.02
CA LEU D 22 -4.34 -9.20 -44.61
C LEU D 22 -4.23 -10.68 -44.38
N ASP D 23 -3.29 -11.09 -43.56
CA ASP D 23 -3.18 -12.49 -43.22
C ASP D 23 -4.40 -12.78 -42.37
N ASN D 24 -4.71 -14.06 -42.20
CA ASN D 24 -5.89 -14.41 -41.45
C ASN D 24 -5.89 -13.69 -40.11
N ASN D 25 -4.72 -13.58 -39.48
CA ASN D 25 -4.66 -12.95 -38.17
C ASN D 25 -5.17 -11.53 -38.20
N VAL D 26 -4.74 -10.70 -39.15
CA VAL D 26 -5.16 -9.31 -39.16
C VAL D 26 -6.62 -9.29 -39.44
N VAL D 27 -7.07 -10.20 -40.29
CA VAL D 27 -8.48 -10.26 -40.65
C VAL D 27 -9.28 -10.64 -39.43
N GLU D 28 -8.77 -11.57 -38.64
CA GLU D 28 -9.45 -11.99 -37.44
C GLU D 28 -9.49 -10.86 -36.43
N CYS D 29 -8.40 -10.13 -36.32
CA CYS D 29 -8.37 -9.02 -35.40
C CYS D 29 -9.44 -8.06 -35.85
N ILE D 30 -9.43 -7.74 -37.13
CA ILE D 30 -10.40 -6.81 -37.66
C ILE D 30 -11.79 -7.37 -37.45
N LYS D 31 -11.93 -8.69 -37.58
CA LYS D 31 -13.23 -9.32 -37.44
C LYS D 31 -13.81 -9.16 -36.05
N GLU D 32 -13.02 -9.51 -35.04
CA GLU D 32 -13.51 -9.43 -33.67
C GLU D 32 -13.73 -7.99 -33.28
N ILE D 33 -12.84 -7.10 -33.72
CA ILE D 33 -12.96 -5.71 -33.37
C ILE D 33 -14.23 -5.16 -33.98
N THR D 34 -14.53 -5.53 -35.22
CA THR D 34 -15.72 -4.97 -35.90
C THR D 34 -16.97 -5.55 -35.31
N GLU D 35 -16.94 -6.81 -34.93
CA GLU D 35 -18.10 -7.39 -34.29
C GLU D 35 -18.29 -6.69 -32.96
N SER D 36 -17.20 -6.50 -32.22
CA SER D 36 -17.29 -5.84 -30.92
C SER D 36 -17.83 -4.45 -31.08
N SER D 37 -17.38 -3.76 -32.12
CA SER D 37 -17.85 -2.42 -32.38
C SER D 37 -19.35 -2.42 -32.46
N ARG D 38 -19.89 -3.37 -33.22
CA ARG D 38 -21.34 -3.45 -33.39
C ARG D 38 -22.06 -3.85 -32.10
N ASN D 39 -21.48 -4.75 -31.33
CA ASN D 39 -22.09 -5.20 -30.09
C ASN D 39 -22.26 -4.06 -29.12
N GLY D 40 -21.38 -3.06 -29.19
CA GLY D 40 -21.44 -1.92 -28.28
C GLY D 40 -20.54 -2.18 -27.12
N LYS D 41 -19.43 -2.87 -27.36
CA LYS D 41 -18.52 -3.22 -26.30
C LYS D 41 -17.10 -3.07 -26.73
N LEU D 42 -16.79 -2.01 -27.48
CA LEU D 42 -15.41 -1.74 -27.86
C LEU D 42 -14.92 -0.58 -27.07
N VAL D 43 -13.65 -0.59 -26.68
CA VAL D 43 -13.07 0.54 -25.99
C VAL D 43 -11.73 0.78 -26.64
N PHE D 44 -11.33 2.04 -26.77
CA PHE D 44 -10.04 2.37 -27.34
C PHE D 44 -9.17 3.01 -26.30
N PHE D 45 -8.00 2.45 -26.05
CA PHE D 45 -7.07 3.06 -25.13
C PHE D 45 -6.26 3.92 -26.06
N VAL D 46 -6.47 5.24 -26.04
CA VAL D 46 -5.81 6.11 -27.00
C VAL D 46 -4.66 6.86 -26.35
N GLY D 47 -3.46 6.70 -26.86
CA GLY D 47 -2.30 7.29 -26.25
C GLY D 47 -1.81 8.55 -26.86
N ALA D 48 -0.52 8.80 -26.79
CA ALA D 48 0.03 10.06 -27.27
C ALA D 48 0.10 10.17 -28.75
N GLY D 49 0.57 9.15 -29.43
CA GLY D 49 0.76 9.23 -30.84
C GLY D 49 -0.40 9.80 -31.59
N VAL D 50 -1.62 9.55 -31.16
CA VAL D 50 -2.78 9.99 -31.92
C VAL D 50 -2.90 11.51 -31.82
N SER D 51 -2.18 12.15 -30.91
CA SER D 51 -2.20 13.60 -30.76
C SER D 51 -0.94 14.24 -31.28
N THR D 52 0.16 13.49 -31.37
CA THR D 52 1.37 14.01 -31.95
C THR D 52 1.02 14.32 -33.38
N LEU D 53 0.01 13.66 -33.92
CA LEU D 53 -0.44 13.96 -35.25
C LEU D 53 -0.92 15.41 -35.32
N SER D 54 -1.62 15.90 -34.30
CA SER D 54 -2.07 17.29 -34.25
C SER D 54 -0.96 18.20 -33.76
N ASP D 55 0.21 17.64 -33.50
CA ASP D 55 1.39 18.40 -33.08
C ASP D 55 1.35 18.79 -31.63
N TYR D 56 0.59 18.08 -30.81
CA TYR D 56 0.49 18.47 -29.43
C TYR D 56 1.89 18.28 -28.91
N PRO D 57 2.38 19.22 -28.10
CA PRO D 57 3.78 19.11 -27.70
C PRO D 57 4.09 17.72 -27.18
N GLN D 58 4.94 17.00 -27.88
CA GLN D 58 5.33 15.67 -27.43
C GLN D 58 5.99 15.79 -26.09
N TRP D 59 6.04 14.71 -25.34
CA TRP D 59 6.58 14.79 -23.99
C TRP D 59 8.07 15.02 -23.99
N TRP D 60 8.81 14.31 -24.82
CA TRP D 60 10.25 14.45 -24.77
C TRP D 60 10.59 15.91 -24.96
N ARG D 61 9.75 16.66 -25.68
CA ARG D 61 9.99 18.07 -25.89
C ARG D 61 9.80 18.88 -24.63
N LEU D 62 9.00 18.40 -23.70
CA LEU D 62 8.85 19.09 -22.41
C LEU D 62 9.86 18.58 -21.40
N VAL D 63 10.18 17.30 -21.44
CA VAL D 63 11.23 16.78 -20.57
C VAL D 63 12.48 17.52 -20.98
N ASP D 64 12.63 17.81 -22.28
CA ASP D 64 13.79 18.55 -22.78
C ASP D 64 13.81 20.00 -22.31
N LYS D 65 12.65 20.65 -22.26
CA LYS D 65 12.61 22.01 -21.76
C LYS D 65 13.13 22.02 -20.36
N TYR D 66 12.75 21.03 -19.57
CA TYR D 66 13.17 20.99 -18.18
C TYR D 66 14.65 20.72 -18.06
N HIS D 67 15.18 19.83 -18.89
CA HIS D 67 16.60 19.53 -18.88
C HIS D 67 17.39 20.76 -19.22
N GLU D 68 16.91 21.54 -20.17
CA GLU D 68 17.61 22.72 -20.59
C GLU D 68 17.50 23.85 -19.57
N GLU D 69 16.33 23.99 -18.95
CA GLU D 69 16.14 25.01 -17.92
C GLU D 69 16.95 24.62 -16.70
N LEU D 70 16.89 23.35 -16.32
CA LEU D 70 17.57 22.89 -15.12
C LEU D 70 19.06 22.95 -15.27
N TYR D 71 19.61 22.11 -16.12
CA TYR D 71 21.05 22.01 -16.23
C TYR D 71 21.68 23.04 -17.15
N GLY D 72 21.11 23.25 -18.33
CA GLY D 72 21.64 24.25 -19.25
C GLY D 72 21.47 23.99 -20.74
N SER D 73 21.27 22.73 -21.14
CA SER D 73 21.14 22.38 -22.55
C SER D 73 20.53 21.01 -22.73
N PRO D 74 20.02 20.70 -23.95
CA PRO D 74 19.34 19.43 -24.16
C PRO D 74 20.17 18.19 -23.85
N LYS D 75 19.53 17.09 -23.51
CA LYS D 75 20.24 15.87 -23.16
C LYS D 75 20.80 15.17 -24.39
N LYS D 76 21.61 14.14 -24.20
CA LYS D 76 22.17 13.41 -25.32
C LYS D 76 21.05 12.93 -26.22
N GLY D 77 20.07 12.26 -25.62
CA GLY D 77 18.94 11.76 -26.39
C GLY D 77 18.44 10.47 -25.79
N ASN D 78 17.43 9.89 -26.41
CA ASN D 78 16.89 8.60 -25.95
C ASN D 78 16.44 8.63 -24.49
N TYR D 79 15.77 9.70 -24.09
CA TYR D 79 15.27 9.75 -22.73
C TYR D 79 14.61 8.42 -22.45
N SER D 80 15.02 7.75 -21.39
CA SER D 80 14.40 6.50 -21.01
C SER D 80 13.12 6.76 -20.27
N SER D 81 12.46 5.72 -19.78
CA SER D 81 11.28 5.91 -18.96
C SER D 81 11.63 6.68 -17.72
N ASP D 82 12.80 6.42 -17.16
CA ASP D 82 13.22 7.09 -15.94
C ASP D 82 13.40 8.58 -16.15
N GLU D 83 14.11 8.96 -17.19
CA GLU D 83 14.36 10.35 -17.45
C GLU D 83 13.08 11.04 -17.84
N TYR D 84 12.15 10.29 -18.40
CA TYR D 84 10.87 10.86 -18.76
C TYR D 84 10.15 11.33 -17.53
N LEU D 85 10.30 10.61 -16.43
CA LEU D 85 9.61 10.95 -15.19
C LEU D 85 10.44 11.73 -14.19
N ARG D 86 11.76 11.62 -14.23
CA ARG D 86 12.62 12.27 -13.23
C ARG D 86 13.07 13.71 -13.56
N ILE D 87 13.35 14.03 -14.80
CA ILE D 87 13.72 15.40 -15.12
C ILE D 87 12.58 16.32 -14.74
N PRO D 88 11.34 15.92 -15.01
CA PRO D 88 10.23 16.76 -14.54
C PRO D 88 10.22 16.93 -13.02
N GLN D 89 10.53 15.89 -12.25
CA GLN D 89 10.56 15.95 -10.79
C GLN D 89 11.74 16.74 -10.26
N ILE D 90 12.90 16.61 -10.89
CA ILE D 90 14.08 17.37 -10.47
C ILE D 90 13.80 18.82 -10.58
N PHE D 91 13.27 19.27 -11.69
CA PHE D 91 12.92 20.65 -11.83
C PHE D 91 11.93 20.99 -10.77
N TYR D 92 10.88 20.20 -10.62
CA TYR D 92 9.85 20.51 -9.66
C TYR D 92 10.47 20.68 -8.29
N ASN D 93 11.33 19.78 -7.89
CA ASN D 93 11.91 19.85 -6.57
C ASN D 93 12.87 21.01 -6.44
N VAL D 94 13.72 21.26 -7.44
CA VAL D 94 14.75 22.30 -7.33
C VAL D 94 14.35 23.68 -7.86
N LYS D 95 13.84 23.78 -9.07
CA LYS D 95 13.56 25.08 -9.66
C LYS D 95 12.18 25.59 -9.29
N GLY D 96 11.33 24.74 -8.74
CA GLY D 96 10.03 25.18 -8.27
C GLY D 96 8.81 24.48 -8.78
N GLU D 97 7.67 24.76 -8.17
CA GLU D 97 6.42 24.16 -8.58
C GLU D 97 5.62 25.13 -9.41
N MET D 98 5.82 26.42 -9.21
CA MET D 98 5.07 27.43 -9.95
C MET D 98 5.71 27.63 -11.29
N ALA D 99 7.00 27.31 -11.41
CA ALA D 99 7.65 27.36 -12.70
C ALA D 99 7.27 26.13 -13.48
N PHE D 100 7.19 25.00 -12.79
CA PHE D 100 6.88 23.76 -13.43
C PHE D 100 5.58 23.98 -14.15
N ASP D 101 4.65 24.65 -13.51
CA ASP D 101 3.35 24.89 -14.09
C ASP D 101 3.41 25.89 -15.23
N GLY D 102 4.39 26.80 -15.21
CA GLY D 102 4.56 27.75 -16.30
C GLY D 102 5.14 27.13 -17.54
N ILE D 103 6.08 26.22 -17.38
CA ILE D 103 6.60 25.50 -18.54
C ILE D 103 5.48 24.71 -19.17
N LEU D 104 4.67 24.04 -18.36
CA LEU D 104 3.57 23.27 -18.87
C LEU D 104 2.65 24.19 -19.57
N LYS D 105 2.32 25.30 -18.95
CA LYS D 105 1.36 26.20 -19.53
C LYS D 105 1.78 26.68 -20.90
N ASP D 106 3.04 26.98 -21.08
CA ASP D 106 3.51 27.54 -22.34
C ASP D 106 3.31 26.57 -23.48
N PHE D 107 3.66 25.31 -23.26
CA PHE D 107 3.54 24.29 -24.29
C PHE D 107 2.14 23.76 -24.47
N PHE D 108 1.49 23.43 -23.37
CA PHE D 108 0.19 22.81 -23.44
C PHE D 108 -1.00 23.72 -23.55
N GLN D 109 -0.81 25.02 -23.39
CA GLN D 109 -1.93 25.95 -23.53
C GLN D 109 -2.23 26.21 -24.99
N VAL D 110 -1.34 25.81 -25.88
CA VAL D 110 -1.54 26.02 -27.30
C VAL D 110 -2.66 25.14 -27.81
N ASP D 111 -3.67 25.75 -28.40
CA ASP D 111 -4.78 24.98 -28.95
C ASP D 111 -4.38 24.37 -30.26
N LYS D 112 -4.50 23.06 -30.39
CA LYS D 112 -4.08 22.37 -31.59
C LYS D 112 -5.32 21.96 -32.36
N PRO D 113 -5.15 21.47 -33.60
CA PRO D 113 -6.28 21.01 -34.40
C PRO D 113 -6.68 19.58 -34.06
N THR D 114 -7.72 19.04 -34.70
CA THR D 114 -8.13 17.65 -34.48
C THR D 114 -7.79 16.79 -35.70
N ASN D 115 -7.12 15.67 -35.47
CA ASN D 115 -6.67 14.79 -36.55
C ASN D 115 -7.76 14.02 -37.26
N PRO D 116 -7.41 13.33 -38.36
CA PRO D 116 -8.39 12.49 -39.01
C PRO D 116 -8.64 11.27 -38.16
N ILE D 117 -7.62 10.77 -37.47
CA ILE D 117 -7.76 9.55 -36.68
C ILE D 117 -8.75 9.69 -35.54
N HIS D 118 -8.93 10.89 -35.03
CA HIS D 118 -9.82 11.09 -33.90
C HIS D 118 -11.24 10.75 -34.24
N ASP D 119 -11.62 10.93 -35.50
CA ASP D 119 -13.00 10.69 -35.90
C ASP D 119 -13.18 9.26 -36.32
N LYS D 120 -12.11 8.59 -36.71
CA LYS D 120 -12.19 7.19 -37.05
C LYS D 120 -12.38 6.36 -35.80
N ILE D 121 -11.63 6.67 -34.75
CA ILE D 121 -11.76 5.97 -33.50
C ILE D 121 -13.18 6.16 -33.00
N LEU D 122 -13.74 7.34 -33.21
CA LEU D 122 -15.11 7.62 -32.78
C LEU D 122 -16.15 7.11 -33.77
N ALA D 123 -15.74 6.85 -35.01
CA ALA D 123 -16.65 6.34 -36.03
C ALA D 123 -16.99 4.92 -35.80
N MET D 124 -16.15 4.21 -35.06
CA MET D 124 -16.37 2.80 -34.82
C MET D 124 -17.35 2.59 -33.68
N ASN D 125 -18.05 3.63 -33.27
CA ASN D 125 -19.00 3.53 -32.19
C ASN D 125 -18.35 2.97 -30.93
N PRO D 126 -17.31 3.63 -30.42
CA PRO D 126 -16.63 3.14 -29.24
C PRO D 126 -17.54 3.29 -28.05
N ALA D 127 -17.63 2.28 -27.20
CA ALA D 127 -18.44 2.36 -25.99
C ALA D 127 -17.86 3.36 -25.06
N HIS D 128 -16.54 3.34 -24.89
CA HIS D 128 -15.85 4.28 -24.03
C HIS D 128 -14.54 4.58 -24.68
N VAL D 129 -13.77 5.53 -24.15
CA VAL D 129 -12.43 5.82 -24.65
C VAL D 129 -11.54 6.14 -23.46
N ILE D 130 -10.55 5.30 -23.17
CA ILE D 130 -9.63 5.60 -22.09
C ILE D 130 -8.47 6.30 -22.75
N THR D 131 -7.82 7.20 -22.04
CA THR D 131 -6.75 7.99 -22.64
C THR D 131 -5.80 8.51 -21.63
N THR D 132 -4.52 8.43 -21.92
CA THR D 132 -3.51 8.97 -21.04
C THR D 132 -3.06 10.25 -21.69
N ASN D 133 -3.95 11.24 -21.80
CA ASN D 133 -3.66 12.49 -22.46
C ASN D 133 -4.24 13.60 -21.67
N TYR D 134 -3.62 14.77 -21.72
CA TYR D 134 -4.09 15.93 -21.00
C TYR D 134 -4.82 16.82 -21.95
N ASP D 135 -4.60 16.63 -23.24
CA ASP D 135 -5.24 17.46 -24.25
C ASP D 135 -6.71 17.24 -24.31
N ASN D 136 -7.43 18.21 -24.84
CA ASN D 136 -8.87 18.12 -24.98
C ASN D 136 -9.18 17.96 -26.44
N LEU D 137 -8.63 16.92 -27.08
CA LEU D 137 -8.83 16.71 -28.51
C LEU D 137 -9.82 15.61 -28.75
N ILE D 138 -9.76 14.55 -27.97
CA ILE D 138 -10.76 13.50 -28.08
C ILE D 138 -12.02 14.15 -27.65
N ASP D 139 -11.90 15.03 -26.66
CA ASP D 139 -13.06 15.66 -26.10
C ASP D 139 -13.67 16.72 -26.99
N THR D 140 -12.92 17.23 -27.97
CA THR D 140 -13.50 18.18 -28.93
C THR D 140 -14.08 17.48 -30.13
N ALA D 141 -13.40 16.47 -30.64
CA ALA D 141 -13.92 15.71 -31.75
C ALA D 141 -15.21 15.06 -31.32
N CYS D 142 -15.28 14.61 -30.07
CA CYS D 142 -16.51 14.03 -29.56
C CYS D 142 -17.61 15.01 -29.77
N TRP D 143 -17.41 16.25 -29.33
CA TRP D 143 -18.44 17.27 -29.43
C TRP D 143 -18.79 17.62 -30.87
N LYS D 144 -17.79 17.73 -31.73
CA LYS D 144 -18.05 18.05 -33.13
C LYS D 144 -18.97 17.03 -33.74
N ARG D 145 -18.70 15.75 -33.47
CA ARG D 145 -19.49 14.64 -33.99
C ARG D 145 -20.79 14.49 -33.23
N GLY D 146 -20.86 15.07 -32.03
CA GLY D 146 -22.06 14.98 -31.21
C GLY D 146 -22.07 13.88 -30.16
N LYS D 147 -21.10 12.98 -30.22
CA LYS D 147 -21.07 11.87 -29.27
C LYS D 147 -20.81 12.41 -27.87
N TYR D 148 -21.81 12.35 -26.99
CA TYR D 148 -21.65 12.84 -25.61
C TYR D 148 -21.06 11.77 -24.71
N PHE D 149 -19.90 12.05 -24.12
CA PHE D 149 -19.25 11.13 -23.23
C PHE D 149 -19.03 11.87 -21.94
N SER D 150 -18.88 11.17 -20.84
CA SER D 150 -18.61 11.81 -19.56
C SER D 150 -17.13 11.80 -19.29
N VAL D 151 -16.50 12.98 -19.29
CA VAL D 151 -15.06 13.05 -19.13
C VAL D 151 -14.68 12.88 -17.66
N ILE D 152 -13.72 12.01 -17.37
CA ILE D 152 -13.35 11.74 -15.99
C ILE D 152 -11.89 11.94 -15.84
N SER D 153 -11.48 13.16 -15.56
CA SER D 153 -10.09 13.47 -15.36
C SER D 153 -9.75 13.40 -13.91
N ALA D 154 -10.70 13.71 -13.03
CA ALA D 154 -10.46 13.76 -11.61
C ALA D 154 -11.21 12.70 -10.85
N GLU D 155 -10.82 12.45 -9.61
CA GLU D 155 -11.52 11.46 -8.78
C GLU D 155 -12.91 11.92 -8.48
N GLU D 156 -13.06 13.19 -8.15
CA GLU D 156 -14.36 13.76 -7.88
C GLU D 156 -15.42 13.48 -8.93
N ASP D 157 -15.03 13.26 -10.18
CA ASP D 157 -15.98 13.08 -11.25
C ASP D 157 -16.43 11.66 -11.42
N VAL D 158 -15.78 10.72 -10.76
CA VAL D 158 -16.12 9.33 -11.00
C VAL D 158 -17.54 9.08 -10.58
N ALA D 159 -17.99 9.74 -9.53
CA ALA D 159 -19.32 9.48 -9.00
C ALA D 159 -20.33 10.49 -9.48
N ASN D 160 -19.87 11.64 -9.95
CA ASN D 160 -20.76 12.69 -10.39
C ASN D 160 -20.94 12.66 -11.89
N ALA D 161 -20.84 11.48 -12.49
CA ALA D 161 -21.01 11.33 -13.92
C ALA D 161 -22.48 11.28 -14.25
N THR D 162 -22.80 11.23 -15.54
CA THR D 162 -24.20 11.15 -15.97
C THR D 162 -24.40 9.98 -16.91
N SER D 163 -23.51 9.81 -17.88
CA SER D 163 -23.65 8.74 -18.85
C SER D 163 -22.84 7.55 -18.42
N SER D 164 -23.19 6.38 -18.91
CA SER D 164 -22.39 5.19 -18.64
C SER D 164 -21.20 5.21 -19.58
N ARG D 165 -21.32 5.89 -20.72
CA ARG D 165 -20.18 6.03 -21.63
C ARG D 165 -19.23 7.01 -20.99
N TYR D 166 -17.93 6.83 -21.17
CA TYR D 166 -16.97 7.69 -20.50
C TYR D 166 -15.78 8.06 -21.32
N LEU D 167 -15.17 9.21 -21.03
CA LEU D 167 -13.92 9.57 -21.66
C LEU D 167 -13.05 9.55 -20.43
N LEU D 168 -12.49 8.40 -20.09
CA LEU D 168 -11.74 8.31 -18.88
C LEU D 168 -10.41 8.86 -19.22
N LYS D 169 -10.06 9.98 -18.61
CA LYS D 169 -8.78 10.61 -18.84
C LYS D 169 -7.90 10.28 -17.71
N VAL D 170 -7.31 9.12 -17.74
CA VAL D 170 -6.36 8.77 -16.73
C VAL D 170 -5.27 9.80 -16.92
N HIS D 171 -4.44 10.03 -15.91
CA HIS D 171 -3.39 11.08 -16.00
C HIS D 171 -3.94 12.49 -16.11
N GLY D 172 -5.08 12.75 -15.50
CA GLY D 172 -5.60 14.10 -15.43
C GLY D 172 -5.81 14.90 -16.67
N ASP D 173 -6.06 16.19 -16.49
CA ASP D 173 -6.23 17.10 -17.60
C ASP D 173 -6.10 18.52 -17.11
N PHE D 174 -5.97 19.47 -18.02
CA PHE D 174 -5.75 20.87 -17.66
C PHE D 174 -7.01 21.66 -17.79
N ARG D 175 -8.14 21.02 -17.56
CA ARG D 175 -9.42 21.68 -17.67
C ARG D 175 -9.58 22.57 -16.49
N LYS D 176 -9.05 22.16 -15.35
CA LYS D 176 -9.16 22.93 -14.13
C LYS D 176 -8.06 23.96 -14.00
N GLY D 177 -6.97 23.81 -14.76
CA GLY D 177 -5.85 24.74 -14.70
C GLY D 177 -4.58 24.04 -15.09
N PHE D 178 -3.67 24.75 -15.74
CA PHE D 178 -2.41 24.15 -16.18
C PHE D 178 -1.47 24.11 -15.04
N LYS D 179 -1.67 23.16 -14.15
CA LYS D 179 -0.81 22.99 -13.01
C LYS D 179 -0.56 21.54 -12.97
N GLY D 180 0.62 21.14 -12.54
CA GLY D 180 0.99 19.75 -12.55
C GLY D 180 0.37 18.96 -11.45
N GLU D 181 -0.69 19.47 -10.85
CA GLU D 181 -1.41 18.76 -9.81
C GLU D 181 -2.69 18.24 -10.38
N ASN D 182 -3.10 18.80 -11.50
CA ASN D 182 -4.29 18.38 -12.16
C ASN D 182 -3.92 17.33 -13.19
N VAL D 183 -2.66 16.89 -13.21
CA VAL D 183 -2.19 15.89 -14.18
C VAL D 183 -1.13 14.96 -13.62
N VAL D 184 -0.83 13.85 -14.30
CA VAL D 184 0.21 12.90 -13.88
C VAL D 184 1.35 12.95 -14.88
N LEU D 185 2.46 13.58 -14.51
CA LEU D 185 3.59 13.76 -15.43
C LEU D 185 4.92 13.34 -14.86
N LYS D 186 5.17 13.65 -13.58
CA LYS D 186 6.48 13.40 -13.00
C LYS D 186 6.54 12.09 -12.24
N GLU D 187 7.64 11.78 -11.60
CA GLU D 187 7.79 10.47 -10.99
C GLU D 187 6.85 10.16 -9.88
N ASP D 188 6.52 11.13 -9.05
CA ASP D 188 5.71 10.85 -7.90
C ASP D 188 4.28 10.78 -8.30
N ASP D 189 3.95 11.50 -9.34
CA ASP D 189 2.61 11.44 -9.84
C ASP D 189 2.37 10.00 -10.22
N TYR D 190 3.30 9.38 -10.94
CA TYR D 190 3.16 8.00 -11.36
C TYR D 190 3.36 7.01 -10.23
N LEU D 191 4.14 7.35 -9.22
CA LEU D 191 4.42 6.44 -8.11
C LEU D 191 3.24 6.23 -7.21
N ASN D 192 2.55 7.29 -6.86
CA ASN D 192 1.40 7.22 -5.98
C ASN D 192 0.11 7.26 -6.73
N TYR D 193 0.06 6.69 -7.92
CA TYR D 193 -1.13 6.82 -8.73
C TYR D 193 -2.30 6.15 -8.09
N ASP D 194 -2.12 4.94 -7.63
CA ASP D 194 -3.22 4.18 -7.06
C ASP D 194 -3.77 4.85 -5.83
N GLN D 195 -2.91 5.46 -5.03
CA GLN D 195 -3.36 6.15 -3.83
C GLN D 195 -4.07 7.44 -4.18
N ASN D 196 -3.60 8.15 -5.19
CA ASN D 196 -4.17 9.45 -5.52
C ASN D 196 -5.24 9.35 -6.58
N TYR D 197 -5.35 8.25 -7.30
CA TYR D 197 -6.43 8.05 -8.27
C TYR D 197 -7.08 6.69 -8.11
N PRO D 198 -7.66 6.40 -6.93
CA PRO D 198 -8.20 5.06 -6.70
C PRO D 198 -9.37 4.69 -7.58
N LEU D 199 -10.34 5.57 -7.71
CA LEU D 199 -11.53 5.30 -8.49
C LEU D 199 -11.31 5.28 -10.00
N ILE D 200 -10.44 6.15 -10.51
CA ILE D 200 -10.13 6.17 -11.93
C ILE D 200 -9.30 4.95 -12.28
N SER D 201 -8.43 4.52 -11.39
CA SER D 201 -7.67 3.32 -11.65
C SER D 201 -8.61 2.13 -11.79
N ASN D 202 -9.54 1.99 -10.88
CA ASN D 202 -10.51 0.90 -10.93
C ASN D 202 -11.42 0.96 -12.13
N LEU D 203 -11.92 2.13 -12.47
CA LEU D 203 -12.85 2.26 -13.59
C LEU D 203 -12.18 1.78 -14.86
N MET D 204 -10.91 2.14 -15.06
CA MET D 204 -10.18 1.67 -16.22
C MET D 204 -10.10 0.17 -16.25
N LYS D 205 -9.83 -0.44 -15.11
CA LYS D 205 -9.64 -1.89 -15.07
C LYS D 205 -10.91 -2.69 -15.30
N THR D 206 -12.01 -2.27 -14.70
CA THR D 206 -13.28 -2.94 -14.92
C THR D 206 -13.67 -2.84 -16.39
N ILE D 207 -13.38 -1.71 -17.03
CA ILE D 207 -13.71 -1.52 -18.45
C ILE D 207 -12.86 -2.43 -19.28
N ILE D 208 -11.59 -2.56 -18.93
CA ILE D 208 -10.71 -3.45 -19.64
C ILE D 208 -11.22 -4.88 -19.52
N ALA D 209 -11.74 -5.27 -18.36
CA ALA D 209 -12.23 -6.63 -18.14
C ALA D 209 -13.43 -6.94 -18.98
N THR D 210 -14.39 -6.02 -19.00
CA THR D 210 -15.62 -6.26 -19.73
C THR D 210 -15.53 -5.95 -21.22
N HIS D 211 -15.16 -4.73 -21.61
CA HIS D 211 -15.16 -4.34 -23.03
C HIS D 211 -13.90 -4.76 -23.73
N THR D 212 -13.90 -4.74 -25.06
CA THR D 212 -12.71 -5.09 -25.84
C THR D 212 -11.81 -3.89 -25.95
N ILE D 213 -10.49 -4.07 -25.85
CA ILE D 213 -9.58 -2.93 -25.86
C ILE D 213 -8.72 -2.91 -27.09
N VAL D 214 -8.77 -1.81 -27.84
CA VAL D 214 -7.90 -1.66 -29.00
C VAL D 214 -7.01 -0.47 -28.71
N PHE D 215 -5.72 -0.71 -28.49
CA PHE D 215 -4.80 0.35 -28.16
C PHE D 215 -4.44 1.07 -29.42
N ILE D 216 -4.31 2.39 -29.37
CA ILE D 216 -3.88 3.16 -30.52
C ILE D 216 -3.09 4.37 -30.08
N GLY D 217 -1.83 4.44 -30.45
CA GLY D 217 -1.01 5.61 -30.13
C GLY D 217 0.10 5.35 -29.18
N TYR D 218 0.24 4.11 -28.76
CA TYR D 218 1.23 3.76 -27.78
C TYR D 218 2.34 2.99 -28.38
N GLY D 219 3.45 2.84 -27.69
CA GLY D 219 4.52 2.00 -28.16
C GLY D 219 4.30 0.72 -27.41
N LEU D 220 5.12 -0.30 -27.65
CA LEU D 220 5.01 -1.57 -26.92
C LEU D 220 5.94 -1.47 -25.75
N GLY D 221 6.75 -0.43 -25.72
CA GLY D 221 7.63 -0.18 -24.59
C GLY D 221 7.13 0.97 -23.74
N ASP D 222 5.94 1.47 -24.01
CA ASP D 222 5.35 2.52 -23.22
C ASP D 222 5.27 2.09 -21.79
N TYR D 223 5.34 3.03 -20.85
CA TYR D 223 5.22 2.70 -19.44
C TYR D 223 3.87 2.13 -19.13
N ASN D 224 2.82 2.76 -19.62
CA ASN D 224 1.48 2.34 -19.29
C ASN D 224 1.08 1.02 -19.90
N ILE D 225 1.55 0.73 -21.10
CA ILE D 225 1.15 -0.48 -21.77
C ILE D 225 1.73 -1.63 -20.99
N ASN D 226 2.94 -1.47 -20.49
CA ASN D 226 3.61 -2.55 -19.79
C ASN D 226 3.17 -2.68 -18.37
N MET D 227 2.49 -1.67 -17.85
CA MET D 227 1.94 -1.73 -16.50
C MET D 227 0.68 -2.50 -16.51
N LEU D 228 -0.12 -2.29 -17.54
CA LEU D 228 -1.36 -3.01 -17.66
C LEU D 228 -1.03 -4.44 -17.91
N LEU D 229 0.06 -4.69 -18.60
CA LEU D 229 0.40 -6.05 -18.93
C LEU D 229 0.72 -6.81 -17.66
N ASN D 230 1.37 -6.17 -16.69
CA ASN D 230 1.66 -6.82 -15.42
C ASN D 230 0.40 -7.03 -14.59
N TRP D 231 -0.61 -6.17 -14.72
CA TRP D 231 -1.88 -6.40 -14.04
C TRP D 231 -2.58 -7.58 -14.67
N VAL D 232 -2.62 -7.62 -15.98
CA VAL D 232 -3.29 -8.70 -16.68
C VAL D 232 -2.58 -9.99 -16.36
N ARG D 233 -1.32 -9.94 -16.02
CA ARG D 233 -0.57 -11.13 -15.65
C ARG D 233 -1.23 -11.76 -14.46
N LYS D 234 -1.68 -10.94 -13.53
CA LYS D 234 -2.32 -11.44 -12.32
C LYS D 234 -3.67 -12.07 -12.62
N LEU D 235 -4.43 -11.47 -13.51
CA LEU D 235 -5.77 -11.95 -13.81
C LEU D 235 -5.78 -13.41 -14.20
N GLN D 236 -6.88 -14.10 -13.96
CA GLN D 236 -6.99 -15.52 -14.25
C GLN D 236 -6.97 -15.78 -15.73
N LYS D 237 -6.36 -16.88 -16.15
CA LYS D 237 -6.24 -17.15 -17.55
C LYS D 237 -7.63 -17.31 -18.13
N ASP D 238 -7.88 -16.67 -19.26
CA ASP D 238 -9.20 -16.73 -19.91
C ASP D 238 -10.29 -16.07 -19.07
N SER D 239 -9.91 -15.18 -18.16
CA SER D 239 -10.90 -14.44 -17.40
C SER D 239 -11.07 -13.09 -18.04
N PHE D 240 -10.25 -12.82 -19.04
CA PHE D 240 -10.28 -11.54 -19.72
C PHE D 240 -10.14 -11.72 -21.22
N HIS D 241 -10.68 -10.78 -22.01
CA HIS D 241 -10.54 -10.84 -23.45
C HIS D 241 -9.25 -10.15 -23.81
N LYS D 242 -8.38 -10.81 -24.56
CA LYS D 242 -7.11 -10.21 -24.93
C LYS D 242 -7.30 -8.89 -25.70
N PRO D 243 -6.54 -7.85 -25.35
CA PRO D 243 -6.63 -6.58 -26.06
C PRO D 243 -5.85 -6.55 -27.36
N PHE D 244 -6.28 -5.73 -28.32
CA PHE D 244 -5.57 -5.58 -29.58
C PHE D 244 -4.67 -4.39 -29.51
N PHE D 245 -3.60 -4.39 -30.29
CA PHE D 245 -2.65 -3.31 -30.28
C PHE D 245 -2.49 -2.84 -31.70
N ILE D 246 -2.36 -1.53 -31.94
CA ILE D 246 -2.12 -1.02 -33.28
C ILE D 246 -0.73 -0.42 -33.28
N ARG D 247 0.25 -1.15 -33.79
CA ARG D 247 1.63 -0.68 -33.80
C ARG D 247 1.88 0.11 -35.06
N THR D 248 2.08 1.40 -34.91
CA THR D 248 2.29 2.28 -36.05
C THR D 248 3.69 2.82 -36.02
N ASP D 249 4.63 2.02 -35.52
CA ASP D 249 6.03 2.42 -35.57
C ASP D 249 6.41 2.21 -37.01
N PRO D 250 7.48 2.85 -37.49
CA PRO D 250 7.76 2.80 -38.92
C PRO D 250 8.60 1.60 -39.40
N SER D 251 8.17 0.37 -39.11
CA SER D 251 8.90 -0.84 -39.52
C SER D 251 8.18 -2.10 -39.07
N PRO D 252 8.53 -3.25 -39.65
CA PRO D 252 7.93 -4.51 -39.18
C PRO D 252 8.36 -4.96 -37.78
N ILE D 253 7.43 -5.42 -36.96
CA ILE D 253 7.75 -5.90 -35.60
C ILE D 253 8.62 -7.13 -35.71
N GLU D 254 9.78 -7.09 -35.09
CA GLU D 254 10.62 -8.27 -35.10
C GLU D 254 9.76 -9.42 -34.65
N ASN D 255 9.84 -10.55 -35.32
CA ASN D 255 8.96 -11.65 -34.98
C ASN D 255 9.12 -12.03 -33.52
N GLU D 256 10.33 -11.96 -33.00
CA GLU D 256 10.53 -12.27 -31.61
C GLU D 256 9.65 -11.37 -30.77
N THR D 257 9.61 -10.09 -31.09
CA THR D 257 8.86 -9.14 -30.29
C THR D 257 7.44 -9.53 -30.40
N LEU D 258 6.98 -9.81 -31.59
CA LEU D 258 5.58 -10.10 -31.77
C LEU D 258 5.19 -11.19 -30.84
N ILE D 259 5.99 -12.24 -30.78
CA ILE D 259 5.68 -13.38 -29.92
C ILE D 259 5.63 -13.03 -28.46
N TYR D 260 6.68 -12.41 -27.93
CA TYR D 260 6.73 -12.09 -26.52
C TYR D 260 5.53 -11.31 -26.08
N TYR D 261 5.18 -10.29 -26.82
CA TYR D 261 4.07 -9.45 -26.45
C TYR D 261 2.78 -10.13 -26.71
N GLU D 262 2.76 -11.05 -27.67
CA GLU D 262 1.55 -11.79 -27.97
C GLU D 262 1.24 -12.67 -26.77
N ASN D 263 2.27 -13.27 -26.20
CA ASN D 263 2.08 -14.14 -25.05
C ASN D 263 1.79 -13.34 -23.80
N LYS D 264 2.28 -12.10 -23.73
CA LYS D 264 2.01 -11.22 -22.59
C LYS D 264 0.59 -10.78 -22.59
N GLY D 265 -0.14 -11.03 -23.66
CA GLY D 265 -1.55 -10.72 -23.71
C GLY D 265 -1.96 -9.69 -24.73
N LEU D 266 -1.11 -9.45 -25.73
CA LEU D 266 -1.44 -8.51 -26.80
C LEU D 266 -1.72 -9.23 -28.09
N ARG D 267 -2.33 -8.55 -29.03
CA ARG D 267 -2.64 -9.12 -30.34
C ARG D 267 -2.29 -8.02 -31.32
N ILE D 268 -1.01 -7.79 -31.56
CA ILE D 268 -0.56 -6.66 -32.40
C ILE D 268 -1.12 -6.62 -33.82
N ILE D 269 -1.31 -5.42 -34.37
CA ILE D 269 -1.79 -5.25 -35.74
C ILE D 269 -0.84 -4.24 -36.36
N ASP D 270 0.38 -4.65 -36.67
CA ASP D 270 1.36 -3.71 -37.17
C ASP D 270 0.96 -3.10 -38.50
N ALA D 271 0.89 -1.77 -38.57
CA ALA D 271 0.55 -1.09 -39.81
C ALA D 271 1.72 -1.10 -40.73
N ALA D 272 2.92 -1.10 -40.18
CA ALA D 272 4.11 -1.10 -41.00
C ALA D 272 4.08 -2.29 -41.93
N SER D 273 3.57 -3.41 -41.46
CA SER D 273 3.49 -4.61 -42.28
C SER D 273 2.25 -4.62 -43.17
N LEU D 274 1.17 -3.98 -42.73
CA LEU D 274 -0.07 -3.94 -43.50
C LEU D 274 -0.03 -3.00 -44.69
N ILE D 275 0.88 -2.05 -44.70
CA ILE D 275 1.02 -1.13 -45.82
C ILE D 275 2.47 -0.80 -45.98
N ASP D 276 2.79 0.10 -46.90
CA ASP D 276 4.16 0.52 -47.09
C ASP D 276 4.15 2.03 -47.00
N SER D 277 5.02 2.60 -46.18
CA SER D 277 5.11 4.05 -46.10
C SER D 277 6.50 4.50 -45.68
N ASN D 278 6.77 5.79 -45.82
CA ASN D 278 8.09 6.31 -45.50
C ASN D 278 8.30 6.30 -44.01
N GLU D 279 9.54 6.52 -43.58
CA GLU D 279 9.85 6.46 -42.16
C GLU D 279 8.98 7.39 -41.35
N TYR D 280 8.70 8.58 -41.87
CA TYR D 280 7.97 9.57 -41.09
C TYR D 280 6.54 9.74 -41.52
N ASP D 281 5.94 8.68 -42.06
CA ASP D 281 4.55 8.73 -42.43
C ASP D 281 3.76 8.02 -41.36
N TYR D 282 3.73 8.58 -40.16
CA TYR D 282 2.99 7.97 -39.08
C TYR D 282 1.51 8.01 -39.39
N LEU D 283 0.98 9.12 -39.90
CA LEU D 283 -0.45 9.17 -40.12
C LEU D 283 -0.90 8.08 -41.09
N GLU D 284 -0.07 7.77 -42.07
CA GLU D 284 -0.45 6.78 -43.06
C GLU D 284 -0.63 5.45 -42.40
N ARG D 285 0.30 5.09 -41.54
CA ARG D 285 0.23 3.82 -40.86
C ARG D 285 -1.06 3.74 -40.05
N TYR D 286 -1.45 4.82 -39.41
CA TYR D 286 -2.64 4.81 -38.60
C TYR D 286 -3.83 4.58 -39.46
N SER D 287 -3.93 5.30 -40.55
CA SER D 287 -5.11 5.23 -41.41
C SER D 287 -5.27 3.85 -42.00
N ALA D 288 -4.18 3.21 -42.32
CA ALA D 288 -4.24 1.87 -42.86
C ALA D 288 -4.90 0.93 -41.88
N VAL D 289 -4.32 0.77 -40.70
CA VAL D 289 -4.86 -0.15 -39.72
C VAL D 289 -6.25 0.28 -39.29
N MET D 290 -6.51 1.57 -39.30
CA MET D 290 -7.81 2.09 -38.86
C MET D 290 -8.90 1.95 -39.92
N ASP D 291 -8.55 2.11 -41.19
CA ASP D 291 -9.55 2.04 -42.27
C ASP D 291 -10.03 0.62 -42.50
N LEU D 292 -9.12 -0.35 -42.44
CA LEU D 292 -9.52 -1.73 -42.62
C LEU D 292 -10.68 -2.02 -41.69
N LEU D 293 -10.61 -1.55 -40.44
CA LEU D 293 -11.68 -1.77 -39.49
C LEU D 293 -12.94 -1.03 -39.88
N ILE D 294 -12.82 0.24 -40.28
CA ILE D 294 -13.99 1.03 -40.63
C ILE D 294 -14.73 0.42 -41.81
N GLU D 295 -14.03 0.12 -42.89
CA GLU D 295 -14.67 -0.47 -44.05
C GLU D 295 -15.23 -1.84 -43.73
N SER D 296 -14.49 -2.62 -42.96
CA SER D 296 -14.93 -3.95 -42.60
C SER D 296 -16.23 -3.86 -41.83
N GLN D 297 -16.37 -2.85 -41.01
CA GLN D 297 -17.59 -2.66 -40.26
C GLN D 297 -18.73 -2.53 -41.23
N GLU D 298 -18.48 -1.85 -42.35
CA GLU D 298 -19.54 -1.63 -43.34
C GLU D 298 -19.83 -2.83 -44.23
N ASN D 299 -19.08 -3.91 -44.04
CA ASN D 299 -19.28 -5.14 -44.83
C ASN D 299 -19.00 -4.88 -46.30
N LYS D 300 -18.21 -3.86 -46.58
CA LYS D 300 -17.88 -3.52 -47.95
C LYS D 300 -17.02 -4.61 -48.57
N PHE D 301 -16.24 -5.29 -47.74
CA PHE D 301 -15.40 -6.38 -48.22
C PHE D 301 -16.23 -7.64 -48.39
N ILE D 302 -16.80 -7.83 -49.59
CA ILE D 302 -17.58 -9.04 -49.86
C ILE D 302 -17.70 -9.26 -51.37
N THR D 303 -17.47 -10.49 -51.83
CA THR D 303 -17.49 -10.79 -53.25
C THR D 303 -18.23 -12.09 -53.58
N LYS D 304 -18.21 -13.05 -52.66
CA LYS D 304 -18.67 -14.39 -52.96
C LYS D 304 -20.15 -14.56 -52.65
N ASP D 305 -20.79 -15.46 -53.40
CA ASP D 305 -22.19 -15.79 -53.15
C ASP D 305 -22.36 -16.45 -51.78
N ASP D 306 -21.39 -17.30 -51.39
CA ASP D 306 -21.45 -17.91 -50.07
C ASP D 306 -21.44 -16.84 -48.98
N GLU D 307 -20.67 -15.77 -49.18
CA GLU D 307 -20.59 -14.73 -48.16
C GLU D 307 -21.92 -14.02 -47.98
N VAL D 308 -22.58 -13.63 -49.08
CA VAL D 308 -23.87 -12.96 -48.97
C VAL D 308 -24.91 -13.91 -48.41
N ILE D 309 -24.84 -15.20 -48.79
CA ILE D 309 -25.76 -16.19 -48.23
C ILE D 309 -25.60 -16.26 -46.73
N ASP D 310 -24.35 -16.33 -46.26
CA ASP D 310 -24.09 -16.39 -44.82
C ASP D 310 -24.58 -15.13 -44.12
N TYR D 311 -24.33 -13.96 -44.72
CA TYR D 311 -24.76 -12.70 -44.11
C TYR D 311 -26.28 -12.65 -43.97
N ILE D 312 -27.00 -12.97 -45.04
CA ILE D 312 -28.46 -12.92 -45.00
C ILE D 312 -29.00 -13.96 -44.02
N TYR D 313 -28.40 -15.16 -44.00
CA TYR D 313 -28.84 -16.17 -43.05
C TYR D 313 -28.63 -15.71 -41.62
N GLY D 314 -27.47 -15.12 -41.32
CA GLY D 314 -27.24 -14.62 -39.98
C GLY D 314 -28.21 -13.53 -39.60
N LYS D 315 -28.60 -12.70 -40.57
CA LYS D 315 -29.55 -11.64 -40.28
C LYS D 315 -30.97 -12.15 -40.11
N ILE D 316 -31.33 -13.25 -40.79
CA ILE D 316 -32.72 -13.65 -40.93
C ILE D 316 -33.10 -14.80 -40.00
N SER D 317 -32.13 -15.62 -39.62
CA SER D 317 -32.43 -16.84 -38.86
C SER D 317 -33.20 -16.58 -37.57
N PRO D 318 -32.90 -15.56 -36.77
CA PRO D 318 -33.65 -15.39 -35.51
C PRO D 318 -35.14 -15.19 -35.72
N LEU D 319 -35.56 -14.63 -36.86
CA LEU D 319 -36.96 -14.35 -37.10
C LEU D 319 -37.79 -15.59 -37.39
N PHE D 320 -37.16 -16.75 -37.59
CA PHE D 320 -37.93 -17.97 -37.83
C PHE D 320 -38.86 -18.30 -36.67
N ALA D 321 -38.55 -17.83 -35.46
CA ALA D 321 -39.42 -18.08 -34.32
C ALA D 321 -40.78 -17.44 -34.47
N LEU D 322 -40.91 -16.44 -35.35
CA LEU D 322 -42.16 -15.74 -35.56
C LEU D 322 -42.94 -16.36 -36.71
N GLN D 323 -44.22 -15.99 -36.82
CA GLN D 323 -45.09 -16.49 -37.87
C GLN D 323 -45.23 -15.54 -39.04
N TYR D 324 -45.11 -14.24 -38.81
CA TYR D 324 -45.23 -13.25 -39.89
C TYR D 324 -44.50 -11.99 -39.48
N ILE D 325 -43.89 -11.33 -40.47
CA ILE D 325 -43.11 -10.12 -40.26
C ILE D 325 -43.65 -9.02 -41.15
N ARG D 326 -43.86 -7.85 -40.57
CA ARG D 326 -44.32 -6.70 -41.34
C ARG D 326 -43.23 -6.24 -42.29
N LYS D 327 -43.66 -5.71 -43.45
CA LYS D 327 -42.70 -5.23 -44.44
C LYS D 327 -41.84 -4.11 -43.90
N ILE D 328 -42.41 -3.25 -43.04
CA ILE D 328 -41.64 -2.14 -42.49
C ILE D 328 -40.53 -2.66 -41.59
N ASP D 329 -40.78 -3.76 -40.87
CA ASP D 329 -39.76 -4.31 -39.98
C ASP D 329 -38.52 -4.75 -40.74
N LEU D 330 -38.70 -5.28 -41.96
CA LEU D 330 -37.56 -5.71 -42.76
C LEU D 330 -36.61 -4.56 -43.05
N LYS D 331 -37.16 -3.34 -43.16
CA LYS D 331 -36.30 -2.17 -43.37
C LYS D 331 -35.35 -1.97 -42.18
N HIS D 332 -35.88 -2.11 -40.95
CA HIS D 332 -35.03 -1.96 -39.78
C HIS D 332 -34.08 -3.15 -39.63
N VAL D 333 -34.50 -4.34 -40.05
CA VAL D 333 -33.65 -5.52 -39.91
C VAL D 333 -32.38 -5.34 -40.73
N PHE D 334 -32.49 -4.81 -41.94
CA PHE D 334 -31.35 -4.62 -42.83
C PHE D 334 -30.69 -3.26 -42.67
N GLU D 335 -31.11 -2.45 -41.68
CA GLU D 335 -30.43 -1.20 -41.35
C GLU D 335 -30.60 -0.17 -42.47
N TYR D 336 -31.80 -0.07 -43.04
CA TYR D 336 -32.12 0.90 -44.08
C TYR D 336 -31.26 0.71 -45.32
N ASP D 337 -30.67 -0.47 -45.50
CA ASP D 337 -29.94 -0.75 -46.74
C ASP D 337 -30.87 -0.94 -47.92
N TYR D 338 -32.12 -1.32 -47.68
CA TYR D 338 -33.09 -1.53 -48.74
C TYR D 338 -34.47 -1.08 -48.26
N HIS D 339 -35.29 -0.65 -49.21
CA HIS D 339 -36.68 -0.33 -48.98
C HIS D 339 -37.53 -1.56 -49.29
N PHE D 340 -38.36 -1.95 -48.32
CA PHE D 340 -39.30 -3.06 -48.45
C PHE D 340 -40.70 -2.46 -48.58
N GLU D 341 -41.36 -2.71 -49.71
CA GLU D 341 -42.65 -2.13 -50.01
C GLU D 341 -43.77 -3.15 -49.80
N VAL D 342 -44.97 -2.63 -49.55
CA VAL D 342 -46.14 -3.50 -49.39
C VAL D 342 -46.41 -4.28 -50.66
N ASN D 343 -46.01 -3.75 -51.81
CA ASN D 343 -46.22 -4.44 -53.08
C ASN D 343 -45.45 -5.76 -53.15
N GLY D 344 -44.44 -5.93 -52.30
CA GLY D 344 -43.60 -7.11 -52.32
C GLY D 344 -42.28 -6.92 -53.03
N THR D 345 -42.09 -5.81 -53.74
CA THR D 345 -40.85 -5.51 -54.42
C THR D 345 -39.94 -4.69 -53.50
N VAL D 346 -38.64 -4.99 -53.55
CA VAL D 346 -37.66 -4.32 -52.72
C VAL D 346 -36.74 -3.50 -53.60
N VAL D 347 -36.22 -2.41 -53.04
CA VAL D 347 -35.40 -1.46 -53.79
C VAL D 347 -34.15 -1.14 -52.97
N ARG D 348 -33.10 -0.69 -53.65
CA ARG D 348 -31.90 -0.24 -52.96
C ARG D 348 -32.16 1.08 -52.22
N HIS D 349 -31.46 1.26 -51.11
CA HIS D 349 -31.61 2.47 -50.31
C HIS D 349 -30.31 2.70 -49.54
N LYS D 350 -29.61 3.79 -49.86
CA LYS D 350 -28.38 4.20 -49.18
C LYS D 350 -27.45 3.02 -48.90
N ASN D 351 -27.28 2.15 -49.91
CA ASN D 351 -26.42 0.98 -49.80
C ASN D 351 -25.12 1.19 -50.54
N LYS D 352 -24.03 1.40 -49.83
CA LYS D 352 -22.71 1.61 -50.44
C LYS D 352 -21.91 0.32 -50.26
N GLY D 353 -22.07 -0.59 -51.21
CA GLY D 353 -21.37 -1.86 -51.13
C GLY D 353 -21.97 -2.86 -52.11
N PHE D 354 -21.68 -4.14 -51.86
CA PHE D 354 -22.19 -5.19 -52.73
C PHE D 354 -23.71 -5.29 -52.64
N GLY D 355 -24.34 -5.53 -53.78
CA GLY D 355 -25.77 -5.75 -53.81
C GLY D 355 -26.11 -7.18 -53.46
N TYR D 356 -26.01 -7.52 -52.17
CA TYR D 356 -26.20 -8.90 -51.76
C TYR D 356 -27.61 -9.39 -52.08
N MET D 357 -28.61 -8.52 -51.94
CA MET D 357 -29.98 -8.91 -52.26
C MET D 357 -30.15 -9.13 -53.76
N GLU D 358 -29.47 -8.31 -54.57
CA GLU D 358 -29.48 -8.54 -56.01
C GLU D 358 -28.91 -9.91 -56.34
N ARG D 359 -27.80 -10.27 -55.70
CA ARG D 359 -27.22 -11.60 -55.91
C ARG D 359 -28.17 -12.70 -55.45
N PHE D 360 -28.86 -12.48 -54.32
CA PHE D 360 -29.79 -13.50 -53.84
C PHE D 360 -30.94 -13.71 -54.82
N PHE D 361 -31.50 -12.63 -55.35
CA PHE D 361 -32.57 -12.77 -56.35
C PHE D 361 -32.04 -13.43 -57.62
N GLU D 362 -30.83 -13.07 -58.04
CA GLU D 362 -30.25 -13.70 -59.23
C GLU D 362 -30.07 -15.19 -59.03
N LEU D 363 -29.61 -15.60 -57.85
CA LEU D 363 -29.52 -17.03 -57.53
C LEU D 363 -30.90 -17.67 -57.57
N LYS D 364 -31.89 -17.01 -56.99
CA LYS D 364 -33.25 -17.56 -56.98
C LYS D 364 -33.75 -17.78 -58.41
N GLU D 365 -33.44 -16.87 -59.32
CA GLU D 365 -33.95 -16.97 -60.68
C GLU D 365 -33.35 -18.18 -61.41
N SER D 366 -32.05 -18.42 -61.23
CA SER D 366 -31.33 -19.44 -62.00
C SER D 366 -30.98 -20.62 -61.10
N CYS D 367 -31.27 -21.82 -61.58
CA CYS D 367 -30.98 -23.02 -60.80
C CYS D 367 -29.50 -23.38 -60.82
N ASP D 368 -28.82 -23.17 -61.93
CA ASP D 368 -27.41 -23.53 -62.00
C ASP D 368 -26.59 -22.73 -60.99
N GLU D 369 -26.89 -21.45 -60.85
CA GLU D 369 -26.17 -20.62 -59.89
C GLU D 369 -26.40 -21.13 -58.47
N ARG D 370 -27.62 -21.58 -58.16
CA ARG D 370 -27.87 -22.20 -56.86
C ARG D 370 -27.05 -23.48 -56.71
N SER D 371 -26.98 -24.29 -57.77
CA SER D 371 -26.19 -25.51 -57.72
C SER D 371 -24.71 -25.22 -57.49
N LYS D 372 -24.24 -24.04 -57.92
CA LYS D 372 -22.86 -23.66 -57.69
C LYS D 372 -22.55 -23.61 -56.19
N LEU D 373 -23.50 -23.19 -55.38
CA LEU D 373 -23.29 -23.07 -53.94
C LEU D 373 -23.01 -24.45 -53.33
N SER D 374 -22.46 -24.43 -52.12
CA SER D 374 -22.15 -25.65 -51.39
C SER D 374 -23.43 -26.24 -50.81
N LYS D 375 -23.29 -27.33 -50.05
CA LYS D 375 -24.46 -28.05 -49.56
C LYS D 375 -25.11 -27.33 -48.39
N LYS D 376 -24.32 -26.95 -47.38
CA LYS D 376 -24.88 -26.20 -46.26
C LYS D 376 -25.46 -24.88 -46.73
N GLN D 377 -24.75 -24.20 -47.64
CA GLN D 377 -25.30 -22.98 -48.22
C GLN D 377 -26.56 -23.25 -49.01
N TYR D 378 -26.65 -24.43 -49.66
CA TYR D 378 -27.88 -24.78 -50.36
C TYR D 378 -29.04 -24.92 -49.38
N GLU D 379 -28.81 -25.57 -48.24
CA GLU D 379 -29.87 -25.71 -47.25
C GLU D 379 -30.28 -24.35 -46.69
N ARG D 380 -29.30 -23.50 -46.40
CA ARG D 380 -29.61 -22.16 -45.92
C ARG D 380 -30.41 -21.37 -46.94
N PHE D 381 -30.04 -21.50 -48.22
CA PHE D 381 -30.76 -20.83 -49.29
C PHE D 381 -32.17 -21.35 -49.38
N ASN D 382 -32.37 -22.66 -49.19
CA ASN D 382 -33.70 -23.25 -49.22
C ASN D 382 -34.55 -22.69 -48.09
N ALA D 383 -33.99 -22.61 -46.89
CA ALA D 383 -34.72 -22.07 -45.74
C ALA D 383 -35.09 -20.60 -45.97
N LEU D 384 -34.14 -19.81 -46.47
CA LEU D 384 -34.42 -18.40 -46.74
C LEU D 384 -35.48 -18.24 -47.83
N PHE D 385 -35.43 -19.10 -48.85
CA PHE D 385 -36.44 -19.06 -49.90
C PHE D 385 -37.82 -19.36 -49.34
N ASN D 386 -37.90 -20.35 -48.46
CA ASN D 386 -39.18 -20.71 -47.85
C ASN D 386 -39.70 -19.54 -47.03
N PHE D 387 -38.84 -18.92 -46.23
CA PHE D 387 -39.26 -17.81 -45.38
C PHE D 387 -39.71 -16.62 -46.23
N PHE D 388 -38.95 -16.30 -47.28
CA PHE D 388 -39.31 -15.17 -48.12
C PHE D 388 -40.61 -15.42 -48.89
N GLU D 389 -40.82 -16.66 -49.34
CA GLU D 389 -42.08 -16.98 -49.99
C GLU D 389 -43.24 -16.85 -49.02
N LYS D 390 -43.05 -17.28 -47.77
CA LYS D 390 -44.11 -17.17 -46.77
C LYS D 390 -44.42 -15.71 -46.46
N ASN D 391 -43.40 -14.88 -46.29
CA ASN D 391 -43.62 -13.47 -45.89
C ASN D 391 -43.98 -12.56 -47.08
N GLY D 392 -43.81 -13.05 -48.30
CA GLY D 392 -44.22 -12.28 -49.50
C GLY D 392 -43.15 -11.33 -50.00
N VAL D 393 -41.95 -11.84 -50.30
CA VAL D 393 -40.84 -11.01 -50.86
C VAL D 393 -40.69 -11.36 -52.34
N ILE D 394 -40.65 -10.35 -53.21
CA ILE D 394 -40.54 -10.56 -54.65
C ILE D 394 -39.22 -9.97 -55.09
N CYS D 395 -38.86 -10.14 -56.36
CA CYS D 395 -37.64 -9.55 -56.89
C CYS D 395 -37.69 -8.04 -56.91
N MET D 396 -36.63 -7.40 -57.39
CA MET D 396 -36.57 -5.94 -57.39
C MET D 396 -37.69 -5.29 -58.20
N ALA D 397 -37.99 -4.03 -57.89
CA ALA D 397 -39.05 -3.32 -58.60
C ALA D 397 -38.74 -3.20 -60.08
N LYS D 398 -37.46 -3.06 -60.43
CA LYS D 398 -37.07 -3.03 -61.85
C LYS D 398 -37.57 -4.27 -62.56
N ASP D 399 -37.40 -5.43 -61.94
CA ASP D 399 -37.82 -6.71 -62.49
C ASP D 399 -39.25 -7.08 -62.08
N ALA D 400 -40.06 -6.08 -61.72
CA ALA D 400 -41.42 -6.32 -61.26
C ALA D 400 -42.36 -6.43 -62.47
N GLY D 401 -43.66 -6.45 -62.20
CA GLY D 401 -44.65 -6.57 -63.26
C GLY D 401 -46.06 -6.42 -62.72
N THR D 402 -46.98 -7.26 -63.19
CA THR D 402 -48.37 -7.23 -62.73
C THR D 402 -48.51 -8.08 -61.48
N LEU D 403 -47.87 -7.61 -60.41
CA LEU D 403 -47.90 -8.34 -59.14
C LEU D 403 -49.33 -8.33 -58.57
N ASN D 404 -49.73 -9.47 -58.03
CA ASN D 404 -51.03 -9.58 -57.41
C ASN D 404 -50.89 -9.49 -55.90
N THR D 405 -51.99 -9.28 -55.21
CA THR D 405 -51.99 -9.17 -53.76
C THR D 405 -53.30 -9.71 -53.22
N SER D 406 -53.20 -10.68 -52.32
CA SER D 406 -54.37 -11.28 -51.68
C SER D 406 -54.12 -11.37 -50.18
N ILE D 407 -55.18 -11.18 -49.40
CA ILE D 407 -55.06 -11.19 -47.94
C ILE D 407 -55.55 -12.54 -47.42
N GLU D 408 -54.71 -13.18 -46.62
CA GLU D 408 -55.07 -14.45 -45.98
C GLU D 408 -54.49 -14.46 -44.58
N ILE D 409 -55.33 -14.76 -43.59
CA ILE D 409 -54.94 -14.81 -42.19
C ILE D 409 -55.21 -16.21 -41.67
N ASN D 410 -54.19 -16.82 -41.08
CA ASN D 410 -54.31 -18.16 -40.52
C ASN D 410 -54.44 -18.03 -39.01
N SER D 411 -55.67 -17.91 -38.52
CA SER D 411 -55.93 -17.74 -37.10
C SER D 411 -57.37 -18.13 -36.81
N LEU D 412 -57.56 -19.05 -35.87
CA LEU D 412 -58.91 -19.44 -35.48
C LEU D 412 -59.65 -18.30 -34.81
N ALA D 413 -58.93 -17.45 -34.06
CA ALA D 413 -59.58 -16.33 -33.39
C ALA D 413 -60.19 -15.36 -34.39
N TYR D 414 -59.49 -15.08 -35.48
CA TYR D 414 -59.99 -14.13 -36.47
C TYR D 414 -61.29 -14.63 -37.10
N HIS D 415 -61.36 -15.92 -37.42
CA HIS D 415 -62.54 -16.49 -38.05
C HIS D 415 -63.62 -16.85 -37.04
N GLY D 416 -63.39 -16.65 -35.75
CA GLY D 416 -64.39 -16.94 -34.74
C GLY D 416 -64.76 -18.40 -34.63
N LYS D 417 -63.77 -19.29 -34.71
CA LYS D 417 -63.99 -20.73 -34.54
C LYS D 417 -63.93 -21.06 -33.04
N TYR D 418 -64.97 -20.62 -32.34
CA TYR D 418 -65.01 -20.79 -30.89
C TYR D 418 -65.00 -22.27 -30.50
N ASP D 419 -65.78 -23.10 -31.22
CA ASP D 419 -65.81 -24.52 -30.91
C ASP D 419 -64.45 -25.16 -31.14
N VAL D 420 -63.78 -24.81 -32.25
CA VAL D 420 -62.47 -25.39 -32.54
C VAL D 420 -61.44 -24.91 -31.51
N MET D 421 -61.51 -23.63 -31.13
CA MET D 421 -60.59 -23.13 -30.11
C MET D 421 -60.80 -23.83 -28.78
N LYS D 422 -62.05 -24.05 -28.39
CA LYS D 422 -62.32 -24.78 -27.15
C LYS D 422 -61.81 -26.22 -27.24
N LYS D 423 -62.00 -26.87 -28.39
CA LYS D 423 -61.49 -28.23 -28.55
C LYS D 423 -59.97 -28.25 -28.42
N PHE D 424 -59.29 -27.29 -29.05
CA PHE D 424 -57.84 -27.22 -28.93
C PHE D 424 -57.42 -26.98 -27.49
N ILE D 425 -58.15 -26.11 -26.78
CA ILE D 425 -57.82 -25.85 -25.38
C ILE D 425 -57.96 -27.11 -24.55
N GLU D 426 -59.01 -27.89 -24.80
CA GLU D 426 -59.23 -29.13 -24.03
C GLU D 426 -58.13 -30.16 -24.26
N GLU D 427 -57.42 -30.09 -25.38
CA GLU D 427 -56.40 -31.08 -25.70
C GLU D 427 -55.21 -30.92 -24.76
N GLN D 428 -54.25 -31.84 -24.89
CA GLN D 428 -53.04 -31.84 -24.10
C GLN D 428 -51.91 -31.18 -24.89
N SER D 429 -51.23 -30.21 -24.28
CA SER D 429 -50.17 -29.49 -24.96
C SER D 429 -48.92 -30.35 -25.10
N VAL D 430 -48.12 -30.02 -26.11
CA VAL D 430 -46.87 -30.72 -26.35
C VAL D 430 -45.67 -29.79 -26.39
N SER D 431 -45.85 -28.50 -26.67
CA SER D 431 -44.75 -27.55 -26.74
C SER D 431 -45.16 -26.25 -26.06
N ILE D 432 -44.16 -25.42 -25.75
CA ILE D 432 -44.44 -24.13 -25.12
C ILE D 432 -45.17 -23.20 -26.09
N GLU D 433 -44.89 -23.32 -27.39
CA GLU D 433 -45.65 -22.54 -28.36
C GLU D 433 -47.12 -22.93 -28.33
N ASP D 434 -47.42 -24.21 -28.17
CA ASP D 434 -48.79 -24.64 -28.00
C ASP D 434 -49.41 -24.02 -26.75
N ASP D 435 -48.64 -23.92 -25.67
CA ASP D 435 -49.14 -23.28 -24.46
C ASP D 435 -49.43 -21.81 -24.69
N TYR D 436 -48.57 -21.12 -25.44
CA TYR D 436 -48.80 -19.71 -25.75
C TYR D 436 -50.08 -19.54 -26.57
N LYS D 437 -50.26 -20.40 -27.58
CA LYS D 437 -51.48 -20.33 -28.38
C LYS D 437 -52.71 -20.63 -27.53
N LYS D 438 -52.59 -21.59 -26.61
CA LYS D 438 -53.69 -21.91 -25.71
C LYS D 438 -54.04 -20.73 -24.82
N ALA D 439 -53.02 -20.03 -24.31
CA ALA D 439 -53.28 -18.85 -23.48
C ALA D 439 -53.95 -17.76 -24.30
N PHE D 440 -53.50 -17.55 -25.53
CA PHE D 440 -54.14 -16.54 -26.38
C PHE D 440 -55.60 -16.91 -26.64
N PHE D 441 -55.88 -18.18 -26.92
CA PHE D 441 -57.25 -18.61 -27.15
C PHE D 441 -58.11 -18.42 -25.89
N LEU D 442 -57.55 -18.75 -24.72
CA LEU D 442 -58.28 -18.56 -23.47
C LEU D 442 -58.61 -17.08 -23.26
N ALA D 443 -57.65 -16.20 -23.54
CA ALA D 443 -57.91 -14.77 -23.42
C ALA D 443 -59.00 -14.33 -24.41
N CYS D 444 -58.97 -14.89 -25.62
CA CYS D 444 -59.95 -14.53 -26.64
C CYS D 444 -61.37 -14.92 -26.23
N LEU D 445 -61.51 -15.99 -25.45
CA LEU D 445 -62.82 -16.48 -25.04
C LEU D 445 -63.33 -15.83 -23.76
N GLY D 446 -62.56 -14.92 -23.17
CA GLY D 446 -62.96 -14.25 -21.95
C GLY D 446 -62.47 -14.90 -20.67
N ARG D 447 -61.94 -16.11 -20.74
CA ARG D 447 -61.37 -16.78 -19.57
C ARG D 447 -60.00 -16.17 -19.30
N TRP D 448 -59.98 -15.15 -18.44
CA TRP D 448 -58.79 -14.35 -18.23
C TRP D 448 -57.93 -14.84 -17.06
N GLU D 449 -58.53 -15.39 -16.01
CA GLU D 449 -57.73 -15.95 -14.93
C GLU D 449 -56.92 -17.14 -15.40
N GLU D 450 -57.54 -18.01 -16.22
CA GLU D 450 -56.81 -19.14 -16.79
C GLU D 450 -55.69 -18.66 -17.71
N SER D 451 -55.96 -17.62 -18.50
CA SER D 451 -54.93 -17.07 -19.37
C SER D 451 -53.77 -16.52 -18.55
N TYR D 452 -54.07 -15.82 -17.46
CA TYR D 452 -53.01 -15.29 -16.60
C TYR D 452 -52.18 -16.41 -15.99
N ASP D 453 -52.84 -17.46 -15.51
CA ASP D 453 -52.11 -18.58 -14.92
C ASP D 453 -51.23 -19.27 -15.97
N LEU D 454 -51.76 -19.47 -17.17
CA LEU D 454 -50.99 -20.11 -18.22
C LEU D 454 -49.80 -19.24 -18.64
N TYR D 455 -50.01 -17.93 -18.71
CA TYR D 455 -48.90 -17.03 -19.04
C TYR D 455 -47.84 -17.07 -17.95
N SER D 456 -48.25 -17.13 -16.68
CA SER D 456 -47.28 -17.23 -15.60
C SER D 456 -46.47 -18.52 -15.71
N ASN D 457 -47.16 -19.63 -16.02
CA ASN D 457 -46.47 -20.90 -16.19
C ASN D 457 -45.50 -20.84 -17.35
N ILE D 458 -45.91 -20.25 -18.46
CA ILE D 458 -45.04 -20.14 -19.63
C ILE D 458 -43.83 -19.28 -19.30
N ILE D 459 -44.03 -18.20 -18.55
CA ILE D 459 -42.91 -17.35 -18.15
C ILE D 459 -41.95 -18.13 -17.27
N LEU D 460 -42.48 -18.92 -16.34
CA LEU D 460 -41.62 -19.73 -15.49
C LEU D 460 -40.80 -20.72 -16.30
N ASN D 461 -41.41 -21.35 -17.29
CA ASN D 461 -40.72 -22.39 -18.05
C ASN D 461 -39.79 -21.86 -19.12
N SER D 462 -40.11 -20.73 -19.73
CA SER D 462 -39.33 -20.26 -20.87
C SER D 462 -37.94 -19.80 -20.45
N ILE D 463 -37.84 -19.10 -19.32
CA ILE D 463 -36.54 -18.57 -18.89
C ILE D 463 -35.55 -19.72 -18.68
N ASP D 464 -36.03 -20.84 -18.13
CA ASP D 464 -35.19 -22.02 -18.01
C ASP D 464 -34.97 -22.69 -19.36
N GLU D 465 -35.95 -22.58 -20.27
CA GLU D 465 -35.83 -23.20 -21.59
C GLU D 465 -35.03 -22.35 -22.58
N SER D 466 -34.62 -21.14 -22.19
CA SER D 466 -33.85 -20.26 -23.06
C SER D 466 -34.66 -19.75 -24.24
N ASN D 467 -35.98 -19.65 -24.05
CA ASN D 467 -36.87 -19.15 -25.10
C ASN D 467 -37.17 -17.69 -24.79
N GLY D 468 -36.29 -16.78 -25.22
CA GLY D 468 -36.45 -15.37 -24.90
C GLY D 468 -37.67 -14.76 -25.55
N CYS D 469 -37.96 -15.15 -26.79
CA CYS D 469 -39.09 -14.55 -27.51
C CYS D 469 -40.39 -14.85 -26.81
N VAL D 470 -40.65 -16.11 -26.52
CA VAL D 470 -41.89 -16.48 -25.85
C VAL D 470 -41.97 -15.84 -24.48
N TYR D 471 -40.84 -15.79 -23.77
CA TYR D 471 -40.79 -15.13 -22.47
C TYR D 471 -41.24 -13.67 -22.57
N TYR D 472 -40.65 -12.93 -23.51
CA TYR D 472 -40.97 -11.51 -23.67
C TYR D 472 -42.42 -11.30 -24.06
N LEU D 473 -42.89 -12.07 -25.06
CA LEU D 473 -44.27 -11.91 -25.52
C LEU D 473 -45.25 -12.30 -24.42
N SER D 474 -44.95 -13.34 -23.66
CA SER D 474 -45.84 -13.77 -22.58
C SER D 474 -45.88 -12.72 -21.48
N GLN D 475 -44.75 -12.10 -21.15
CA GLN D 475 -44.76 -11.03 -20.16
C GLN D 475 -45.65 -9.88 -20.63
N ILE D 476 -45.48 -9.47 -21.89
CA ILE D 476 -46.30 -8.37 -22.41
C ILE D 476 -47.77 -8.73 -22.38
N ASN D 477 -48.10 -9.95 -22.82
CA ASN D 477 -49.49 -10.37 -22.88
C ASN D 477 -50.09 -10.49 -21.48
N ARG D 478 -49.29 -10.92 -20.49
CA ARG D 478 -49.78 -10.97 -19.12
C ARG D 478 -50.06 -9.58 -18.60
N TYR D 479 -49.19 -8.61 -18.90
CA TYR D 479 -49.44 -7.25 -18.47
C TYR D 479 -50.71 -6.70 -19.11
N ARG D 480 -50.91 -6.96 -20.40
CA ARG D 480 -52.13 -6.50 -21.06
C ARG D 480 -53.36 -7.17 -20.48
N ILE D 481 -53.26 -8.45 -20.14
CA ILE D 481 -54.38 -9.16 -19.52
C ILE D 481 -54.70 -8.55 -18.17
N TYR D 482 -53.67 -8.21 -17.38
CA TYR D 482 -53.90 -7.57 -16.09
C TYR D 482 -54.59 -6.22 -16.26
N GLN D 483 -54.14 -5.43 -17.25
CA GLN D 483 -54.78 -4.15 -17.49
C GLN D 483 -56.24 -4.32 -17.89
N SER D 484 -56.51 -5.29 -18.77
CA SER D 484 -57.88 -5.56 -19.19
C SER D 484 -58.73 -5.97 -18.00
N ILE D 485 -58.19 -6.83 -17.13
CA ILE D 485 -58.93 -7.26 -15.94
C ILE D 485 -59.24 -6.06 -15.05
N THR D 486 -58.25 -5.18 -14.87
CA THR D 486 -58.46 -4.02 -14.00
C THR D 486 -59.56 -3.12 -14.55
N GLN D 487 -59.50 -2.82 -15.85
CA GLN D 487 -60.52 -1.93 -16.42
C GLN D 487 -61.89 -2.58 -16.40
N ALA D 488 -61.96 -3.90 -16.65
CA ALA D 488 -63.25 -4.59 -16.59
C ALA D 488 -63.82 -4.56 -15.17
N VAL D 489 -62.97 -4.75 -14.16
CA VAL D 489 -63.43 -4.71 -12.78
C VAL D 489 -63.94 -3.32 -12.44
N THR D 490 -63.20 -2.28 -12.86
CA THR D 490 -63.64 -0.92 -12.59
C THR D 490 -64.99 -0.63 -13.26
N GLN D 491 -65.14 -1.06 -14.52
CA GLN D 491 -66.40 -0.83 -15.22
C GLN D 491 -67.55 -1.55 -14.55
N PHE D 492 -67.33 -2.81 -14.14
CA PHE D 492 -68.40 -3.59 -13.52
C PHE D 492 -68.79 -3.00 -12.17
N ASN D 493 -67.81 -2.51 -11.43
CA ASN D 493 -68.09 -1.92 -10.12
C ASN D 493 -68.70 -0.53 -10.25
N GLY D 494 -68.49 0.14 -11.38
CA GLY D 494 -68.99 1.49 -11.57
C GLY D 494 -70.39 1.54 -12.16
N LEU D 495 -70.64 0.75 -13.20
CA LEU D 495 -71.91 0.76 -13.91
C LEU D 495 -72.47 -0.62 -14.21
N GLY D 496 -71.69 -1.68 -14.03
CA GLY D 496 -72.16 -3.00 -14.42
C GLY D 496 -73.41 -3.43 -13.66
N LEU D 497 -73.48 -3.12 -12.37
CA LEU D 497 -74.59 -3.60 -11.56
C LEU D 497 -75.92 -3.01 -12.02
N LEU D 498 -75.91 -1.80 -12.57
CA LEU D 498 -77.14 -1.14 -12.98
C LEU D 498 -77.70 -1.75 -14.27
N THR D 499 -76.92 -1.69 -15.34
CA THR D 499 -77.41 -2.13 -16.64
C THR D 499 -77.75 -3.62 -16.63
N PHE D 500 -76.93 -4.44 -15.99
CA PHE D 500 -77.21 -5.87 -15.89
C PHE D 500 -78.43 -6.15 -15.03
N GLY D 501 -78.84 -5.21 -14.18
CA GLY D 501 -79.93 -5.44 -13.24
C GLY D 501 -79.51 -6.17 -11.99
N ARG D 502 -78.24 -6.54 -11.86
CA ARG D 502 -77.75 -7.24 -10.68
C ARG D 502 -76.23 -7.15 -10.68
N HIS D 503 -75.65 -7.05 -9.49
CA HIS D 503 -74.20 -6.94 -9.38
C HIS D 503 -73.56 -8.26 -9.79
N TYR D 504 -72.55 -8.17 -10.66
CA TYR D 504 -71.83 -9.33 -11.17
C TYR D 504 -70.41 -9.33 -10.63
N LYS D 505 -69.91 -10.52 -10.28
CA LYS D 505 -68.60 -10.69 -9.68
C LYS D 505 -67.83 -11.76 -10.46
N PRO D 506 -67.42 -11.46 -11.69
CA PRO D 506 -66.69 -12.47 -12.48
C PRO D 506 -65.40 -12.93 -11.84
N PHE D 507 -64.74 -12.06 -11.06
CA PHE D 507 -63.47 -12.37 -10.43
C PHE D 507 -63.61 -12.30 -8.92
N THR D 508 -63.03 -13.27 -8.23
CA THR D 508 -63.09 -13.32 -6.78
C THR D 508 -62.11 -12.34 -6.17
N ASP D 509 -62.35 -12.01 -4.89
CA ASP D 509 -61.50 -11.05 -4.20
C ASP D 509 -60.07 -11.58 -4.05
N GLU D 510 -59.93 -12.89 -3.80
CA GLU D 510 -58.61 -13.46 -3.60
C GLU D 510 -57.74 -13.31 -4.84
N PHE D 511 -58.29 -13.59 -6.01
CA PHE D 511 -57.51 -13.48 -7.24
C PHE D 511 -57.11 -12.03 -7.50
N LEU D 512 -58.03 -11.09 -7.30
CA LEU D 512 -57.71 -9.68 -7.50
C LEU D 512 -56.61 -9.23 -6.54
N ALA D 513 -56.71 -9.63 -5.27
CA ALA D 513 -55.68 -9.27 -4.31
C ALA D 513 -54.33 -9.87 -4.68
N ARG D 514 -54.33 -11.13 -5.13
CA ARG D 514 -53.07 -11.77 -5.49
C ARG D 514 -52.41 -11.09 -6.68
N ILE D 515 -53.20 -10.74 -7.71
CA ILE D 515 -52.62 -10.09 -8.88
C ILE D 515 -52.15 -8.69 -8.52
N GLU D 516 -52.89 -7.99 -7.65
CA GLU D 516 -52.44 -6.67 -7.22
C GLU D 516 -51.13 -6.77 -6.47
N ARG D 517 -50.98 -7.78 -5.61
CA ARG D 517 -49.76 -7.93 -4.82
C ARG D 517 -48.58 -8.30 -5.71
N GLU D 518 -48.75 -9.29 -6.59
CA GLU D 518 -47.63 -9.79 -7.38
C GLU D 518 -47.10 -8.74 -8.34
N MET D 519 -47.99 -8.06 -9.06
CA MET D 519 -47.59 -7.04 -10.02
C MET D 519 -47.68 -5.66 -9.37
N THR D 520 -46.71 -5.41 -8.49
CA THR D 520 -46.60 -4.14 -7.77
C THR D 520 -45.32 -3.43 -8.19
N ASN D 521 -45.42 -2.14 -8.49
CA ASN D 521 -44.28 -1.37 -8.95
C ASN D 521 -43.77 -1.94 -10.27
N PHE D 522 -44.67 -2.53 -11.07
CA PHE D 522 -44.28 -3.09 -12.35
C PHE D 522 -44.01 -1.98 -13.35
N ASN D 523 -43.06 -2.22 -14.25
CA ASN D 523 -42.71 -1.25 -15.28
C ASN D 523 -42.44 -1.97 -16.59
N ILE D 524 -43.28 -1.73 -17.60
CA ILE D 524 -43.10 -2.33 -18.90
C ILE D 524 -42.05 -1.60 -19.73
N ASP D 525 -41.70 -0.37 -19.35
CA ASP D 525 -40.74 0.41 -20.12
C ASP D 525 -39.37 -0.27 -20.14
N ASP D 526 -38.94 -0.80 -18.99
CA ASP D 526 -37.61 -1.35 -18.83
C ASP D 526 -37.52 -2.84 -19.15
N LEU D 527 -38.61 -3.45 -19.61
CA LEU D 527 -38.60 -4.87 -19.89
C LEU D 527 -37.58 -5.21 -20.98
N PHE D 528 -37.63 -4.50 -22.10
CA PHE D 528 -36.74 -4.79 -23.21
C PHE D 528 -35.28 -4.55 -22.84
N ASN D 529 -35.02 -3.46 -22.10
CA ASN D 529 -33.65 -3.10 -21.76
C ASN D 529 -32.94 -4.17 -20.96
N GLY D 530 -33.67 -4.82 -20.06
CA GLY D 530 -33.07 -5.83 -19.20
C GLY D 530 -32.73 -7.14 -19.87
N MET D 531 -33.24 -7.37 -21.08
CA MET D 531 -32.94 -8.60 -21.80
C MET D 531 -31.48 -8.55 -22.26
N PRO D 532 -30.84 -9.71 -22.50
CA PRO D 532 -29.45 -9.68 -22.93
C PRO D 532 -29.26 -8.92 -24.23
N PHE D 533 -28.07 -8.31 -24.37
CA PHE D 533 -27.79 -7.51 -25.55
C PHE D 533 -27.89 -8.35 -26.83
N GLU D 534 -27.65 -9.65 -26.74
CA GLU D 534 -27.80 -10.51 -27.91
C GLU D 534 -29.24 -10.50 -28.39
N PHE D 535 -30.20 -10.63 -27.47
CA PHE D 535 -31.60 -10.58 -27.85
C PHE D 535 -31.98 -9.21 -28.40
N GLN D 536 -31.51 -8.15 -27.76
CA GLN D 536 -31.80 -6.80 -28.24
C GLN D 536 -31.24 -6.57 -29.64
N LYS D 537 -30.12 -7.20 -29.97
CA LYS D 537 -29.56 -7.09 -31.31
C LYS D 537 -30.35 -7.92 -32.31
N LYS D 538 -30.71 -9.15 -31.94
CA LYS D 538 -31.38 -10.03 -32.89
C LYS D 538 -32.85 -9.66 -33.10
N TYR D 539 -33.54 -9.22 -32.04
CA TYR D 539 -34.98 -8.99 -32.10
C TYR D 539 -35.33 -7.57 -31.71
N LYS D 540 -34.60 -6.58 -32.23
CA LYS D 540 -34.91 -5.20 -31.95
C LYS D 540 -36.28 -4.79 -32.49
N ILE D 541 -36.74 -5.43 -33.57
CA ILE D 541 -37.99 -5.04 -34.20
C ILE D 541 -39.17 -5.13 -33.24
N LEU D 542 -39.07 -5.94 -32.19
CA LEU D 542 -40.16 -6.13 -31.24
C LEU D 542 -40.21 -5.04 -30.17
N GLU D 543 -39.24 -4.11 -30.16
CA GLU D 543 -39.22 -3.10 -29.11
C GLU D 543 -40.52 -2.30 -29.07
N PHE D 544 -41.09 -1.99 -30.25
CA PHE D 544 -42.31 -1.19 -30.30
C PHE D 544 -43.46 -1.86 -29.58
N LEU D 545 -43.40 -3.18 -29.37
CA LEU D 545 -44.47 -3.87 -28.67
C LEU D 545 -44.56 -3.45 -27.20
N SER D 546 -43.52 -2.82 -26.66
CA SER D 546 -43.51 -2.40 -25.26
C SER D 546 -43.89 -0.94 -25.07
N ASP D 547 -44.21 -0.21 -26.14
CA ASP D 547 -44.56 1.19 -26.02
C ASP D 547 -45.99 1.35 -25.52
N ASN D 548 -46.27 2.49 -24.87
CA ASN D 548 -47.61 2.73 -24.36
C ASN D 548 -48.60 2.91 -25.51
N GLN D 549 -48.18 3.58 -26.58
CA GLN D 549 -49.04 3.79 -27.74
C GLN D 549 -48.25 3.56 -29.01
N PHE D 550 -48.96 3.17 -30.06
CA PHE D 550 -48.33 2.98 -31.35
C PHE D 550 -49.37 3.22 -32.44
N LEU D 551 -49.03 2.94 -33.68
CA LEU D 551 -49.89 3.22 -34.83
C LEU D 551 -50.20 4.72 -34.95
N TYR D 552 -49.20 5.55 -34.63
CA TYR D 552 -49.35 6.99 -34.76
C TYR D 552 -48.93 7.47 -36.15
N ASP D 553 -47.81 6.94 -36.67
CA ASP D 553 -47.39 7.30 -38.03
C ASP D 553 -48.43 6.85 -39.04
N ASP D 554 -49.00 5.66 -38.85
CA ASP D 554 -50.05 5.19 -39.77
C ASP D 554 -51.25 6.11 -39.74
N THR D 555 -51.67 6.55 -38.55
CA THR D 555 -52.79 7.47 -38.45
C THR D 555 -52.48 8.80 -39.12
N VAL D 556 -51.26 9.32 -38.93
CA VAL D 556 -50.89 10.59 -39.54
C VAL D 556 -50.83 10.46 -41.06
N LYS D 557 -50.42 9.30 -41.57
CA LYS D 557 -50.30 9.10 -43.01
C LYS D 557 -51.65 9.12 -43.73
N LEU D 558 -52.76 9.06 -43.00
CA LEU D 558 -54.09 9.04 -43.61
C LEU D 558 -54.46 10.37 -44.25
N PHE D 559 -53.67 11.43 -44.03
CA PHE D 559 -54.00 12.75 -44.58
C PHE D 559 -54.14 12.72 -46.09
N GLU D 560 -53.36 11.87 -46.77
CA GLU D 560 -53.37 11.86 -48.23
C GLU D 560 -54.76 11.55 -48.78
N LEU D 561 -55.52 10.68 -48.10
CA LEU D 561 -56.88 10.37 -48.55
C LEU D 561 -57.80 11.58 -48.51
N THR D 562 -57.43 12.63 -47.80
CA THR D 562 -58.23 13.85 -47.71
C THR D 562 -57.81 14.91 -48.72
N ASN D 563 -56.87 14.58 -49.60
CA ASN D 563 -56.40 15.55 -50.59
C ASN D 563 -57.46 15.83 -51.65
N LYS D 564 -57.56 17.08 -52.09
CA LYS D 564 -58.53 17.48 -53.10
C LYS D 564 -57.90 17.77 -54.45
N VAL D 565 -56.66 18.27 -54.48
CA VAL D 565 -56.00 18.59 -55.74
C VAL D 565 -55.72 17.34 -56.57
N ARG D 566 -55.72 16.16 -55.95
CA ARG D 566 -55.42 14.95 -56.70
C ARG D 566 -56.45 14.69 -57.79
N SER D 567 -57.74 14.94 -57.49
CA SER D 567 -58.77 14.71 -58.49
C SER D 567 -58.55 15.60 -59.71
N GLU D 568 -58.25 16.88 -59.49
CA GLU D 568 -57.93 17.77 -60.61
C GLU D 568 -56.66 17.33 -61.32
N MET D 569 -55.65 16.91 -60.56
CA MET D 569 -54.40 16.45 -61.14
C MET D 569 -53.70 15.55 -60.13
N SER D 570 -53.56 14.27 -60.45
CA SER D 570 -52.91 13.30 -59.59
C SER D 570 -51.76 12.64 -60.34
N GLU D 571 -50.64 12.45 -59.63
CA GLU D 571 -49.45 11.85 -60.22
C GLU D 571 -49.18 10.43 -59.72
N GLY D 572 -49.92 9.96 -58.71
CA GLY D 572 -49.65 8.64 -58.17
C GLY D 572 -48.27 8.53 -57.54
N SER D 573 -47.87 9.55 -56.77
CA SER D 573 -46.51 9.58 -56.23
C SER D 573 -46.24 8.42 -55.28
N TYR D 574 -47.24 8.04 -54.48
CA TYR D 574 -47.03 6.95 -53.52
C TYR D 574 -46.60 5.67 -54.21
N SER D 575 -45.61 5.00 -53.63
CA SER D 575 -45.03 3.77 -54.13
C SER D 575 -44.60 4.03 -55.58
N PHE D 576 -44.86 3.12 -56.52
CA PHE D 576 -44.53 3.30 -57.93
C PHE D 576 -45.81 3.10 -58.73
N GLY D 577 -46.43 4.20 -59.14
CA GLY D 577 -47.69 4.11 -59.86
C GLY D 577 -48.81 3.49 -59.05
N MET D 578 -48.91 3.84 -57.78
CA MET D 578 -49.93 3.30 -56.88
C MET D 578 -50.55 4.43 -56.08
N SER D 579 -51.87 4.37 -55.91
CA SER D 579 -52.59 5.38 -55.15
C SER D 579 -52.44 5.13 -53.64
N SER D 580 -52.77 6.16 -52.86
CA SER D 580 -52.69 6.04 -51.41
C SER D 580 -53.71 5.04 -50.89
N ASP D 581 -54.80 4.83 -51.62
CA ASP D 581 -55.81 3.86 -51.20
C ASP D 581 -55.21 2.47 -51.04
N ILE D 582 -54.52 2.00 -52.07
CA ILE D 582 -53.94 0.65 -52.03
C ILE D 582 -52.87 0.57 -50.95
N VAL D 583 -52.05 1.60 -50.83
CA VAL D 583 -50.98 1.58 -49.83
C VAL D 583 -51.55 1.48 -48.43
N VAL D 584 -52.58 2.29 -48.14
CA VAL D 584 -53.19 2.28 -46.82
C VAL D 584 -53.87 0.93 -46.56
N LEU D 585 -54.58 0.39 -47.56
CA LEU D 585 -55.24 -0.89 -47.37
C LEU D 585 -54.23 -2.00 -47.10
N LEU D 586 -53.12 -2.01 -47.84
CA LEU D 586 -52.12 -3.04 -47.63
C LEU D 586 -51.41 -2.86 -46.29
N ARG D 587 -51.20 -1.62 -45.85
CA ARG D 587 -50.63 -1.40 -44.53
C ARG D 587 -51.57 -1.92 -43.45
N LEU D 588 -52.86 -1.66 -43.59
CA LEU D 588 -53.84 -2.16 -42.62
C LEU D 588 -53.84 -3.68 -42.61
N TYR D 589 -53.82 -4.30 -43.79
CA TYR D 589 -53.79 -5.77 -43.86
C TYR D 589 -52.53 -6.32 -43.21
N ASP D 590 -51.38 -5.69 -43.47
CA ASP D 590 -50.14 -6.17 -42.88
C ASP D 590 -50.17 -6.07 -41.37
N ASN D 591 -50.66 -4.96 -40.85
CA ASN D 591 -50.77 -4.78 -39.40
C ASN D 591 -51.69 -5.82 -38.81
N LEU D 592 -52.85 -6.03 -39.42
CA LEU D 592 -53.82 -7.00 -38.91
C LEU D 592 -53.23 -8.40 -38.91
N ARG D 593 -52.58 -8.79 -40.01
CA ARG D 593 -52.00 -10.13 -40.09
C ARG D 593 -50.89 -10.31 -39.06
N PHE D 594 -50.02 -9.31 -38.92
CA PHE D 594 -48.92 -9.43 -37.97
C PHE D 594 -49.45 -9.56 -36.54
N LEU D 595 -50.50 -8.80 -36.20
CA LEU D 595 -51.01 -8.85 -34.84
C LEU D 595 -51.78 -10.15 -34.59
N TYR D 596 -52.58 -10.60 -35.55
CA TYR D 596 -53.42 -11.78 -35.33
C TYR D 596 -52.62 -13.07 -35.39
N GLU D 597 -51.66 -13.17 -36.32
CA GLU D 597 -50.90 -14.41 -36.49
C GLU D 597 -49.92 -14.65 -35.34
N ASN D 598 -49.45 -13.58 -34.70
CA ASN D 598 -48.48 -13.69 -33.60
C ASN D 598 -49.15 -13.85 -32.25
N CYS D 599 -50.48 -14.01 -32.21
CA CYS D 599 -51.19 -14.22 -30.93
C CYS D 599 -50.93 -13.10 -29.94
N LEU D 600 -51.09 -11.85 -30.37
CA LEU D 600 -50.90 -10.68 -29.52
C LEU D 600 -52.24 -10.14 -29.06
N TRP D 601 -52.34 -9.83 -27.78
CA TRP D 601 -53.59 -9.37 -27.19
C TRP D 601 -53.90 -7.91 -27.50
N SER D 602 -52.91 -7.14 -27.96
CA SER D 602 -53.11 -5.72 -28.25
C SER D 602 -54.21 -5.48 -29.26
N VAL D 603 -54.66 -6.51 -29.98
CA VAL D 603 -55.77 -6.36 -30.90
C VAL D 603 -57.05 -5.92 -30.20
N SER D 604 -57.19 -6.24 -28.92
CA SER D 604 -58.44 -6.03 -28.20
C SER D 604 -58.52 -4.64 -27.55
N PHE D 605 -57.66 -3.70 -27.94
CA PHE D 605 -57.62 -2.39 -27.32
C PHE D 605 -58.30 -1.35 -28.18
N HIS D 606 -58.57 -0.19 -27.57
CA HIS D 606 -59.33 0.87 -28.23
C HIS D 606 -58.56 1.47 -29.40
N GLU D 607 -57.24 1.59 -29.27
CA GLU D 607 -56.46 2.28 -30.31
C GLU D 607 -56.56 1.56 -31.64
N PHE D 608 -56.45 0.23 -31.63
CA PHE D 608 -56.52 -0.53 -32.88
C PHE D 608 -57.88 -0.36 -33.55
N HIS D 609 -58.96 -0.44 -32.75
CA HIS D 609 -60.29 -0.28 -33.30
C HIS D 609 -60.48 1.11 -33.90
N GLN D 610 -60.00 2.14 -33.19
CA GLN D 610 -60.13 3.50 -33.70
C GLN D 610 -59.34 3.67 -35.00
N TYR D 611 -58.14 3.10 -35.07
CA TYR D 611 -57.34 3.20 -36.28
C TYR D 611 -58.04 2.50 -37.45
N ILE D 612 -58.59 1.31 -37.21
CA ILE D 612 -59.30 0.60 -38.26
C ILE D 612 -60.50 1.41 -38.74
N ARG D 613 -61.25 1.97 -37.79
CA ARG D 613 -62.43 2.75 -38.14
C ARG D 613 -62.05 3.95 -38.99
N ASN D 614 -61.02 4.68 -38.57
CA ASN D 614 -60.58 5.86 -39.31
C ASN D 614 -60.13 5.49 -40.70
N SER D 615 -59.35 4.42 -40.82
CA SER D 615 -58.85 4.01 -42.13
C SER D 615 -60.00 3.66 -43.07
N MET D 616 -60.92 2.82 -42.59
CA MET D 616 -62.03 2.38 -43.43
C MET D 616 -62.93 3.54 -43.83
N SER D 617 -63.25 4.42 -42.88
CA SER D 617 -64.12 5.55 -43.17
C SER D 617 -63.48 6.48 -44.19
N LEU D 618 -62.20 6.80 -44.00
CA LEU D 618 -61.53 7.69 -44.94
C LEU D 618 -61.43 7.06 -46.33
N LEU D 619 -61.14 5.75 -46.39
CA LEU D 619 -61.07 5.08 -47.68
C LEU D 619 -62.39 5.15 -48.41
N ILE D 620 -63.49 4.88 -47.71
CA ILE D 620 -64.80 4.88 -48.35
C ILE D 620 -65.18 6.30 -48.77
N GLU D 621 -64.87 7.29 -47.94
CA GLU D 621 -65.16 8.67 -48.30
C GLU D 621 -64.39 9.09 -49.54
N LYS D 622 -63.11 8.70 -49.61
CA LYS D 622 -62.31 9.02 -50.80
C LYS D 622 -62.88 8.34 -52.03
N ALA D 623 -63.31 7.09 -51.91
CA ALA D 623 -63.90 6.39 -53.05
C ALA D 623 -65.17 7.12 -53.52
N GLU D 624 -66.02 7.52 -52.57
CA GLU D 624 -67.24 8.22 -52.94
C GLU D 624 -66.92 9.56 -53.62
N TYR D 625 -65.95 10.29 -53.10
CA TYR D 625 -65.58 11.57 -53.70
C TYR D 625 -65.02 11.38 -55.10
N GLU D 626 -64.19 10.35 -55.29
CA GLU D 626 -63.65 10.06 -56.61
C GLU D 626 -64.77 9.71 -57.59
N ARG D 627 -65.74 8.90 -57.16
CA ARG D 627 -66.87 8.57 -58.02
C ARG D 627 -67.65 9.83 -58.39
N THR D 628 -67.91 10.69 -57.41
CA THR D 628 -68.67 11.91 -57.68
C THR D 628 -67.93 12.81 -58.66
N ARG D 629 -66.62 12.96 -58.48
CA ARG D 629 -65.84 13.81 -59.38
C ARG D 629 -65.78 13.22 -60.78
N ASP D 630 -65.66 11.89 -60.89
CA ASP D 630 -65.67 11.26 -62.20
C ASP D 630 -67.01 11.48 -62.89
N ILE D 631 -68.10 11.37 -62.15
CA ILE D 631 -69.42 11.64 -62.73
C ILE D 631 -69.52 13.09 -63.19
N ASP D 632 -69.02 14.02 -62.37
CA ASP D 632 -69.12 15.43 -62.69
C ASP D 632 -68.32 15.78 -63.94
N GLU D 633 -67.07 15.33 -64.00
CA GLU D 633 -66.19 15.74 -65.10
C GLU D 633 -66.72 15.26 -66.44
N LEU D 634 -67.02 13.96 -66.55
CA LEU D 634 -67.51 13.36 -67.78
C LEU D 634 -69.04 13.28 -67.73
N GLY D 635 -69.61 12.58 -68.71
CA GLY D 635 -71.05 12.39 -68.71
C GLY D 635 -71.52 11.49 -67.60
N PHE D 636 -72.82 11.54 -67.34
CA PHE D 636 -73.38 10.73 -66.25
C PHE D 636 -73.24 9.24 -66.55
N SER D 637 -73.35 8.85 -67.82
CA SER D 637 -73.17 7.44 -68.17
C SER D 637 -71.77 6.95 -67.81
N PHE D 638 -70.80 7.84 -67.75
CA PHE D 638 -69.43 7.49 -67.38
C PHE D 638 -69.35 7.38 -65.87
N PHE D 639 -69.21 6.15 -65.36
CA PHE D 639 -69.10 5.90 -63.92
C PHE D 639 -70.34 6.39 -63.18
N GLY D 640 -71.51 6.28 -63.82
CA GLY D 640 -72.74 6.74 -63.17
C GLY D 640 -73.04 5.99 -61.89
N LYS D 641 -72.93 4.66 -61.92
CA LYS D 641 -73.12 3.82 -60.75
C LYS D 641 -71.88 3.01 -60.42
N LYS D 642 -70.71 3.45 -60.88
CA LYS D 642 -69.48 2.74 -60.60
C LYS D 642 -69.18 2.79 -59.10
N SER D 643 -68.68 1.67 -58.57
CA SER D 643 -68.30 1.55 -57.17
C SER D 643 -66.78 1.61 -57.06
N GLY D 644 -66.27 2.72 -56.54
CA GLY D 644 -64.83 2.88 -56.39
C GLY D 644 -64.22 2.09 -55.26
N PHE D 645 -65.05 1.55 -54.36
CA PHE D 645 -64.59 0.72 -53.25
C PHE D 645 -65.28 -0.62 -53.31
N PHE D 646 -64.50 -1.70 -53.32
CA PHE D 646 -65.01 -3.05 -53.40
C PHE D 646 -64.81 -3.76 -52.07
N MET D 647 -65.88 -4.40 -51.60
CA MET D 647 -65.85 -5.09 -50.33
C MET D 647 -65.68 -6.58 -50.50
N GLU D 648 -65.19 -7.23 -49.45
CA GLU D 648 -64.99 -8.68 -49.46
C GLU D 648 -65.27 -9.20 -48.05
N TYR D 649 -65.00 -10.48 -47.83
CA TYR D 649 -65.25 -11.08 -46.52
C TYR D 649 -64.41 -10.41 -45.44
N TYR D 650 -63.13 -10.14 -45.74
CA TYR D 650 -62.26 -9.53 -44.74
C TYR D 650 -62.75 -8.15 -44.33
N ASP D 651 -63.17 -7.34 -45.31
CA ASP D 651 -63.73 -6.03 -44.98
C ASP D 651 -65.00 -6.17 -44.15
N PHE D 652 -65.85 -7.14 -44.49
CA PHE D 652 -67.08 -7.35 -43.75
C PHE D 652 -66.80 -7.68 -42.29
N VAL D 653 -65.90 -8.64 -42.05
CA VAL D 653 -65.60 -9.04 -40.68
C VAL D 653 -64.91 -7.90 -39.92
N ASN D 654 -64.03 -7.17 -40.61
CA ASN D 654 -63.35 -6.05 -39.98
C ASN D 654 -64.37 -5.03 -39.51
N ILE D 655 -65.29 -4.65 -40.39
CA ILE D 655 -66.30 -3.67 -40.04
C ILE D 655 -67.17 -4.18 -38.89
N SER D 656 -67.59 -5.45 -38.98
CA SER D 656 -68.45 -5.99 -37.94
C SER D 656 -67.76 -5.96 -36.58
N ARG D 657 -66.47 -6.30 -36.54
CA ARG D 657 -65.76 -6.38 -35.27
C ARG D 657 -65.35 -5.01 -34.74
N HIS D 658 -65.04 -4.05 -35.61
CA HIS D 658 -64.39 -2.82 -35.21
C HIS D 658 -65.28 -1.58 -35.33
N PHE D 659 -66.53 -1.72 -35.75
CA PHE D 659 -67.44 -0.58 -35.88
C PHE D 659 -68.60 -0.73 -34.90
N LYS D 660 -69.10 0.41 -34.43
CA LYS D 660 -70.31 0.49 -33.64
C LYS D 660 -71.49 0.86 -34.55
N ILE D 661 -72.69 0.83 -33.96
CA ILE D 661 -73.88 1.17 -34.73
C ILE D 661 -73.83 2.62 -35.20
N ASP D 662 -73.37 3.53 -34.34
CA ASP D 662 -73.27 4.93 -34.71
C ASP D 662 -72.30 5.13 -35.86
N ASP D 663 -71.14 4.47 -35.81
CA ASP D 663 -70.17 4.58 -36.91
C ASP D 663 -70.74 4.05 -38.21
N ILE D 664 -71.46 2.92 -38.15
CA ILE D 664 -72.05 2.36 -39.36
C ILE D 664 -73.09 3.32 -39.93
N LYS D 665 -73.92 3.91 -39.06
CA LYS D 665 -74.92 4.87 -39.54
C LYS D 665 -74.26 6.09 -40.18
N ASN D 666 -73.17 6.57 -39.57
CA ASN D 666 -72.46 7.73 -40.10
C ASN D 666 -71.86 7.41 -41.45
N LEU D 667 -71.30 6.21 -41.61
CA LEU D 667 -70.77 5.79 -42.89
C LEU D 667 -71.88 5.67 -43.93
N GLU D 668 -73.03 5.11 -43.54
CA GLU D 668 -74.12 4.91 -44.49
C GLU D 668 -74.67 6.25 -44.97
N ARG D 669 -74.84 7.21 -44.06
CA ARG D 669 -75.39 8.51 -44.44
C ARG D 669 -74.36 9.39 -45.13
N SER D 670 -73.06 9.15 -44.92
CA SER D 670 -72.04 9.98 -45.56
C SER D 670 -71.97 9.73 -47.06
N CYS D 671 -72.03 8.46 -47.47
CA CYS D 671 -71.90 8.06 -48.87
C CYS D 671 -73.04 7.14 -49.25
N SER D 672 -72.95 6.55 -50.44
CA SER D 672 -73.97 5.64 -50.96
C SER D 672 -73.46 4.21 -50.83
N ILE D 673 -73.69 3.62 -49.65
CA ILE D 673 -73.31 2.23 -49.44
C ILE D 673 -74.14 1.30 -50.33
N ASP D 674 -75.41 1.65 -50.55
CA ASP D 674 -76.26 0.83 -51.41
C ASP D 674 -75.68 0.71 -52.82
N LYS D 675 -75.05 1.79 -53.31
CA LYS D 675 -74.40 1.75 -54.61
C LYS D 675 -73.16 0.87 -54.62
N ILE D 676 -72.67 0.45 -53.46
CA ILE D 676 -71.46 -0.36 -53.35
C ILE D 676 -71.87 -1.82 -53.21
N ARG D 677 -71.32 -2.66 -54.09
CA ARG D 677 -71.68 -4.07 -54.13
C ARG D 677 -70.80 -4.87 -53.17
N PHE D 678 -71.27 -6.07 -52.83
CA PHE D 678 -70.57 -6.98 -51.93
C PHE D 678 -70.16 -8.24 -52.69
N GLY D 679 -68.98 -8.76 -52.36
CA GLY D 679 -68.45 -9.95 -52.99
C GLY D 679 -68.15 -11.04 -51.96
N GLU D 680 -67.96 -12.25 -52.47
CA GLU D 680 -67.69 -13.43 -51.64
C GLU D 680 -68.81 -13.60 -50.60
N GLN D 681 -70.02 -13.79 -51.11
CA GLN D 681 -71.19 -13.83 -50.25
C GLN D 681 -71.32 -15.15 -49.49
N GLU D 682 -70.78 -16.24 -50.04
CA GLU D 682 -70.88 -17.52 -49.35
C GLU D 682 -70.13 -17.50 -48.03
N LYS D 683 -68.94 -16.91 -48.01
CA LYS D 683 -68.17 -16.83 -46.76
C LYS D 683 -68.87 -15.93 -45.76
N ILE D 684 -69.49 -14.84 -46.24
CA ILE D 684 -70.24 -13.96 -45.34
C ILE D 684 -71.43 -14.70 -44.74
N GLU D 685 -72.11 -15.51 -45.55
CA GLU D 685 -73.22 -16.31 -45.04
C GLU D 685 -72.72 -17.31 -44.00
N GLU D 686 -71.58 -17.95 -44.26
CA GLU D 686 -71.01 -18.88 -43.29
C GLU D 686 -70.70 -18.18 -41.97
N TYR D 687 -70.10 -16.99 -42.05
CA TYR D 687 -69.80 -16.23 -40.84
C TYR D 687 -71.08 -15.84 -40.10
N LEU D 688 -72.13 -15.46 -40.84
CA LEU D 688 -73.38 -15.07 -40.21
C LEU D 688 -74.05 -16.24 -39.50
N VAL D 689 -74.07 -17.41 -40.15
CA VAL D 689 -74.66 -18.57 -39.48
C VAL D 689 -73.82 -18.99 -38.28
N GLY D 690 -72.49 -18.84 -38.39
CA GLY D 690 -71.64 -19.07 -37.23
C GLY D 690 -72.01 -18.17 -36.07
N ILE D 691 -72.20 -16.88 -36.35
CA ILE D 691 -72.59 -15.93 -35.31
C ILE D 691 -73.94 -16.32 -34.72
N ALA D 692 -74.88 -16.70 -35.58
CA ALA D 692 -76.22 -17.07 -35.11
C ALA D 692 -76.17 -18.27 -34.18
N GLU D 693 -75.41 -19.30 -34.57
CA GLU D 693 -75.31 -20.48 -33.71
C GLU D 693 -74.55 -20.17 -32.42
N GLU D 694 -73.57 -19.28 -32.47
CA GLU D 694 -72.90 -18.86 -31.25
C GLU D 694 -73.89 -18.16 -30.31
N ILE D 695 -74.74 -17.29 -30.86
CA ILE D 695 -75.75 -16.62 -30.06
C ILE D 695 -76.69 -17.64 -29.44
N THR D 696 -77.14 -18.61 -30.24
CA THR D 696 -78.07 -19.61 -29.74
C THR D 696 -77.44 -20.43 -28.62
N LYS D 697 -76.18 -20.85 -28.80
CA LYS D 697 -75.52 -21.61 -27.75
C LYS D 697 -75.34 -20.78 -26.49
N GLN D 698 -74.95 -19.51 -26.65
CA GLN D 698 -74.69 -18.67 -25.49
C GLN D 698 -75.96 -18.42 -24.68
N PHE D 699 -77.08 -18.13 -25.34
CA PHE D 699 -78.26 -17.64 -24.64
C PHE D 699 -79.32 -18.71 -24.40
N SER D 700 -79.26 -19.85 -25.09
CA SER D 700 -80.21 -20.92 -24.82
C SER D 700 -79.86 -21.65 -23.53
N ALA D 701 -78.57 -21.92 -23.31
CA ALA D 701 -78.15 -22.62 -22.10
C ALA D 701 -78.24 -21.69 -20.88
N ASN D 702 -78.43 -22.29 -19.71
CA ASN D 702 -78.50 -21.51 -18.49
C ASN D 702 -77.20 -20.79 -18.25
N GLY D 703 -76.07 -21.50 -18.40
CA GLY D 703 -74.79 -20.88 -18.15
C GLY D 703 -74.54 -19.71 -19.09
N MET D 704 -73.85 -18.69 -18.57
CA MET D 704 -73.55 -17.50 -19.36
C MET D 704 -72.29 -16.85 -18.81
N ASN D 705 -71.34 -16.56 -19.70
CA ASN D 705 -70.11 -15.88 -19.33
C ASN D 705 -70.36 -14.39 -19.48
N VAL D 706 -69.81 -13.57 -18.60
CA VAL D 706 -70.09 -12.14 -18.60
C VAL D 706 -69.20 -11.40 -19.60
N VAL D 707 -67.88 -11.50 -19.43
CA VAL D 707 -66.96 -10.75 -20.28
C VAL D 707 -67.08 -11.22 -21.73
N PHE D 708 -67.27 -12.54 -21.92
CA PHE D 708 -67.44 -13.13 -23.27
C PHE D 708 -68.73 -12.59 -23.87
N TYR D 709 -69.81 -12.48 -23.10
CA TYR D 709 -71.04 -11.93 -23.61
C TYR D 709 -70.86 -10.46 -24.00
N THR D 710 -70.13 -9.70 -23.20
CA THR D 710 -69.97 -8.25 -23.45
C THR D 710 -69.11 -8.02 -24.70
N GLN D 711 -68.05 -8.81 -24.91
CA GLN D 711 -67.20 -8.64 -26.09
C GLN D 711 -67.75 -9.29 -27.34
N PHE D 712 -68.78 -10.14 -27.21
CA PHE D 712 -69.37 -10.82 -28.36
C PHE D 712 -70.66 -10.18 -28.85
N ILE D 713 -71.42 -9.55 -27.94
CA ILE D 713 -72.71 -8.98 -28.32
C ILE D 713 -72.53 -7.84 -29.31
N SER D 714 -71.49 -7.02 -29.12
CA SER D 714 -71.26 -5.91 -30.04
C SER D 714 -70.98 -6.40 -31.44
N GLU D 715 -70.10 -7.41 -31.56
CA GLU D 715 -69.79 -7.96 -32.88
C GLU D 715 -71.02 -8.59 -33.51
N ALA D 716 -71.80 -9.34 -32.72
CA ALA D 716 -72.99 -9.97 -33.28
C ALA D 716 -73.99 -8.93 -33.78
N LYS D 717 -74.23 -7.88 -32.98
CA LYS D 717 -75.15 -6.84 -33.39
C LYS D 717 -74.66 -6.12 -34.64
N ALA D 718 -73.36 -5.81 -34.70
CA ALA D 718 -72.82 -5.14 -35.88
C ALA D 718 -72.96 -6.00 -37.13
N ALA D 719 -72.66 -7.30 -37.00
CA ALA D 719 -72.78 -8.18 -38.15
C ALA D 719 -74.23 -8.29 -38.61
N LEU D 720 -75.17 -8.42 -37.68
CA LEU D 720 -76.58 -8.52 -38.06
C LEU D 720 -77.06 -7.23 -38.71
N TYR D 721 -76.61 -6.08 -38.19
CA TYR D 721 -76.99 -4.80 -38.80
C TYR D 721 -76.42 -4.66 -40.20
N PHE D 722 -75.17 -5.09 -40.39
CA PHE D 722 -74.49 -4.93 -41.67
C PHE D 722 -74.87 -5.99 -42.71
N ALA D 723 -75.54 -7.05 -42.28
CA ALA D 723 -75.94 -8.11 -43.21
C ALA D 723 -77.06 -7.67 -44.17
N LYS D 724 -77.50 -6.41 -44.17
CA LYS D 724 -78.55 -6.00 -45.09
C LYS D 724 -78.08 -5.96 -46.53
N TYR D 725 -76.78 -5.73 -46.75
CA TYR D 725 -76.23 -5.54 -48.09
C TYR D 725 -75.67 -6.83 -48.68
N VAL D 726 -76.16 -7.99 -48.23
CA VAL D 726 -75.69 -9.27 -48.73
C VAL D 726 -76.90 -10.17 -49.01
N LYS D 727 -76.68 -11.15 -49.87
CA LYS D 727 -77.71 -12.12 -50.24
C LYS D 727 -77.50 -13.38 -49.41
N LEU D 728 -78.60 -13.94 -48.91
CA LEU D 728 -78.57 -15.10 -48.04
C LEU D 728 -79.49 -16.19 -48.57
N SER D 729 -79.15 -17.43 -48.25
CA SER D 729 -79.98 -18.57 -48.65
C SER D 729 -81.20 -18.68 -47.73
N GLU D 730 -82.17 -19.48 -48.16
CA GLU D 730 -83.41 -19.61 -47.40
C GLU D 730 -83.14 -20.22 -46.03
N GLU D 731 -82.38 -21.32 -45.98
CA GLU D 731 -82.11 -21.97 -44.70
C GLU D 731 -81.28 -21.06 -43.78
N GLY D 732 -80.25 -20.42 -44.31
CA GLY D 732 -79.43 -19.54 -43.50
C GLY D 732 -80.22 -18.32 -43.02
N LEU D 733 -81.06 -17.77 -43.90
CA LEU D 733 -81.91 -16.66 -43.49
C LEU D 733 -82.86 -17.09 -42.39
N GLY D 734 -83.42 -18.29 -42.49
CA GLY D 734 -84.29 -18.80 -41.44
C GLY D 734 -83.56 -18.93 -40.11
N LYS D 735 -82.35 -19.49 -40.13
CA LYS D 735 -81.58 -19.62 -38.89
C LYS D 735 -81.28 -18.25 -38.30
N ILE D 736 -80.89 -17.29 -39.14
CA ILE D 736 -80.56 -15.95 -38.65
C ILE D 736 -81.79 -15.30 -38.05
N VAL D 737 -82.93 -15.39 -38.72
CA VAL D 737 -84.15 -14.77 -38.20
C VAL D 737 -84.57 -15.41 -36.88
N LYS D 738 -84.48 -16.75 -36.80
CA LYS D 738 -84.83 -17.43 -35.56
C LYS D 738 -83.92 -16.98 -34.42
N ALA D 739 -82.61 -16.92 -34.68
CA ALA D 739 -81.68 -16.48 -33.64
C ALA D 739 -81.96 -15.05 -33.21
N LEU D 740 -82.24 -14.17 -34.17
CA LEU D 740 -82.52 -12.77 -33.84
C LEU D 740 -83.78 -12.64 -33.00
N LEU D 741 -84.86 -13.30 -33.43
CA LEU D 741 -86.16 -13.10 -32.79
C LEU D 741 -86.25 -13.79 -31.43
N PHE D 742 -85.74 -15.02 -31.33
CA PHE D 742 -86.00 -15.85 -30.16
C PHE D 742 -84.87 -15.88 -29.14
N TYR D 743 -83.61 -15.76 -29.57
CA TYR D 743 -82.48 -15.98 -28.68
C TYR D 743 -81.63 -14.74 -28.43
N PHE D 744 -81.86 -13.64 -29.11
CA PHE D 744 -81.13 -12.41 -28.80
C PHE D 744 -81.72 -11.76 -27.55
N PRO D 745 -80.92 -11.43 -26.55
CA PRO D 745 -81.48 -10.91 -25.30
C PRO D 745 -82.24 -9.61 -25.52
N GLU D 746 -83.34 -9.45 -24.78
CA GLU D 746 -84.10 -8.21 -24.84
C GLU D 746 -83.32 -7.03 -24.28
N ARG D 747 -82.32 -7.29 -23.42
CA ARG D 747 -81.54 -6.21 -22.85
C ARG D 747 -80.82 -5.40 -23.92
N ASP D 748 -80.36 -6.08 -24.99
CA ASP D 748 -79.62 -5.42 -26.06
C ASP D 748 -80.43 -5.17 -27.32
N LEU D 749 -81.59 -5.80 -27.46
CA LEU D 749 -82.44 -5.61 -28.65
C LEU D 749 -83.89 -5.67 -28.20
N ASP D 750 -84.50 -4.50 -28.04
CA ASP D 750 -85.90 -4.42 -27.66
C ASP D 750 -86.78 -4.83 -28.84
N ILE D 751 -88.10 -4.78 -28.63
CA ILE D 751 -89.03 -5.19 -29.67
C ILE D 751 -88.91 -4.29 -30.89
N GLY D 752 -88.79 -2.98 -30.68
CA GLY D 752 -88.67 -2.07 -31.82
C GLY D 752 -87.39 -2.28 -32.60
N LYS D 753 -86.27 -2.39 -31.89
CA LYS D 753 -85.00 -2.65 -32.57
C LYS D 753 -85.00 -4.04 -33.22
N ARG D 754 -85.67 -5.01 -32.59
CA ARG D 754 -85.82 -6.32 -33.21
C ARG D 754 -86.56 -6.21 -34.53
N TYR D 755 -87.65 -5.43 -34.55
CA TYR D 755 -88.38 -5.23 -35.80
C TYR D 755 -87.53 -4.54 -36.84
N VAL D 756 -86.75 -3.53 -36.43
CA VAL D 756 -85.89 -2.82 -37.37
C VAL D 756 -84.88 -3.78 -37.99
N TRP D 757 -84.24 -4.60 -37.14
CA TRP D 757 -83.26 -5.57 -37.63
C TRP D 757 -83.90 -6.57 -38.58
N LEU D 758 -85.08 -7.09 -38.23
CA LEU D 758 -85.75 -8.05 -39.08
C LEU D 758 -86.14 -7.44 -40.42
N GLU D 759 -86.65 -6.20 -40.39
CA GLU D 759 -87.07 -5.55 -41.63
C GLU D 759 -85.88 -5.22 -42.53
N ARG D 760 -84.73 -4.87 -41.93
CA ARG D 760 -83.57 -4.54 -42.75
C ARG D 760 -83.13 -5.71 -43.62
N LEU D 761 -83.38 -6.94 -43.16
CA LEU D 761 -82.96 -8.11 -43.92
C LEU D 761 -83.87 -8.41 -45.11
N THR D 762 -85.09 -7.88 -45.12
CA THR D 762 -86.02 -8.14 -46.20
C THR D 762 -85.79 -7.24 -47.42
N LYS D 763 -84.94 -6.23 -47.31
CA LYS D 763 -84.72 -5.32 -48.43
C LYS D 763 -84.09 -6.04 -49.61
N CYS D 764 -83.13 -6.93 -49.35
CA CYS D 764 -82.42 -7.63 -50.43
C CYS D 764 -83.04 -8.98 -50.77
N ASN D 765 -83.77 -9.59 -49.84
CA ASN D 765 -84.35 -10.91 -50.04
C ASN D 765 -85.87 -10.89 -49.89
N GLU D 766 -86.59 -11.32 -50.92
CA GLU D 766 -88.05 -11.39 -50.82
C GLU D 766 -88.44 -12.38 -49.73
N LEU D 767 -89.46 -12.02 -48.97
CA LEU D 767 -89.83 -12.82 -47.80
C LEU D 767 -90.41 -14.16 -48.24
N PRO D 768 -89.82 -15.30 -47.83
CA PRO D 768 -90.44 -16.60 -48.14
C PRO D 768 -91.42 -17.02 -47.06
N LYS D 769 -92.02 -18.22 -47.22
CA LYS D 769 -93.02 -18.67 -46.27
C LYS D 769 -92.42 -19.13 -44.96
N SER D 770 -91.16 -19.61 -44.97
CA SER D 770 -90.55 -20.11 -43.75
C SER D 770 -90.40 -19.01 -42.70
N ILE D 771 -89.87 -17.85 -43.12
CA ILE D 771 -89.72 -16.75 -42.17
C ILE D 771 -91.08 -16.19 -41.77
N ILE D 772 -92.06 -16.25 -42.67
CA ILE D 772 -93.41 -15.84 -42.29
C ILE D 772 -93.94 -16.73 -41.18
N SER D 773 -93.73 -18.05 -41.29
CA SER D 773 -94.15 -18.96 -40.24
C SER D 773 -93.39 -18.70 -38.94
N ILE D 774 -92.09 -18.38 -39.04
CA ILE D 774 -91.31 -18.07 -37.85
C ILE D 774 -91.88 -16.84 -37.16
N ILE D 775 -92.19 -15.80 -37.93
CA ILE D 775 -92.74 -14.58 -37.35
C ILE D 775 -94.12 -14.86 -36.76
N ASP D 776 -94.90 -15.73 -37.39
CA ASP D 776 -96.20 -16.11 -36.83
C ASP D 776 -96.04 -16.81 -35.49
N ASP D 777 -95.05 -17.71 -35.39
CA ASP D 777 -94.78 -18.37 -34.12
C ASP D 777 -94.35 -17.37 -33.05
N PHE D 778 -93.50 -16.41 -33.44
CA PHE D 778 -93.10 -15.38 -32.49
C PHE D 778 -94.30 -14.55 -32.03
N LEU D 779 -95.20 -14.22 -32.95
CA LEU D 779 -96.39 -13.46 -32.59
C LEU D 779 -97.29 -14.26 -31.66
N VAL D 780 -97.43 -15.56 -31.91
CA VAL D 780 -98.23 -16.40 -31.03
C VAL D 780 -97.62 -16.44 -29.63
N LEU D 781 -96.30 -16.57 -29.55
CA LEU D 781 -95.63 -16.59 -28.25
C LEU D 781 -95.82 -15.25 -27.53
N GLN D 782 -95.71 -14.14 -28.27
CA GLN D 782 -95.91 -12.83 -27.65
C GLN D 782 -97.34 -12.68 -27.15
N ALA D 783 -98.32 -13.16 -27.91
CA ALA D 783 -99.70 -13.10 -27.47
C ALA D 783 -99.90 -13.93 -26.20
N GLU D 784 -99.31 -15.12 -26.16
CA GLU D 784 -99.41 -15.95 -24.96
C GLU D 784 -98.73 -15.28 -23.77
N LYS D 785 -97.68 -14.49 -24.02
CA LYS D 785 -97.01 -13.78 -22.94
C LYS D 785 -97.93 -12.79 -22.24
N HIS D 786 -99.01 -12.37 -22.87
CA HIS D 786 -99.88 -11.32 -22.36
C HIS D 786 -100.97 -11.83 -21.43
N ILE D 787 -101.00 -13.13 -21.12
CA ILE D 787 -101.99 -13.66 -20.19
C ILE D 787 -101.84 -13.00 -18.84
N ASP D 788 -100.60 -12.86 -18.36
CA ASP D 788 -100.35 -12.17 -17.11
C ASP D 788 -100.66 -10.68 -17.25
N GLN D 789 -101.34 -10.13 -16.24
CA GLN D 789 -101.72 -8.72 -16.28
C GLN D 789 -100.49 -7.81 -16.27
N ASN D 790 -99.52 -8.11 -15.42
CA ASN D 790 -98.36 -7.24 -15.28
C ASN D 790 -97.55 -7.08 -16.56
N TYR D 791 -97.61 -8.05 -17.46
CA TYR D 791 -96.79 -8.00 -18.67
C TYR D 791 -97.18 -6.79 -19.52
N SER D 792 -96.17 -6.17 -20.13
CA SER D 792 -96.38 -5.02 -21.00
C SER D 792 -95.14 -4.81 -21.84
N GLU D 793 -95.32 -4.70 -23.16
CA GLU D 793 -94.20 -4.51 -24.06
C GLU D 793 -93.54 -3.15 -23.82
N VAL D 794 -92.23 -3.10 -24.01
CA VAL D 794 -91.45 -1.88 -23.87
C VAL D 794 -90.60 -1.71 -25.13
N SER D 795 -90.71 -0.56 -25.78
CA SER D 795 -89.97 -0.26 -26.99
C SER D 795 -89.38 1.14 -26.91
N SER D 796 -88.29 1.35 -27.65
CA SER D 796 -87.59 2.62 -27.65
C SER D 796 -88.00 3.53 -28.81
N ASN D 797 -88.85 3.03 -29.71
CA ASN D 797 -89.24 3.82 -30.88
C ASN D 797 -90.73 3.67 -31.23
N GLY D 798 -91.52 3.12 -30.32
CA GLY D 798 -92.94 3.01 -30.55
C GLY D 798 -93.35 1.94 -31.53
N LEU D 799 -92.51 0.95 -31.78
CA LEU D 799 -92.81 -0.16 -32.68
C LEU D 799 -93.12 -1.40 -31.85
N TYR D 800 -94.19 -2.10 -32.22
CA TYR D 800 -94.67 -3.25 -31.45
C TYR D 800 -95.11 -4.34 -32.42
N SER D 801 -95.83 -5.33 -31.88
CA SER D 801 -96.24 -6.49 -32.68
C SER D 801 -97.12 -6.08 -33.86
N ARG D 802 -97.81 -4.95 -33.75
CA ARG D 802 -98.60 -4.47 -34.88
C ARG D 802 -97.73 -4.25 -36.11
N ASP D 803 -96.49 -3.79 -35.90
CA ASP D 803 -95.56 -3.63 -37.02
C ASP D 803 -95.22 -4.98 -37.63
N TYR D 804 -95.03 -6.01 -36.81
CA TYR D 804 -94.77 -7.35 -37.34
C TYR D 804 -95.95 -7.85 -38.16
N GLY D 805 -97.17 -7.64 -37.66
CA GLY D 805 -98.34 -8.05 -38.42
C GLY D 805 -98.46 -7.32 -39.74
N ALA D 806 -98.20 -6.01 -39.73
CA ALA D 806 -98.23 -5.23 -40.97
C ALA D 806 -97.18 -5.73 -41.94
N LEU D 807 -95.98 -6.05 -41.45
CA LEU D 807 -94.94 -6.58 -42.32
C LEU D 807 -95.37 -7.92 -42.92
N ILE D 808 -96.00 -8.78 -42.12
CA ILE D 808 -96.47 -10.07 -42.63
C ILE D 808 -97.50 -9.85 -43.72
N LYS D 809 -98.46 -8.95 -43.48
CA LYS D 809 -99.53 -8.74 -44.45
C LYS D 809 -99.06 -7.99 -45.69
N HIS D 810 -97.94 -7.26 -45.60
CA HIS D 810 -97.47 -6.49 -46.74
C HIS D 810 -97.06 -7.40 -47.90
N PHE D 811 -96.39 -8.51 -47.59
CA PHE D 811 -95.91 -9.43 -48.62
C PHE D 811 -96.90 -10.54 -48.95
N GLU D 812 -97.84 -10.81 -48.06
CA GLU D 812 -98.88 -11.81 -48.29
C GLU D 812 -100.23 -11.19 -47.95
N LYS D 813 -100.95 -10.74 -48.97
CA LYS D 813 -102.22 -10.08 -48.75
C LYS D 813 -103.23 -11.02 -48.09
N ASN D 814 -103.23 -12.27 -48.56
CA ASN D 814 -104.17 -13.27 -48.03
C ASN D 814 -103.44 -14.17 -47.05
N PHE D 815 -103.61 -13.91 -45.76
CA PHE D 815 -102.96 -14.70 -44.73
C PHE D 815 -103.87 -14.77 -43.51
N ILE D 816 -104.06 -15.97 -42.98
CA ILE D 816 -104.85 -16.19 -41.77
C ILE D 816 -104.04 -17.06 -40.81
N SER D 817 -103.93 -16.61 -39.57
CA SER D 817 -103.20 -17.35 -38.55
C SER D 817 -104.16 -18.28 -37.83
N LYS D 818 -103.95 -19.59 -37.96
CA LYS D 818 -104.87 -20.56 -37.39
C LYS D 818 -104.76 -20.60 -35.87
N ARG D 819 -103.53 -20.56 -35.35
CA ARG D 819 -103.35 -20.58 -33.90
C ARG D 819 -103.96 -19.33 -33.25
N LEU D 820 -103.74 -18.16 -33.85
CA LEU D 820 -104.39 -16.96 -33.34
C LEU D 820 -105.90 -17.04 -33.48
N SER D 821 -106.39 -17.66 -34.56
CA SER D 821 -107.83 -17.80 -34.74
C SER D 821 -108.43 -18.63 -33.60
N GLU D 822 -107.85 -19.79 -33.32
CA GLU D 822 -108.37 -20.63 -32.24
C GLU D 822 -108.15 -19.99 -30.88
N ILE D 823 -107.12 -19.15 -30.74
CA ILE D 823 -106.97 -18.36 -29.52
C ILE D 823 -108.15 -17.42 -29.36
N THR D 824 -108.53 -16.74 -30.45
CA THR D 824 -109.68 -15.84 -30.41
C THR D 824 -110.96 -16.58 -30.07
N LEU D 825 -111.18 -17.73 -30.69
CA LEU D 825 -112.41 -18.48 -30.44
C LEU D 825 -112.53 -18.93 -28.99
N CYS D 826 -111.40 -19.09 -28.30
CA CYS D 826 -111.41 -19.45 -26.88
C CYS D 826 -111.38 -18.19 -26.02
N LEU D 827 -111.24 -17.03 -26.63
CA LEU D 827 -111.13 -15.78 -25.89
C LEU D 827 -112.43 -15.47 -25.14
N THR D 828 -112.30 -14.75 -24.04
CA THR D 828 -113.42 -14.38 -23.19
C THR D 828 -113.32 -12.91 -22.80
N GLN D 829 -114.39 -12.41 -22.18
CA GLN D 829 -114.49 -10.98 -21.88
C GLN D 829 -113.43 -10.53 -20.88
N ASP D 830 -113.23 -11.31 -19.81
CA ASP D 830 -112.36 -10.86 -18.73
C ASP D 830 -110.91 -10.69 -19.17
N LYS D 831 -110.52 -11.28 -20.29
CA LYS D 831 -109.16 -11.16 -20.80
C LYS D 831 -109.01 -9.86 -21.61
N GLN D 832 -109.23 -8.74 -20.92
CA GLN D 832 -109.25 -7.44 -21.58
C GLN D 832 -107.92 -7.14 -22.26
N LYS D 833 -106.81 -7.49 -21.61
CA LYS D 833 -105.51 -7.28 -22.22
C LYS D 833 -105.39 -8.07 -23.53
N GLN D 834 -105.89 -9.31 -23.54
CA GLN D 834 -105.88 -10.08 -24.78
C GLN D 834 -106.83 -9.47 -25.81
N ILE D 835 -107.97 -8.93 -25.37
CA ILE D 835 -108.86 -8.23 -26.29
C ILE D 835 -108.10 -7.12 -26.99
N ASP D 836 -107.38 -6.30 -26.22
CA ASP D 836 -106.64 -5.18 -26.80
C ASP D 836 -105.53 -5.68 -27.72
N PHE D 837 -104.79 -6.71 -27.30
CA PHE D 837 -103.67 -7.19 -28.09
C PHE D 837 -104.14 -7.76 -29.43
N LEU D 838 -105.17 -8.60 -29.41
CA LEU D 838 -105.65 -9.22 -30.64
C LEU D 838 -106.52 -8.28 -31.47
N PHE D 839 -106.98 -7.17 -30.88
CA PHE D 839 -107.56 -6.10 -31.70
C PHE D 839 -106.50 -5.51 -32.62
N LYS D 840 -105.27 -5.36 -32.13
CA LYS D 840 -104.19 -4.83 -32.94
C LYS D 840 -103.86 -5.72 -34.12
N LEU D 841 -104.18 -7.01 -34.05
CA LEU D 841 -103.88 -7.99 -35.08
C LEU D 841 -105.16 -8.50 -35.73
N LEU D 842 -106.12 -7.60 -35.96
CA LEU D 842 -107.39 -8.02 -36.55
C LEU D 842 -107.23 -8.64 -37.93
N PRO D 843 -106.46 -8.07 -38.86
CA PRO D 843 -106.41 -8.65 -40.21
C PRO D 843 -105.96 -10.10 -40.25
N LEU D 844 -105.06 -10.51 -39.35
CA LEU D 844 -104.57 -11.88 -39.37
C LEU D 844 -105.59 -12.89 -38.88
N LEU D 845 -106.70 -12.45 -38.29
CA LEU D 845 -107.70 -13.37 -37.79
C LEU D 845 -108.65 -13.81 -38.91
N SER D 846 -109.39 -14.88 -38.64
CA SER D 846 -110.34 -15.43 -39.59
C SER D 846 -111.67 -14.67 -39.50
N THR D 847 -112.61 -15.03 -40.37
CA THR D 847 -113.90 -14.35 -40.41
C THR D 847 -114.65 -14.53 -39.09
N ASN D 848 -114.76 -15.76 -38.62
CA ASN D 848 -115.45 -16.02 -37.37
C ASN D 848 -114.69 -15.41 -36.20
N ALA D 849 -113.36 -15.48 -36.24
CA ALA D 849 -112.55 -14.89 -35.19
C ALA D 849 -112.73 -13.38 -35.12
N LYS D 850 -112.67 -12.70 -36.27
CA LYS D 850 -112.82 -11.25 -36.25
C LYS D 850 -114.23 -10.85 -35.85
N SER D 851 -115.24 -11.60 -36.30
CA SER D 851 -116.61 -11.30 -35.89
C SER D 851 -116.75 -11.41 -34.38
N HIS D 852 -116.22 -12.49 -33.80
CA HIS D 852 -116.32 -12.67 -32.35
C HIS D 852 -115.58 -11.57 -31.61
N LEU D 853 -114.39 -11.20 -32.10
CA LEU D 853 -113.63 -10.15 -31.43
C LEU D 853 -114.35 -8.81 -31.49
N LEU D 854 -114.90 -8.46 -32.66
CA LEU D 854 -115.64 -7.21 -32.80
C LEU D 854 -116.93 -7.22 -32.01
N SER D 855 -117.49 -8.40 -31.73
CA SER D 855 -118.69 -8.46 -30.90
C SER D 855 -118.43 -8.02 -29.46
N PHE D 856 -117.16 -7.90 -29.06
CA PHE D 856 -116.80 -7.52 -27.69
C PHE D 856 -116.58 -6.02 -27.54
N LYS D 857 -116.76 -5.23 -28.59
CA LYS D 857 -116.54 -3.79 -28.52
C LYS D 857 -117.49 -3.09 -29.48
N SER D 858 -117.72 -1.80 -29.22
CA SER D 858 -118.62 -0.99 -30.03
C SER D 858 -118.21 0.47 -29.90
N VAL D 859 -118.74 1.29 -30.80
CA VAL D 859 -118.46 2.72 -30.84
C VAL D 859 -119.78 3.45 -30.59
N GLU D 860 -119.75 4.42 -29.67
CA GLU D 860 -120.93 5.17 -29.29
C GLU D 860 -120.77 6.68 -29.38
N ASN D 861 -119.55 7.18 -29.52
CA ASN D 861 -119.35 8.61 -29.63
C ASN D 861 -118.14 8.93 -30.49
N ILE D 862 -117.89 10.21 -30.71
CA ILE D 862 -116.79 10.60 -31.58
C ILE D 862 -115.45 10.23 -30.98
N ASN D 863 -115.33 10.31 -29.65
CA ASN D 863 -114.10 9.92 -28.99
C ASN D 863 -113.87 8.44 -29.18
N ASP D 864 -114.91 7.64 -28.99
CA ASP D 864 -114.79 6.19 -29.22
C ASP D 864 -114.45 5.90 -30.67
N LEU D 865 -115.01 6.67 -31.61
CA LEU D 865 -114.68 6.48 -33.01
C LEU D 865 -113.20 6.73 -33.26
N MET D 866 -112.67 7.83 -32.70
CA MET D 866 -111.26 8.13 -32.88
C MET D 866 -110.37 7.06 -32.23
N ASN D 867 -110.79 6.57 -31.07
CA ASN D 867 -110.01 5.55 -30.37
C ASN D 867 -110.02 4.25 -31.16
N GLY D 868 -111.14 3.90 -31.78
CA GLY D 868 -111.21 2.71 -32.62
C GLY D 868 -110.39 2.84 -33.88
N ILE D 869 -110.44 4.01 -34.52
CA ILE D 869 -109.65 4.23 -35.73
C ILE D 869 -108.16 4.15 -35.41
N ARG D 870 -107.74 4.78 -34.31
CA ARG D 870 -106.35 4.69 -33.87
C ARG D 870 -106.00 3.25 -33.51
N ILE D 871 -106.72 2.68 -32.54
CA ILE D 871 -106.55 1.30 -32.12
C ILE D 871 -107.90 0.60 -32.26
N GLY D 872 -107.99 -0.34 -33.19
CA GLY D 872 -109.24 -1.03 -33.46
C GLY D 872 -109.45 -1.25 -34.95
N LEU D 873 -108.82 -0.41 -35.77
CA LEU D 873 -108.85 -0.54 -37.23
C LEU D 873 -110.29 -0.51 -37.77
N ILE D 874 -110.94 0.64 -37.56
CA ILE D 874 -112.24 0.90 -38.16
C ILE D 874 -111.98 1.32 -39.61
N ASP D 875 -112.12 0.36 -40.54
CA ASP D 875 -111.69 0.60 -41.91
C ASP D 875 -112.61 1.58 -42.64
N GLU D 876 -113.92 1.47 -42.44
CA GLU D 876 -114.90 2.24 -43.20
C GLU D 876 -115.75 3.09 -42.26
N PHE D 877 -116.12 4.28 -42.73
CA PHE D 877 -116.98 5.18 -41.97
C PHE D 877 -118.43 4.82 -42.25
N THR D 878 -119.11 4.26 -41.24
CA THR D 878 -120.52 3.93 -41.40
C THR D 878 -121.35 5.21 -41.45
N PRO D 879 -122.55 5.15 -42.03
CA PRO D 879 -123.39 6.37 -42.07
C PRO D 879 -123.65 6.95 -40.70
N GLU D 880 -123.86 6.11 -39.69
CA GLU D 880 -124.09 6.62 -38.34
C GLU D 880 -122.87 7.35 -37.82
N HIS D 881 -121.67 6.86 -38.15
CA HIS D 881 -120.45 7.57 -37.78
C HIS D 881 -120.42 8.95 -38.42
N GLU D 882 -120.85 9.05 -39.68
CA GLU D 882 -120.94 10.36 -40.33
C GLU D 882 -121.95 11.24 -39.62
N GLU D 883 -123.04 10.66 -39.14
CA GLU D 883 -124.00 11.44 -38.36
C GLU D 883 -123.38 11.99 -37.08
N LEU D 884 -122.59 11.15 -36.39
CA LEU D 884 -121.89 11.65 -35.20
C LEU D 884 -120.93 12.77 -35.56
N ILE D 885 -120.22 12.63 -36.67
CA ILE D 885 -119.29 13.67 -37.11
C ILE D 885 -120.04 14.97 -37.37
N ILE D 886 -121.18 14.90 -38.06
CA ILE D 886 -121.96 16.09 -38.36
C ILE D 886 -122.47 16.72 -37.07
N GLU D 887 -122.95 15.90 -36.13
CA GLU D 887 -123.44 16.45 -34.86
C GLU D 887 -122.31 17.15 -34.11
N TYR D 888 -121.13 16.55 -34.08
CA TYR D 888 -120.00 17.18 -33.41
C TYR D 888 -119.64 18.50 -34.10
N LEU D 889 -119.68 18.51 -35.43
CA LEU D 889 -119.35 19.74 -36.16
C LEU D 889 -120.36 20.85 -35.87
N GLU D 890 -121.64 20.51 -35.80
CA GLU D 890 -122.65 21.51 -35.46
C GLU D 890 -122.47 22.02 -34.03
N THR D 891 -122.18 21.10 -33.10
CA THR D 891 -121.92 21.52 -31.72
C THR D 891 -120.72 22.46 -31.66
N ARG D 892 -119.66 22.14 -32.39
CA ARG D 892 -118.50 23.02 -32.44
C ARG D 892 -118.82 24.34 -33.11
N LYS D 893 -119.73 24.35 -34.09
CA LYS D 893 -120.16 25.61 -34.69
C LYS D 893 -120.84 26.49 -33.66
N VAL D 894 -121.74 25.90 -32.87
CA VAL D 894 -122.42 26.67 -31.81
C VAL D 894 -121.39 27.19 -30.80
N ASN D 895 -120.45 26.32 -30.44
CA ASN D 895 -119.42 26.71 -29.48
C ASN D 895 -118.57 27.83 -30.03
N TYR D 896 -118.29 27.79 -31.34
CA TYR D 896 -117.46 28.82 -31.96
C TYR D 896 -118.19 30.14 -32.07
N ILE D 897 -119.52 30.11 -32.29
CA ILE D 897 -120.29 31.34 -32.25
C ILE D 897 -120.25 31.93 -30.85
N VAL D 898 -120.45 31.09 -29.83
CA VAL D 898 -120.37 31.59 -28.46
C VAL D 898 -118.97 32.08 -28.14
N GLU D 899 -117.95 31.52 -28.80
CA GLU D 899 -116.59 31.98 -28.60
C GLU D 899 -116.36 33.33 -29.25
N LYS D 900 -116.89 33.53 -30.46
CA LYS D 900 -116.90 34.86 -31.06
C LYS D 900 -117.51 35.86 -30.10
N GLU D 901 -118.62 35.48 -29.46
CA GLU D 901 -119.19 36.33 -28.43
C GLU D 901 -118.21 36.55 -27.28
N LYS D 902 -117.52 35.49 -26.84
CA LYS D 902 -116.54 35.62 -25.77
C LYS D 902 -115.33 36.43 -26.21
N GLY D 903 -114.75 36.08 -27.35
CA GLY D 903 -113.49 36.68 -27.77
C GLY D 903 -112.28 36.17 -27.02
N ILE D 904 -112.38 35.02 -26.38
CA ILE D 904 -111.30 34.45 -25.57
C ILE D 904 -111.13 32.98 -25.93
N GLN D 905 -109.86 32.53 -25.97
CA GLN D 905 -109.54 31.12 -26.23
C GLN D 905 -108.30 30.78 -25.42
N THR D 906 -108.47 29.95 -24.39
CA THR D 906 -107.39 29.62 -23.47
C THR D 906 -106.24 28.88 -24.18
N PHE D 907 -106.51 27.68 -24.66
CA PHE D 907 -105.47 26.83 -25.24
C PHE D 907 -106.14 25.70 -26.00
N SER D 908 -105.33 25.00 -26.80
CA SER D 908 -105.77 23.84 -27.55
C SER D 908 -104.70 22.76 -27.48
N SER D 909 -105.12 21.50 -27.61
CA SER D 909 -104.23 20.36 -27.54
C SER D 909 -104.15 19.61 -28.86
N ASN D 910 -105.32 19.21 -29.39
CA ASN D 910 -105.38 18.47 -30.64
C ASN D 910 -106.50 19.00 -31.50
N ASP D 911 -106.39 18.85 -32.81
CA ASP D 911 -107.40 19.35 -33.75
C ASP D 911 -108.08 18.16 -34.42
N TYR D 912 -109.34 17.92 -34.05
CA TYR D 912 -110.15 16.91 -34.75
C TYR D 912 -110.64 17.43 -36.09
N MET D 913 -110.85 18.75 -36.20
CA MET D 913 -111.34 19.33 -37.44
C MET D 913 -110.36 19.10 -38.58
N SER D 914 -109.06 19.24 -38.30
CA SER D 914 -108.05 18.99 -39.34
C SER D 914 -108.11 17.54 -39.80
N THR D 915 -108.27 16.60 -38.87
CA THR D 915 -108.37 15.19 -39.24
C THR D 915 -109.59 14.94 -40.12
N PHE D 916 -110.74 15.51 -39.74
CA PHE D 916 -111.94 15.33 -40.56
C PHE D 916 -111.77 15.94 -41.95
N GLY D 917 -111.15 17.13 -42.02
CA GLY D 917 -110.92 17.74 -43.31
C GLY D 917 -109.98 16.91 -44.19
N ILE D 918 -108.93 16.36 -43.60
CA ILE D 918 -108.02 15.51 -44.34
C ILE D 918 -108.74 14.26 -44.85
N TRP D 919 -109.57 13.66 -43.99
CA TRP D 919 -110.33 12.48 -44.41
C TRP D 919 -111.27 12.82 -45.56
N TYR D 920 -111.94 13.97 -45.50
CA TYR D 920 -112.80 14.38 -46.60
C TYR D 920 -111.99 14.60 -47.87
N PHE D 921 -110.80 15.21 -47.74
CA PHE D 921 -109.94 15.42 -48.90
C PHE D 921 -109.50 14.09 -49.50
N LEU D 922 -109.24 13.09 -48.65
CA LEU D 922 -108.83 11.77 -49.10
C LEU D 922 -109.99 10.90 -49.57
N GLU D 923 -111.18 11.48 -49.74
CA GLU D 923 -112.36 10.75 -50.21
C GLU D 923 -112.70 9.60 -49.25
N GLU D 924 -112.74 9.92 -47.96
CA GLU D 924 -113.16 8.98 -46.93
C GLU D 924 -114.53 9.31 -46.34
N ILE D 925 -114.93 10.58 -46.39
CA ILE D 925 -116.26 11.01 -45.94
C ILE D 925 -116.99 11.58 -47.14
N ASN D 926 -118.10 10.96 -47.54
CA ASN D 926 -118.81 11.38 -48.74
C ASN D 926 -119.93 12.38 -48.46
N ASN D 927 -120.17 12.68 -47.20
CA ASN D 927 -121.20 13.65 -46.83
C ASN D 927 -120.85 15.04 -47.32
N SER D 928 -121.86 15.86 -47.65
CA SER D 928 -121.64 17.23 -48.09
C SER D 928 -122.18 18.26 -47.12
N LYS D 929 -122.88 17.83 -46.06
CA LYS D 929 -123.38 18.80 -45.09
C LYS D 929 -122.23 19.55 -44.41
N MET D 930 -121.11 18.88 -44.19
CA MET D 930 -120.01 19.53 -43.48
C MET D 930 -119.39 20.67 -44.28
N GLU D 931 -119.69 20.78 -45.59
CA GLU D 931 -119.20 21.92 -46.35
C GLU D 931 -119.78 23.22 -45.84
N GLU D 932 -121.00 23.19 -45.28
CA GLU D 932 -121.56 24.38 -44.67
C GLU D 932 -120.73 24.82 -43.46
N PHE D 933 -120.27 23.86 -42.66
CA PHE D 933 -119.42 24.13 -41.51
C PHE D 933 -118.01 24.44 -41.99
N ILE D 934 -117.86 25.64 -42.55
CA ILE D 934 -116.62 26.08 -43.18
C ILE D 934 -116.29 27.49 -42.72
N GLY D 935 -115.01 27.72 -42.47
CA GLY D 935 -114.53 29.03 -42.05
C GLY D 935 -114.10 29.14 -40.61
N MET D 936 -113.77 28.02 -39.96
CA MET D 936 -113.32 28.03 -38.57
C MET D 936 -111.79 27.89 -38.47
N ASP D 937 -111.24 26.84 -39.06
CA ASP D 937 -109.81 26.59 -39.04
C ASP D 937 -109.25 26.68 -40.46
N ASP D 938 -108.08 27.31 -40.59
CA ASP D 938 -107.50 27.54 -41.91
C ASP D 938 -107.19 26.22 -42.61
N GLN D 939 -106.68 25.24 -41.86
CA GLN D 939 -106.32 23.96 -42.47
C GLN D 939 -107.55 23.26 -43.03
N TYR D 940 -108.68 23.30 -42.31
CA TYR D 940 -109.88 22.64 -42.78
C TYR D 940 -110.37 23.26 -44.09
N ASP D 941 -110.39 24.59 -44.16
CA ASP D 941 -110.78 25.26 -45.39
C ASP D 941 -109.81 24.92 -46.52
N PHE D 942 -108.51 24.92 -46.22
CA PHE D 942 -107.51 24.59 -47.23
C PHE D 942 -107.73 23.18 -47.77
N PHE D 943 -108.18 22.26 -46.91
CA PHE D 943 -108.30 20.87 -47.32
C PHE D 943 -109.63 20.54 -47.99
N VAL D 944 -110.71 21.26 -47.66
CA VAL D 944 -112.03 20.94 -48.20
C VAL D 944 -112.31 21.68 -49.51
N ASP D 945 -112.04 22.98 -49.56
CA ASP D 945 -112.28 23.80 -50.75
C ASP D 945 -110.99 24.57 -51.07
N PRO D 946 -109.99 23.90 -51.63
CA PRO D 946 -108.74 24.59 -51.93
C PRO D 946 -108.88 25.74 -52.92
N GLU D 947 -109.82 25.65 -53.87
CA GLU D 947 -109.90 26.67 -54.90
C GLU D 947 -110.29 28.02 -54.32
N ASN D 948 -111.15 28.03 -53.29
CA ASN D 948 -111.60 29.27 -52.68
C ASN D 948 -110.73 29.65 -51.50
N PHE D 949 -109.82 28.78 -51.09
CA PHE D 949 -109.00 29.05 -49.92
C PHE D 949 -108.13 30.28 -50.13
N ASP D 950 -107.96 31.07 -49.07
CA ASP D 950 -107.05 32.22 -49.10
C ASP D 950 -105.65 31.73 -48.74
N TYR D 951 -104.76 31.71 -49.73
CA TYR D 951 -103.43 31.13 -49.54
C TYR D 951 -102.49 32.04 -48.74
N LYS D 952 -102.85 33.30 -48.52
CA LYS D 952 -102.03 34.16 -47.68
C LYS D 952 -101.97 33.65 -46.24
N LYS D 953 -102.95 32.87 -45.82
CA LYS D 953 -102.97 32.26 -44.50
C LYS D 953 -102.22 30.94 -44.44
N PHE D 954 -101.72 30.45 -45.57
CA PHE D 954 -101.04 29.16 -45.60
C PHE D 954 -99.78 29.20 -44.74
N ILE D 955 -99.59 28.16 -43.95
CA ILE D 955 -98.42 27.99 -43.10
C ILE D 955 -97.55 26.89 -43.72
N PRO D 956 -96.31 27.19 -44.15
CA PRO D 956 -95.50 26.13 -44.78
C PRO D 956 -95.22 24.95 -43.85
N SER D 957 -95.16 25.19 -42.54
CA SER D 957 -94.84 24.12 -41.59
C SER D 957 -95.83 22.97 -41.67
N TRP D 958 -97.04 23.22 -42.18
CA TRP D 958 -98.01 22.14 -42.35
C TRP D 958 -97.45 21.02 -43.21
N LEU D 959 -96.59 21.36 -44.17
CA LEU D 959 -96.01 20.35 -45.04
C LEU D 959 -94.98 19.47 -44.35
N LYS D 960 -94.53 19.85 -43.15
CA LYS D 960 -93.54 19.07 -42.44
C LYS D 960 -94.14 17.94 -41.60
N ASN D 961 -95.47 17.80 -41.65
CA ASN D 961 -96.17 16.77 -40.88
C ASN D 961 -96.80 15.71 -41.78
N TYR D 962 -97.06 16.04 -43.04
CA TYR D 962 -97.73 15.12 -43.94
C TYR D 962 -96.81 13.98 -44.35
N ASN D 963 -97.42 12.87 -44.74
CA ASN D 963 -96.65 11.69 -45.15
C ASN D 963 -96.57 11.61 -46.66
N ASP D 964 -96.03 10.52 -47.19
CA ASP D 964 -95.84 10.39 -48.63
C ASP D 964 -97.17 10.40 -49.37
N LYS D 965 -98.16 9.66 -48.88
CA LYS D 965 -99.43 9.57 -49.58
C LYS D 965 -100.13 10.92 -49.64
N LEU D 966 -100.16 11.63 -48.51
CA LEU D 966 -100.82 12.94 -48.48
C LEU D 966 -100.10 13.94 -49.36
N LEU D 967 -98.76 13.93 -49.34
CA LEU D 967 -97.99 14.83 -50.21
C LEU D 967 -98.26 14.53 -51.68
N GLY D 968 -98.30 13.25 -52.05
CA GLY D 968 -98.61 12.89 -53.42
C GLY D 968 -100.00 13.33 -53.84
N LYS D 969 -100.98 13.15 -52.96
CA LYS D 969 -102.34 13.58 -53.26
C LYS D 969 -102.40 15.10 -53.43
N ILE D 970 -101.68 15.84 -52.57
CA ILE D 970 -101.64 17.29 -52.69
C ILE D 970 -101.02 17.71 -54.01
N ALA D 971 -99.92 17.04 -54.39
CA ALA D 971 -99.27 17.37 -55.66
C ALA D 971 -100.18 17.07 -56.84
N GLY D 972 -100.96 15.99 -56.75
CA GLY D 972 -101.83 15.62 -57.85
C GLY D 972 -102.89 16.68 -58.15
N ASN D 973 -103.43 17.28 -57.09
CA ASN D 973 -104.49 18.27 -57.27
C ASN D 973 -104.02 19.47 -58.06
N LYS D 974 -104.94 20.12 -58.76
CA LYS D 974 -104.60 21.26 -59.61
C LYS D 974 -104.79 22.60 -58.90
N HIS D 975 -105.80 22.71 -58.04
CA HIS D 975 -106.11 23.98 -57.38
C HIS D 975 -105.05 24.39 -56.36
N MET D 976 -104.14 23.48 -55.99
CA MET D 976 -103.16 23.78 -54.95
C MET D 976 -101.71 23.53 -55.34
N LYS D 977 -101.46 22.99 -56.53
CA LYS D 977 -100.10 22.64 -56.90
C LYS D 977 -99.21 23.88 -57.02
N HIS D 978 -99.69 24.90 -57.73
CA HIS D 978 -98.84 26.07 -58.00
C HIS D 978 -98.56 26.87 -56.73
N HIS D 979 -99.55 26.99 -55.85
CA HIS D 979 -99.34 27.73 -54.62
C HIS D 979 -98.31 27.04 -53.72
N VAL D 980 -98.41 25.71 -53.61
CA VAL D 980 -97.42 24.96 -52.82
C VAL D 980 -96.05 25.06 -53.48
N ILE D 981 -96.02 25.02 -54.81
CA ILE D 981 -94.75 25.20 -55.53
C ILE D 981 -94.12 26.53 -55.14
N GLU D 982 -94.92 27.60 -55.16
CA GLU D 982 -94.39 28.94 -54.87
C GLU D 982 -93.91 29.03 -53.43
N VAL D 983 -94.69 28.52 -52.47
CA VAL D 983 -94.30 28.66 -51.08
C VAL D 983 -93.05 27.83 -50.79
N LEU D 984 -92.97 26.62 -51.35
CA LEU D 984 -91.77 25.81 -51.18
C LEU D 984 -90.56 26.47 -51.82
N LYS D 985 -90.76 27.10 -52.98
CA LYS D 985 -89.68 27.80 -53.66
C LYS D 985 -89.16 28.95 -52.82
N GLU D 986 -90.06 29.72 -52.22
CA GLU D 986 -89.65 30.82 -51.35
C GLU D 986 -88.93 30.29 -50.12
N ARG D 987 -89.45 29.21 -49.52
CA ARG D 987 -88.84 28.67 -48.31
C ARG D 987 -87.44 28.14 -48.58
N VAL D 988 -87.25 27.43 -49.69
CA VAL D 988 -85.92 26.92 -50.00
C VAL D 988 -84.97 28.05 -50.37
N LYS D 989 -85.48 29.07 -51.05
CA LYS D 989 -84.64 30.21 -51.42
C LYS D 989 -84.15 30.95 -50.18
N ASN D 990 -85.03 31.19 -49.22
CA ASN D 990 -84.65 31.97 -48.04
C ASN D 990 -84.02 31.13 -46.93
N SER D 991 -84.74 30.15 -46.43
CA SER D 991 -84.23 29.37 -45.29
C SER D 991 -83.04 28.51 -45.70
N ASN D 992 -83.06 27.96 -46.91
CA ASN D 992 -82.00 27.06 -47.37
C ASN D 992 -82.09 25.73 -46.62
N ASP D 993 -83.31 25.32 -46.26
CA ASP D 993 -83.51 24.08 -45.53
C ASP D 993 -83.54 22.88 -46.48
N LYS D 994 -82.93 21.78 -46.05
CA LYS D 994 -82.85 20.59 -46.89
C LYS D 994 -84.17 19.82 -46.95
N ARG D 995 -84.95 19.83 -45.86
CA ARG D 995 -86.22 19.10 -45.87
C ARG D 995 -87.19 19.69 -46.89
N TYR D 996 -87.28 21.02 -46.93
CA TYR D 996 -88.15 21.66 -47.92
C TYR D 996 -87.68 21.35 -49.34
N LEU D 997 -86.37 21.38 -49.57
CA LEU D 997 -85.84 21.05 -50.88
C LEU D 997 -86.19 19.62 -51.27
N GLU D 998 -86.04 18.68 -50.34
CA GLU D 998 -86.38 17.29 -50.63
C GLU D 998 -87.87 17.14 -50.95
N ILE D 999 -88.73 17.79 -50.16
CA ILE D 999 -90.16 17.72 -50.44
C ILE D 999 -90.47 18.29 -51.81
N LEU D 1000 -89.84 19.42 -52.16
CA LEU D 1000 -90.10 20.05 -53.45
C LEU D 1000 -89.64 19.16 -54.60
N MET D 1001 -88.46 18.55 -54.47
CA MET D 1001 -87.85 17.83 -55.58
C MET D 1001 -88.29 16.38 -55.69
N ASN D 1002 -88.93 15.83 -54.67
CA ASN D 1002 -89.32 14.41 -54.70
C ASN D 1002 -90.71 14.17 -55.24
N TYR D 1003 -91.65 15.07 -54.94
CA TYR D 1003 -93.04 14.89 -55.32
C TYR D 1003 -93.55 15.96 -56.27
N PHE D 1004 -93.34 17.23 -55.94
CA PHE D 1004 -94.00 18.31 -56.68
C PHE D 1004 -93.33 18.62 -58.01
N ILE D 1005 -92.10 18.19 -58.23
CA ILE D 1005 -91.45 18.32 -59.53
C ILE D 1005 -90.66 17.05 -59.84
PA NAD E . 26.96 4.06 -15.86
O1A NAD E . 28.01 4.27 -16.92
O2A NAD E . 26.28 5.26 -15.25
O5B NAD E . 27.61 3.20 -14.67
C5B NAD E . 27.21 3.27 -13.31
C4B NAD E . 28.44 2.99 -12.48
O4B NAD E . 29.27 2.09 -13.21
C3B NAD E . 29.24 4.25 -12.22
O3B NAD E . 29.42 4.51 -10.82
C2B NAD E . 30.57 4.03 -12.88
O2B NAD E . 31.66 4.40 -12.05
C1B NAD E . 30.62 2.54 -13.14
N9A NAD E . 31.42 2.34 -14.38
C8A NAD E . 31.02 2.53 -15.65
N7A NAD E . 32.03 2.26 -16.50
C5A NAD E . 33.09 1.88 -15.77
C6A NAD E . 34.48 1.44 -16.03
N6A NAD E . 34.95 1.36 -17.28
N1A NAD E . 35.26 1.14 -14.97
C2A NAD E . 34.80 1.22 -13.71
N3A NAD E . 33.56 1.60 -13.41
C4A NAD E . 32.68 1.94 -14.38
O3 NAD E . 25.84 3.09 -16.46
PN NAD E . 26.15 1.58 -16.94
O1N NAD E . 24.87 0.98 -17.46
O2N NAD E . 26.89 0.86 -15.83
O5D NAD E . 27.15 1.75 -18.18
C5D NAD E . 28.43 1.16 -18.10
C4D NAD E . 29.24 1.25 -19.40
O4D NAD E . 28.70 0.38 -20.39
C3D NAD E . 29.28 2.65 -20.00
O3D NAD E . 30.50 3.31 -19.66
C2D NAD E . 29.16 2.43 -21.49
O2D NAD E . 30.33 2.88 -22.18
C1D NAD E . 28.97 0.94 -21.68
N1N NAD E . 27.88 0.71 -22.62
C2N NAD E . 26.61 0.75 -22.20
C3N NAD E . 25.57 0.55 -23.08
C7N NAD E . 24.17 0.59 -22.59
O7N NAD E . 23.51 -0.42 -22.66
N7N NAD E . 23.67 1.72 -22.08
C4N NAD E . 25.83 0.31 -24.42
C5N NAD E . 27.16 0.29 -24.84
C6N NAD E . 28.16 0.49 -23.90
H51A NAD E . 26.80 4.24 -13.05
H52A NAD E . 26.44 2.51 -13.11
H4B NAD E . 28.13 2.55 -11.52
H3B NAD E . 28.74 5.11 -12.71
HO3A NAD E . 30.10 5.18 -10.70
H2B NAD E . 30.61 4.57 -13.83
HO2A NAD E . 31.81 5.35 -12.13
H1B NAD E . 31.10 2.02 -12.31
H8A NAD E . 30.04 2.86 -15.93
H61A NAD E . 34.36 1.60 -18.06
H62A NAD E . 35.91 1.07 -17.45
H2A NAD E . 35.47 0.96 -12.90
H51N NAD E . 28.99 1.62 -17.30
H52N NAD E . 28.30 0.10 -17.86
H4D NAD E . 30.27 0.96 -19.18
H3D NAD E . 28.43 3.24 -19.66
HO3N NAD E . 30.47 4.22 -19.99
H2D NAD E . 28.27 2.96 -21.86
HO2N NAD E . 30.41 3.83 -22.09
H1D NAD E . 29.90 0.50 -22.08
H2N NAD E . 26.38 0.94 -21.15
H71N NAD E . 24.26 2.54 -22.03
H72N NAD E . 22.73 1.75 -21.76
H4N NAD E . 25.03 0.16 -25.13
H5N NAD E . 27.40 0.10 -25.87
H6N NAD E . 29.21 0.47 -24.22
PA NAD F . -5.48 -14.89 26.71
O1A NAD F . -6.08 -16.14 27.28
O2A NAD F . -5.25 -14.80 25.22
O5B NAD F . -4.10 -14.57 27.48
C5B NAD F . -2.82 -14.70 26.89
C4B NAD F . -2.05 -15.68 27.73
O4B NAD F . -2.13 -15.28 29.09
C3B NAD F . -2.62 -17.08 27.60
O3B NAD F . -1.59 -18.03 27.35
C2B NAD F . -3.27 -17.33 28.92
O2B NAD F . -3.04 -18.68 29.29
C1B NAD F . -2.59 -16.37 29.89
N9A NAD F . -3.50 -15.89 30.96
C8A NAD F . -4.83 -15.72 30.90
N7A NAD F . -5.31 -15.28 32.09
C5A NAD F . -4.28 -15.18 32.92
C6A NAD F . -4.08 -14.76 34.32
N6A NAD F . -5.14 -14.38 35.06
N1A NAD F . -2.82 -14.79 34.81
C2A NAD F . -1.78 -15.17 34.07
N3A NAD F . -1.90 -15.55 32.79
C4A NAD F . -3.08 -15.57 32.17
O3 NAD F . -6.35 -13.62 27.16
PN NAD F . -7.96 -13.61 27.14
O1N NAD F . -8.48 -14.99 26.81
O2N NAD F . -8.40 -12.42 26.33
O5D NAD F . -8.29 -13.30 28.69
C5D NAD F . -7.55 -13.97 29.71
C4D NAD F . -8.33 -13.95 31.02
O4D NAD F . -8.93 -12.68 31.23
C3D NAD F . -9.43 -14.99 31.01
O3D NAD F . -9.05 -16.15 31.72
C2D NAD F . -10.62 -14.31 31.67
O2D NAD F . -10.92 -14.91 32.93
C1D NAD F . -10.22 -12.86 31.86
N1N NAD F . -11.22 -11.99 31.24
C2N NAD F . -11.37 -12.02 29.92
C3N NAD F . -12.33 -11.22 29.29
C7N NAD F . -12.46 -11.30 27.80
O7N NAD F . -11.64 -11.94 27.16
N7N NAD F . -13.46 -10.68 27.18
C4N NAD F . -13.11 -10.38 30.08
C5N NAD F . -12.93 -10.37 31.45
C6N NAD F . -11.96 -11.20 32.02
H51A NAD F . -2.88 -15.06 25.86
H52A NAD F . -2.33 -13.72 26.90
H4B NAD F . -1.00 -15.73 27.42
H3B NAD F . -3.37 -17.10 26.80
HO3A NAD F . -1.93 -18.93 27.54
H2B NAD F . -4.34 -17.14 28.84
HO2A NAD F . -2.53 -18.71 30.10
H1B NAD F . -1.72 -16.87 30.34
H8A NAD F . -5.45 -15.90 30.02
H61A NAD F . -6.06 -14.38 34.66
H62A NAD F . -5.00 -14.10 36.02
H2A NAD F . -0.80 -15.17 34.52
H51N NAD F . -7.37 -15.00 29.42
H52N NAD F . -6.58 -13.48 29.84
H4D NAD F . -7.64 -14.17 31.84
H3D NAD F . -9.70 -15.23 29.97
HO3N NAD F . -9.81 -16.74 31.82
H2D NAD F . -11.49 -14.37 31.01
HO2N NAD F . -11.46 -15.69 32.78
H1D NAD F . -10.13 -12.64 32.93
H2N NAD F . -10.76 -12.68 29.33
H71N NAD F . -14.13 -10.15 27.70
H72N NAD F . -13.54 -10.74 26.18
H4N NAD F . -13.86 -9.73 29.63
H5N NAD F . -13.53 -9.73 32.08
H6N NAD F . -11.81 -11.19 33.09
PA NAD G . -25.71 -10.56 13.29
O1A NAD G . -26.01 -9.30 14.06
O2A NAD G . -24.30 -10.87 12.86
O5B NAD G . -26.66 -10.60 11.99
C5B NAD G . -26.35 -9.76 10.88
C4B NAD G . -27.64 -9.11 10.41
O4B NAD G . -28.63 -10.11 10.19
C3B NAD G . -28.18 -8.12 11.42
O3B NAD G . -28.56 -6.90 10.80
C2B NAD G . -29.39 -8.81 12.00
O2B NAD G . -30.40 -7.86 12.32
C1B NAD G . -29.81 -9.75 10.90
N9A NAD G . -30.48 -10.98 11.43
C8A NAD G . -30.09 -11.75 12.46
N7A NAD G . -30.96 -12.77 12.64
C5A NAD G . -31.94 -12.66 11.72
C6A NAD G . -33.16 -13.38 11.35
N6A NAD G . -33.54 -14.49 12.03
N1A NAD G . -33.89 -12.91 10.32
C2A NAD G . -33.53 -11.80 9.63
N3A NAD G . -32.43 -11.10 9.92
C4A NAD G . -31.61 -11.46 10.93
O3 NAD G . -26.23 -11.81 14.16
PN NAD G . -25.68 -13.29 13.86
O1N NAD G . -24.34 -13.43 14.54
O2N NAD G . -25.82 -13.59 12.40
O5D NAD G . -26.74 -14.20 14.66
C5D NAD G . -28.14 -13.92 14.67
C4D NAD G . -28.81 -14.78 15.73
O4D NAD G . -28.27 -16.10 15.75
C3D NAD G . -28.61 -14.20 17.11
O3D NAD G . -29.79 -13.56 17.57
C2D NAD G . -28.22 -15.36 18.00
O2D NAD G . -29.19 -15.58 19.02
C1D NAD G . -28.11 -16.57 17.09
N1N NAD G . -26.82 -17.24 17.26
C2N NAD G . -25.68 -16.62 16.94
C3N NAD G . -24.46 -17.25 17.10
C7N NAD G . -23.21 -16.53 16.74
O7N NAD G . -22.52 -16.98 15.85
N7N NAD G . -22.88 -15.43 17.40
C4N NAD G . -24.42 -18.54 17.60
C5N NAD G . -25.60 -19.17 17.92
C6N NAD G . -26.80 -18.50 17.75
H51A NAD G . -25.64 -8.99 11.18
H52A NAD G . -25.91 -10.35 10.08
H4B NAD G . -27.44 -8.57 9.47
H3B NAD G . -27.44 -7.95 12.21
HO3A NAD G . -29.20 -6.44 11.37
H2B NAD G . -29.08 -9.36 12.90
HO2A NAD G . -31.26 -8.19 12.01
H1B NAD G . -30.50 -9.22 10.23
H8A NAD G . -29.20 -11.59 13.05
H61A NAD G . -32.97 -14.82 12.80
H62A NAD G . -34.38 -14.98 11.76
H2A NAD G . -34.15 -11.47 8.82
H51N NAD G . -28.33 -12.87 14.90
H52N NAD G . -28.57 -14.13 13.68
H4D NAD G . -29.90 -14.82 15.52
H3D NAD G . -27.77 -13.48 17.07
HO3N NAD G . -29.59 -12.99 18.33
H2D NAD G . -27.24 -15.14 18.46
HO2N NAD G . -29.31 -14.77 19.53
H1D NAD G . -28.93 -17.26 17.33
H2N NAD G . -25.71 -15.61 16.55
H71N NAD G . -23.48 -15.08 18.14
H72N NAD G . -22.03 -14.93 17.17
H4N NAD G . -23.46 -19.05 17.73
H5N NAD G . -25.59 -20.18 18.32
H6N NAD G . -27.74 -18.98 18.00
PA NAD H . 7.60 6.47 -29.54
O1A NAD H . 8.27 6.63 -30.89
O2A NAD H . 7.82 5.20 -28.77
O5B NAD H . 6.02 6.69 -29.75
C5B NAD H . 5.10 5.61 -29.62
C4B NAD H . 3.94 5.79 -30.59
O4B NAD H . 3.77 7.17 -30.90
C3B NAD H . 4.16 5.06 -31.89
O3B NAD H . 3.27 3.96 -32.02
C2B NAD H . 3.91 6.06 -32.98
O2B NAD H . 2.90 5.59 -33.88
C1B NAD H . 3.45 7.32 -32.29
N9A NAD H . 4.15 8.47 -32.89
C8A NAD H . 5.44 8.79 -32.69
N7A NAD H . 5.77 9.90 -33.40
C5A NAD H . 4.68 10.28 -34.08
C6A NAD H . 4.36 11.35 -35.02
N6A NAD H . 5.29 12.26 -35.37
N1A NAD H . 3.10 11.41 -35.51
C2A NAD H . 2.17 10.51 -35.17
N3A NAD H . 2.40 9.49 -34.31
C4A NAD H . 3.62 9.33 -33.75
O3 NAD H . 8.06 7.69 -28.59
PN NAD H . 8.00 9.24 -29.05
O1N NAD H . 8.69 10.05 -27.98
O2N NAD H . 6.57 9.58 -29.40
O5D NAD H . 8.96 9.26 -30.35
C5D NAD H . 8.52 9.76 -31.61
C4D NAD H . 9.51 10.77 -32.16
O4D NAD H . 10.04 11.60 -31.11
C3D NAD H . 10.70 10.10 -32.81
O3D NAD H . 10.55 10.10 -34.23
C2D NAD H . 11.90 10.92 -32.40
O2D NAD H . 12.54 11.51 -33.53
C1D NAD H . 11.38 11.97 -31.45
N1N NAD H . 12.25 12.07 -30.29
C2N NAD H . 12.20 11.13 -29.34
C3N NAD H . 13.03 11.21 -28.23
C7N NAD H . 12.98 10.15 -27.17
O7N NAD H . 13.16 8.99 -27.48
N7N NAD H . 12.75 10.52 -25.93
C4N NAD H . 13.90 12.27 -28.10
C5N NAD H . 13.93 13.23 -29.09
C6N NAD H . 13.08 13.11 -30.19
H51A NAD H . 5.60 4.67 -29.85
H52A NAD H . 4.73 5.56 -28.60
H4B NAD H . 3.02 5.41 -30.11
H3B NAD H . 5.21 4.72 -31.94
HO3A NAD H . 3.37 3.56 -32.90
H2B NAD H . 4.85 6.24 -33.53
HO2A NAD H . 2.74 6.26 -34.56
H1B NAD H . 2.37 7.42 -32.41
H8A NAD H . 6.11 8.26 -32.04
H61A NAD H . 6.22 12.20 -34.98
H62A NAD H . 5.06 13.01 -36.01
H2A NAD H . 1.18 10.61 -35.59
H51N NAD H . 8.43 8.93 -32.32
H52N NAD H . 7.55 10.24 -31.52
H4D NAD H . 9.00 11.41 -32.89
H3D NAD H . 10.80 9.08 -32.43
HO3N NAD H . 11.13 9.42 -34.61
H2D NAD H . 12.62 10.26 -31.86
HO2N NAD H . 12.75 10.82 -34.18
H1D NAD H . 11.36 12.94 -31.98
H2N NAD H . 11.52 10.29 -29.44
H71N NAD H . 12.61 11.49 -25.69
H72N NAD H . 12.72 9.82 -25.20
H4N NAD H . 14.55 12.36 -27.24
H5N NAD H . 14.61 14.08 -29.02
H6N NAD H . 13.09 13.86 -30.97
#